data_9RAS
#
_entry.id   9RAS
#
_cell.length_a   97.153
_cell.length_b   97.154
_cell.length_c   100.702
_cell.angle_alpha   76.94
_cell.angle_beta   77.99
_cell.angle_gamma   68.28
#
_symmetry.space_group_name_H-M   'P 1'
#
loop_
_entity.id
_entity.type
_entity.pdbx_description
1 polymer 'NADP-dependent glyceraldehyde-3-phosphate dehydrogenase'
2 non-polymer 1~{H}-imidazole-2,4-diol
3 non-polymer 'SULFATE ION'
4 non-polymer GLYCEROL
5 water water
#
_entity_poly.entity_id   1
_entity_poly.type   'polypeptide(L)'
_entity_poly.pdbx_seq_one_letter_code
;ASWSHPQFEKIEGRRDRGPEFLAKQYKNLVNGEWKLSENEITIYAPATGEELGSVPAMTQAEVDAVYASAKKALSDWRTL
SYVERAAYLHKAADILVRDAEKIGAILSKEVAKGHKAAVSEVIRTAEIINYAAEEGLRMEGEVLEGGSFEAASKKKIAIV
RREPVGLVLAISPFNYPVNLAGSKIAPALIAGNVVALKPPTQGSISGLLLAEAFAEAGIPAGVFNTITGRGSVIGDYIVE
HEAVNFINFTGSTPIGEGIGKLAGMRPIMLELGGKDSAIVLEDADLALAAKNIVAGAFGYSGQRSTAVKRVLVMDKVADQ
LAAEIKTLVEKLSVGMPEDDADITPLIDTSAADFVEGLIKDATDKGATALTAFNREGNLISPVLFDHVTTDMRLAWEEPF
GPVLPIIRVTTVEEAIKISNESEYGLQASIFTTNFPKAFGIAEQLEVGTVHLNNKTQRGTDNFPFLGAKKSGAGVQGVKY
SIEAMTTVKSVVFDIQ
;
_entity_poly.pdbx_strand_id   A,B,C,D,E,F,G,H
#
loop_
_chem_comp.id
_chem_comp.type
_chem_comp.name
_chem_comp.formula
A1JDZ non-polymer 1~{H}-imidazole-2,4-diol 'C3 H4 N2 O2'
GOL non-polymer GLYCEROL 'C3 H8 O3'
SO4 non-polymer 'SULFATE ION' 'O4 S -2'
#
# COMPACT_ATOMS: atom_id res chain seq x y z
N ALA A 23 -4.86 -18.55 35.71
CA ALA A 23 -4.20 -19.76 35.19
C ALA A 23 -4.49 -19.93 33.70
N LYS A 24 -4.13 -18.93 32.91
CA LYS A 24 -4.42 -18.91 31.49
C LYS A 24 -3.30 -19.56 30.68
N GLN A 25 -3.63 -19.88 29.43
CA GLN A 25 -2.67 -20.43 28.47
C GLN A 25 -2.33 -19.33 27.48
N TYR A 26 -1.13 -18.77 27.61
CA TYR A 26 -0.74 -17.62 26.79
C TYR A 26 -0.15 -18.07 25.46
N LYS A 27 -0.11 -17.12 24.52
CA LYS A 27 0.28 -17.38 23.14
C LYS A 27 1.24 -16.31 22.67
N ASN A 28 2.11 -16.68 21.73
CA ASN A 28 3.01 -15.73 21.12
C ASN A 28 2.33 -14.97 20.00
N LEU A 29 2.73 -13.71 19.83
CA LEU A 29 2.33 -12.89 18.69
C LEU A 29 3.29 -13.18 17.56
N VAL A 30 2.76 -13.72 16.46
CA VAL A 30 3.55 -14.13 15.30
C VAL A 30 2.79 -13.71 14.06
N ASN A 31 3.32 -12.73 13.33
CA ASN A 31 2.72 -12.26 12.09
C ASN A 31 1.24 -11.91 12.27
N GLY A 32 0.94 -11.20 13.34
CA GLY A 32 -0.40 -10.72 13.59
C GLY A 32 -1.37 -11.75 14.14
N GLU A 33 -0.89 -12.95 14.47
CA GLU A 33 -1.73 -14.03 14.97
C GLU A 33 -1.19 -14.51 16.31
N TRP A 34 -2.07 -15.07 17.14
CA TRP A 34 -1.69 -15.60 18.44
C TRP A 34 -1.56 -17.12 18.33
N LYS A 35 -0.36 -17.63 18.58
CA LYS A 35 -0.03 -19.01 18.30
C LYS A 35 0.40 -19.75 19.55
N LEU A 36 -0.27 -20.87 19.82
CA LEU A 36 0.23 -21.87 20.75
C LEU A 36 1.35 -22.66 20.09
N SER A 37 2.12 -23.38 20.92
CA SER A 37 3.11 -24.33 20.46
C SER A 37 2.70 -25.73 20.92
N GLU A 38 3.35 -26.75 20.36
CA GLU A 38 3.04 -28.11 20.76
CA GLU A 38 3.06 -28.12 20.76
C GLU A 38 3.28 -28.31 22.26
N ASN A 39 4.38 -27.79 22.78
CA ASN A 39 4.71 -27.88 24.19
C ASN A 39 4.66 -26.48 24.80
N GLU A 40 4.57 -26.44 26.13
CA GLU A 40 4.46 -25.17 26.85
C GLU A 40 5.17 -25.30 28.18
N ILE A 41 5.35 -24.15 28.83
CA ILE A 41 6.06 -24.05 30.11
C ILE A 41 5.12 -23.38 31.10
N THR A 42 4.89 -24.03 32.23
CA THR A 42 4.05 -23.47 33.28
C THR A 42 4.88 -22.53 34.17
N ILE A 43 4.28 -21.40 34.53
CA ILE A 43 4.94 -20.34 35.28
C ILE A 43 4.28 -20.21 36.65
N TYR A 44 5.10 -20.17 37.70
CA TYR A 44 4.61 -20.03 39.07
C TYR A 44 5.10 -18.72 39.69
N ALA A 45 4.31 -18.19 40.63
CA ALA A 45 4.68 -16.96 41.34
C ALA A 45 5.78 -17.25 42.34
N PRO A 46 6.93 -16.54 42.28
CA PRO A 46 8.02 -16.87 43.20
C PRO A 46 7.66 -16.73 44.68
N ALA A 47 6.74 -15.83 45.03
CA ALA A 47 6.51 -15.55 46.45
C ALA A 47 5.56 -16.55 47.09
N THR A 48 4.66 -17.15 46.32
CA THR A 48 3.62 -17.99 46.86
C THR A 48 3.58 -19.39 46.27
N GLY A 49 4.14 -19.59 45.07
CA GLY A 49 3.98 -20.83 44.35
C GLY A 49 2.72 -20.92 43.52
N GLU A 50 1.91 -19.86 43.48
CA GLU A 50 0.67 -19.87 42.70
C GLU A 50 0.95 -20.12 41.21
N GLU A 51 0.16 -21.01 40.60
CA GLU A 51 0.24 -21.23 39.16
C GLU A 51 -0.37 -20.04 38.42
N LEU A 52 0.44 -19.35 37.63
CA LEU A 52 -0.01 -18.15 36.94
C LEU A 52 -0.47 -18.41 35.51
N GLY A 53 0.01 -19.46 34.87
CA GLY A 53 -0.30 -19.73 33.48
C GLY A 53 0.85 -20.48 32.85
N SER A 54 0.76 -20.64 31.52
CA SER A 54 1.80 -21.28 30.74
C SER A 54 2.11 -20.45 29.50
N VAL A 55 3.32 -20.60 28.98
CA VAL A 55 3.71 -19.93 27.73
C VAL A 55 4.29 -20.98 26.80
N PRO A 56 4.25 -20.72 25.49
CA PRO A 56 4.68 -21.74 24.53
C PRO A 56 6.18 -22.04 24.63
N ALA A 57 6.52 -23.29 24.39
CA ALA A 57 7.91 -23.74 24.25
C ALA A 57 8.18 -23.85 22.75
N MET A 58 8.61 -22.75 22.15
CA MET A 58 8.73 -22.70 20.70
C MET A 58 9.81 -23.66 20.21
N THR A 59 9.61 -24.14 18.98
CA THR A 59 10.62 -24.89 18.27
C THR A 59 11.49 -23.97 17.44
N GLN A 60 12.62 -24.50 16.98
CA GLN A 60 13.50 -23.71 16.11
C GLN A 60 12.77 -23.33 14.83
N ALA A 61 11.93 -24.23 14.30
CA ALA A 61 11.14 -23.89 13.12
C ALA A 61 10.20 -22.73 13.41
N GLU A 62 9.63 -22.69 14.62
CA GLU A 62 8.74 -21.59 14.98
C GLU A 62 9.53 -20.29 15.11
N VAL A 63 10.79 -20.37 15.56
CA VAL A 63 11.66 -19.21 15.56
C VAL A 63 11.91 -18.72 14.14
N ASP A 64 12.20 -19.66 13.23
CA ASP A 64 12.39 -19.28 11.83
C ASP A 64 11.19 -18.54 11.29
N ALA A 65 9.98 -18.99 11.63
CA ALA A 65 8.77 -18.39 11.08
C ALA A 65 8.55 -16.98 11.62
N VAL A 66 8.86 -16.76 12.90
CA VAL A 66 8.83 -15.41 13.45
C VAL A 66 9.75 -14.50 12.65
N TYR A 67 11.02 -14.89 12.51
CA TYR A 67 11.97 -14.05 11.81
C TYR A 67 11.60 -13.85 10.35
N ALA A 68 11.09 -14.90 9.70
CA ALA A 68 10.67 -14.74 8.31
C ALA A 68 9.52 -13.76 8.20
N SER A 69 8.59 -13.79 9.16
N SER A 69 8.59 -13.80 9.16
CA SER A 69 7.50 -12.82 9.16
CA SER A 69 7.49 -12.84 9.19
C SER A 69 8.01 -11.41 9.37
C SER A 69 8.03 -11.42 9.36
N ALA A 70 9.01 -11.24 10.23
CA ALA A 70 9.55 -9.91 10.48
C ALA A 70 10.23 -9.36 9.23
N LYS A 71 11.08 -10.16 8.59
CA LYS A 71 11.79 -9.66 7.42
C LYS A 71 10.83 -9.37 6.27
N LYS A 72 9.72 -10.11 6.17
CA LYS A 72 8.75 -9.80 5.12
C LYS A 72 8.05 -8.47 5.40
N ALA A 73 7.78 -8.16 6.66
CA ALA A 73 7.08 -6.94 7.02
C ALA A 73 7.95 -5.70 6.96
N LEU A 74 9.28 -5.86 6.89
CA LEU A 74 10.18 -4.73 7.08
C LEU A 74 10.00 -3.67 6.00
N SER A 75 9.90 -4.07 4.73
CA SER A 75 9.84 -3.08 3.67
C SER A 75 8.65 -2.14 3.84
N ASP A 76 7.46 -2.70 4.04
CA ASP A 76 6.28 -1.86 4.17
C ASP A 76 6.29 -1.03 5.45
N TRP A 77 7.04 -1.46 6.47
CA TRP A 77 7.10 -0.73 7.73
C TRP A 77 8.08 0.43 7.64
N ARG A 78 9.27 0.19 7.09
CA ARG A 78 10.25 1.26 6.98
C ARG A 78 9.84 2.31 5.95
N THR A 79 8.94 1.98 5.03
CA THR A 79 8.45 2.95 4.05
C THR A 79 7.24 3.75 4.55
N LEU A 80 6.67 3.39 5.69
CA LEU A 80 5.72 4.30 6.33
C LEU A 80 6.43 5.60 6.69
N SER A 81 5.62 6.64 6.93
CA SER A 81 6.19 7.87 7.47
C SER A 81 6.52 7.68 8.95
N TYR A 82 7.42 8.54 9.45
CA TYR A 82 7.70 8.57 10.88
C TYR A 82 6.42 8.82 11.68
N VAL A 83 5.57 9.75 11.24
CA VAL A 83 4.39 10.10 12.02
CA VAL A 83 4.41 10.10 12.04
C VAL A 83 3.45 8.91 12.13
N GLU A 84 3.34 8.12 11.06
CA GLU A 84 2.49 6.94 11.09
C GLU A 84 3.01 5.91 12.09
N ARG A 85 4.32 5.67 12.10
CA ARG A 85 4.87 4.72 13.07
C ARG A 85 4.69 5.24 14.49
N ALA A 86 4.89 6.54 14.70
CA ALA A 86 4.67 7.12 16.02
C ALA A 86 3.23 6.91 16.48
N ALA A 87 2.28 6.99 15.55
CA ALA A 87 0.86 6.87 15.92
C ALA A 87 0.55 5.50 16.49
N TYR A 88 1.13 4.43 15.91
CA TYR A 88 0.97 3.11 16.49
C TYR A 88 1.53 3.05 17.91
N LEU A 89 2.72 3.64 18.11
CA LEU A 89 3.35 3.58 19.42
C LEU A 89 2.53 4.34 20.46
N HIS A 90 2.01 5.54 20.11
CA HIS A 90 1.18 6.27 21.05
C HIS A 90 -0.05 5.45 21.44
N LYS A 91 -0.66 4.77 20.47
CA LYS A 91 -1.85 3.96 20.78
C LYS A 91 -1.52 2.79 21.69
N ALA A 92 -0.37 2.13 21.49
CA ALA A 92 0.04 1.05 22.37
C ALA A 92 0.27 1.55 23.79
N ALA A 93 0.86 2.74 23.91
CA ALA A 93 1.09 3.32 25.22
C ALA A 93 -0.22 3.67 25.90
N ASP A 94 -1.20 4.17 25.14
CA ASP A 94 -2.51 4.47 25.72
C ASP A 94 -3.17 3.21 26.27
N ILE A 95 -3.03 2.09 25.56
CA ILE A 95 -3.61 0.83 26.01
C ILE A 95 -2.90 0.34 27.27
N LEU A 96 -1.59 0.55 27.36
CA LEU A 96 -0.87 0.15 28.56
C LEU A 96 -1.32 0.95 29.77
N VAL A 97 -1.50 2.27 29.61
CA VAL A 97 -2.02 3.06 30.73
C VAL A 97 -3.39 2.53 31.15
N ARG A 98 -4.26 2.28 30.16
CA ARG A 98 -5.59 1.76 30.45
C ARG A 98 -5.53 0.48 31.27
N ASP A 99 -4.62 -0.43 30.90
CA ASP A 99 -4.55 -1.75 31.51
C ASP A 99 -3.44 -1.87 32.56
N ALA A 100 -2.96 -0.74 33.09
CA ALA A 100 -1.79 -0.78 33.98
C ALA A 100 -2.06 -1.63 35.22
N GLU A 101 -3.23 -1.45 35.85
CA GLU A 101 -3.55 -2.23 37.04
CA GLU A 101 -3.54 -2.24 37.04
C GLU A 101 -3.66 -3.72 36.71
N LYS A 102 -4.32 -4.05 35.60
CA LYS A 102 -4.47 -5.44 35.19
C LYS A 102 -3.13 -6.10 34.90
N ILE A 103 -2.26 -5.41 34.17
CA ILE A 103 -0.96 -5.99 33.84
C ILE A 103 -0.06 -6.00 35.07
N GLY A 104 -0.08 -4.92 35.84
CA GLY A 104 0.77 -4.84 37.02
C GLY A 104 0.44 -5.92 38.04
N ALA A 105 -0.85 -6.25 38.17
CA ALA A 105 -1.23 -7.29 39.13
C ALA A 105 -0.56 -8.62 38.79
N ILE A 106 -0.36 -8.91 37.51
CA ILE A 106 0.23 -10.20 37.11
C ILE A 106 1.75 -10.10 37.14
N LEU A 107 2.31 -9.00 36.65
CA LEU A 107 3.74 -8.76 36.78
C LEU A 107 4.19 -8.91 38.23
N SER A 108 3.43 -8.31 39.15
CA SER A 108 3.76 -8.41 40.58
C SER A 108 3.93 -9.86 41.01
N LYS A 109 2.95 -10.71 40.67
CA LYS A 109 3.05 -12.12 41.04
C LYS A 109 4.18 -12.81 40.29
N GLU A 110 4.36 -12.48 39.00
CA GLU A 110 5.28 -13.27 38.18
C GLU A 110 6.72 -13.09 38.63
N VAL A 111 7.11 -11.89 39.08
CA VAL A 111 8.49 -11.66 39.48
C VAL A 111 8.59 -11.18 40.93
N ALA A 112 7.54 -11.37 41.72
CA ALA A 112 7.59 -11.08 43.15
C ALA A 112 8.02 -9.64 43.41
N LYS A 113 7.48 -8.73 42.62
CA LYS A 113 7.67 -7.30 42.78
C LYS A 113 6.43 -6.72 43.46
N GLY A 114 6.65 -5.76 44.35
CA GLY A 114 5.53 -5.11 45.00
C GLY A 114 4.43 -4.72 44.05
N HIS A 115 3.18 -4.94 44.45
CA HIS A 115 2.06 -4.64 43.57
C HIS A 115 2.12 -3.23 43.02
N LYS A 116 2.24 -2.24 43.89
CA LYS A 116 2.27 -0.86 43.43
C LYS A 116 3.50 -0.57 42.57
N ALA A 117 4.64 -1.18 42.90
CA ALA A 117 5.83 -1.00 42.08
C ALA A 117 5.65 -1.60 40.69
N ALA A 118 4.89 -2.69 40.60
CA ALA A 118 4.66 -3.34 39.31
C ALA A 118 3.76 -2.51 38.42
N VAL A 119 2.71 -1.93 39.00
CA VAL A 119 1.87 -1.00 38.23
C VAL A 119 2.69 0.20 37.80
N SER A 120 3.55 0.70 38.69
CA SER A 120 4.43 1.81 38.33
CA SER A 120 4.43 1.81 38.33
C SER A 120 5.33 1.45 37.15
N GLU A 121 5.82 0.21 37.12
CA GLU A 121 6.66 -0.20 36.00
C GLU A 121 5.89 -0.10 34.69
N VAL A 122 4.62 -0.50 34.68
CA VAL A 122 3.82 -0.44 33.46
C VAL A 122 3.61 1.01 33.02
N ILE A 123 3.28 1.90 33.97
CA ILE A 123 3.10 3.31 33.64
C ILE A 123 4.39 3.89 33.06
N ARG A 124 5.53 3.57 33.66
CA ARG A 124 6.81 4.08 33.15
C ARG A 124 7.07 3.57 31.74
N THR A 125 6.69 2.33 31.46
CA THR A 125 6.85 1.80 30.11
C THR A 125 6.03 2.62 29.10
N ALA A 126 4.79 2.96 29.45
CA ALA A 126 4.01 3.85 28.59
C ALA A 126 4.71 5.19 28.40
N GLU A 127 5.30 5.75 29.47
CA GLU A 127 6.03 6.99 29.32
C GLU A 127 7.20 6.85 28.34
N ILE A 128 7.95 5.75 28.44
CA ILE A 128 9.12 5.59 27.57
C ILE A 128 8.68 5.39 26.12
N ILE A 129 7.59 4.65 25.91
CA ILE A 129 7.10 4.40 24.55
C ILE A 129 6.65 5.71 23.90
N ASN A 130 5.87 6.52 24.63
CA ASN A 130 5.45 7.80 24.08
C ASN A 130 6.64 8.70 23.77
N TYR A 131 7.63 8.76 24.69
CA TYR A 131 8.79 9.63 24.49
C TYR A 131 9.63 9.17 23.30
N ALA A 132 9.77 7.85 23.11
CA ALA A 132 10.54 7.35 21.98
C ALA A 132 9.87 7.69 20.65
N ALA A 133 8.55 7.56 20.58
CA ALA A 133 7.83 7.89 19.37
C ALA A 133 8.12 9.32 18.93
N GLU A 134 8.03 10.27 19.86
CA GLU A 134 8.26 11.66 19.53
C GLU A 134 9.74 11.99 19.35
N GLU A 135 10.64 11.33 20.08
CA GLU A 135 12.05 11.54 19.82
C GLU A 135 12.43 11.06 18.42
N GLY A 136 11.95 9.87 18.05
CA GLY A 136 12.41 9.24 16.83
C GLY A 136 11.89 9.86 15.55
N LEU A 137 10.77 10.57 15.62
CA LEU A 137 10.22 11.14 14.40
C LEU A 137 10.91 12.45 14.02
N ARG A 138 11.76 12.99 14.88
CA ARG A 138 12.50 14.21 14.59
C ARG A 138 14.00 14.01 14.73
N MET A 139 14.49 12.81 14.43
N MET A 139 14.52 12.82 14.45
CA MET A 139 15.91 12.56 14.23
CA MET A 139 15.97 12.64 14.35
C MET A 139 16.25 13.12 12.86
C MET A 139 16.36 13.06 12.93
N GLU A 140 16.87 14.29 12.82
CA GLU A 140 17.16 14.91 11.55
C GLU A 140 18.51 14.46 11.02
N GLY A 141 18.83 14.93 9.82
CA GLY A 141 20.03 14.57 9.12
C GLY A 141 20.95 15.77 8.96
N GLU A 142 22.10 15.50 8.37
CA GLU A 142 23.16 16.49 8.21
C GLU A 142 23.38 16.74 6.73
N VAL A 143 23.77 17.98 6.42
CA VAL A 143 24.25 18.34 5.10
C VAL A 143 25.66 18.87 5.29
N LEU A 144 26.64 18.18 4.73
CA LEU A 144 28.04 18.50 4.90
C LEU A 144 28.61 19.10 3.62
N GLU A 145 29.45 20.11 3.79
CA GLU A 145 30.02 20.86 2.67
C GLU A 145 31.41 20.35 2.34
N GLY A 146 31.62 19.99 1.07
CA GLY A 146 32.96 19.62 0.63
C GLY A 146 33.98 20.74 0.81
N GLY A 147 33.55 21.99 0.66
CA GLY A 147 34.42 23.14 0.83
C GLY A 147 34.85 23.40 2.26
N SER A 148 34.32 22.66 3.23
CA SER A 148 34.89 22.70 4.57
C SER A 148 36.28 22.08 4.58
N PHE A 149 36.56 21.16 3.66
CA PHE A 149 37.80 20.40 3.68
C PHE A 149 38.72 20.72 2.53
N GLU A 150 38.19 21.03 1.36
CA GLU A 150 38.95 21.11 0.13
C GLU A 150 38.28 22.10 -0.80
N ALA A 151 39.00 23.15 -1.18
CA ALA A 151 38.40 24.18 -2.03
C ALA A 151 37.91 23.59 -3.34
N ALA A 152 38.61 22.57 -3.87
CA ALA A 152 38.23 21.97 -5.14
C ALA A 152 36.90 21.24 -5.07
N SER A 153 36.42 20.91 -3.88
CA SER A 153 35.18 20.17 -3.68
C SER A 153 34.06 21.05 -3.13
N LYS A 154 34.13 22.37 -3.35
CA LYS A 154 33.15 23.25 -2.73
C LYS A 154 31.75 23.07 -3.31
N LYS A 155 31.61 22.46 -4.50
CA LYS A 155 30.29 22.19 -5.05
C LYS A 155 29.77 20.80 -4.69
N LYS A 156 30.52 20.01 -3.94
CA LYS A 156 30.14 18.67 -3.54
C LYS A 156 29.55 18.72 -2.14
N ILE A 157 28.34 18.19 -1.98
CA ILE A 157 27.70 18.13 -0.67
C ILE A 157 27.24 16.71 -0.37
N ALA A 158 27.14 16.42 0.92
CA ALA A 158 26.74 15.11 1.43
C ALA A 158 25.45 15.25 2.22
N ILE A 159 24.42 14.51 1.81
CA ILE A 159 23.12 14.49 2.47
CA ILE A 159 23.12 14.49 2.48
C ILE A 159 23.06 13.21 3.30
N VAL A 160 23.05 13.35 4.62
CA VAL A 160 23.21 12.22 5.53
C VAL A 160 21.93 12.01 6.32
N ARG A 161 21.27 10.90 6.06
CA ARG A 161 19.99 10.57 6.70
C ARG A 161 20.10 9.22 7.41
N ARG A 162 19.30 9.05 8.44
CA ARG A 162 19.32 7.81 9.20
C ARG A 162 18.36 6.78 8.60
N GLU A 163 18.71 5.50 8.77
CA GLU A 163 17.93 4.37 8.29
C GLU A 163 17.90 3.31 9.37
N PRO A 164 16.86 2.47 9.41
CA PRO A 164 16.84 1.35 10.36
C PRO A 164 17.92 0.33 10.03
N VAL A 165 18.29 -0.45 11.05
CA VAL A 165 19.26 -1.52 10.83
C VAL A 165 18.59 -2.80 10.34
N GLY A 166 17.29 -2.99 10.60
CA GLY A 166 16.57 -4.14 10.11
C GLY A 166 15.75 -4.84 11.18
N LEU A 167 16.07 -6.09 11.45
CA LEU A 167 15.40 -6.86 12.49
C LEU A 167 16.20 -6.76 13.78
N VAL A 168 15.56 -6.23 14.82
CA VAL A 168 16.15 -6.13 16.14
C VAL A 168 15.61 -7.26 17.01
N LEU A 169 16.51 -8.02 17.62
CA LEU A 169 16.15 -9.00 18.65
C LEU A 169 16.28 -8.32 20.01
N ALA A 170 15.16 -8.19 20.71
CA ALA A 170 15.13 -7.58 22.03
C ALA A 170 14.95 -8.65 23.08
N ILE A 171 15.85 -8.67 24.06
CA ILE A 171 15.85 -9.68 25.11
C ILE A 171 15.71 -8.93 26.44
N SER A 172 14.56 -9.08 27.09
CA SER A 172 14.24 -8.35 28.31
C SER A 172 14.65 -9.14 29.54
N PRO A 173 14.75 -8.45 30.68
CA PRO A 173 15.20 -9.10 31.92
C PRO A 173 14.07 -9.44 32.87
N PHE A 174 14.29 -10.36 33.79
CA PHE A 174 13.22 -10.72 34.72
C PHE A 174 12.84 -9.54 35.61
N ASN A 175 13.80 -8.64 35.90
CA ASN A 175 13.55 -7.67 36.96
C ASN A 175 12.79 -6.44 36.47
N TYR A 176 12.74 -6.22 35.16
CA TYR A 176 11.88 -5.21 34.54
C TYR A 176 11.35 -5.80 33.25
N PRO A 177 10.48 -6.80 33.32
CA PRO A 177 10.11 -7.55 32.12
C PRO A 177 9.19 -6.81 31.18
N VAL A 178 8.57 -5.71 31.63
CA VAL A 178 7.81 -4.83 30.75
C VAL A 178 8.60 -3.56 30.42
N ASN A 179 9.15 -2.88 31.43
CA ASN A 179 9.85 -1.62 31.19
CA ASN A 179 9.82 -1.63 31.16
C ASN A 179 11.05 -1.82 30.27
N LEU A 180 11.89 -2.83 30.56
CA LEU A 180 13.07 -3.06 29.74
C LEU A 180 12.80 -4.03 28.59
N ALA A 181 11.52 -4.30 28.28
CA ALA A 181 11.11 -4.69 26.94
C ALA A 181 10.75 -3.48 26.11
N GLY A 182 9.86 -2.62 26.63
CA GLY A 182 9.47 -1.43 25.90
C GLY A 182 10.61 -0.46 25.64
N SER A 183 11.59 -0.43 26.54
CA SER A 183 12.75 0.43 26.33
C SER A 183 13.51 0.07 25.06
N LYS A 184 13.36 -1.18 24.59
CA LYS A 184 13.98 -1.63 23.35
CA LYS A 184 13.98 -1.62 23.35
C LYS A 184 13.02 -1.60 22.17
N ILE A 185 11.78 -2.05 22.37
CA ILE A 185 10.82 -2.14 21.27
C ILE A 185 10.53 -0.77 20.68
N ALA A 186 10.15 0.20 21.52
CA ALA A 186 9.66 1.47 20.98
C ALA A 186 10.75 2.21 20.21
N PRO A 187 11.96 2.38 20.74
CA PRO A 187 13.00 3.06 19.94
C PRO A 187 13.33 2.33 18.66
N ALA A 188 13.27 0.99 18.69
CA ALA A 188 13.50 0.24 17.46
C ALA A 188 12.42 0.53 16.43
N LEU A 189 11.15 0.46 16.85
CA LEU A 189 10.06 0.54 15.89
C LEU A 189 9.95 1.93 15.27
N ILE A 190 10.17 2.99 16.06
CA ILE A 190 9.99 4.34 15.52
C ILE A 190 10.95 4.59 14.37
N ALA A 191 12.16 4.05 14.45
CA ALA A 191 13.16 4.23 13.41
C ALA A 191 12.91 3.37 12.17
N GLY A 192 11.90 2.51 12.19
CA GLY A 192 11.60 1.68 11.05
C GLY A 192 12.15 0.27 11.10
N ASN A 193 12.71 -0.13 12.24
CA ASN A 193 13.10 -1.52 12.45
C ASN A 193 11.87 -2.39 12.71
N VAL A 194 12.01 -3.68 12.45
CA VAL A 194 11.07 -4.67 12.96
C VAL A 194 11.72 -5.35 14.16
N VAL A 195 10.90 -5.96 15.01
CA VAL A 195 11.32 -6.41 16.34
C VAL A 195 10.78 -7.79 16.66
N ALA A 196 11.62 -8.61 17.28
CA ALA A 196 11.18 -9.82 17.96
C ALA A 196 11.60 -9.69 19.43
N LEU A 197 10.64 -9.90 20.33
CA LEU A 197 10.90 -9.84 21.76
C LEU A 197 11.01 -11.25 22.31
N LYS A 198 12.15 -11.55 22.92
CA LYS A 198 12.34 -12.77 23.70
C LYS A 198 12.33 -12.39 25.16
N PRO A 199 11.23 -12.60 25.89
CA PRO A 199 11.27 -12.35 27.34
C PRO A 199 11.94 -13.51 28.05
N PRO A 200 12.44 -13.30 29.27
CA PRO A 200 12.90 -14.45 30.05
C PRO A 200 11.68 -15.30 30.37
N THR A 201 11.92 -16.60 30.59
CA THR A 201 10.80 -17.48 30.91
C THR A 201 10.07 -16.99 32.15
N GLN A 202 10.80 -16.71 33.23
CA GLN A 202 10.21 -16.04 34.39
C GLN A 202 10.12 -14.55 34.05
N GLY A 203 8.93 -14.12 33.63
CA GLY A 203 8.72 -12.83 33.02
C GLY A 203 8.11 -12.91 31.64
N SER A 204 7.86 -14.12 31.12
CA SER A 204 7.30 -14.25 29.77
C SER A 204 5.81 -13.90 29.74
N ILE A 205 5.06 -14.16 30.81
CA ILE A 205 3.67 -13.74 30.82
C ILE A 205 3.59 -12.23 30.73
N SER A 206 4.39 -11.53 31.53
CA SER A 206 4.37 -10.06 31.51
C SER A 206 4.75 -9.53 30.13
N GLY A 207 5.74 -10.15 29.48
CA GLY A 207 6.11 -9.71 28.15
C GLY A 207 5.02 -9.95 27.11
N LEU A 208 4.32 -11.07 27.21
CA LEU A 208 3.22 -11.32 26.28
C LEU A 208 2.05 -10.38 26.54
N LEU A 209 1.87 -9.97 27.80
CA LEU A 209 0.85 -8.98 28.12
C LEU A 209 1.19 -7.63 27.51
N LEU A 210 2.47 -7.26 27.51
CA LEU A 210 2.90 -6.08 26.77
C LEU A 210 2.60 -6.22 25.28
N ALA A 211 2.88 -7.40 24.72
CA ALA A 211 2.64 -7.64 23.30
C ALA A 211 1.18 -7.40 22.94
N GLU A 212 0.26 -7.77 23.84
CA GLU A 212 -1.16 -7.55 23.60
C GLU A 212 -1.46 -6.08 23.31
N ALA A 213 -0.79 -5.17 24.04
CA ALA A 213 -1.07 -3.75 23.83
C ALA A 213 -0.65 -3.33 22.42
N PHE A 214 0.50 -3.84 21.95
CA PHE A 214 0.95 -3.51 20.60
C PHE A 214 0.05 -4.11 19.55
N ALA A 215 -0.47 -5.32 19.77
CA ALA A 215 -1.39 -5.92 18.80
C ALA A 215 -2.71 -5.16 18.74
N GLU A 216 -3.28 -4.82 19.91
CA GLU A 216 -4.52 -4.05 19.92
C GLU A 216 -4.33 -2.70 19.25
N ALA A 217 -3.14 -2.12 19.36
CA ALA A 217 -2.86 -0.84 18.73
C ALA A 217 -2.86 -0.93 17.21
N GLY A 218 -2.88 -2.14 16.68
CA GLY A 218 -2.93 -2.34 15.24
C GLY A 218 -1.58 -2.47 14.58
N ILE A 219 -0.51 -2.71 15.33
CA ILE A 219 0.83 -2.83 14.77
C ILE A 219 0.76 -3.83 13.62
N PRO A 220 1.22 -3.49 12.43
CA PRO A 220 1.04 -4.40 11.28
C PRO A 220 1.66 -5.76 11.51
N ALA A 221 1.07 -6.76 10.87
CA ALA A 221 1.50 -8.13 11.06
C ALA A 221 2.99 -8.28 10.78
N GLY A 222 3.70 -8.89 11.73
CA GLY A 222 5.11 -9.18 11.59
C GLY A 222 6.05 -8.07 11.98
N VAL A 223 5.55 -6.85 12.14
CA VAL A 223 6.39 -5.73 12.56
C VAL A 223 6.90 -5.97 13.98
N PHE A 224 6.05 -6.50 14.86
CA PHE A 224 6.43 -6.86 16.21
C PHE A 224 5.95 -8.29 16.48
N ASN A 225 6.85 -9.12 17.02
CA ASN A 225 6.56 -10.52 17.32
C ASN A 225 7.19 -10.89 18.65
N THR A 226 6.71 -11.99 19.23
CA THR A 226 7.33 -12.53 20.45
C THR A 226 7.82 -13.96 20.24
N ILE A 227 8.82 -14.33 21.04
CA ILE A 227 9.40 -15.67 21.06
C ILE A 227 9.46 -16.11 22.52
N THR A 228 8.96 -17.30 22.82
CA THR A 228 9.13 -17.89 24.14
C THR A 228 9.58 -19.34 23.99
N GLY A 229 10.28 -19.84 24.99
CA GLY A 229 10.72 -21.23 24.94
C GLY A 229 11.85 -21.49 25.92
N ARG A 230 12.33 -22.72 25.87
CA ARG A 230 13.41 -23.17 26.73
C ARG A 230 14.75 -22.79 26.11
N GLY A 231 15.63 -22.18 26.92
CA GLY A 231 16.94 -21.82 26.42
C GLY A 231 17.71 -23.01 25.89
N SER A 232 17.44 -24.21 26.41
CA SER A 232 18.11 -25.39 25.90
C SER A 232 17.78 -25.64 24.43
N VAL A 233 16.54 -25.36 24.04
CA VAL A 233 16.10 -25.63 22.67
C VAL A 233 16.43 -24.47 21.74
N ILE A 234 16.14 -23.23 22.16
CA ILE A 234 16.21 -22.08 21.27
C ILE A 234 17.15 -21.00 21.76
N GLY A 235 17.76 -21.15 22.93
CA GLY A 235 18.59 -20.11 23.50
C GLY A 235 19.64 -19.54 22.57
N ASP A 236 20.58 -20.39 22.13
CA ASP A 236 21.58 -19.93 21.18
C ASP A 236 20.98 -19.71 19.79
N TYR A 237 19.97 -20.50 19.43
CA TYR A 237 19.41 -20.42 18.09
C TYR A 237 18.85 -19.04 17.78
N ILE A 238 18.16 -18.42 18.74
CA ILE A 238 17.53 -17.13 18.43
C ILE A 238 18.61 -16.07 18.16
N VAL A 239 19.78 -16.19 18.78
CA VAL A 239 20.79 -15.14 18.66
C VAL A 239 21.69 -15.35 17.44
N GLU A 240 21.99 -16.61 17.09
CA GLU A 240 22.92 -16.83 15.98
CA GLU A 240 22.90 -16.90 15.98
C GLU A 240 22.23 -16.80 14.62
N HIS A 241 20.89 -16.78 14.59
CA HIS A 241 20.15 -16.75 13.33
C HIS A 241 20.55 -15.57 12.46
N GLU A 242 20.81 -15.83 11.17
CA GLU A 242 21.28 -14.78 10.28
CA GLU A 242 21.29 -14.77 10.30
C GLU A 242 20.23 -13.71 10.00
N ALA A 243 18.96 -13.99 10.28
CA ALA A 243 17.93 -12.97 10.05
C ALA A 243 18.10 -11.77 10.97
N VAL A 244 18.67 -12.00 12.16
CA VAL A 244 18.81 -10.94 13.17
C VAL A 244 19.93 -9.99 12.76
N ASN A 245 19.61 -8.69 12.72
CA ASN A 245 20.58 -7.67 12.34
C ASN A 245 21.15 -6.90 13.52
N PHE A 246 20.59 -7.08 14.71
CA PHE A 246 20.92 -6.25 15.87
C PHE A 246 20.38 -6.95 17.11
N ILE A 247 21.19 -7.07 18.17
CA ILE A 247 20.77 -7.70 19.42
C ILE A 247 20.82 -6.64 20.53
N ASN A 248 19.75 -6.57 21.32
CA ASN A 248 19.58 -5.59 22.40
C ASN A 248 19.20 -6.37 23.65
N PHE A 249 20.16 -6.56 24.56
CA PHE A 249 20.02 -7.48 25.68
C PHE A 249 20.19 -6.80 27.04
N THR A 250 19.33 -7.17 27.99
CA THR A 250 19.51 -6.80 29.39
C THR A 250 19.46 -8.09 30.20
N GLY A 251 20.43 -8.28 31.10
CA GLY A 251 20.51 -9.49 31.89
C GLY A 251 21.83 -9.57 32.63
N SER A 252 22.17 -10.77 33.08
CA SER A 252 23.38 -10.94 33.87
C SER A 252 24.63 -10.81 33.00
N THR A 253 25.74 -10.45 33.64
CA THR A 253 27.00 -10.32 32.92
C THR A 253 27.44 -11.63 32.27
N PRO A 254 27.35 -12.79 32.94
CA PRO A 254 27.80 -14.03 32.27
C PRO A 254 26.97 -14.36 31.05
N ILE A 255 25.64 -14.20 31.14
CA ILE A 255 24.79 -14.49 30.00
C ILE A 255 25.06 -13.51 28.87
N GLY A 256 25.14 -12.22 29.20
CA GLY A 256 25.40 -11.23 28.17
C GLY A 256 26.75 -11.43 27.49
N GLU A 257 27.76 -11.85 28.25
CA GLU A 257 29.06 -12.13 27.65
CA GLU A 257 29.06 -12.13 27.65
C GLU A 257 28.95 -13.25 26.63
N GLY A 258 28.21 -14.31 26.97
CA GLY A 258 28.05 -15.42 26.05
C GLY A 258 27.26 -15.04 24.81
N ILE A 259 26.25 -14.18 24.98
CA ILE A 259 25.48 -13.69 23.84
C ILE A 259 26.37 -12.85 22.93
N GLY A 260 27.28 -12.07 23.50
CA GLY A 260 28.16 -11.26 22.69
C GLY A 260 29.01 -12.09 21.73
N LYS A 261 29.42 -13.28 22.17
CA LYS A 261 30.21 -14.15 21.30
C LYS A 261 29.38 -14.67 20.13
N LEU A 262 28.09 -14.89 20.33
CA LEU A 262 27.23 -15.43 19.28
C LEU A 262 26.76 -14.37 18.29
N ALA A 263 27.00 -13.08 18.57
CA ALA A 263 26.57 -12.04 17.67
C ALA A 263 27.49 -11.86 16.47
N GLY A 264 28.73 -12.34 16.55
CA GLY A 264 29.65 -12.15 15.44
C GLY A 264 29.95 -10.67 15.24
N MET A 265 29.84 -10.22 13.99
CA MET A 265 30.10 -8.83 13.64
CA MET A 265 30.10 -8.83 13.66
C MET A 265 28.85 -7.95 13.74
N ARG A 266 27.71 -8.53 14.07
CA ARG A 266 26.49 -7.74 14.17
C ARG A 266 26.53 -6.86 15.41
N PRO A 267 25.99 -5.64 15.34
CA PRO A 267 25.98 -4.77 16.52
C PRO A 267 25.14 -5.37 17.64
N ILE A 268 25.58 -5.12 18.87
CA ILE A 268 24.86 -5.61 20.05
C ILE A 268 24.97 -4.59 21.18
N MET A 269 23.86 -4.39 21.88
CA MET A 269 23.83 -3.61 23.11
C MET A 269 23.65 -4.55 24.29
N LEU A 270 24.43 -4.32 25.34
CA LEU A 270 24.43 -5.18 26.52
C LEU A 270 24.24 -4.30 27.74
N GLU A 271 23.20 -4.59 28.53
CA GLU A 271 22.97 -3.95 29.82
C GLU A 271 23.14 -5.03 30.89
N LEU A 272 24.30 -5.06 31.53
CA LEU A 272 24.68 -6.18 32.37
C LEU A 272 24.72 -5.72 33.84
N GLY A 273 25.51 -6.42 34.67
CA GLY A 273 25.51 -6.18 36.08
C GLY A 273 26.27 -4.93 36.49
N GLY A 274 26.09 -4.55 37.76
CA GLY A 274 26.82 -3.45 38.34
C GLY A 274 27.22 -3.75 39.77
N LYS A 275 28.17 -2.96 40.26
CA LYS A 275 28.54 -2.97 41.69
C LYS A 275 28.76 -1.51 42.07
N ASP A 276 27.70 -0.70 41.92
CA ASP A 276 27.82 0.74 42.04
C ASP A 276 28.33 1.16 43.41
N SER A 277 29.35 2.01 43.42
CA SER A 277 29.87 2.54 44.67
CA SER A 277 29.88 2.55 44.65
C SER A 277 29.13 3.81 45.06
N ALA A 278 28.99 3.99 46.36
CA ALA A 278 28.52 5.25 46.95
C ALA A 278 29.70 5.77 47.77
N ILE A 279 30.34 6.82 47.30
CA ILE A 279 31.52 7.40 47.94
C ILE A 279 31.05 8.51 48.87
N VAL A 280 31.40 8.42 50.14
CA VAL A 280 30.91 9.34 51.15
C VAL A 280 32.12 10.03 51.77
N LEU A 281 32.21 11.35 51.58
CA LEU A 281 33.35 12.12 52.05
C LEU A 281 33.08 12.72 53.42
N GLU A 282 34.13 13.30 54.00
CA GLU A 282 34.07 13.80 55.37
C GLU A 282 33.06 14.93 55.52
N ASP A 283 32.75 15.66 54.46
CA ASP A 283 31.83 16.80 54.55
C ASP A 283 30.44 16.45 54.06
N ALA A 284 30.13 15.17 53.91
CA ALA A 284 28.83 14.76 53.43
C ALA A 284 27.76 15.00 54.48
N ASP A 285 26.54 15.22 53.99
CA ASP A 285 25.33 15.17 54.82
C ASP A 285 25.07 13.68 55.07
N LEU A 286 25.42 13.21 56.27
CA LEU A 286 25.42 11.76 56.51
C LEU A 286 24.00 11.21 56.53
N ALA A 287 23.05 11.93 57.13
CA ALA A 287 21.67 11.46 57.13
C ALA A 287 21.11 11.41 55.71
N LEU A 288 21.44 12.39 54.88
CA LEU A 288 21.00 12.39 53.49
C LEU A 288 21.64 11.23 52.73
N ALA A 289 22.95 11.05 52.90
CA ALA A 289 23.64 9.94 52.25
C ALA A 289 22.99 8.61 52.65
N ALA A 290 22.71 8.43 53.94
CA ALA A 290 22.13 7.16 54.38
C ALA A 290 20.76 6.95 53.77
N LYS A 291 19.96 8.01 53.69
CA LYS A 291 18.62 7.89 53.12
C LYS A 291 18.68 7.40 51.67
N ASN A 292 19.55 8.03 50.87
CA ASN A 292 19.67 7.67 49.47
C ASN A 292 20.30 6.31 49.29
N ILE A 293 21.34 6.03 50.07
CA ILE A 293 22.01 4.73 49.99
C ILE A 293 21.01 3.61 50.25
N VAL A 294 20.19 3.75 51.29
CA VAL A 294 19.27 2.67 51.63
C VAL A 294 18.20 2.55 50.56
N ALA A 295 17.68 3.67 50.04
CA ALA A 295 16.68 3.60 48.99
C ALA A 295 17.24 2.89 47.75
N GLY A 296 18.46 3.24 47.34
CA GLY A 296 19.04 2.66 46.14
C GLY A 296 19.52 1.24 46.30
N ALA A 297 20.03 0.89 47.48
CA ALA A 297 20.57 -0.45 47.67
C ALA A 297 19.50 -1.52 47.82
N PHE A 298 18.36 -1.18 48.41
CA PHE A 298 17.40 -2.20 48.79
C PHE A 298 16.12 -2.17 47.97
N GLY A 299 15.98 -1.25 47.03
CA GLY A 299 14.86 -1.29 46.11
C GLY A 299 14.76 -2.64 45.42
N TYR A 300 13.53 -3.20 45.36
CA TYR A 300 13.28 -4.52 44.76
C TYR A 300 14.29 -5.55 45.28
N SER A 301 14.54 -5.49 46.60
CA SER A 301 15.39 -6.43 47.33
C SER A 301 16.80 -6.48 46.78
N GLY A 302 17.23 -5.42 46.13
CA GLY A 302 18.56 -5.34 45.59
C GLY A 302 18.73 -5.98 44.23
N GLN A 303 17.62 -6.35 43.59
CA GLN A 303 17.67 -7.05 42.30
C GLN A 303 17.66 -6.05 41.15
N ARG A 304 18.64 -5.16 41.16
CA ARG A 304 18.77 -4.12 40.15
C ARG A 304 20.24 -3.91 39.83
N SER A 305 20.53 -3.70 38.54
CA SER A 305 21.92 -3.49 38.14
C SER A 305 22.42 -2.13 38.62
N THR A 306 21.57 -1.12 38.49
N THR A 306 21.53 -1.16 38.81
CA THR A 306 21.79 0.21 39.00
CA THR A 306 21.93 0.20 39.18
C THR A 306 21.24 0.23 40.42
C THR A 306 21.72 0.51 40.66
N ALA A 307 22.12 0.33 41.39
N ALA A 307 21.75 -0.48 41.54
CA ALA A 307 21.72 0.08 42.76
CA ALA A 307 21.63 -0.22 42.97
C ALA A 307 22.99 0.23 43.56
C ALA A 307 22.98 0.18 43.57
N VAL A 308 22.94 1.03 44.61
CA VAL A 308 24.12 1.21 45.44
C VAL A 308 24.46 -0.17 46.01
N LYS A 309 25.65 -0.67 45.69
CA LYS A 309 26.02 -2.01 46.14
C LYS A 309 27.27 -2.05 47.00
N ARG A 310 27.94 -0.92 47.22
CA ARG A 310 29.03 -0.85 48.19
C ARG A 310 29.19 0.60 48.60
N VAL A 311 29.38 0.82 49.89
CA VAL A 311 29.61 2.13 50.45
C VAL A 311 31.11 2.26 50.71
N LEU A 312 31.74 3.25 50.09
CA LEU A 312 33.15 3.56 50.33
C LEU A 312 33.16 4.86 51.13
N VAL A 313 33.41 4.76 52.44
CA VAL A 313 33.21 5.87 53.35
C VAL A 313 34.51 6.21 54.06
N MET A 314 34.80 7.50 54.14
CA MET A 314 36.00 7.98 54.83
C MET A 314 35.93 7.61 56.31
N ASP A 315 37.05 7.09 56.82
CA ASP A 315 37.12 6.57 58.18
C ASP A 315 36.41 7.47 59.19
N LYS A 316 36.67 8.78 59.15
CA LYS A 316 36.29 9.63 60.26
C LYS A 316 34.78 9.76 60.42
N VAL A 317 34.01 9.57 59.36
CA VAL A 317 32.56 9.63 59.45
C VAL A 317 31.92 8.25 59.27
N ALA A 318 32.71 7.18 59.30
CA ALA A 318 32.17 5.85 59.01
C ALA A 318 31.25 5.36 60.13
N ASP A 319 31.68 5.48 61.39
CA ASP A 319 30.82 5.05 62.48
C ASP A 319 29.48 5.77 62.44
N GLN A 320 29.52 7.09 62.20
CA GLN A 320 28.28 7.88 62.17
C GLN A 320 27.40 7.47 61.00
N LEU A 321 27.98 7.33 59.81
CA LEU A 321 27.18 6.92 58.66
C LEU A 321 26.58 5.54 58.87
N ALA A 322 27.37 4.60 59.40
CA ALA A 322 26.88 3.23 59.55
C ALA A 322 25.67 3.19 60.47
N ALA A 323 25.68 3.99 61.54
CA ALA A 323 24.55 4.06 62.44
C ALA A 323 23.32 4.62 61.75
N GLU A 324 23.50 5.66 60.92
CA GLU A 324 22.36 6.21 60.19
CA GLU A 324 22.37 6.22 60.18
C GLU A 324 21.79 5.20 59.20
N ILE A 325 22.66 4.50 58.46
CA ILE A 325 22.19 3.46 57.55
C ILE A 325 21.47 2.36 58.30
N LYS A 326 22.08 1.87 59.38
CA LYS A 326 21.50 0.79 60.17
C LYS A 326 20.06 1.11 60.60
N THR A 327 19.84 2.31 61.13
CA THR A 327 18.51 2.63 61.63
C THR A 327 17.47 2.54 60.53
N LEU A 328 17.83 2.98 59.32
CA LEU A 328 16.90 2.91 58.21
C LEU A 328 16.67 1.47 57.76
N VAL A 329 17.73 0.66 57.71
CA VAL A 329 17.57 -0.72 57.26
C VAL A 329 16.64 -1.47 58.20
N GLU A 330 16.78 -1.25 59.51
CA GLU A 330 15.94 -1.92 60.50
C GLU A 330 14.47 -1.64 60.27
N LYS A 331 14.13 -0.50 59.66
CA LYS A 331 12.74 -0.11 59.47
C LYS A 331 12.16 -0.53 58.12
N LEU A 332 12.97 -1.06 57.21
CA LEU A 332 12.42 -1.57 55.96
C LEU A 332 11.44 -2.71 56.25
N SER A 333 10.35 -2.74 55.49
CA SER A 333 9.37 -3.81 55.65
C SER A 333 9.78 -5.04 54.85
N VAL A 334 9.55 -6.22 55.43
CA VAL A 334 9.93 -7.49 54.83
C VAL A 334 8.68 -8.35 54.73
N GLY A 335 8.32 -8.74 53.51
CA GLY A 335 7.09 -9.49 53.35
C GLY A 335 6.74 -9.73 51.89
N MET A 336 5.44 -9.81 51.64
CA MET A 336 4.91 -10.31 50.38
C MET A 336 4.65 -9.19 49.38
N PRO A 337 4.77 -9.52 48.10
CA PRO A 337 4.48 -8.51 47.06
C PRO A 337 3.12 -7.84 47.21
N GLU A 338 2.08 -8.60 47.55
CA GLU A 338 0.75 -8.01 47.59
C GLU A 338 0.61 -7.02 48.73
N ASP A 339 1.49 -7.05 49.73
CA ASP A 339 1.51 -6.07 50.81
C ASP A 339 2.49 -4.94 50.56
N ASP A 340 3.06 -4.87 49.35
CA ASP A 340 3.95 -3.78 48.96
C ASP A 340 5.12 -3.65 49.91
N ALA A 341 5.65 -4.79 50.36
CA ALA A 341 6.81 -4.79 51.22
C ALA A 341 8.01 -4.19 50.49
N ASP A 342 8.86 -3.49 51.24
CA ASP A 342 10.11 -3.00 50.67
C ASP A 342 10.95 -4.14 50.15
N ILE A 343 11.10 -5.18 50.99
CA ILE A 343 11.90 -6.35 50.71
C ILE A 343 10.93 -7.49 50.45
N THR A 344 10.91 -7.98 49.23
CA THR A 344 10.08 -9.09 48.79
C THR A 344 10.95 -10.32 48.56
N PRO A 345 10.34 -11.49 48.35
CA PRO A 345 11.14 -12.69 48.10
C PRO A 345 11.94 -12.58 46.81
N LEU A 346 13.12 -13.18 46.83
CA LEU A 346 13.96 -13.16 45.64
C LEU A 346 13.37 -14.06 44.55
N ILE A 347 13.92 -13.94 43.34
CA ILE A 347 13.26 -14.45 42.14
C ILE A 347 13.19 -15.98 42.13
N ASP A 348 14.19 -16.64 42.71
CA ASP A 348 14.17 -18.10 42.80
C ASP A 348 15.16 -18.55 43.88
N THR A 349 15.19 -19.86 44.11
CA THR A 349 15.94 -20.39 45.26
C THR A 349 17.44 -20.28 45.03
N SER A 350 17.87 -20.46 43.79
CA SER A 350 19.28 -20.30 43.46
C SER A 350 19.75 -18.89 43.80
N ALA A 351 18.91 -17.90 43.53
CA ALA A 351 19.29 -16.52 43.81
C ALA A 351 19.46 -16.30 45.31
N ALA A 352 18.57 -16.87 46.12
CA ALA A 352 18.64 -16.69 47.56
C ALA A 352 19.80 -17.49 48.16
N ASP A 353 20.03 -18.70 47.66
CA ASP A 353 21.20 -19.46 48.11
C ASP A 353 22.49 -18.69 47.85
N PHE A 354 22.58 -18.07 46.67
CA PHE A 354 23.78 -17.31 46.32
C PHE A 354 23.98 -16.14 47.27
N VAL A 355 22.90 -15.39 47.53
CA VAL A 355 23.00 -14.27 48.46
C VAL A 355 23.37 -14.76 49.85
N GLU A 356 22.72 -15.84 50.31
CA GLU A 356 23.07 -16.39 51.61
C GLU A 356 24.55 -16.75 51.68
N GLY A 357 25.10 -17.27 50.59
CA GLY A 357 26.51 -17.65 50.58
C GLY A 357 27.43 -16.45 50.73
N LEU A 358 27.08 -15.33 50.08
CA LEU A 358 27.87 -14.12 50.23
C LEU A 358 27.80 -13.60 51.67
N ILE A 359 26.61 -13.62 52.27
CA ILE A 359 26.44 -13.16 53.65
C ILE A 359 27.30 -14.01 54.58
N LYS A 360 27.23 -15.33 54.42
CA LYS A 360 27.99 -16.23 55.28
C LYS A 360 29.48 -16.01 55.13
N ASP A 361 29.94 -15.74 53.91
CA ASP A 361 31.36 -15.47 53.68
C ASP A 361 31.82 -14.22 54.42
N ALA A 362 31.01 -13.16 54.38
CA ALA A 362 31.38 -11.93 55.07
C ALA A 362 31.46 -12.14 56.58
N THR A 363 30.49 -12.86 57.13
CA THR A 363 30.52 -13.18 58.55
C THR A 363 31.75 -13.99 58.92
N ASP A 364 32.07 -15.00 58.11
CA ASP A 364 33.21 -15.86 58.40
C ASP A 364 34.52 -15.06 58.42
N LYS A 365 34.65 -14.07 57.54
CA LYS A 365 35.89 -13.30 57.44
C LYS A 365 35.93 -12.10 58.38
N GLY A 366 34.91 -11.91 59.21
CA GLY A 366 34.98 -10.96 60.30
C GLY A 366 34.21 -9.68 60.14
N ALA A 367 33.34 -9.57 59.15
CA ALA A 367 32.53 -8.38 58.99
C ALA A 367 31.46 -8.31 60.09
N THR A 368 31.04 -7.09 60.41
CA THR A 368 30.05 -6.86 61.45
C THR A 368 28.67 -6.80 60.81
N ALA A 369 27.82 -7.76 61.16
CA ALA A 369 26.42 -7.75 60.71
C ALA A 369 25.66 -6.76 61.58
N LEU A 370 25.38 -5.57 61.04
CA LEU A 370 24.68 -4.53 61.78
C LEU A 370 23.18 -4.76 61.83
N THR A 371 22.64 -5.50 60.86
CA THR A 371 21.27 -5.99 60.88
C THR A 371 21.31 -7.49 60.68
N ALA A 372 20.28 -8.17 61.17
CA ALA A 372 20.35 -9.62 61.33
C ALA A 372 19.88 -10.35 60.09
N PHE A 373 20.63 -11.39 59.72
CA PHE A 373 20.21 -12.29 58.66
C PHE A 373 19.05 -13.16 59.10
N ASN A 374 18.08 -13.32 58.20
CA ASN A 374 16.94 -14.19 58.41
C ASN A 374 16.43 -14.60 57.04
N ARG A 375 16.04 -15.87 56.91
CA ARG A 375 15.49 -16.35 55.65
C ARG A 375 14.29 -17.24 55.93
N GLU A 376 13.19 -16.95 55.24
CA GLU A 376 12.03 -17.84 55.19
C GLU A 376 11.71 -18.08 53.72
N GLY A 377 11.79 -19.32 53.28
CA GLY A 377 11.69 -19.58 51.85
C GLY A 377 12.81 -18.84 51.15
N ASN A 378 12.46 -18.00 50.17
CA ASN A 378 13.44 -17.17 49.49
C ASN A 378 13.34 -15.71 49.88
N LEU A 379 12.68 -15.42 51.00
CA LEU A 379 12.58 -14.06 51.54
C LEU A 379 13.74 -13.88 52.52
N ILE A 380 14.76 -13.14 52.08
CA ILE A 380 15.91 -12.80 52.92
C ILE A 380 15.69 -11.40 53.49
N SER A 381 15.85 -11.27 54.81
CA SER A 381 15.79 -9.98 55.45
C SER A 381 17.06 -9.18 55.13
N PRO A 382 16.96 -7.85 55.10
CA PRO A 382 18.08 -7.04 54.60
C PRO A 382 19.24 -7.02 55.59
N VAL A 383 20.43 -7.30 55.09
CA VAL A 383 21.63 -7.42 55.91
C VAL A 383 22.58 -6.27 55.56
N LEU A 384 22.94 -5.49 56.57
CA LEU A 384 23.92 -4.43 56.49
C LEU A 384 25.20 -4.91 57.18
N PHE A 385 26.31 -4.89 56.45
CA PHE A 385 27.62 -5.28 56.96
C PHE A 385 28.53 -4.06 57.04
N ASP A 386 29.25 -3.94 58.16
CA ASP A 386 30.30 -2.94 58.35
C ASP A 386 31.64 -3.66 58.44
N HIS A 387 32.73 -2.89 58.32
CA HIS A 387 34.09 -3.44 58.35
C HIS A 387 34.26 -4.55 57.32
N VAL A 388 33.71 -4.35 56.13
CA VAL A 388 33.97 -5.24 55.01
C VAL A 388 35.32 -4.90 54.41
N THR A 389 36.06 -5.94 54.04
CA THR A 389 37.40 -5.78 53.48
C THR A 389 37.43 -6.39 52.08
N THR A 390 38.47 -6.03 51.33
CA THR A 390 38.57 -6.42 49.93
C THR A 390 38.92 -7.89 49.74
N ASP A 391 39.20 -8.64 50.80
CA ASP A 391 39.31 -10.09 50.68
C ASP A 391 37.96 -10.79 50.77
N MET A 392 36.88 -10.06 51.01
CA MET A 392 35.56 -10.65 51.13
C MET A 392 34.84 -10.64 49.80
N ARG A 393 34.19 -11.76 49.47
CA ARG A 393 33.47 -11.84 48.21
C ARG A 393 32.49 -10.69 48.05
N LEU A 394 31.85 -10.29 49.17
CA LEU A 394 30.81 -9.26 49.12
C LEU A 394 31.34 -7.90 48.72
N ALA A 395 32.65 -7.67 48.83
CA ALA A 395 33.21 -6.42 48.37
C ALA A 395 33.12 -6.27 46.85
N TRP A 396 32.98 -7.37 46.12
CA TRP A 396 33.12 -7.35 44.68
C TRP A 396 31.97 -7.99 43.91
N GLU A 397 31.47 -9.13 44.35
CA GLU A 397 30.47 -9.86 43.57
C GLU A 397 29.09 -9.20 43.69
N GLU A 398 28.39 -9.14 42.56
CA GLU A 398 27.04 -8.58 42.53
C GLU A 398 26.06 -9.56 43.17
N PRO A 399 25.40 -9.22 44.27
CA PRO A 399 24.56 -10.24 44.93
C PRO A 399 23.23 -10.47 44.25
N PHE A 400 22.61 -9.39 43.75
CA PHE A 400 21.21 -9.39 43.36
C PHE A 400 20.36 -9.90 44.53
N GLY A 401 20.62 -9.32 45.69
CA GLY A 401 19.88 -9.60 46.89
C GLY A 401 20.09 -8.51 47.91
N PRO A 402 19.35 -8.58 49.01
CA PRO A 402 19.35 -7.45 49.97
C PRO A 402 20.49 -7.50 50.98
N VAL A 403 21.72 -7.34 50.51
CA VAL A 403 22.91 -7.29 51.37
C VAL A 403 23.78 -6.13 50.90
N LEU A 404 24.25 -5.31 51.85
CA LEU A 404 25.00 -4.10 51.53
C LEU A 404 26.26 -4.00 52.37
N PRO A 405 27.45 -3.98 51.76
CA PRO A 405 28.69 -3.79 52.53
C PRO A 405 29.11 -2.34 52.67
N ILE A 406 29.64 -2.01 53.85
CA ILE A 406 30.32 -0.75 54.10
C ILE A 406 31.82 -1.03 54.14
N ILE A 407 32.57 -0.33 53.31
CA ILE A 407 34.02 -0.45 53.23
C ILE A 407 34.63 0.89 53.64
N ARG A 408 35.47 0.87 54.66
CA ARG A 408 36.11 2.09 55.15
C ARG A 408 37.39 2.34 54.37
N VAL A 409 37.60 3.60 54.01
CA VAL A 409 38.80 4.03 53.27
C VAL A 409 39.39 5.22 54.02
N THR A 410 40.69 5.44 53.82
CA THR A 410 41.42 6.49 54.50
CA THR A 410 41.39 6.50 54.51
C THR A 410 41.60 7.74 53.66
N THR A 411 41.53 7.63 52.33
CA THR A 411 41.73 8.77 51.46
C THR A 411 40.74 8.70 50.30
N VAL A 412 40.49 9.86 49.70
CA VAL A 412 39.70 9.91 48.47
C VAL A 412 40.38 9.07 47.39
N GLU A 413 41.71 9.12 47.34
CA GLU A 413 42.43 8.39 46.31
C GLU A 413 42.17 6.90 46.41
N GLU A 414 42.14 6.38 47.64
CA GLU A 414 41.83 4.97 47.87
C GLU A 414 40.40 4.66 47.45
N ALA A 415 39.45 5.53 47.76
CA ALA A 415 38.07 5.32 47.35
C ALA A 415 37.96 5.18 45.83
N ILE A 416 38.63 6.07 45.10
CA ILE A 416 38.62 5.99 43.65
C ILE A 416 39.26 4.69 43.18
N LYS A 417 40.40 4.32 43.80
CA LYS A 417 41.09 3.10 43.40
C LYS A 417 40.22 1.87 43.60
N ILE A 418 39.60 1.77 44.78
CA ILE A 418 38.75 0.61 45.08
C ILE A 418 37.52 0.62 44.18
N SER A 419 36.91 1.78 43.97
CA SER A 419 35.76 1.83 43.07
C SER A 419 36.13 1.31 41.70
N ASN A 420 37.25 1.76 41.14
CA ASN A 420 37.66 1.41 39.79
C ASN A 420 38.23 0.00 39.68
N GLU A 421 38.60 -0.62 40.80
CA GLU A 421 39.14 -1.98 40.76
C GLU A 421 38.05 -3.00 40.46
N SER A 422 36.79 -2.63 40.60
CA SER A 422 35.70 -3.52 40.22
C SER A 422 35.74 -3.80 38.73
N GLU A 423 35.38 -5.03 38.36
CA GLU A 423 35.13 -5.35 36.95
C GLU A 423 33.91 -4.65 36.41
N TYR A 424 33.04 -4.13 37.27
CA TYR A 424 31.82 -3.45 36.86
C TYR A 424 32.06 -1.95 36.83
N GLY A 425 31.29 -1.26 35.99
CA GLY A 425 31.43 0.18 35.90
C GLY A 425 30.17 0.86 35.42
N LEU A 426 29.07 0.68 36.15
CA LEU A 426 27.78 1.20 35.69
C LEU A 426 27.59 2.64 36.16
N GLN A 427 27.35 2.84 37.45
CA GLN A 427 27.18 4.20 37.99
C GLN A 427 27.91 4.31 39.32
N ALA A 428 28.01 5.54 39.82
CA ALA A 428 28.51 5.81 41.15
C ALA A 428 27.75 6.99 41.74
N SER A 429 27.74 7.08 43.07
CA SER A 429 27.24 8.23 43.81
C SER A 429 28.39 8.86 44.57
N ILE A 430 28.40 10.20 44.65
CA ILE A 430 29.36 10.90 45.50
C ILE A 430 28.56 11.80 46.43
N PHE A 431 28.78 11.65 47.74
CA PHE A 431 28.12 12.44 48.77
C PHE A 431 29.17 13.38 49.38
N THR A 432 28.98 14.68 49.17
CA THR A 432 29.90 15.73 49.60
C THR A 432 29.19 17.06 49.37
N THR A 433 29.60 18.07 50.14
CA THR A 433 29.10 19.43 49.93
C THR A 433 30.04 20.26 49.07
N ASN A 434 31.09 19.64 48.53
CA ASN A 434 32.07 20.31 47.67
C ASN A 434 31.84 19.82 46.25
N PHE A 435 31.02 20.56 45.52
CA PHE A 435 30.66 20.09 44.19
CA PHE A 435 30.63 20.15 44.17
C PHE A 435 31.79 20.21 43.19
N PRO A 436 32.60 21.27 43.16
CA PRO A 436 33.74 21.26 42.23
C PRO A 436 34.67 20.07 42.44
N LYS A 437 34.90 19.69 43.71
CA LYS A 437 35.72 18.52 44.01
C LYS A 437 35.04 17.25 43.51
N ALA A 438 33.73 17.12 43.73
CA ALA A 438 33.00 15.94 43.27
C ALA A 438 33.08 15.81 41.75
N PHE A 439 33.03 16.93 41.04
CA PHE A 439 33.17 16.89 39.58
CA PHE A 439 33.16 16.87 39.58
C PHE A 439 34.52 16.32 39.18
N GLY A 440 35.58 16.73 39.87
CA GLY A 440 36.90 16.19 39.57
C GLY A 440 37.01 14.71 39.90
N ILE A 441 36.36 14.26 40.98
CA ILE A 441 36.36 12.85 41.30
C ILE A 441 35.59 12.07 40.25
N ALA A 442 34.44 12.62 39.83
CA ALA A 442 33.60 11.97 38.82
C ALA A 442 34.39 11.71 37.55
N GLU A 443 35.28 12.64 37.19
CA GLU A 443 36.09 12.48 35.98
C GLU A 443 36.94 11.23 36.04
N GLN A 444 37.35 10.81 37.23
CA GLN A 444 38.26 9.70 37.44
C GLN A 444 37.55 8.36 37.59
N LEU A 445 36.24 8.35 37.81
CA LEU A 445 35.52 7.11 38.05
C LEU A 445 35.16 6.42 36.73
N GLU A 446 35.52 5.14 36.62
CA GLU A 446 35.25 4.36 35.42
C GLU A 446 33.81 3.83 35.45
N VAL A 447 32.88 4.77 35.21
CA VAL A 447 31.44 4.49 35.21
C VAL A 447 30.78 5.32 34.11
N GLY A 448 29.53 4.95 33.79
CA GLY A 448 28.79 5.74 32.81
C GLY A 448 28.25 7.03 33.40
N THR A 449 27.64 6.96 34.58
CA THR A 449 26.98 8.10 35.20
C THR A 449 27.39 8.23 36.66
N VAL A 450 27.65 9.46 37.09
CA VAL A 450 27.90 9.77 38.50
C VAL A 450 26.77 10.68 38.98
N HIS A 451 26.08 10.27 40.04
CA HIS A 451 25.05 11.08 40.68
C HIS A 451 25.62 11.76 41.91
N LEU A 452 25.44 13.07 42.01
CA LEU A 452 25.94 13.83 43.15
C LEU A 452 24.86 13.96 44.21
N ASN A 453 25.19 13.56 45.43
CA ASN A 453 24.28 13.63 46.58
C ASN A 453 22.93 12.99 46.26
N ASN A 454 22.97 11.88 45.53
CA ASN A 454 21.76 11.09 45.30
C ASN A 454 22.15 9.67 44.92
N LYS A 455 21.18 8.77 45.07
CA LYS A 455 21.38 7.38 44.70
C LYS A 455 21.59 7.24 43.20
N THR A 456 22.24 6.15 42.80
CA THR A 456 22.34 5.84 41.38
C THR A 456 20.98 5.39 40.86
N GLN A 457 20.75 5.62 39.56
CA GLN A 457 19.47 5.33 38.93
C GLN A 457 19.61 5.42 37.41
N ARG A 458 18.74 4.66 36.71
CA ARG A 458 18.70 4.74 35.26
C ARG A 458 18.11 6.07 34.78
N GLY A 459 17.15 6.61 35.53
CA GLY A 459 16.38 7.73 35.05
C GLY A 459 17.09 9.05 35.21
N THR A 460 16.44 10.10 34.71
CA THR A 460 15.22 10.05 33.89
C THR A 460 15.56 9.42 32.55
N ASP A 461 14.57 8.86 31.85
CA ASP A 461 14.88 7.98 30.71
C ASP A 461 15.34 8.73 29.46
N ASN A 462 15.38 10.07 29.48
CA ASN A 462 16.02 10.82 28.42
C ASN A 462 17.52 10.94 28.62
N PHE A 463 18.00 10.73 29.84
CA PHE A 463 19.42 10.80 30.13
C PHE A 463 20.13 9.56 29.55
N PRO A 464 21.42 9.67 29.24
CA PRO A 464 22.15 8.47 28.80
C PRO A 464 22.24 7.45 29.92
N PHE A 465 22.18 6.17 29.53
CA PHE A 465 22.38 5.05 30.43
C PHE A 465 23.38 4.09 29.78
N LEU A 466 24.52 3.93 30.43
CA LEU A 466 25.61 3.14 29.86
C LEU A 466 26.50 2.65 30.99
N GLY A 467 27.22 1.56 30.72
N GLY A 467 27.20 1.55 30.73
CA GLY A 467 28.11 1.00 31.71
CA GLY A 467 28.14 1.00 31.67
C GLY A 467 29.45 0.60 31.11
C GLY A 467 29.49 0.77 31.02
N ALA A 468 30.54 0.91 31.82
CA ALA A 468 31.88 0.59 31.39
C ALA A 468 32.23 -0.85 31.77
N LYS A 469 33.28 -1.37 31.13
CA LYS A 469 33.89 -2.65 31.51
C LYS A 469 32.84 -3.75 31.40
N LYS A 470 32.69 -4.61 32.41
CA LYS A 470 31.78 -5.74 32.30
C LYS A 470 30.32 -5.36 32.52
N SER A 471 30.02 -4.08 32.74
CA SER A 471 28.64 -3.67 32.88
C SER A 471 27.91 -3.58 31.55
N GLY A 472 28.61 -3.65 30.41
CA GLY A 472 27.93 -3.81 29.15
C GLY A 472 28.56 -3.01 28.03
N ALA A 473 27.75 -2.71 27.03
CA ALA A 473 28.18 -2.05 25.81
C ALA A 473 27.00 -1.29 25.21
N GLY A 474 27.30 -0.15 24.60
CA GLY A 474 26.29 0.68 24.00
C GLY A 474 25.69 1.67 24.99
N VAL A 475 25.00 2.68 24.44
CA VAL A 475 24.42 3.77 25.22
C VAL A 475 22.91 3.77 24.99
N GLN A 476 22.14 3.65 26.08
CA GLN A 476 20.70 3.77 26.02
C GLN A 476 20.28 5.06 26.74
N GLY A 477 19.05 5.12 27.23
CA GLY A 477 18.35 6.39 27.33
C GLY A 477 17.74 6.61 25.95
N VAL A 478 16.64 7.36 25.82
CA VAL A 478 15.80 7.19 24.64
C VAL A 478 16.54 7.62 23.36
N LYS A 479 17.01 8.87 23.28
CA LYS A 479 17.60 9.31 22.03
CA LYS A 479 17.62 9.34 22.05
C LYS A 479 18.83 8.48 21.67
N TYR A 480 19.59 8.03 22.67
CA TYR A 480 20.79 7.24 22.41
C TYR A 480 20.43 5.86 21.88
N SER A 481 19.36 5.28 22.42
CA SER A 481 18.91 3.97 21.96
CA SER A 481 18.93 3.96 21.95
C SER A 481 18.43 4.03 20.51
N ILE A 482 17.78 5.13 20.13
CA ILE A 482 17.33 5.27 18.76
C ILE A 482 18.53 5.40 17.82
N GLU A 483 19.52 6.20 18.22
CA GLU A 483 20.72 6.35 17.42
CA GLU A 483 20.72 6.35 17.41
C GLU A 483 21.42 5.00 17.23
N ALA A 484 21.48 4.20 18.30
CA ALA A 484 22.18 2.91 18.25
C ALA A 484 21.53 1.95 17.26
N MET A 485 20.20 1.97 17.16
CA MET A 485 19.46 1.03 16.33
C MET A 485 19.10 1.62 14.98
N THR A 486 19.91 2.58 14.53
CA THR A 486 19.90 3.09 13.17
C THR A 486 21.33 3.16 12.66
N THR A 487 21.45 3.30 11.36
CA THR A 487 22.70 3.62 10.70
C THR A 487 22.48 4.89 9.88
N VAL A 488 23.51 5.37 9.22
CA VAL A 488 23.34 6.52 8.35
C VAL A 488 23.57 6.07 6.92
N LYS A 489 22.93 6.79 6.01
CA LYS A 489 23.06 6.62 4.57
C LYS A 489 23.42 8.00 4.02
N SER A 490 24.56 8.09 3.35
CA SER A 490 25.05 9.34 2.80
CA SER A 490 25.03 9.36 2.80
C SER A 490 24.88 9.35 1.29
N VAL A 491 24.23 10.38 0.76
CA VAL A 491 24.07 10.58 -0.67
C VAL A 491 24.85 11.84 -1.03
N VAL A 492 25.85 11.69 -1.89
CA VAL A 492 26.76 12.76 -2.27
C VAL A 492 26.48 13.13 -3.72
N PHE A 493 26.40 14.43 -4.01
CA PHE A 493 26.27 14.85 -5.40
C PHE A 493 26.94 16.21 -5.59
N ASP A 494 27.12 16.58 -6.85
CA ASP A 494 27.83 17.80 -7.21
C ASP A 494 26.86 18.81 -7.77
N ILE A 495 26.87 20.00 -7.20
CA ILE A 495 26.04 21.10 -7.69
C ILE A 495 26.68 21.67 -8.94
N GLN A 496 25.84 22.04 -9.90
CA GLN A 496 26.30 22.70 -11.11
C GLN A 496 25.93 24.17 -11.04
N ALA B 23 71.11 -2.04 4.17
CA ALA B 23 69.70 -1.68 4.25
C ALA B 23 69.43 -0.93 5.55
N LYS B 24 68.72 0.20 5.47
CA LYS B 24 68.48 1.01 6.65
C LYS B 24 67.65 0.23 7.68
N GLN B 25 68.09 0.29 8.93
CA GLN B 25 67.48 -0.45 10.02
C GLN B 25 66.56 0.49 10.79
N TYR B 26 65.28 0.16 10.82
CA TYR B 26 64.28 1.00 11.46
C TYR B 26 63.99 0.49 12.87
N LYS B 27 63.40 1.38 13.68
CA LYS B 27 63.16 1.11 15.08
C LYS B 27 61.73 1.50 15.44
N ASN B 28 61.20 0.88 16.50
CA ASN B 28 59.89 1.25 16.99
C ASN B 28 59.99 2.39 18.00
N LEU B 29 58.97 3.23 18.03
CA LEU B 29 58.81 4.28 19.04
C LEU B 29 58.11 3.68 20.25
N VAL B 30 58.81 3.58 21.37
CA VAL B 30 58.28 2.98 22.59
C VAL B 30 58.62 3.91 23.76
N ASN B 31 57.59 4.50 24.36
CA ASN B 31 57.77 5.37 25.53
C ASN B 31 58.85 6.42 25.26
N GLY B 32 58.73 7.09 24.11
CA GLY B 32 59.58 8.20 23.76
C GLY B 32 60.96 7.83 23.28
N GLU B 33 61.29 6.55 23.16
CA GLU B 33 62.60 6.09 22.74
C GLU B 33 62.45 5.19 21.52
N TRP B 34 63.52 5.08 20.75
CA TRP B 34 63.57 4.24 19.56
C TRP B 34 64.23 2.90 19.91
N LYS B 35 63.54 1.80 19.62
CA LYS B 35 63.94 0.48 20.08
C LYS B 35 64.08 -0.52 18.95
N LEU B 36 65.23 -1.21 18.92
CA LEU B 36 65.41 -2.40 18.10
C LEU B 36 64.90 -3.62 18.84
N SER B 37 64.67 -4.70 18.09
CA SER B 37 64.36 -6.02 18.62
C SER B 37 65.41 -7.03 18.14
N GLU B 38 65.48 -8.17 18.84
N GLU B 38 65.46 -8.17 18.83
CA GLU B 38 66.46 -9.19 18.51
CA GLU B 38 66.46 -9.19 18.51
C GLU B 38 66.25 -9.70 17.09
C GLU B 38 66.26 -9.76 17.11
N ASN B 39 65.01 -9.94 16.70
CA ASN B 39 64.69 -10.41 15.37
C ASN B 39 64.16 -9.25 14.55
N GLU B 40 64.41 -9.32 13.24
CA GLU B 40 63.96 -8.31 12.29
C GLU B 40 63.21 -8.94 11.13
N ILE B 41 62.48 -8.08 10.42
CA ILE B 41 61.81 -8.41 9.16
C ILE B 41 62.42 -7.51 8.09
N THR B 42 62.84 -8.11 6.98
CA THR B 42 63.37 -7.35 5.86
C THR B 42 62.23 -7.03 4.89
N ILE B 43 62.20 -5.78 4.43
CA ILE B 43 61.12 -5.27 3.58
C ILE B 43 61.69 -4.99 2.19
N TYR B 44 61.02 -5.51 1.16
CA TYR B 44 61.47 -5.36 -0.22
C TYR B 44 60.44 -4.57 -1.02
N ALA B 45 60.92 -3.82 -2.02
CA ALA B 45 60.03 -3.10 -2.91
C ALA B 45 59.26 -4.07 -3.80
N PRO B 46 57.93 -4.05 -3.81
CA PRO B 46 57.20 -5.02 -4.64
C PRO B 46 57.48 -4.90 -6.13
N ALA B 47 57.79 -3.71 -6.64
CA ALA B 47 57.92 -3.55 -8.08
C ALA B 47 59.29 -3.99 -8.61
N THR B 48 60.29 -4.12 -7.74
CA THR B 48 61.65 -4.38 -8.16
C THR B 48 62.38 -5.44 -7.36
N GLY B 49 62.03 -5.64 -6.10
CA GLY B 49 62.80 -6.50 -5.22
C GLY B 49 63.87 -5.78 -4.44
N GLU B 50 64.05 -4.50 -4.66
CA GLU B 50 65.03 -3.73 -3.89
C GLU B 50 64.78 -3.89 -2.40
N GLU B 51 65.84 -4.19 -1.66
CA GLU B 51 65.77 -4.21 -0.20
C GLU B 51 65.70 -2.76 0.30
N LEU B 52 64.61 -2.43 1.00
CA LEU B 52 64.42 -1.07 1.49
C LEU B 52 64.88 -0.88 2.93
N GLY B 53 64.97 -1.94 3.71
CA GLY B 53 65.34 -1.82 5.10
C GLY B 53 64.72 -2.93 5.92
N SER B 54 64.92 -2.85 7.22
CA SER B 54 64.41 -3.83 8.14
C SER B 54 63.63 -3.13 9.24
N VAL B 55 62.64 -3.83 9.77
CA VAL B 55 61.86 -3.35 10.91
C VAL B 55 61.91 -4.42 11.99
N PRO B 56 61.68 -4.04 13.25
CA PRO B 56 61.80 -5.01 14.33
C PRO B 56 60.69 -6.06 14.28
N ALA B 57 61.01 -7.26 14.79
CA ALA B 57 60.02 -8.32 14.98
C ALA B 57 59.83 -8.48 16.50
N MET B 58 58.88 -7.73 17.04
CA MET B 58 58.71 -7.63 18.47
C MET B 58 58.26 -8.95 19.09
N THR B 59 58.67 -9.16 20.32
CA THR B 59 58.17 -10.23 21.15
C THR B 59 56.90 -9.79 21.88
N GLN B 60 56.23 -10.77 22.50
CA GLN B 60 55.06 -10.45 23.32
C GLN B 60 55.45 -9.59 24.52
N ALA B 61 56.63 -9.84 25.09
CA ALA B 61 57.08 -9.00 26.21
C ALA B 61 57.30 -7.56 25.77
N GLU B 62 57.80 -7.37 24.55
CA GLU B 62 57.98 -6.01 24.02
C GLU B 62 56.64 -5.36 23.76
N VAL B 63 55.62 -6.13 23.37
CA VAL B 63 54.28 -5.57 23.25
C VAL B 63 53.78 -5.12 24.61
N ASP B 64 54.00 -5.96 25.64
CA ASP B 64 53.60 -5.60 26.99
C ASP B 64 54.15 -4.25 27.40
N ALA B 65 55.42 -4.01 27.04
CA ALA B 65 56.09 -2.76 27.42
C ALA B 65 55.50 -1.56 26.69
N VAL B 66 55.17 -1.72 25.40
CA VAL B 66 54.48 -0.66 24.69
C VAL B 66 53.18 -0.32 25.40
N TYR B 67 52.39 -1.34 25.73
CA TYR B 67 51.08 -1.11 26.30
C TYR B 67 51.19 -0.56 27.72
N ALA B 68 52.14 -1.07 28.51
CA ALA B 68 52.31 -0.52 29.85
C ALA B 68 52.69 0.95 29.80
N SER B 69 53.55 1.33 28.85
CA SER B 69 53.97 2.73 28.74
CA SER B 69 53.95 2.73 28.78
C SER B 69 52.80 3.61 28.30
N ALA B 70 51.92 3.08 27.46
CA ALA B 70 50.78 3.85 27.01
C ALA B 70 49.78 4.07 28.14
N LYS B 71 49.47 3.01 28.90
CA LYS B 71 48.52 3.21 30.00
C LYS B 71 49.08 4.15 31.07
N LYS B 72 50.40 4.16 31.27
CA LYS B 72 50.97 5.08 32.25
C LYS B 72 50.89 6.53 31.76
N ALA B 73 51.08 6.75 30.46
CA ALA B 73 51.02 8.09 29.90
C ALA B 73 49.59 8.65 29.85
N LEU B 74 48.58 7.79 29.94
CA LEU B 74 47.22 8.21 29.63
C LEU B 74 46.73 9.32 30.57
N SER B 75 47.01 9.19 31.87
CA SER B 75 46.47 10.16 32.82
C SER B 75 46.95 11.58 32.51
N ASP B 76 48.26 11.76 32.34
CA ASP B 76 48.78 13.10 32.09
C ASP B 76 48.37 13.62 30.72
N TRP B 77 48.10 12.73 29.76
CA TRP B 77 47.70 13.15 28.43
C TRP B 77 46.25 13.58 28.41
N ARG B 78 45.36 12.80 29.02
CA ARG B 78 43.95 13.17 29.04
C ARG B 78 43.71 14.45 29.86
N THR B 79 44.59 14.77 30.82
CA THR B 79 44.40 15.96 31.65
CA THR B 79 44.40 15.96 31.65
C THR B 79 44.93 17.22 31.00
N LEU B 80 45.66 17.12 29.90
CA LEU B 80 46.02 18.32 29.15
C LEU B 80 44.76 18.97 28.58
N SER B 81 44.89 20.24 28.19
CA SER B 81 43.80 20.91 27.48
C SER B 81 43.69 20.41 26.05
N TYR B 82 42.52 20.63 25.45
CA TYR B 82 42.36 20.31 24.03
CA TYR B 82 42.36 20.31 24.03
C TYR B 82 43.33 21.12 23.18
N VAL B 83 43.56 22.39 23.52
CA VAL B 83 44.46 23.24 22.74
CA VAL B 83 44.44 23.22 22.70
C VAL B 83 45.86 22.65 22.73
N GLU B 84 46.33 22.19 23.89
CA GLU B 84 47.67 21.63 23.97
C GLU B 84 47.79 20.35 23.14
N ARG B 85 46.78 19.48 23.18
CA ARG B 85 46.87 18.27 22.38
C ARG B 85 46.80 18.60 20.89
N ALA B 86 45.97 19.57 20.53
CA ALA B 86 45.89 20.01 19.14
C ALA B 86 47.22 20.58 18.67
N ALA B 87 47.93 21.28 19.56
CA ALA B 87 49.23 21.86 19.18
C ALA B 87 50.22 20.78 18.75
N TYR B 88 50.25 19.65 19.46
CA TYR B 88 51.14 18.56 19.06
C TYR B 88 50.78 18.06 17.67
N LEU B 89 49.48 17.84 17.43
CA LEU B 89 49.04 17.32 16.13
CA LEU B 89 49.04 17.32 16.13
C LEU B 89 49.38 18.29 15.00
N HIS B 90 49.15 19.59 15.23
CA HIS B 90 49.50 20.57 14.20
C HIS B 90 50.99 20.56 13.91
N LYS B 91 51.82 20.44 14.96
CA LYS B 91 53.26 20.38 14.74
CA LYS B 91 53.26 20.39 14.73
C LYS B 91 53.64 19.14 13.94
N ALA B 92 53.03 17.99 14.28
CA ALA B 92 53.33 16.77 13.55
C ALA B 92 52.93 16.90 12.09
N ALA B 93 51.80 17.57 11.83
CA ALA B 93 51.36 17.74 10.45
C ALA B 93 52.32 18.65 9.69
N ASP B 94 52.80 19.72 10.33
CA ASP B 94 53.75 20.59 9.66
C ASP B 94 55.00 19.81 9.25
N ILE B 95 55.46 18.91 10.13
CA ILE B 95 56.65 18.12 9.82
C ILE B 95 56.38 17.18 8.65
N LEU B 96 55.17 16.60 8.60
CA LEU B 96 54.84 15.73 7.48
C LEU B 96 54.87 16.50 6.16
N VAL B 97 54.34 17.73 6.17
CA VAL B 97 54.40 18.57 4.97
C VAL B 97 55.85 18.83 4.58
N ARG B 98 56.67 19.19 5.57
CA ARG B 98 58.08 19.46 5.30
C ARG B 98 58.74 18.25 4.63
N ASP B 99 58.48 17.05 5.15
CA ASP B 99 59.16 15.85 4.72
C ASP B 99 58.34 15.02 3.72
N ALA B 100 57.31 15.61 3.11
CA ALA B 100 56.42 14.83 2.26
C ALA B 100 57.17 14.15 1.11
N GLU B 101 58.11 14.84 0.49
CA GLU B 101 58.84 14.23 -0.62
C GLU B 101 59.72 13.08 -0.13
N LYS B 102 60.43 13.30 0.97
CA LYS B 102 61.28 12.27 1.57
C LYS B 102 60.47 11.04 1.94
N ILE B 103 59.34 11.24 2.61
CA ILE B 103 58.51 10.11 3.04
C ILE B 103 57.84 9.48 1.83
N GLY B 104 57.28 10.29 0.93
CA GLY B 104 56.59 9.74 -0.22
C GLY B 104 57.49 8.85 -1.07
N ALA B 105 58.76 9.23 -1.23
CA ALA B 105 59.67 8.44 -2.04
C ALA B 105 59.79 7.02 -1.53
N ILE B 106 59.86 6.84 -0.20
CA ILE B 106 59.98 5.51 0.37
C ILE B 106 58.64 4.79 0.33
N LEU B 107 57.55 5.49 0.66
CA LEU B 107 56.23 4.90 0.56
CA LEU B 107 56.23 4.90 0.56
C LEU B 107 55.99 4.34 -0.83
N SER B 108 56.33 5.11 -1.87
CA SER B 108 56.17 4.66 -3.23
C SER B 108 56.83 3.30 -3.45
N LYS B 109 58.07 3.16 -3.00
N LYS B 109 58.07 3.16 -3.00
CA LYS B 109 58.78 1.90 -3.16
CA LYS B 109 58.76 1.89 -3.18
C LYS B 109 58.15 0.79 -2.32
C LYS B 109 58.15 0.79 -2.32
N GLU B 110 57.76 1.10 -1.09
CA GLU B 110 57.36 0.05 -0.17
C GLU B 110 56.09 -0.66 -0.61
N VAL B 111 55.13 0.08 -1.18
CA VAL B 111 53.87 -0.53 -1.56
C VAL B 111 53.59 -0.35 -3.06
N ALA B 112 54.62 -0.02 -3.84
CA ALA B 112 54.51 0.08 -5.28
C ALA B 112 53.37 1.01 -5.68
N LYS B 113 53.33 2.16 -5.02
CA LYS B 113 52.43 3.25 -5.36
C LYS B 113 53.20 4.30 -6.14
N GLY B 114 52.54 4.87 -7.15
CA GLY B 114 53.15 5.93 -7.93
C GLY B 114 53.77 7.01 -7.06
N HIS B 115 54.92 7.54 -7.48
CA HIS B 115 55.66 8.46 -6.64
CA HIS B 115 55.67 8.47 -6.64
C HIS B 115 54.84 9.70 -6.30
N LYS B 116 54.23 10.32 -7.31
CA LYS B 116 53.43 11.52 -7.05
C LYS B 116 52.24 11.18 -6.15
N ALA B 117 51.61 10.03 -6.38
CA ALA B 117 50.48 9.63 -5.54
C ALA B 117 50.94 9.37 -4.11
N ALA B 118 52.13 8.79 -3.92
CA ALA B 118 52.64 8.54 -2.58
C ALA B 118 52.87 9.84 -1.84
N VAL B 119 53.49 10.82 -2.49
CA VAL B 119 53.65 12.14 -1.87
C VAL B 119 52.30 12.75 -1.54
N SER B 120 51.31 12.55 -2.43
CA SER B 120 49.99 13.10 -2.17
C SER B 120 49.36 12.44 -0.95
N GLU B 121 49.60 11.13 -0.77
CA GLU B 121 49.08 10.48 0.42
C GLU B 121 49.62 11.15 1.68
N VAL B 122 50.91 11.52 1.67
CA VAL B 122 51.47 12.17 2.85
C VAL B 122 50.83 13.54 3.06
N ILE B 123 50.64 14.30 1.98
CA ILE B 123 50.03 15.62 2.13
C ILE B 123 48.60 15.50 2.65
N ARG B 124 47.86 14.51 2.13
CA ARG B 124 46.50 14.30 2.60
C ARG B 124 46.48 13.89 4.07
N THR B 125 47.49 13.12 4.51
CA THR B 125 47.56 12.75 5.91
C THR B 125 47.71 13.99 6.78
N ALA B 126 48.60 14.90 6.40
CA ALA B 126 48.75 16.15 7.15
C ALA B 126 47.43 16.91 7.22
N GLU B 127 46.69 16.94 6.10
CA GLU B 127 45.40 17.62 6.09
C GLU B 127 44.43 16.99 7.08
N ILE B 128 44.38 15.66 7.11
CA ILE B 128 43.48 14.97 8.02
C ILE B 128 43.88 15.22 9.47
N ILE B 129 45.19 15.19 9.76
CA ILE B 129 45.66 15.42 11.12
C ILE B 129 45.27 16.82 11.58
N ASN B 130 45.52 17.83 10.73
CA ASN B 130 45.17 19.21 11.09
C ASN B 130 43.67 19.37 11.30
N TYR B 131 42.88 18.77 10.41
CA TYR B 131 41.43 18.89 10.51
C TYR B 131 40.91 18.21 11.77
N ALA B 132 41.45 17.03 12.07
CA ALA B 132 41.08 16.33 13.29
C ALA B 132 41.44 17.13 14.53
N ALA B 133 42.61 17.77 14.52
CA ALA B 133 42.99 18.58 15.68
C ALA B 133 41.96 19.67 15.95
N GLU B 134 41.50 20.36 14.90
CA GLU B 134 40.56 21.47 15.09
CA GLU B 134 40.57 21.47 15.07
C GLU B 134 39.13 20.99 15.29
N GLU B 135 38.76 19.86 14.68
CA GLU B 135 37.44 19.28 14.96
C GLU B 135 37.34 18.84 16.41
N GLY B 136 38.37 18.15 16.91
CA GLY B 136 38.29 17.58 18.22
C GLY B 136 38.44 18.57 19.35
N LEU B 137 39.20 19.64 19.16
CA LEU B 137 39.37 20.59 20.25
CA LEU B 137 39.37 20.60 20.24
C LEU B 137 38.08 21.35 20.54
N ARG B 138 37.13 21.31 19.60
CA ARG B 138 35.80 21.89 19.77
C ARG B 138 34.81 20.91 20.37
N MET B 139 35.31 19.84 20.97
CA MET B 139 34.46 18.87 21.65
C MET B 139 33.48 19.59 22.55
N GLU B 140 32.19 19.30 22.38
CA GLU B 140 31.16 19.82 23.26
C GLU B 140 30.37 18.68 23.90
N GLY B 141 29.71 19.02 25.01
CA GLY B 141 28.82 18.12 25.70
C GLY B 141 27.39 18.63 25.68
N GLU B 142 26.53 17.87 26.36
CA GLU B 142 25.10 18.14 26.40
C GLU B 142 24.69 18.41 27.84
N VAL B 143 23.68 19.27 27.99
CA VAL B 143 23.02 19.45 29.27
C VAL B 143 21.57 19.04 29.05
N LEU B 144 21.14 17.98 29.73
CA LEU B 144 19.81 17.43 29.57
C LEU B 144 18.96 17.76 30.78
N GLU B 145 17.69 18.05 30.53
CA GLU B 145 16.74 18.47 31.55
C GLU B 145 15.88 17.30 32.01
N GLY B 146 15.93 17.01 33.31
CA GLY B 146 15.02 16.02 33.86
C GLY B 146 13.57 16.33 33.55
N GLY B 147 13.21 17.62 33.51
CA GLY B 147 11.86 18.06 33.30
C GLY B 147 11.37 17.89 31.88
N SER B 148 12.25 17.50 30.96
CA SER B 148 11.80 17.05 29.65
C SER B 148 11.01 15.76 29.75
N PHE B 149 11.30 14.94 30.77
CA PHE B 149 10.71 13.62 30.89
C PHE B 149 9.71 13.50 32.03
N GLU B 150 9.98 14.12 33.18
CA GLU B 150 9.06 13.99 34.30
CA GLU B 150 9.16 13.95 34.39
C GLU B 150 9.11 15.25 35.17
N ALA B 151 7.90 15.71 35.51
CA ALA B 151 7.74 16.96 36.25
C ALA B 151 8.51 16.92 37.57
N ALA B 152 8.47 15.78 38.25
CA ALA B 152 9.11 15.69 39.56
C ALA B 152 10.62 15.82 39.49
N SER B 153 11.22 15.60 38.33
CA SER B 153 12.67 15.73 38.16
C SER B 153 13.07 17.04 37.48
N LYS B 154 12.23 18.07 37.55
CA LYS B 154 12.54 19.29 36.79
C LYS B 154 13.80 20.00 37.30
N LYS B 155 14.22 19.75 38.54
CA LYS B 155 15.43 20.39 39.06
C LYS B 155 16.67 19.51 38.89
N LYS B 156 16.53 18.35 38.26
CA LYS B 156 17.63 17.43 38.03
C LYS B 156 18.14 17.64 36.62
N ILE B 157 19.44 17.90 36.49
CA ILE B 157 20.03 18.02 35.16
C ILE B 157 21.22 17.08 35.04
N ALA B 158 21.50 16.69 33.80
CA ALA B 158 22.61 15.81 33.47
C ALA B 158 23.62 16.59 32.66
N ILE B 159 24.85 16.68 33.14
N ILE B 159 24.85 16.66 33.14
CA ILE B 159 25.95 17.31 32.42
CA ILE B 159 25.97 17.29 32.45
C ILE B 159 26.74 16.19 31.76
C ILE B 159 26.75 16.18 31.76
N VAL B 160 26.67 16.12 30.43
CA VAL B 160 27.18 14.98 29.67
C VAL B 160 28.37 15.43 28.83
N ARG B 161 29.56 14.99 29.23
CA ARG B 161 30.81 15.36 28.56
C ARG B 161 31.47 14.12 27.98
N ARG B 162 32.25 14.31 26.92
CA ARG B 162 32.96 13.22 26.29
C ARG B 162 34.30 12.97 26.97
N GLU B 163 34.68 11.69 27.02
CA GLU B 163 35.94 11.23 27.59
C GLU B 163 36.63 10.26 26.64
N PRO B 164 37.95 10.15 26.70
CA PRO B 164 38.62 9.14 25.88
C PRO B 164 38.22 7.72 26.28
N VAL B 165 38.34 6.79 25.34
CA VAL B 165 38.12 5.39 25.69
C VAL B 165 39.33 4.78 26.37
N GLY B 166 40.53 5.31 26.11
CA GLY B 166 41.75 4.85 26.75
C GLY B 166 42.86 4.56 25.76
N LEU B 167 43.29 3.30 25.69
CA LEU B 167 44.30 2.87 24.75
C LEU B 167 43.63 2.38 23.47
N VAL B 168 43.92 3.06 22.36
CA VAL B 168 43.44 2.70 21.04
C VAL B 168 44.54 1.94 20.30
N LEU B 169 44.23 0.73 19.86
CA LEU B 169 45.10 0.00 18.95
C LEU B 169 44.67 0.33 17.52
N ALA B 170 45.53 1.00 16.78
CA ALA B 170 45.29 1.39 15.40
C ALA B 170 46.07 0.47 14.48
N ILE B 171 45.39 -0.17 13.54
CA ILE B 171 46.02 -1.10 12.62
C ILE B 171 45.79 -0.55 11.21
N SER B 172 46.85 -0.10 10.58
CA SER B 172 46.76 0.50 9.26
C SER B 172 46.92 -0.55 8.16
N PRO B 173 46.52 -0.21 6.94
CA PRO B 173 46.58 -1.18 5.85
C PRO B 173 47.71 -0.89 4.87
N PHE B 174 48.08 -1.91 4.10
CA PHE B 174 49.19 -1.75 3.17
C PHE B 174 48.91 -0.68 2.12
N ASN B 175 47.64 -0.49 1.73
CA ASN B 175 47.35 0.34 0.57
C ASN B 175 47.29 1.83 0.92
N TYR B 176 47.17 2.18 2.20
CA TYR B 176 47.30 3.56 2.65
C TYR B 176 48.02 3.54 3.99
N PRO B 177 49.33 3.19 3.98
CA PRO B 177 50.02 2.94 5.27
C PRO B 177 50.29 4.18 6.08
N VAL B 178 50.21 5.36 5.48
CA VAL B 178 50.34 6.61 6.22
C VAL B 178 48.98 7.29 6.43
N ASN B 179 48.21 7.42 5.35
CA ASN B 179 46.93 8.11 5.44
C ASN B 179 45.97 7.40 6.38
N LEU B 180 45.87 6.07 6.29
CA LEU B 180 44.96 5.33 7.14
C LEU B 180 45.65 4.81 8.40
N ALA B 181 46.83 5.33 8.70
CA ALA B 181 47.33 5.41 10.07
C ALA B 181 46.90 6.72 10.72
N GLY B 182 47.21 7.85 10.08
CA GLY B 182 46.85 9.14 10.64
C GLY B 182 45.37 9.34 10.83
N SER B 183 44.55 8.77 9.94
CA SER B 183 43.11 8.86 10.06
C SER B 183 42.59 8.26 11.36
N LYS B 184 43.36 7.37 11.98
CA LYS B 184 43.05 6.78 13.27
C LYS B 184 43.78 7.49 14.41
N ILE B 185 45.07 7.79 14.20
CA ILE B 185 45.91 8.35 15.25
C ILE B 185 45.40 9.71 15.70
N ALA B 186 45.18 10.62 14.74
CA ALA B 186 44.89 11.99 15.14
C ALA B 186 43.53 12.13 15.80
N PRO B 187 42.45 11.54 15.28
CA PRO B 187 41.17 11.57 16.01
C PRO B 187 41.27 10.96 17.40
N ALA B 188 42.01 9.87 17.55
CA ALA B 188 42.18 9.27 18.86
C ALA B 188 42.92 10.22 19.80
N LEU B 189 44.01 10.81 19.32
CA LEU B 189 44.87 11.61 20.20
C LEU B 189 44.19 12.90 20.65
N ILE B 190 43.47 13.58 19.74
CA ILE B 190 42.89 14.86 20.12
C ILE B 190 41.88 14.68 21.25
N ALA B 191 41.20 13.54 21.28
CA ALA B 191 40.21 13.24 22.30
C ALA B 191 40.82 12.81 23.62
N GLY B 192 42.13 12.71 23.70
CA GLY B 192 42.79 12.32 24.92
C GLY B 192 43.07 10.84 25.05
N ASN B 193 42.87 10.07 23.98
CA ASN B 193 43.32 8.69 23.98
C ASN B 193 44.83 8.62 23.80
N VAL B 194 45.40 7.48 24.22
CA VAL B 194 46.75 7.09 23.84
C VAL B 194 46.62 6.01 22.77
N VAL B 195 47.70 5.85 21.99
CA VAL B 195 47.62 5.09 20.75
C VAL B 195 48.84 4.20 20.58
N ALA B 196 48.59 2.96 20.16
CA ALA B 196 49.63 2.09 19.62
C ALA B 196 49.28 1.83 18.17
N LEU B 197 50.21 2.18 17.27
CA LEU B 197 50.05 1.91 15.85
C LEU B 197 50.75 0.60 15.50
N LYS B 198 49.97 -0.36 14.98
CA LYS B 198 50.51 -1.55 14.34
C LYS B 198 50.37 -1.39 12.81
N PRO B 199 51.46 -1.08 12.10
CA PRO B 199 51.39 -1.03 10.64
C PRO B 199 51.36 -2.43 10.05
N PRO B 200 50.92 -2.59 8.80
CA PRO B 200 51.11 -3.86 8.12
C PRO B 200 52.60 -4.06 7.90
N THR B 201 53.03 -5.32 7.87
CA THR B 201 54.44 -5.59 7.64
C THR B 201 54.90 -4.88 6.37
N GLN B 202 54.17 -5.05 5.28
CA GLN B 202 54.44 -4.31 4.03
C GLN B 202 53.76 -2.95 4.16
N GLY B 203 54.54 -1.93 4.49
CA GLY B 203 54.01 -0.67 4.98
C GLY B 203 54.52 -0.29 6.35
N SER B 204 55.30 -1.16 7.01
CA SER B 204 55.81 -0.83 8.34
C SER B 204 56.86 0.28 8.28
N ILE B 205 57.67 0.33 7.22
CA ILE B 205 58.65 1.42 7.12
C ILE B 205 57.93 2.76 7.06
N SER B 206 56.93 2.87 6.18
CA SER B 206 56.19 4.13 6.07
C SER B 206 55.50 4.50 7.37
N GLY B 207 54.93 3.50 8.06
CA GLY B 207 54.33 3.77 9.35
C GLY B 207 55.32 4.30 10.36
N LEU B 208 56.53 3.73 10.38
CA LEU B 208 57.56 4.24 11.28
C LEU B 208 58.05 5.62 10.83
N LEU B 209 58.04 5.90 9.52
CA LEU B 209 58.37 7.25 9.08
C LEU B 209 57.33 8.27 9.55
N LEU B 210 56.05 7.89 9.54
CA LEU B 210 55.03 8.75 10.14
C LEU B 210 55.30 8.95 11.63
N ALA B 211 55.66 7.87 12.33
CA ALA B 211 55.96 7.96 13.75
C ALA B 211 57.07 8.96 14.02
N GLU B 212 58.05 9.06 13.11
CA GLU B 212 59.11 10.03 13.29
C GLU B 212 58.56 11.44 13.43
N ALA B 213 57.54 11.77 12.65
CA ALA B 213 57.01 13.14 12.69
C ALA B 213 56.35 13.43 14.04
N PHE B 214 55.66 12.44 14.60
CA PHE B 214 55.01 12.65 15.89
C PHE B 214 56.05 12.76 17.00
N ALA B 215 57.12 11.99 16.94
CA ALA B 215 58.19 12.13 17.92
C ALA B 215 58.88 13.47 17.79
N GLU B 216 59.19 13.91 16.57
CA GLU B 216 59.84 15.20 16.40
C GLU B 216 58.94 16.33 16.88
N ALA B 217 57.63 16.18 16.74
CA ALA B 217 56.69 17.18 17.25
C ALA B 217 56.66 17.22 18.77
N GLY B 218 57.26 16.25 19.44
CA GLY B 218 57.30 16.24 20.88
C GLY B 218 56.17 15.52 21.57
N ILE B 219 55.42 14.68 20.87
CA ILE B 219 54.35 13.90 21.48
C ILE B 219 54.90 13.27 22.75
N PRO B 220 54.23 13.41 23.90
CA PRO B 220 54.82 12.93 25.15
CA PRO B 220 54.82 12.93 25.15
C PRO B 220 55.07 11.43 25.10
N ALA B 221 56.11 11.00 25.84
CA ALA B 221 56.51 9.61 25.87
C ALA B 221 55.35 8.70 26.23
N GLY B 222 55.10 7.68 25.40
CA GLY B 222 54.06 6.72 25.66
C GLY B 222 52.69 7.08 25.14
N VAL B 223 52.46 8.35 24.78
CA VAL B 223 51.17 8.76 24.24
C VAL B 223 50.95 8.14 22.87
N PHE B 224 52.02 8.04 22.07
CA PHE B 224 51.97 7.41 20.78
C PHE B 224 53.17 6.48 20.67
N ASN B 225 52.92 5.23 20.30
CA ASN B 225 53.92 4.18 20.20
C ASN B 225 53.65 3.37 18.95
N THR B 226 54.66 2.61 18.53
CA THR B 226 54.51 1.74 17.37
C THR B 226 54.88 0.31 17.76
N ILE B 227 54.22 -0.64 17.07
CA ILE B 227 54.46 -2.06 17.20
C ILE B 227 54.68 -2.62 15.81
N THR B 228 55.74 -3.42 15.63
CA THR B 228 55.94 -4.16 14.39
C THR B 228 56.34 -5.57 14.75
N GLY B 229 55.96 -6.53 13.90
CA GLY B 229 56.32 -7.91 14.14
C GLY B 229 55.52 -8.87 13.27
N ARG B 230 55.79 -10.16 13.52
CA ARG B 230 55.19 -11.24 12.75
C ARG B 230 53.87 -11.66 13.37
N GLY B 231 52.87 -11.84 12.52
CA GLY B 231 51.58 -12.28 12.99
C GLY B 231 51.62 -13.56 13.82
N SER B 232 52.54 -14.46 13.49
CA SER B 232 52.63 -15.72 14.22
C SER B 232 53.12 -15.52 15.65
N VAL B 233 53.75 -14.39 15.95
CA VAL B 233 54.26 -14.11 17.28
C VAL B 233 53.32 -13.22 18.06
N ILE B 234 52.81 -12.16 17.43
CA ILE B 234 52.08 -11.11 18.15
C ILE B 234 50.70 -10.82 17.57
N GLY B 235 50.32 -11.45 16.45
CA GLY B 235 49.06 -11.11 15.80
C GLY B 235 47.83 -11.13 16.67
N ASP B 236 47.55 -12.28 17.31
CA ASP B 236 46.43 -12.32 18.24
C ASP B 236 46.76 -11.58 19.53
N TYR B 237 48.03 -11.60 19.94
CA TYR B 237 48.39 -11.07 21.25
C TYR B 237 48.06 -9.58 21.37
N ILE B 238 48.35 -8.80 20.33
CA ILE B 238 48.17 -7.36 20.45
C ILE B 238 46.69 -7.02 20.58
N VAL B 239 45.81 -7.87 20.04
CA VAL B 239 44.37 -7.59 20.10
C VAL B 239 43.78 -8.09 21.41
N GLU B 240 44.18 -9.28 21.86
CA GLU B 240 43.57 -9.85 23.05
C GLU B 240 44.03 -9.20 24.34
N HIS B 241 45.11 -8.42 24.30
CA HIS B 241 45.68 -7.84 25.49
C HIS B 241 44.65 -7.01 26.24
N GLU B 242 44.56 -7.19 27.56
N GLU B 242 44.58 -7.22 27.57
CA GLU B 242 43.54 -6.47 28.31
CA GLU B 242 43.62 -6.51 28.39
C GLU B 242 43.89 -5.00 28.52
C GLU B 242 43.85 -5.00 28.40
N ALA B 243 45.07 -4.56 28.11
CA ALA B 243 45.36 -3.12 28.16
C ALA B 243 44.57 -2.36 27.09
N VAL B 244 44.24 -3.02 25.99
CA VAL B 244 43.67 -2.36 24.84
C VAL B 244 42.19 -2.12 25.08
N ASN B 245 41.75 -0.87 24.90
CA ASN B 245 40.38 -0.49 25.17
C ASN B 245 39.53 -0.35 23.91
N PHE B 246 40.16 -0.31 22.72
CA PHE B 246 39.49 0.02 21.48
C PHE B 246 40.41 -0.42 20.35
N ILE B 247 39.84 -1.06 19.32
CA ILE B 247 40.58 -1.49 18.15
C ILE B 247 40.02 -0.79 16.91
N ASN B 248 40.91 -0.22 16.11
CA ASN B 248 40.54 0.56 14.92
C ASN B 248 41.35 -0.02 13.76
N PHE B 249 40.68 -0.79 12.89
CA PHE B 249 41.36 -1.64 11.92
C PHE B 249 40.87 -1.38 10.50
N THR B 250 41.81 -1.28 9.57
CA THR B 250 41.54 -1.31 8.14
C THR B 250 42.32 -2.46 7.52
N GLY B 251 41.65 -3.29 6.72
CA GLY B 251 42.32 -4.42 6.07
C GLY B 251 41.30 -5.31 5.38
N SER B 252 41.70 -6.57 5.18
CA SER B 252 40.84 -7.50 4.47
C SER B 252 39.68 -7.98 5.33
N THR B 253 38.59 -8.39 4.68
CA THR B 253 37.42 -8.84 5.41
C THR B 253 37.72 -10.06 6.27
N PRO B 254 38.41 -11.09 5.78
CA PRO B 254 38.71 -12.25 6.67
C PRO B 254 39.50 -11.86 7.90
N ILE B 255 40.56 -11.06 7.74
CA ILE B 255 41.36 -10.69 8.90
C ILE B 255 40.53 -9.85 9.87
N GLY B 256 39.70 -8.95 9.34
CA GLY B 256 38.88 -8.11 10.21
C GLY B 256 37.91 -8.91 11.03
N GLU B 257 37.25 -9.91 10.42
CA GLU B 257 36.30 -10.74 11.16
CA GLU B 257 36.30 -10.74 11.16
C GLU B 257 37.01 -11.49 12.30
N GLY B 258 38.22 -11.96 12.04
CA GLY B 258 38.96 -12.67 13.08
C GLY B 258 39.37 -11.77 14.23
N ILE B 259 39.77 -10.54 13.92
CA ILE B 259 40.06 -9.59 14.98
C ILE B 259 38.80 -9.31 15.80
N GLY B 260 37.66 -9.21 15.12
CA GLY B 260 36.41 -8.98 15.84
C GLY B 260 36.10 -10.07 16.85
N LYS B 261 36.46 -11.31 16.54
CA LYS B 261 36.21 -12.40 17.50
C LYS B 261 37.07 -12.25 18.74
N LEU B 262 38.24 -11.65 18.60
CA LEU B 262 39.16 -11.46 19.71
C LEU B 262 38.88 -10.20 20.52
N ALA B 263 38.00 -9.33 20.05
CA ALA B 263 37.75 -8.08 20.75
C ALA B 263 36.90 -8.24 21.99
N GLY B 264 36.12 -9.31 22.11
CA GLY B 264 35.17 -9.39 23.21
C GLY B 264 34.08 -8.35 23.05
N MET B 265 33.66 -7.75 24.16
CA MET B 265 32.69 -6.65 24.09
C MET B 265 33.38 -5.28 24.00
N ARG B 266 34.68 -5.24 23.81
CA ARG B 266 35.37 -3.98 23.62
C ARG B 266 35.04 -3.40 22.24
N PRO B 267 34.85 -2.09 22.15
CA PRO B 267 34.46 -1.50 20.86
C PRO B 267 35.55 -1.64 19.82
N ILE B 268 35.12 -1.92 18.59
CA ILE B 268 36.05 -2.06 17.48
C ILE B 268 35.46 -1.36 16.26
N MET B 269 36.34 -0.80 15.45
CA MET B 269 35.97 -0.25 14.15
C MET B 269 36.67 -1.08 13.08
N LEU B 270 35.93 -1.41 12.03
CA LEU B 270 36.44 -2.24 10.96
C LEU B 270 36.18 -1.58 9.63
N GLU B 271 37.22 -1.41 8.82
CA GLU B 271 37.12 -0.93 7.45
C GLU B 271 37.65 -2.05 6.55
N LEU B 272 36.73 -2.83 5.98
CA LEU B 272 37.05 -4.07 5.31
C LEU B 272 36.84 -3.90 3.80
N GLY B 273 36.54 -4.98 3.11
CA GLY B 273 36.51 -4.94 1.67
C GLY B 273 35.22 -4.35 1.12
N GLY B 274 35.24 -4.14 -0.20
CA GLY B 274 34.07 -3.67 -0.90
C GLY B 274 33.97 -4.31 -2.27
N LYS B 275 32.77 -4.19 -2.86
CA LYS B 275 32.52 -4.61 -4.23
C LYS B 275 31.53 -3.58 -4.78
N ASP B 276 31.95 -2.31 -4.76
CA ASP B 276 31.05 -1.21 -5.06
CA ASP B 276 31.05 -1.21 -5.06
C ASP B 276 30.47 -1.34 -6.46
N SER B 277 29.15 -1.24 -6.55
CA SER B 277 28.46 -1.28 -7.83
CA SER B 277 28.45 -1.28 -7.82
C SER B 277 28.37 0.12 -8.43
N ALA B 278 28.45 0.18 -9.75
CA ALA B 278 28.15 1.40 -10.51
C ALA B 278 26.92 1.06 -11.35
N ILE B 279 25.78 1.62 -10.97
CA ILE B 279 24.51 1.37 -11.64
C ILE B 279 24.33 2.43 -12.70
N VAL B 280 24.24 2.02 -13.96
CA VAL B 280 24.12 2.95 -15.08
C VAL B 280 22.73 2.75 -15.68
N LEU B 281 21.94 3.82 -15.68
CA LEU B 281 20.57 3.78 -16.16
C LEU B 281 20.50 4.21 -17.62
N GLU B 282 19.34 3.94 -18.25
CA GLU B 282 19.20 4.18 -19.67
C GLU B 282 19.35 5.66 -20.03
N ASP B 283 19.03 6.57 -19.12
CA ASP B 283 19.12 7.98 -19.41
C ASP B 283 20.45 8.60 -19.01
N ALA B 284 21.43 7.79 -18.62
CA ALA B 284 22.67 8.33 -18.12
C ALA B 284 23.52 8.87 -19.26
N ASP B 285 24.35 9.86 -18.94
CA ASP B 285 25.42 10.25 -19.85
C ASP B 285 26.47 9.14 -19.81
N LEU B 286 26.48 8.26 -20.82
CA LEU B 286 27.34 7.09 -20.77
C LEU B 286 28.81 7.47 -20.87
N ALA B 287 29.12 8.56 -21.56
CA ALA B 287 30.52 8.97 -21.65
C ALA B 287 31.06 9.40 -20.29
N LEU B 288 30.32 10.29 -19.60
CA LEU B 288 30.74 10.72 -18.28
C LEU B 288 30.75 9.55 -17.30
N ALA B 289 29.80 8.62 -17.45
CA ALA B 289 29.81 7.45 -16.57
C ALA B 289 31.08 6.65 -16.76
N ALA B 290 31.50 6.43 -18.01
CA ALA B 290 32.70 5.66 -18.29
C ALA B 290 33.93 6.32 -17.68
N LYS B 291 34.03 7.65 -17.79
CA LYS B 291 35.18 8.35 -17.23
C LYS B 291 35.29 8.11 -15.73
N ASN B 292 34.22 8.39 -14.99
N ASN B 292 34.22 8.40 -14.99
CA ASN B 292 34.29 8.21 -13.54
CA ASN B 292 34.24 8.20 -13.55
C ASN B 292 34.42 6.74 -13.16
C ASN B 292 34.47 6.74 -13.20
N ILE B 293 33.85 5.83 -13.95
CA ILE B 293 33.95 4.41 -13.64
C ILE B 293 35.40 3.95 -13.78
N VAL B 294 36.09 4.39 -14.83
CA VAL B 294 37.45 3.92 -15.05
C VAL B 294 38.41 4.58 -14.07
N ALA B 295 38.20 5.85 -13.76
CA ALA B 295 39.04 6.52 -12.78
C ALA B 295 38.92 5.85 -11.42
N GLY B 296 37.69 5.51 -11.01
CA GLY B 296 37.50 4.88 -9.71
C GLY B 296 37.87 3.41 -9.66
N ALA B 297 37.69 2.70 -10.77
CA ALA B 297 37.92 1.26 -10.75
C ALA B 297 39.41 0.93 -10.72
N PHE B 298 40.25 1.75 -11.37
CA PHE B 298 41.64 1.37 -11.60
C PHE B 298 42.66 2.21 -10.85
N GLY B 299 42.23 3.20 -10.06
CA GLY B 299 43.19 3.91 -9.24
C GLY B 299 43.97 2.95 -8.36
N TYR B 300 45.29 3.18 -8.28
CA TYR B 300 46.22 2.29 -7.56
C TYR B 300 45.98 0.84 -7.93
N SER B 301 45.78 0.60 -9.23
CA SER B 301 45.59 -0.73 -9.79
C SER B 301 44.39 -1.47 -9.19
N GLY B 302 43.42 -0.74 -8.66
CA GLY B 302 42.26 -1.37 -8.07
C GLY B 302 42.44 -1.88 -6.67
N GLN B 303 43.53 -1.50 -6.00
CA GLN B 303 43.83 -2.01 -4.65
C GLN B 303 43.26 -1.06 -3.60
N ARG B 304 41.95 -0.87 -3.67
CA ARG B 304 41.22 0.07 -2.83
C ARG B 304 39.86 -0.52 -2.48
N SER B 305 39.43 -0.34 -1.23
CA SER B 305 38.12 -0.86 -0.85
C SER B 305 36.99 -0.12 -1.54
N THR B 306 37.21 1.17 -1.83
CA THR B 306 36.20 2.07 -2.38
C THR B 306 36.31 2.25 -3.89
N ALA B 307 36.84 1.26 -4.61
CA ALA B 307 36.89 1.36 -6.05
C ALA B 307 35.58 0.89 -6.66
N VAL B 308 35.21 1.46 -7.81
CA VAL B 308 34.15 0.85 -8.61
C VAL B 308 34.61 -0.54 -9.00
N LYS B 309 33.85 -1.56 -8.61
CA LYS B 309 34.29 -2.93 -8.83
C LYS B 309 33.31 -3.78 -9.62
N ARG B 310 32.15 -3.25 -9.97
CA ARG B 310 31.27 -3.94 -10.90
C ARG B 310 30.31 -2.92 -11.47
N VAL B 311 30.08 -3.01 -12.78
CA VAL B 311 29.13 -2.16 -13.48
C VAL B 311 27.85 -2.97 -13.69
N LEU B 312 26.74 -2.44 -13.16
CA LEU B 312 25.40 -2.98 -13.38
C LEU B 312 24.70 -2.03 -14.34
N VAL B 313 24.56 -2.43 -15.59
CA VAL B 313 24.10 -1.53 -16.65
C VAL B 313 22.85 -2.09 -17.31
N MET B 314 21.89 -1.22 -17.59
CA MET B 314 20.69 -1.60 -18.32
C MET B 314 21.04 -2.03 -19.74
N ASP B 315 20.46 -3.15 -20.17
CA ASP B 315 20.88 -3.79 -21.42
C ASP B 315 20.87 -2.82 -22.59
N LYS B 316 19.82 -1.98 -22.68
CA LYS B 316 19.69 -1.13 -23.85
C LYS B 316 20.82 -0.12 -24.01
N VAL B 317 21.62 0.12 -22.96
CA VAL B 317 22.78 0.99 -23.07
C VAL B 317 24.09 0.26 -22.85
N ALA B 318 24.06 -1.06 -22.67
CA ALA B 318 25.28 -1.79 -22.28
C ALA B 318 26.32 -1.75 -23.39
N ASP B 319 25.91 -2.00 -24.64
CA ASP B 319 26.87 -2.06 -25.72
C ASP B 319 27.68 -0.77 -25.82
N GLN B 320 27.01 0.37 -25.71
CA GLN B 320 27.77 1.62 -25.84
C GLN B 320 28.57 1.94 -24.59
N LEU B 321 28.04 1.63 -23.41
CA LEU B 321 28.83 1.87 -22.20
C LEU B 321 30.12 1.06 -22.26
N ALA B 322 30.01 -0.22 -22.60
CA ALA B 322 31.18 -1.07 -22.69
C ALA B 322 32.24 -0.46 -23.61
N ALA B 323 31.80 0.04 -24.77
CA ALA B 323 32.74 0.66 -25.70
C ALA B 323 33.35 1.92 -25.10
N GLU B 324 32.56 2.68 -24.34
CA GLU B 324 33.09 3.91 -23.74
C GLU B 324 34.13 3.60 -22.68
N ILE B 325 33.88 2.58 -21.86
CA ILE B 325 34.84 2.21 -20.83
C ILE B 325 36.14 1.70 -21.47
N LYS B 326 36.02 0.83 -22.48
CA LYS B 326 37.20 0.28 -23.12
C LYS B 326 38.15 1.37 -23.61
N THR B 327 37.60 2.40 -24.25
CA THR B 327 38.44 3.44 -24.83
C THR B 327 39.35 4.09 -23.79
N LEU B 328 38.88 4.22 -22.55
CA LEU B 328 39.68 4.85 -21.51
C LEU B 328 40.62 3.88 -20.82
N VAL B 329 40.24 2.60 -20.72
CA VAL B 329 41.12 1.62 -20.12
C VAL B 329 42.40 1.50 -20.93
N GLU B 330 42.27 1.45 -22.27
CA GLU B 330 43.44 1.35 -23.13
C GLU B 330 44.34 2.57 -23.02
N LYS B 331 43.84 3.68 -22.47
CA LYS B 331 44.66 4.86 -22.25
C LYS B 331 45.46 4.82 -20.96
N LEU B 332 45.11 3.95 -20.03
CA LEU B 332 45.82 3.87 -18.76
C LEU B 332 47.26 3.45 -18.97
N SER B 333 48.20 4.23 -18.41
CA SER B 333 49.61 3.89 -18.50
C SER B 333 49.94 2.76 -17.55
N VAL B 334 50.84 1.88 -17.97
CA VAL B 334 51.19 0.68 -17.24
C VAL B 334 52.71 0.64 -17.09
N GLY B 335 53.17 0.51 -15.86
CA GLY B 335 54.60 0.50 -15.62
C GLY B 335 54.96 0.59 -14.16
N MET B 336 56.07 1.28 -13.88
CA MET B 336 56.69 1.28 -12.57
C MET B 336 56.20 2.45 -11.71
N PRO B 337 56.26 2.30 -10.39
CA PRO B 337 55.84 3.42 -9.53
C PRO B 337 56.64 4.69 -9.77
N GLU B 338 57.96 4.56 -9.99
CA GLU B 338 58.80 5.76 -10.07
CA GLU B 338 58.80 5.75 -10.08
C GLU B 338 58.47 6.62 -11.28
N ASP B 339 57.78 6.08 -12.28
CA ASP B 339 57.37 6.85 -13.45
C ASP B 339 55.91 7.29 -13.38
N ASP B 340 55.24 7.07 -12.25
CA ASP B 340 53.91 7.59 -12.03
C ASP B 340 52.88 6.97 -12.97
N ALA B 341 53.03 5.67 -13.21
CA ALA B 341 52.06 4.94 -14.01
C ALA B 341 50.73 4.85 -13.30
N ASP B 342 49.65 4.81 -14.10
CA ASP B 342 48.32 4.58 -13.54
C ASP B 342 48.23 3.20 -12.92
N ILE B 343 48.70 2.19 -13.64
CA ILE B 343 48.68 0.80 -13.19
C ILE B 343 50.11 0.43 -12.81
N THR B 344 50.31 0.13 -11.53
CA THR B 344 51.60 -0.31 -11.00
C THR B 344 51.52 -1.77 -10.57
N PRO B 345 52.67 -2.39 -10.29
CA PRO B 345 52.65 -3.79 -9.83
C PRO B 345 51.86 -3.95 -8.54
N LEU B 346 51.21 -5.09 -8.40
CA LEU B 346 50.42 -5.38 -7.23
C LEU B 346 51.34 -5.68 -6.04
N ILE B 347 50.72 -5.77 -4.86
CA ILE B 347 51.49 -5.68 -3.62
C ILE B 347 52.40 -6.89 -3.44
N ASP B 348 51.94 -8.07 -3.85
CA ASP B 348 52.77 -9.26 -3.77
C ASP B 348 52.26 -10.31 -4.77
N THR B 349 52.98 -11.44 -4.82
CA THR B 349 52.66 -12.47 -5.80
C THR B 349 51.34 -13.14 -5.50
N SER B 350 51.00 -13.31 -4.24
CA SER B 350 49.71 -13.89 -3.88
C SER B 350 48.57 -13.04 -4.44
N ALA B 351 48.71 -11.72 -4.42
CA ALA B 351 47.67 -10.84 -4.93
C ALA B 351 47.52 -10.97 -6.44
N ALA B 352 48.63 -10.96 -7.16
CA ALA B 352 48.56 -11.09 -8.62
C ALA B 352 48.07 -12.47 -9.02
N ASP B 353 48.42 -13.51 -8.27
CA ASP B 353 47.94 -14.86 -8.56
C ASP B 353 46.43 -14.95 -8.35
N PHE B 354 45.92 -14.32 -7.29
CA PHE B 354 44.49 -14.33 -7.04
C PHE B 354 43.74 -13.63 -8.16
N VAL B 355 44.26 -12.49 -8.63
CA VAL B 355 43.61 -11.75 -9.70
C VAL B 355 43.60 -12.55 -10.99
N GLU B 356 44.75 -13.13 -11.35
CA GLU B 356 44.80 -13.97 -12.54
C GLU B 356 43.79 -15.13 -12.44
N GLY B 357 43.60 -15.66 -11.23
CA GLY B 357 42.66 -16.74 -11.06
C GLY B 357 41.22 -16.32 -11.31
N LEU B 358 40.87 -15.09 -10.92
CA LEU B 358 39.55 -14.55 -11.21
C LEU B 358 39.37 -14.31 -12.71
N ILE B 359 40.40 -13.77 -13.35
CA ILE B 359 40.36 -13.57 -14.81
C ILE B 359 40.10 -14.90 -15.51
N LYS B 360 40.82 -15.95 -15.11
CA LYS B 360 40.68 -17.25 -15.77
C LYS B 360 39.29 -17.82 -15.57
N ASP B 361 38.71 -17.65 -14.38
CA ASP B 361 37.37 -18.16 -14.13
C ASP B 361 36.36 -17.46 -15.03
N ALA B 362 36.54 -16.16 -15.26
CA ALA B 362 35.62 -15.42 -16.10
C ALA B 362 35.78 -15.82 -17.57
N THR B 363 37.01 -16.04 -18.02
CA THR B 363 37.22 -16.50 -19.39
C THR B 363 36.62 -17.90 -19.57
N ASP B 364 36.89 -18.80 -18.63
CA ASP B 364 36.38 -20.16 -18.74
C ASP B 364 34.86 -20.18 -18.87
N LYS B 365 34.17 -19.32 -18.13
CA LYS B 365 32.71 -19.36 -18.05
C LYS B 365 32.03 -18.54 -19.14
N GLY B 366 32.79 -17.95 -20.06
CA GLY B 366 32.21 -17.33 -21.25
C GLY B 366 32.23 -15.83 -21.28
N ALA B 367 32.88 -15.18 -20.32
CA ALA B 367 32.96 -13.72 -20.34
C ALA B 367 33.81 -13.27 -21.53
N THR B 368 33.54 -12.06 -21.99
N THR B 368 33.53 -12.06 -22.01
CA THR B 368 34.22 -11.48 -23.14
CA THR B 368 34.23 -11.50 -23.15
C THR B 368 35.25 -10.48 -22.65
C THR B 368 35.24 -10.48 -22.66
N ALA B 369 36.52 -10.72 -22.95
CA ALA B 369 37.59 -9.82 -22.56
C ALA B 369 37.71 -8.70 -23.59
N LEU B 370 37.45 -7.47 -23.16
CA LEU B 370 37.54 -6.32 -24.05
C LEU B 370 38.94 -5.71 -24.10
N THR B 371 39.81 -6.05 -23.14
CA THR B 371 41.20 -5.62 -23.15
C THR B 371 42.09 -6.83 -22.91
N ALA B 372 43.36 -6.70 -23.28
CA ALA B 372 44.28 -7.82 -23.31
C ALA B 372 44.96 -8.02 -21.97
N PHE B 373 44.85 -9.23 -21.43
CA PHE B 373 45.56 -9.58 -20.21
C PHE B 373 47.05 -9.73 -20.48
N ASN B 374 47.87 -9.10 -19.64
CA ASN B 374 49.32 -9.26 -19.72
C ASN B 374 49.87 -9.14 -18.32
N ARG B 375 50.72 -10.09 -17.93
CA ARG B 375 51.33 -10.11 -16.61
C ARG B 375 52.84 -10.24 -16.75
N GLU B 376 53.56 -9.24 -16.26
CA GLU B 376 55.02 -9.23 -16.25
C GLU B 376 55.41 -9.13 -14.77
N GLY B 377 55.79 -10.27 -14.19
CA GLY B 377 56.01 -10.33 -12.75
C GLY B 377 54.70 -10.33 -12.00
N ASN B 378 54.46 -9.29 -11.19
CA ASN B 378 53.15 -9.06 -10.58
C ASN B 378 52.50 -7.79 -11.13
N LEU B 379 52.94 -7.33 -12.30
CA LEU B 379 52.34 -6.17 -12.97
C LEU B 379 51.33 -6.70 -13.98
N ILE B 380 50.06 -6.57 -13.63
CA ILE B 380 48.96 -7.03 -14.46
C ILE B 380 48.39 -5.83 -15.20
N SER B 381 48.26 -5.96 -16.52
CA SER B 381 47.63 -4.91 -17.31
C SER B 381 46.12 -4.91 -17.06
N PRO B 382 45.48 -3.75 -17.18
CA PRO B 382 44.06 -3.65 -16.82
C PRO B 382 43.19 -4.46 -17.76
N VAL B 383 42.35 -5.32 -17.19
CA VAL B 383 41.48 -6.22 -17.93
C VAL B 383 40.03 -5.80 -17.71
N LEU B 384 39.27 -5.68 -18.80
CA LEU B 384 37.86 -5.32 -18.78
C LEU B 384 37.06 -6.49 -19.36
N PHE B 385 36.08 -6.97 -18.60
CA PHE B 385 35.21 -8.04 -19.03
C PHE B 385 33.80 -7.52 -19.26
N ASP B 386 33.14 -8.02 -20.31
CA ASP B 386 31.73 -7.78 -20.56
C ASP B 386 30.99 -9.11 -20.50
N HIS B 387 29.66 -9.03 -20.44
CA HIS B 387 28.81 -10.21 -20.35
C HIS B 387 29.21 -11.10 -19.18
N VAL B 388 29.55 -10.46 -18.06
CA VAL B 388 29.80 -11.17 -16.82
C VAL B 388 28.47 -11.62 -16.23
N THR B 389 28.43 -12.86 -15.74
CA THR B 389 27.22 -13.43 -15.18
C THR B 389 27.46 -13.83 -13.73
N THR B 390 26.37 -14.05 -13.01
CA THR B 390 26.44 -14.23 -11.57
C THR B 390 27.01 -15.58 -11.14
N ASP B 391 27.29 -16.48 -12.09
CA ASP B 391 28.00 -17.72 -11.78
C ASP B 391 29.51 -17.56 -11.81
N MET B 392 30.01 -16.40 -12.23
N MET B 392 30.02 -16.39 -12.16
CA MET B 392 31.45 -16.13 -12.27
CA MET B 392 31.44 -16.14 -12.27
C MET B 392 31.91 -15.53 -10.94
C MET B 392 31.95 -15.46 -11.00
N ARG B 393 33.08 -15.96 -10.48
CA ARG B 393 33.62 -15.42 -9.24
C ARG B 393 33.82 -13.90 -9.33
N LEU B 394 34.19 -13.40 -10.50
CA LEU B 394 34.48 -11.98 -10.65
C LEU B 394 33.25 -11.10 -10.44
N ALA B 395 32.05 -11.67 -10.48
CA ALA B 395 30.85 -10.90 -10.20
C ALA B 395 30.71 -10.60 -8.71
N TRP B 396 31.50 -11.23 -7.86
CA TRP B 396 31.23 -11.19 -6.43
C TRP B 396 32.48 -10.94 -5.61
N GLU B 397 33.56 -11.66 -5.91
CA GLU B 397 34.75 -11.61 -5.08
C GLU B 397 35.54 -10.33 -5.32
N GLU B 398 36.08 -9.77 -4.25
CA GLU B 398 36.87 -8.54 -4.34
C GLU B 398 38.26 -8.88 -4.87
N PRO B 399 38.68 -8.35 -6.03
CA PRO B 399 39.96 -8.78 -6.59
C PRO B 399 41.18 -8.13 -5.95
N PHE B 400 41.04 -6.86 -5.57
CA PHE B 400 42.19 -6.01 -5.26
C PHE B 400 43.22 -6.11 -6.39
N GLY B 401 42.74 -5.80 -7.60
CA GLY B 401 43.57 -5.78 -8.78
C GLY B 401 42.84 -5.11 -9.92
N PRO B 402 43.53 -4.87 -11.03
CA PRO B 402 42.98 -4.05 -12.12
C PRO B 402 42.15 -4.85 -13.11
N VAL B 403 41.03 -5.41 -12.62
CA VAL B 403 40.06 -6.12 -13.43
C VAL B 403 38.67 -5.61 -13.08
N LEU B 404 37.86 -5.31 -14.10
CA LEU B 404 36.55 -4.70 -13.90
C LEU B 404 35.49 -5.48 -14.68
N PRO B 405 34.47 -6.02 -14.03
CA PRO B 405 33.39 -6.69 -14.76
C PRO B 405 32.22 -5.80 -15.10
N ILE B 406 31.58 -6.11 -16.22
CA ILE B 406 30.34 -5.48 -16.66
C ILE B 406 29.23 -6.53 -16.63
N ILE B 407 28.15 -6.23 -15.92
CA ILE B 407 27.01 -7.13 -15.77
C ILE B 407 25.78 -6.43 -16.31
N ARG B 408 25.10 -7.07 -17.25
CA ARG B 408 23.93 -6.49 -17.88
C ARG B 408 22.66 -6.91 -17.17
N VAL B 409 21.78 -5.95 -16.94
CA VAL B 409 20.52 -6.17 -16.23
C VAL B 409 19.38 -5.66 -17.10
N THR B 410 18.19 -6.22 -16.87
CA THR B 410 17.02 -5.86 -17.67
C THR B 410 16.10 -4.85 -16.99
N THR B 411 16.18 -4.71 -15.67
CA THR B 411 15.36 -3.76 -14.94
C THR B 411 16.19 -3.09 -13.85
N VAL B 412 15.75 -1.91 -13.42
CA VAL B 412 16.39 -1.26 -12.27
C VAL B 412 16.23 -2.12 -11.03
N GLU B 413 15.07 -2.78 -10.90
CA GLU B 413 14.86 -3.69 -9.79
C GLU B 413 15.89 -4.81 -9.80
N GLU B 414 16.23 -5.33 -10.98
CA GLU B 414 17.26 -6.36 -11.05
C GLU B 414 18.61 -5.80 -10.64
N ALA B 415 18.94 -4.57 -11.08
CA ALA B 415 20.20 -3.96 -10.69
C ALA B 415 20.30 -3.81 -9.18
N ILE B 416 19.20 -3.37 -8.54
CA ILE B 416 19.18 -3.21 -7.08
C ILE B 416 19.34 -4.57 -6.40
N LYS B 417 18.66 -5.60 -6.93
CA LYS B 417 18.73 -6.92 -6.32
C LYS B 417 20.14 -7.49 -6.38
N ILE B 418 20.80 -7.38 -7.55
CA ILE B 418 22.14 -7.92 -7.68
C ILE B 418 23.13 -7.12 -6.83
N SER B 419 23.03 -5.79 -6.85
CA SER B 419 23.89 -4.97 -6.00
C SER B 419 23.80 -5.42 -4.54
N ASN B 420 22.57 -5.53 -4.02
CA ASN B 420 22.37 -5.89 -2.61
C ASN B 420 22.69 -7.36 -2.33
N GLU B 421 22.71 -8.22 -3.35
CA GLU B 421 23.04 -9.63 -3.12
CA GLU B 421 23.05 -9.62 -3.13
C GLU B 421 24.49 -9.80 -2.69
N SER B 422 25.33 -8.79 -2.91
CA SER B 422 26.72 -8.88 -2.48
C SER B 422 26.82 -8.94 -0.96
N GLU B 423 27.83 -9.68 -0.48
CA GLU B 423 28.14 -9.66 0.94
C GLU B 423 28.74 -8.34 1.37
N TYR B 424 29.23 -7.55 0.43
CA TYR B 424 29.82 -6.25 0.72
C TYR B 424 28.78 -5.15 0.57
N GLY B 425 29.02 -4.04 1.25
CA GLY B 425 28.11 -2.91 1.16
C GLY B 425 28.75 -1.61 1.53
N LEU B 426 29.82 -1.25 0.82
CA LEU B 426 30.61 -0.05 1.17
C LEU B 426 29.99 1.18 0.52
N GLN B 427 30.14 1.32 -0.81
CA GLN B 427 29.51 2.44 -1.50
C GLN B 427 28.92 1.94 -2.81
N ALA B 428 28.22 2.87 -3.47
CA ALA B 428 27.67 2.63 -4.79
C ALA B 428 27.68 3.96 -5.53
N SER B 429 27.68 3.87 -6.86
CA SER B 429 27.50 5.01 -7.74
C SER B 429 26.23 4.79 -8.56
N ILE B 430 25.50 5.86 -8.82
CA ILE B 430 24.33 5.83 -9.69
C ILE B 430 24.54 6.88 -10.77
N PHE B 431 24.45 6.47 -12.04
CA PHE B 431 24.61 7.36 -13.18
CA PHE B 431 24.61 7.36 -13.18
C PHE B 431 23.27 7.48 -13.89
N THR B 432 22.74 8.71 -13.93
CA THR B 432 21.41 8.98 -14.47
C THR B 432 21.22 10.49 -14.50
N THR B 433 20.23 10.93 -15.26
CA THR B 433 19.84 12.34 -15.28
C THR B 433 18.59 12.61 -14.46
N ASN B 434 18.02 11.60 -13.83
CA ASN B 434 16.80 11.73 -13.01
C ASN B 434 17.22 11.60 -11.54
N PHE B 435 17.47 12.74 -10.90
CA PHE B 435 18.00 12.71 -9.55
CA PHE B 435 17.99 12.79 -9.53
C PHE B 435 16.95 12.29 -8.53
N PRO B 436 15.69 12.72 -8.64
CA PRO B 436 14.68 12.19 -7.70
C PRO B 436 14.59 10.66 -7.76
N LYS B 437 14.71 10.09 -8.96
CA LYS B 437 14.75 8.65 -9.11
C LYS B 437 16.02 8.06 -8.47
N ALA B 438 17.17 8.71 -8.70
CA ALA B 438 18.40 8.23 -8.11
C ALA B 438 18.34 8.22 -6.58
N PHE B 439 17.73 9.25 -5.99
CA PHE B 439 17.60 9.28 -4.54
CA PHE B 439 17.62 9.28 -4.53
C PHE B 439 16.78 8.11 -4.02
N GLY B 440 15.69 7.77 -4.72
CA GLY B 440 14.89 6.64 -4.31
C GLY B 440 15.61 5.31 -4.46
N ILE B 441 16.44 5.18 -5.49
CA ILE B 441 17.26 3.98 -5.62
C ILE B 441 18.27 3.92 -4.49
N ALA B 442 18.90 5.06 -4.17
CA ALA B 442 19.91 5.08 -3.12
C ALA B 442 19.36 4.61 -1.78
N GLU B 443 18.10 4.96 -1.49
CA GLU B 443 17.47 4.51 -0.26
C GLU B 443 17.46 3.00 -0.16
N GLN B 444 17.34 2.31 -1.30
CA GLN B 444 17.24 0.86 -1.31
C GLN B 444 18.58 0.14 -1.33
N LEU B 445 19.68 0.84 -1.59
CA LEU B 445 20.97 0.18 -1.70
C LEU B 445 21.60 -0.01 -0.32
N GLU B 446 22.03 -1.25 -0.06
CA GLU B 446 22.60 -1.63 1.25
C GLU B 446 24.09 -1.28 1.28
N VAL B 447 24.35 0.02 1.33
CA VAL B 447 25.69 0.58 1.37
C VAL B 447 25.70 1.77 2.32
N GLY B 448 26.90 2.28 2.59
CA GLY B 448 27.04 3.45 3.43
C GLY B 448 26.85 4.76 2.70
N THR B 449 27.45 4.88 1.52
CA THR B 449 27.42 6.10 0.74
C THR B 449 27.08 5.79 -0.71
N VAL B 450 26.23 6.62 -1.30
CA VAL B 450 25.94 6.56 -2.73
C VAL B 450 26.36 7.89 -3.33
N HIS B 451 27.20 7.83 -4.36
CA HIS B 451 27.59 9.01 -5.11
C HIS B 451 26.76 9.10 -6.39
N LEU B 452 26.21 10.27 -6.66
CA LEU B 452 25.42 10.48 -7.87
C LEU B 452 26.29 11.05 -8.98
N ASN B 453 26.29 10.38 -10.14
CA ASN B 453 27.05 10.82 -11.31
C ASN B 453 28.51 11.09 -10.95
N ASN B 454 29.08 10.23 -10.13
CA ASN B 454 30.50 10.29 -9.86
CA ASN B 454 30.50 10.32 -9.79
C ASN B 454 30.97 8.96 -9.29
N LYS B 455 32.29 8.81 -9.22
CA LYS B 455 32.87 7.59 -8.71
C LYS B 455 32.72 7.52 -7.20
N THR B 456 32.74 6.30 -6.67
CA THR B 456 32.81 6.14 -5.22
C THR B 456 34.15 6.63 -4.72
N GLN B 457 34.17 7.07 -3.45
CA GLN B 457 35.39 7.62 -2.85
C GLN B 457 35.16 7.80 -1.35
N ARG B 458 36.25 7.76 -0.58
CA ARG B 458 36.15 8.00 0.85
C ARG B 458 35.89 9.47 1.16
N GLY B 459 36.40 10.37 0.33
CA GLY B 459 36.42 11.78 0.63
C GLY B 459 35.13 12.48 0.25
N THR B 460 35.07 13.77 0.58
CA THR B 460 36.08 14.50 1.35
C THR B 460 36.10 13.96 2.78
N ASP B 461 37.22 14.13 3.47
CA ASP B 461 37.43 13.39 4.72
C ASP B 461 36.57 13.89 5.87
N ASN B 462 35.83 14.99 5.69
CA ASN B 462 34.83 15.38 6.68
C ASN B 462 33.53 14.60 6.54
N PHE B 463 33.29 13.98 5.38
CA PHE B 463 32.07 13.23 5.15
C PHE B 463 32.12 11.90 5.91
N PRO B 464 30.98 11.32 6.26
CA PRO B 464 31.00 10.00 6.91
C PRO B 464 31.48 8.94 5.93
N PHE B 465 32.25 7.99 6.46
CA PHE B 465 32.72 6.85 5.67
C PHE B 465 32.37 5.59 6.44
N LEU B 466 31.52 4.74 5.86
CA LEU B 466 31.08 3.53 6.52
C LEU B 466 30.59 2.53 5.50
N GLY B 467 30.47 1.28 5.93
N GLY B 467 30.47 1.28 5.94
CA GLY B 467 30.05 0.19 5.06
CA GLY B 467 29.92 0.27 5.08
C GLY B 467 29.24 -0.84 5.82
C GLY B 467 28.69 -0.37 5.67
N ALA B 468 28.34 -1.51 5.10
CA ALA B 468 27.34 -2.40 5.67
C ALA B 468 27.78 -3.84 5.45
N LYS B 469 27.15 -4.76 6.16
CA LYS B 469 27.38 -6.19 5.96
C LYS B 469 28.86 -6.47 6.15
N LYS B 470 29.53 -7.18 5.25
CA LYS B 470 30.90 -7.61 5.47
C LYS B 470 31.93 -6.52 5.18
N SER B 471 31.51 -5.29 4.88
CA SER B 471 32.44 -4.21 4.62
C SER B 471 32.90 -3.51 5.90
N GLY B 472 32.37 -3.90 7.05
CA GLY B 472 32.91 -3.46 8.31
C GLY B 472 31.91 -3.01 9.34
N ALA B 473 32.35 -2.14 10.25
CA ALA B 473 31.56 -1.69 11.38
C ALA B 473 32.12 -0.35 11.84
N GLY B 474 31.23 0.55 12.24
CA GLY B 474 31.61 1.86 12.69
C GLY B 474 31.60 2.91 11.59
N VAL B 475 31.58 4.18 12.01
CA VAL B 475 31.51 5.32 11.10
C VAL B 475 32.77 6.15 11.28
N GLN B 476 33.53 6.33 10.20
CA GLN B 476 34.69 7.21 10.18
C GLN B 476 34.36 8.41 9.28
N GLY B 477 35.40 9.05 8.76
CA GLY B 477 35.32 10.48 8.47
C GLY B 477 35.64 11.19 9.77
N VAL B 478 36.12 12.43 9.73
CA VAL B 478 36.86 12.96 10.87
C VAL B 478 35.98 13.04 12.12
N LYS B 479 34.90 13.82 12.07
CA LYS B 479 34.14 14.02 13.30
C LYS B 479 33.54 12.70 13.79
N TYR B 480 33.16 11.82 12.86
CA TYR B 480 32.58 10.53 13.26
C TYR B 480 33.61 9.66 13.95
N SER B 481 34.85 9.69 13.47
CA SER B 481 35.91 8.90 14.12
CA SER B 481 35.89 8.89 14.11
C SER B 481 36.20 9.40 15.52
N ILE B 482 36.15 10.72 15.72
CA ILE B 482 36.35 11.28 17.07
C ILE B 482 35.24 10.81 18.00
N GLU B 483 34.00 10.91 17.55
CA GLU B 483 32.87 10.43 18.36
C GLU B 483 33.02 8.95 18.70
N ALA B 484 33.53 8.16 17.75
CA ALA B 484 33.62 6.71 17.95
C ALA B 484 34.62 6.35 19.04
N MET B 485 35.73 7.07 19.14
CA MET B 485 36.79 6.78 20.09
C MET B 485 36.68 7.63 21.35
N THR B 486 35.48 8.08 21.67
CA THR B 486 35.17 8.68 22.96
C THR B 486 33.96 7.95 23.52
N THR B 487 33.78 8.07 24.83
CA THR B 487 32.57 7.63 25.50
C THR B 487 32.02 8.86 26.20
N VAL B 488 30.83 8.75 26.76
CA VAL B 488 30.26 9.89 27.48
C VAL B 488 30.34 9.57 28.97
N LYS B 489 30.47 10.62 29.76
CA LYS B 489 30.41 10.58 31.22
C LYS B 489 29.32 11.56 31.62
N SER B 490 28.28 11.05 32.26
CA SER B 490 27.15 11.86 32.69
C SER B 490 27.27 12.16 34.17
N VAL B 491 27.25 13.44 34.52
CA VAL B 491 27.21 13.87 35.92
C VAL B 491 25.86 14.52 36.16
N VAL B 492 25.11 13.96 37.10
CA VAL B 492 23.72 14.33 37.35
C VAL B 492 23.64 14.95 38.74
N PHE B 493 22.96 16.08 38.85
CA PHE B 493 22.77 16.68 40.16
C PHE B 493 21.47 17.47 40.17
N ASP B 494 21.06 17.84 41.38
CA ASP B 494 19.78 18.50 41.62
C ASP B 494 20.05 19.95 41.98
N ILE B 495 19.43 20.87 41.24
CA ILE B 495 19.52 22.28 41.58
C ILE B 495 18.65 22.56 42.79
N GLN B 496 19.15 23.41 43.67
CA GLN B 496 18.39 23.84 44.84
C GLN B 496 18.06 25.32 44.67
N ALA C 23 -24.98 36.75 15.55
CA ALA C 23 -23.81 37.52 15.94
C ALA C 23 -23.68 37.60 17.46
N LYS C 24 -22.50 37.26 17.96
CA LYS C 24 -22.22 37.20 19.38
C LYS C 24 -21.22 38.27 19.79
N GLN C 25 -21.25 38.61 21.07
CA GLN C 25 -20.32 39.57 21.66
C GLN C 25 -19.16 38.81 22.30
N TYR C 26 -17.95 39.03 21.80
CA TYR C 26 -16.77 38.30 22.26
C TYR C 26 -15.98 39.14 23.26
N LYS C 27 -15.10 38.45 23.98
CA LYS C 27 -14.38 38.99 25.13
C LYS C 27 -12.90 38.66 25.01
N ASN C 28 -12.07 39.53 25.59
CA ASN C 28 -10.65 39.20 25.66
C ASN C 28 -10.34 38.33 26.87
N LEU C 29 -9.33 37.47 26.71
CA LEU C 29 -8.78 36.68 27.80
C LEU C 29 -7.69 37.50 28.48
N VAL C 30 -7.94 37.90 29.72
CA VAL C 30 -7.03 38.75 30.48
C VAL C 30 -6.87 38.13 31.86
N ASN C 31 -5.69 37.58 32.14
CA ASN C 31 -5.38 37.03 33.47
C ASN C 31 -6.44 36.03 33.94
N GLY C 32 -6.80 35.13 33.03
CA GLY C 32 -7.75 34.09 33.34
C GLY C 32 -9.20 34.50 33.35
N GLU C 33 -9.51 35.78 33.09
CA GLU C 33 -10.86 36.30 33.09
C GLU C 33 -11.22 36.79 31.69
N TRP C 34 -12.52 36.76 31.37
CA TRP C 34 -13.01 37.19 30.07
C TRP C 34 -13.62 38.59 30.21
N LYS C 35 -13.05 39.56 29.49
CA LYS C 35 -13.39 40.95 29.71
C LYS C 35 -13.92 41.61 28.45
N LEU C 36 -15.05 42.30 28.60
CA LEU C 36 -15.49 43.29 27.64
C LEU C 36 -14.77 44.62 27.88
N SER C 37 -14.87 45.51 26.89
CA SER C 37 -14.44 46.90 27.03
C SER C 37 -15.66 47.80 26.82
N GLU C 38 -15.49 49.10 27.12
CA GLU C 38 -16.62 50.02 26.99
C GLU C 38 -17.04 50.19 25.55
N ASN C 39 -16.09 50.22 24.62
CA ASN C 39 -16.37 50.25 23.20
C ASN C 39 -16.03 48.89 22.59
N GLU C 40 -16.65 48.61 21.45
CA GLU C 40 -16.35 47.40 20.71
C GLU C 40 -16.22 47.70 19.22
N ILE C 41 -15.79 46.68 18.50
CA ILE C 41 -15.65 46.72 17.05
C ILE C 41 -16.55 45.63 16.49
N THR C 42 -17.52 46.03 15.67
CA THR C 42 -18.36 45.03 15.00
C THR C 42 -17.67 44.56 13.73
N ILE C 43 -17.66 43.24 13.54
CA ILE C 43 -16.95 42.58 12.45
C ILE C 43 -17.99 42.05 11.48
N TYR C 44 -17.81 42.36 10.19
CA TYR C 44 -18.70 41.94 9.14
C TYR C 44 -17.96 41.05 8.14
N ALA C 45 -18.72 40.12 7.54
CA ALA C 45 -18.19 39.20 6.55
C ALA C 45 -17.85 39.94 5.26
N PRO C 46 -16.60 39.90 4.80
CA PRO C 46 -16.27 40.62 3.56
C PRO C 46 -17.06 40.18 2.34
N ALA C 47 -17.51 38.93 2.28
CA ALA C 47 -18.16 38.45 1.06
C ALA C 47 -19.61 38.87 0.95
N THR C 48 -20.28 39.09 2.10
CA THR C 48 -21.72 39.24 2.14
C THR C 48 -22.21 40.44 2.94
N GLY C 49 -21.38 41.05 3.78
CA GLY C 49 -21.83 42.09 4.67
C GLY C 49 -22.50 41.61 5.95
N GLU C 50 -22.62 40.29 6.13
CA GLU C 50 -23.28 39.75 7.32
C GLU C 50 -22.56 40.17 8.59
N GLU C 51 -23.33 40.61 9.59
CA GLU C 51 -22.76 40.91 10.90
C GLU C 51 -22.39 39.61 11.61
N LEU C 52 -21.12 39.48 12.00
CA LEU C 52 -20.65 38.23 12.60
C LEU C 52 -20.58 38.28 14.12
N GLY C 53 -20.44 39.46 14.69
CA GLY C 53 -20.17 39.59 16.11
C GLY C 53 -19.31 40.81 16.36
N SER C 54 -18.98 41.00 17.63
CA SER C 54 -18.17 42.15 18.04
C SER C 54 -17.04 41.70 18.96
N VAL C 55 -15.94 42.45 18.91
CA VAL C 55 -14.82 42.22 19.83
C VAL C 55 -14.52 43.53 20.55
N PRO C 56 -13.88 43.45 21.72
CA PRO C 56 -13.63 44.66 22.51
C PRO C 56 -12.67 45.62 21.80
N ALA C 57 -12.89 46.92 22.05
CA ALA C 57 -11.98 47.98 21.61
C ALA C 57 -11.18 48.45 22.83
N MET C 58 -10.07 47.78 23.09
CA MET C 58 -9.34 48.02 24.34
C MET C 58 -8.73 49.41 24.39
N THR C 59 -8.64 49.94 25.60
CA THR C 59 -7.92 51.17 25.88
C THR C 59 -6.46 50.85 26.21
N GLN C 60 -5.63 51.89 26.17
CA GLN C 60 -4.24 51.71 26.59
C GLN C 60 -4.15 51.22 28.03
N ALA C 61 -5.05 51.67 28.90
CA ALA C 61 -5.04 51.18 30.28
C ALA C 61 -5.36 49.70 30.34
N GLU C 62 -6.24 49.23 29.46
CA GLU C 62 -6.56 47.80 29.45
CA GLU C 62 -6.57 47.80 29.43
C GLU C 62 -5.41 46.98 28.88
N VAL C 63 -4.66 47.53 27.91
CA VAL C 63 -3.45 46.86 27.45
C VAL C 63 -2.45 46.75 28.61
N ASP C 64 -2.30 47.82 29.40
CA ASP C 64 -1.39 47.77 30.54
C ASP C 64 -1.75 46.61 31.47
N ALA C 65 -3.04 46.39 31.68
CA ALA C 65 -3.47 45.30 32.56
C ALA C 65 -3.12 43.94 31.97
N VAL C 66 -3.23 43.77 30.65
CA VAL C 66 -2.83 42.53 30.02
C VAL C 66 -1.37 42.25 30.28
N TYR C 67 -0.51 43.23 29.96
CA TYR C 67 0.92 43.05 30.09
C TYR C 67 1.35 42.86 31.54
N ALA C 68 0.73 43.60 32.47
CA ALA C 68 1.10 43.43 33.87
C ALA C 68 0.76 42.03 34.36
N SER C 69 -0.42 41.52 33.95
CA SER C 69 -0.82 40.16 34.29
C SER C 69 0.17 39.13 33.73
N ALA C 70 0.62 39.35 32.50
CA ALA C 70 1.56 38.41 31.88
C ALA C 70 2.90 38.41 32.59
N LYS C 71 3.43 39.58 32.95
CA LYS C 71 4.73 39.58 33.62
C LYS C 71 4.63 38.95 35.01
N LYS C 72 3.49 39.09 35.70
CA LYS C 72 3.32 38.43 36.98
C LYS C 72 3.25 36.92 36.84
N ALA C 73 2.67 36.41 35.75
CA ALA C 73 2.55 34.97 35.55
C ALA C 73 3.84 34.32 35.08
N LEU C 74 4.76 35.11 34.54
CA LEU C 74 5.96 34.54 33.92
C LEU C 74 6.80 33.77 34.92
N SER C 75 6.91 34.26 36.16
CA SER C 75 7.79 33.60 37.13
CA SER C 75 7.79 33.60 37.13
CA SER C 75 7.79 33.60 37.14
C SER C 75 7.37 32.15 37.37
N ASP C 76 6.07 31.93 37.63
CA ASP C 76 5.61 30.58 37.90
C ASP C 76 5.56 29.74 36.62
N TRP C 77 5.40 30.37 35.46
CA TRP C 77 5.31 29.61 34.21
C TRP C 77 6.68 29.10 33.77
N ARG C 78 7.68 29.97 33.81
CA ARG C 78 9.01 29.57 33.34
C ARG C 78 9.65 28.51 34.24
N THR C 79 9.20 28.37 35.49
CA THR C 79 9.76 27.37 36.38
C THR C 79 8.97 26.07 36.40
N LEU C 80 7.87 25.99 35.66
CA LEU C 80 7.24 24.69 35.44
C LEU C 80 8.18 23.80 34.62
N SER C 81 7.95 22.50 34.70
CA SER C 81 8.68 21.57 33.85
C SER C 81 8.20 21.68 32.40
N TYR C 82 9.09 21.28 31.49
CA TYR C 82 8.68 21.22 30.08
C TYR C 82 7.46 20.32 29.90
N VAL C 83 7.42 19.17 30.59
CA VAL C 83 6.31 18.24 30.43
CA VAL C 83 6.31 18.25 30.39
CA VAL C 83 6.31 18.27 30.36
C VAL C 83 5.00 18.90 30.83
N GLU C 84 5.03 19.67 31.91
CA GLU C 84 3.81 20.34 32.33
C GLU C 84 3.34 21.36 31.30
N ARG C 85 4.27 22.13 30.72
CA ARG C 85 3.85 23.11 29.73
C ARG C 85 3.33 22.43 28.47
N ALA C 86 3.98 21.34 28.07
CA ALA C 86 3.54 20.60 26.89
C ALA C 86 2.13 20.05 27.06
N ALA C 87 1.78 19.61 28.28
CA ALA C 87 0.45 19.04 28.51
C ALA C 87 -0.64 20.06 28.21
N TYR C 88 -0.47 21.30 28.69
CA TYR C 88 -1.42 22.36 28.37
CA TYR C 88 -1.43 22.34 28.37
C TYR C 88 -1.57 22.52 26.86
N LEU C 89 -0.44 22.52 26.15
CA LEU C 89 -0.46 22.73 24.70
CA LEU C 89 -0.46 22.73 24.70
C LEU C 89 -1.20 21.58 24.01
N HIS C 90 -0.90 20.34 24.40
CA HIS C 90 -1.60 19.22 23.80
C HIS C 90 -3.10 19.28 24.05
N LYS C 91 -3.50 19.68 25.27
CA LYS C 91 -4.92 19.76 25.60
C LYS C 91 -5.60 20.84 24.76
N ALA C 92 -4.92 21.98 24.55
CA ALA C 92 -5.46 23.04 23.72
C ALA C 92 -5.64 22.58 22.29
N ALA C 93 -4.64 21.86 21.75
CA ALA C 93 -4.75 21.34 20.39
C ALA C 93 -5.92 20.37 20.26
N ASP C 94 -6.12 19.51 21.26
CA ASP C 94 -7.24 18.57 21.21
C ASP C 94 -8.58 19.30 21.13
N ILE C 95 -8.73 20.38 21.90
CA ILE C 95 -9.96 21.16 21.89
C ILE C 95 -10.16 21.84 20.54
N LEU C 96 -9.07 22.33 19.95
CA LEU C 96 -9.17 22.93 18.62
C LEU C 96 -9.68 21.93 17.59
N VAL C 97 -9.17 20.69 17.63
CA VAL C 97 -9.66 19.67 16.71
C VAL C 97 -11.15 19.42 16.94
N ARG C 98 -11.54 19.29 18.21
CA ARG C 98 -12.96 19.07 18.54
C ARG C 98 -13.84 20.16 17.95
N ASP C 99 -13.39 21.41 18.04
CA ASP C 99 -14.18 22.58 17.65
C ASP C 99 -13.77 23.14 16.29
N ALA C 100 -13.13 22.33 15.44
CA ALA C 100 -12.58 22.87 14.20
C ALA C 100 -13.67 23.45 13.32
N GLU C 101 -14.84 22.79 13.25
CA GLU C 101 -15.93 23.32 12.44
C GLU C 101 -16.48 24.61 13.03
N LYS C 102 -16.73 24.61 14.34
CA LYS C 102 -17.26 25.80 15.00
C LYS C 102 -16.39 27.01 14.75
N ILE C 103 -15.07 26.85 14.90
CA ILE C 103 -14.14 27.94 14.71
C ILE C 103 -13.95 28.24 13.24
N GLY C 104 -13.74 27.20 12.42
CA GLY C 104 -13.52 27.42 11.01
C GLY C 104 -14.69 28.08 10.30
N ALA C 105 -15.92 27.77 10.72
CA ALA C 105 -17.06 28.37 10.05
C ALA C 105 -17.06 29.89 10.22
N ILE C 106 -16.65 30.37 11.40
CA ILE C 106 -16.60 31.80 11.65
C ILE C 106 -15.38 32.43 10.97
N LEU C 107 -14.22 31.77 11.11
CA LEU C 107 -13.04 32.20 10.37
CA LEU C 107 -13.03 32.21 10.37
C LEU C 107 -13.34 32.39 8.90
N SER C 108 -14.01 31.41 8.29
CA SER C 108 -14.39 31.48 6.88
C SER C 108 -15.13 32.77 6.56
N LYS C 109 -16.17 33.10 7.35
CA LYS C 109 -16.93 34.32 7.10
CA LYS C 109 -16.93 34.32 7.10
C LYS C 109 -16.10 35.56 7.39
N GLU C 110 -15.28 35.52 8.44
CA GLU C 110 -14.56 36.70 8.88
C GLU C 110 -13.58 37.20 7.82
N VAL C 111 -12.91 36.30 7.12
CA VAL C 111 -11.90 36.71 6.16
C VAL C 111 -12.19 36.20 4.75
N ALA C 112 -13.43 35.75 4.49
CA ALA C 112 -13.86 35.31 3.17
C ALA C 112 -12.92 34.24 2.62
N LYS C 113 -12.54 33.31 3.49
CA LYS C 113 -11.83 32.10 3.13
C LYS C 113 -12.86 31.00 2.94
N GLY C 114 -12.63 30.14 1.95
CA GLY C 114 -13.55 29.05 1.73
C GLY C 114 -13.75 28.23 2.99
N HIS C 115 -14.97 27.75 3.19
CA HIS C 115 -15.32 27.05 4.42
C HIS C 115 -14.37 25.88 4.70
N LYS C 116 -14.20 24.99 3.72
CA LYS C 116 -13.29 23.85 3.89
C LYS C 116 -11.89 24.33 4.26
N ALA C 117 -11.38 25.33 3.52
CA ALA C 117 -10.03 25.79 3.78
C ALA C 117 -9.89 26.36 5.18
N ALA C 118 -10.95 27.01 5.69
CA ALA C 118 -10.91 27.60 7.02
C ALA C 118 -10.91 26.52 8.11
N VAL C 119 -11.76 25.50 7.97
CA VAL C 119 -11.70 24.37 8.90
C VAL C 119 -10.32 23.71 8.85
N SER C 120 -9.78 23.54 7.64
CA SER C 120 -8.45 22.94 7.51
CA SER C 120 -8.45 22.95 7.50
C SER C 120 -7.39 23.80 8.19
N GLU C 121 -7.56 25.14 8.16
CA GLU C 121 -6.61 26.00 8.86
C GLU C 121 -6.59 25.67 10.35
N VAL C 122 -7.75 25.46 10.96
CA VAL C 122 -7.80 25.17 12.38
C VAL C 122 -7.15 23.82 12.68
N ILE C 123 -7.40 22.82 11.83
CA ILE C 123 -6.77 21.52 12.02
C ILE C 123 -5.25 21.65 11.94
N ARG C 124 -4.76 22.41 10.97
CA ARG C 124 -3.32 22.62 10.85
C ARG C 124 -2.77 23.31 12.09
N THR C 125 -3.53 24.25 12.66
CA THR C 125 -3.07 24.90 13.88
C THR C 125 -2.84 23.88 15.00
N ALA C 126 -3.77 22.95 15.16
CA ALA C 126 -3.61 21.92 16.18
C ALA C 126 -2.36 21.08 15.92
N GLU C 127 -2.11 20.74 14.65
CA GLU C 127 -0.90 20.00 14.30
C GLU C 127 0.36 20.77 14.66
N ILE C 128 0.37 22.08 14.40
CA ILE C 128 1.54 22.90 14.74
C ILE C 128 1.72 23.00 16.25
N ILE C 129 0.62 23.18 16.99
CA ILE C 129 0.70 23.29 18.45
C ILE C 129 1.25 21.99 19.04
N ASN C 130 0.73 20.85 18.59
CA ASN C 130 1.22 19.57 19.09
C ASN C 130 2.69 19.39 18.78
N TYR C 131 3.10 19.68 17.54
CA TYR C 131 4.49 19.49 17.14
C TYR C 131 5.42 20.42 17.91
N ALA C 132 4.99 21.65 18.15
CA ALA C 132 5.79 22.59 18.94
C ALA C 132 5.97 22.10 20.37
N ALA C 133 4.91 21.55 20.98
CA ALA C 133 5.02 21.05 22.34
C ALA C 133 6.10 19.99 22.45
N GLU C 134 6.11 19.04 21.51
CA GLU C 134 7.06 17.93 21.57
C GLU C 134 8.46 18.33 21.08
N GLU C 135 8.55 19.24 20.12
CA GLU C 135 9.85 19.77 19.74
C GLU C 135 10.49 20.51 20.90
N GLY C 136 9.71 21.37 21.56
CA GLY C 136 10.28 22.21 22.59
C GLY C 136 10.64 21.46 23.86
N LEU C 137 9.90 20.41 24.20
CA LEU C 137 10.08 19.85 25.52
C LEU C 137 11.37 19.05 25.62
N ARG C 138 11.98 18.68 24.50
CA ARG C 138 13.21 17.90 24.51
C ARG C 138 14.40 18.71 24.04
N MET C 139 14.28 20.04 24.02
CA MET C 139 15.43 20.87 23.73
C MET C 139 16.46 20.74 24.83
N GLU C 140 17.71 21.01 24.46
CA GLU C 140 18.85 20.71 25.31
C GLU C 140 19.73 21.93 25.50
N GLY C 141 20.53 21.88 26.56
CA GLY C 141 21.63 22.79 26.75
C GLY C 141 22.94 22.17 26.26
N GLU C 142 24.02 22.88 26.55
CA GLU C 142 25.33 22.42 26.11
C GLU C 142 26.36 22.74 27.16
N VAL C 143 27.44 21.95 27.14
CA VAL C 143 28.59 22.11 28.02
C VAL C 143 29.78 22.45 27.14
N LEU C 144 30.39 23.60 27.38
CA LEU C 144 31.56 24.04 26.64
C LEU C 144 32.79 24.01 27.54
N GLU C 145 33.94 23.77 26.91
CA GLU C 145 35.21 23.57 27.59
C GLU C 145 36.07 24.81 27.45
N GLY C 146 36.50 25.39 28.58
CA GLY C 146 37.49 26.44 28.51
C GLY C 146 38.76 26.01 27.81
N GLY C 147 39.14 24.74 27.96
CA GLY C 147 40.35 24.23 27.35
C GLY C 147 40.30 24.10 25.85
N SER C 148 39.13 24.32 25.25
CA SER C 148 39.04 24.42 23.80
C SER C 148 39.73 25.67 23.29
N PHE C 149 39.75 26.72 24.10
CA PHE C 149 40.24 28.02 23.66
C PHE C 149 41.57 28.40 24.28
N GLU C 150 41.83 27.99 25.53
CA GLU C 150 42.95 28.48 26.29
C GLU C 150 43.37 27.41 27.30
N ALA C 151 44.64 27.02 27.25
CA ALA C 151 45.11 25.93 28.10
C ALA C 151 44.92 26.25 29.58
N ALA C 152 45.15 27.52 29.96
CA ALA C 152 45.01 27.91 31.36
C ALA C 152 43.61 27.75 31.89
N SER C 153 42.61 27.68 31.02
CA SER C 153 41.20 27.56 31.41
C SER C 153 40.67 26.14 31.26
N LYS C 154 41.55 25.14 31.27
CA LYS C 154 41.10 23.79 30.96
C LYS C 154 40.16 23.21 32.00
N LYS C 155 40.17 23.71 33.23
CA LYS C 155 39.26 23.23 34.27
CA LYS C 155 39.24 23.21 34.26
C LYS C 155 37.98 24.05 34.35
N LYS C 156 37.85 25.07 33.51
CA LYS C 156 36.67 25.93 33.47
C LYS C 156 35.69 25.41 32.43
N ILE C 157 34.44 25.17 32.84
CA ILE C 157 33.40 24.76 31.92
C ILE C 157 32.21 25.71 32.05
N ALA C 158 31.45 25.78 30.96
CA ALA C 158 30.25 26.60 30.88
C ALA C 158 29.06 25.67 30.70
N ILE C 159 28.13 25.73 31.64
CA ILE C 159 26.87 25.00 31.58
CA ILE C 159 26.88 24.99 31.56
C ILE C 159 25.86 25.95 30.98
N VAL C 160 25.46 25.71 29.74
CA VAL C 160 24.60 26.63 29.00
C VAL C 160 23.22 26.02 28.88
N ARG C 161 22.23 26.67 29.49
CA ARG C 161 20.85 26.21 29.43
C ARG C 161 19.96 27.25 28.77
N ARG C 162 18.86 26.77 28.22
CA ARG C 162 17.92 27.65 27.54
C ARG C 162 16.98 28.31 28.54
N GLU C 163 16.57 29.53 28.22
CA GLU C 163 15.59 30.28 28.99
C GLU C 163 14.65 31.03 28.03
N PRO C 164 13.43 31.31 28.45
CA PRO C 164 12.56 32.16 27.61
C PRO C 164 13.09 33.59 27.52
N VAL C 165 12.62 34.31 26.50
CA VAL C 165 12.95 35.73 26.38
C VAL C 165 12.04 36.60 27.26
N GLY C 166 10.83 36.14 27.56
CA GLY C 166 9.96 36.86 28.47
C GLY C 166 8.54 36.94 27.98
N LEU C 167 8.05 38.16 27.72
CA LEU C 167 6.72 38.39 27.16
C LEU C 167 6.85 38.53 25.64
N VAL C 168 6.17 37.64 24.92
CA VAL C 168 6.10 37.67 23.47
C VAL C 168 4.77 38.31 23.06
N LEU C 169 4.86 39.35 22.25
CA LEU C 169 3.70 39.91 21.56
C LEU C 169 3.60 39.22 20.20
N ALA C 170 2.53 38.46 20.03
CA ALA C 170 2.23 37.73 18.80
C ALA C 170 1.15 38.49 18.04
N ILE C 171 1.43 38.85 16.80
CA ILE C 171 0.49 39.60 15.96
C ILE C 171 0.17 38.74 14.75
N SER C 172 -1.06 38.26 14.66
CA SER C 172 -1.44 37.35 13.59
C SER C 172 -2.05 38.11 12.42
N PRO C 173 -2.09 37.48 11.25
CA PRO C 173 -2.55 38.17 10.04
C PRO C 173 -3.96 37.78 9.63
N PHE C 174 -4.62 38.63 8.83
CA PHE C 174 -5.99 38.35 8.43
C PHE C 174 -6.07 37.08 7.60
N ASN C 175 -5.02 36.75 6.84
CA ASN C 175 -5.16 35.65 5.90
C ASN C 175 -4.93 34.28 6.55
N TYR C 176 -4.43 34.23 7.79
CA TYR C 176 -4.27 33.02 8.58
C TYR C 176 -4.43 33.39 10.05
N PRO C 177 -5.60 33.88 10.44
CA PRO C 177 -5.76 34.47 11.78
C PRO C 177 -5.66 33.46 12.90
N VAL C 178 -5.82 32.17 12.61
CA VAL C 178 -5.65 31.13 13.62
C VAL C 178 -4.32 30.41 13.47
N ASN C 179 -4.00 29.96 12.26
N ASN C 179 -4.00 29.93 12.27
CA ASN C 179 -2.78 29.18 12.05
CA ASN C 179 -2.76 29.18 12.12
C ASN C 179 -1.52 29.99 12.33
C ASN C 179 -1.55 30.03 12.45
N LEU C 180 -1.49 31.26 11.92
CA LEU C 180 -0.35 32.13 12.19
C LEU C 180 -0.56 32.96 13.46
N ALA C 181 -1.53 32.57 14.28
CA ALA C 181 -1.49 32.83 15.71
C ALA C 181 -0.84 31.66 16.46
N GLY C 182 -1.34 30.44 16.23
CA GLY C 182 -0.76 29.27 16.88
C GLY C 182 0.72 29.07 16.58
N SER C 183 1.15 29.41 15.37
CA SER C 183 2.55 29.27 14.98
C SER C 183 3.49 30.10 15.83
N LYS C 184 2.97 31.11 16.51
CA LYS C 184 3.72 31.95 17.43
C LYS C 184 3.49 31.56 18.89
N ILE C 185 2.23 31.32 19.25
CA ILE C 185 1.87 31.08 20.64
C ILE C 185 2.51 29.80 21.16
N ALA C 186 2.34 28.70 20.43
CA ALA C 186 2.82 27.41 20.96
C ALA C 186 4.34 27.37 21.09
N PRO C 187 5.12 27.76 20.08
CA PRO C 187 6.59 27.79 20.29
C PRO C 187 7.01 28.68 21.43
N ALA C 188 6.35 29.83 21.58
CA ALA C 188 6.66 30.72 22.69
C ALA C 188 6.37 30.05 24.03
N LEU C 189 5.21 29.40 24.13
CA LEU C 189 4.75 28.88 25.42
C LEU C 189 5.58 27.69 25.88
N ILE C 190 5.95 26.80 24.95
CA ILE C 190 6.68 25.61 25.39
C ILE C 190 8.02 26.01 25.99
N ALA C 191 8.61 27.10 25.51
CA ALA C 191 9.91 27.56 25.98
C ALA C 191 9.83 28.35 27.28
N GLY C 192 8.63 28.56 27.82
CA GLY C 192 8.49 29.28 29.07
C GLY C 192 8.20 30.75 28.95
N ASN C 193 7.97 31.25 27.73
CA ASN C 193 7.51 32.62 27.55
C ASN C 193 6.03 32.73 27.92
N VAL C 194 5.63 33.95 28.27
CA VAL C 194 4.21 34.30 28.34
C VAL C 194 3.89 35.08 27.07
N VAL C 195 2.61 35.13 26.72
CA VAL C 195 2.20 35.58 25.39
C VAL C 195 0.99 36.48 25.48
N ALA C 196 0.99 37.53 24.68
CA ALA C 196 -0.21 38.29 24.36
C ALA C 196 -0.43 38.22 22.86
N LEU C 197 -1.63 37.79 22.45
CA LEU C 197 -2.02 37.72 21.05
C LEU C 197 -2.84 38.96 20.70
N LYS C 198 -2.36 39.71 19.70
CA LYS C 198 -3.13 40.75 19.03
C LYS C 198 -3.56 40.22 17.67
N PRO C 199 -4.80 39.81 17.49
CA PRO C 199 -5.25 39.38 16.17
C PRO C 199 -5.54 40.59 15.29
N PRO C 200 -5.66 40.40 13.98
CA PRO C 200 -6.10 41.49 13.11
C PRO C 200 -7.57 41.76 13.40
N THR C 201 -7.98 43.02 13.28
CA THR C 201 -9.39 43.30 13.54
C THR C 201 -10.27 42.40 12.69
N GLN C 202 -9.94 42.27 11.42
CA GLN C 202 -10.59 41.31 10.54
C GLN C 202 -9.90 39.96 10.75
N GLY C 203 -10.51 39.12 11.59
CA GLY C 203 -9.87 37.93 12.14
C GLY C 203 -9.78 37.94 13.65
N SER C 204 -10.32 38.96 14.32
CA SER C 204 -10.24 39.02 15.77
C SER C 204 -11.20 38.04 16.43
N ILE C 205 -12.34 37.74 15.81
CA ILE C 205 -13.22 36.75 16.43
C ILE C 205 -12.54 35.39 16.41
N SER C 206 -11.93 35.03 15.28
CA SER C 206 -11.22 33.76 15.18
C SER C 206 -10.11 33.67 16.20
N GLY C 207 -9.36 34.76 16.40
CA GLY C 207 -8.30 34.77 17.39
C GLY C 207 -8.81 34.57 18.80
N LEU C 208 -9.93 35.23 19.14
CA LEU C 208 -10.53 35.02 20.46
C LEU C 208 -11.09 33.62 20.61
N LEU C 209 -11.59 33.03 19.51
CA LEU C 209 -12.04 31.64 19.59
CA LEU C 209 -12.03 31.63 19.56
C LEU C 209 -10.86 30.70 19.83
N LEU C 210 -9.70 30.99 19.24
CA LEU C 210 -8.50 30.22 19.57
C LEU C 210 -8.18 30.37 21.05
N ALA C 211 -8.33 31.57 21.60
CA ALA C 211 -8.02 31.81 23.01
C ALA C 211 -8.91 30.97 23.91
N GLU C 212 -10.19 30.82 23.53
CA GLU C 212 -11.09 30.01 24.36
CA GLU C 212 -11.10 30.01 24.33
C GLU C 212 -10.59 28.58 24.48
N ALA C 213 -9.95 28.05 23.44
CA ALA C 213 -9.42 26.69 23.53
C ALA C 213 -8.29 26.61 24.55
N PHE C 214 -7.37 27.58 24.55
CA PHE C 214 -6.28 27.57 25.52
C PHE C 214 -6.80 27.76 26.95
N ALA C 215 -7.83 28.60 27.11
CA ALA C 215 -8.42 28.78 28.43
C ALA C 215 -9.07 27.49 28.92
N GLU C 216 -9.87 26.85 28.06
CA GLU C 216 -10.50 25.58 28.44
C GLU C 216 -9.46 24.52 28.77
N ALA C 217 -8.31 24.57 28.09
CA ALA C 217 -7.22 23.64 28.37
C ALA C 217 -6.59 23.87 29.73
N GLY C 218 -6.92 24.98 30.40
CA GLY C 218 -6.40 25.26 31.72
C GLY C 218 -5.16 26.11 31.77
N ILE C 219 -4.77 26.76 30.67
CA ILE C 219 -3.59 27.60 30.64
C ILE C 219 -3.62 28.55 31.83
N PRO C 220 -2.57 28.60 32.66
CA PRO C 220 -2.64 29.41 33.88
C PRO C 220 -2.92 30.89 33.60
N ALA C 221 -3.60 31.52 34.56
CA ALA C 221 -3.98 32.92 34.43
C ALA C 221 -2.78 33.81 34.09
N GLY C 222 -2.90 34.56 32.99
CA GLY C 222 -1.87 35.49 32.59
C GLY C 222 -0.82 34.92 31.68
N VAL C 223 -0.70 33.59 31.59
CA VAL C 223 0.33 32.99 30.74
C VAL C 223 0.03 33.26 29.28
N PHE C 224 -1.24 33.28 28.90
CA PHE C 224 -1.70 33.62 27.56
C PHE C 224 -2.88 34.57 27.69
N ASN C 225 -2.83 35.67 26.94
CA ASN C 225 -3.84 36.71 26.98
C ASN C 225 -4.09 37.19 25.56
N THR C 226 -5.23 37.88 25.37
CA THR C 226 -5.51 38.51 24.09
C THR C 226 -5.72 40.02 24.25
N ILE C 227 -5.45 40.72 23.15
CA ILE C 227 -5.63 42.16 23.02
C ILE C 227 -6.38 42.40 21.71
N THR C 228 -7.47 43.14 21.77
CA THR C 228 -8.17 43.58 20.57
C THR C 228 -8.46 45.07 20.68
N GLY C 229 -8.46 45.76 19.54
CA GLY C 229 -8.79 47.17 19.54
C GLY C 229 -8.43 47.84 18.23
N ARG C 230 -8.65 49.16 18.22
CA ARG C 230 -8.44 49.98 17.03
C ARG C 230 -6.99 50.45 16.93
N GLY C 231 -6.46 50.39 15.72
CA GLY C 231 -5.10 50.87 15.50
C GLY C 231 -4.88 52.27 16.02
N SER C 232 -5.85 53.17 15.79
CA SER C 232 -5.71 54.55 16.23
C SER C 232 -5.60 54.68 17.74
N VAL C 233 -6.11 53.69 18.49
CA VAL C 233 -6.07 53.80 19.95
C VAL C 233 -4.86 53.09 20.53
N ILE C 234 -4.52 51.89 20.04
CA ILE C 234 -3.52 51.04 20.67
C ILE C 234 -2.48 50.51 19.71
N GLY C 235 -2.53 50.86 18.43
CA GLY C 235 -1.68 50.21 17.44
C GLY C 235 -0.19 50.30 17.75
N ASP C 236 0.30 51.53 17.91
CA ASP C 236 1.69 51.72 18.29
C ASP C 236 1.91 51.34 19.75
N TYR C 237 0.92 51.61 20.60
CA TYR C 237 1.09 51.43 22.04
C TYR C 237 1.44 49.99 22.40
N ILE C 238 0.80 49.01 21.76
CA ILE C 238 1.05 47.63 22.13
C ILE C 238 2.49 47.23 21.80
N VAL C 239 3.08 47.82 20.76
CA VAL C 239 4.42 47.44 20.34
C VAL C 239 5.48 48.19 21.15
N GLU C 240 5.23 49.46 21.47
CA GLU C 240 6.23 50.27 22.15
C GLU C 240 6.33 50.00 23.64
N HIS C 241 5.35 49.29 24.21
CA HIS C 241 5.27 49.09 25.64
CA HIS C 241 5.27 49.09 25.64
C HIS C 241 6.52 48.36 26.16
N GLU C 242 7.06 48.87 27.28
CA GLU C 242 8.31 48.33 27.81
C GLU C 242 8.16 46.91 28.37
N ALA C 243 6.95 46.46 28.65
CA ALA C 243 6.78 45.09 29.16
C ALA C 243 7.10 44.05 28.10
N VAL C 244 6.97 44.40 26.82
CA VAL C 244 7.14 43.45 25.71
C VAL C 244 8.62 43.18 25.49
N ASN C 245 8.99 41.90 25.43
CA ASN C 245 10.38 41.51 25.24
C ASN C 245 10.70 40.99 23.85
N PHE C 246 9.67 40.77 23.02
CA PHE C 246 9.83 40.10 21.74
C PHE C 246 8.58 40.37 20.92
N ILE C 247 8.73 40.73 19.65
CA ILE C 247 7.59 40.97 18.77
C ILE C 247 7.66 40.00 17.60
N ASN C 248 6.57 39.26 17.39
CA ASN C 248 6.47 38.21 16.39
C ASN C 248 5.26 38.53 15.52
N PHE C 249 5.51 38.98 14.28
CA PHE C 249 4.51 39.61 13.45
C PHE C 249 4.42 38.99 12.06
N THR C 250 3.19 38.75 11.59
CA THR C 250 2.91 38.44 10.21
C THR C 250 1.90 39.46 9.67
N GLY C 251 2.16 39.96 8.46
CA GLY C 251 1.29 40.95 7.86
C GLY C 251 1.94 41.57 6.64
N SER C 252 1.43 42.74 6.26
CA SER C 252 1.93 43.40 5.06
C SER C 252 3.31 44.00 5.29
N THR C 253 4.04 44.17 4.19
CA THR C 253 5.39 44.74 4.29
CA THR C 253 5.39 44.74 4.28
C THR C 253 5.38 46.14 4.87
N PRO C 254 4.49 47.06 4.45
CA PRO C 254 4.52 48.41 5.05
C PRO C 254 4.27 48.42 6.55
N ILE C 255 3.33 47.61 7.02
CA ILE C 255 3.08 47.54 8.46
C ILE C 255 4.28 46.95 9.18
N GLY C 256 4.89 45.91 8.59
CA GLY C 256 6.08 45.33 9.20
C GLY C 256 7.22 46.32 9.29
N GLU C 257 7.39 47.16 8.26
CA GLU C 257 8.39 48.21 8.37
C GLU C 257 8.08 49.15 9.53
N GLY C 258 6.80 49.44 9.76
CA GLY C 258 6.44 50.26 10.91
C GLY C 258 6.80 49.62 12.24
N ILE C 259 6.59 48.31 12.36
CA ILE C 259 6.91 47.62 13.60
C ILE C 259 8.41 47.64 13.86
N GLY C 260 9.21 47.52 12.81
CA GLY C 260 10.65 47.63 12.98
C GLY C 260 11.04 48.95 13.60
N LYS C 261 10.39 50.04 13.19
CA LYS C 261 10.72 51.36 13.71
C LYS C 261 10.35 51.51 15.18
N LEU C 262 9.52 50.60 15.72
CA LEU C 262 9.06 50.66 17.10
C LEU C 262 9.74 49.65 18.01
N ALA C 263 10.47 48.69 17.44
CA ALA C 263 10.98 47.58 18.23
C ALA C 263 12.11 47.98 19.16
N GLY C 264 12.78 49.10 18.90
CA GLY C 264 13.90 49.47 19.74
C GLY C 264 14.95 48.38 19.68
N MET C 265 15.48 47.99 20.84
CA MET C 265 16.46 46.92 20.94
CA MET C 265 16.46 46.92 20.87
C MET C 265 15.83 45.54 21.10
N ARG C 266 14.52 45.44 21.00
CA ARG C 266 13.93 44.12 21.25
C ARG C 266 13.95 43.28 19.99
N PRO C 267 14.21 41.98 20.15
CA PRO C 267 14.21 41.08 18.99
C PRO C 267 12.85 41.02 18.35
N ILE C 268 12.83 40.90 17.02
CA ILE C 268 11.59 40.79 16.28
C ILE C 268 11.71 39.70 15.23
N MET C 269 10.55 39.17 14.84
CA MET C 269 10.42 38.29 13.70
C MET C 269 9.33 38.91 12.84
N LEU C 270 9.56 38.96 11.54
CA LEU C 270 8.60 39.53 10.59
C LEU C 270 8.37 38.57 9.42
N GLU C 271 7.10 38.34 9.11
CA GLU C 271 6.68 37.54 7.96
C GLU C 271 5.83 38.44 7.07
N LEU C 272 6.44 38.94 6.01
CA LEU C 272 5.85 40.01 5.21
C LEU C 272 5.54 39.51 3.81
N GLY C 273 5.49 40.40 2.82
CA GLY C 273 5.01 40.04 1.50
C GLY C 273 6.02 39.25 0.68
N GLY C 274 5.52 38.72 -0.44
CA GLY C 274 6.40 38.05 -1.38
C GLY C 274 5.93 38.28 -2.81
N LYS C 275 6.84 37.99 -3.74
CA LYS C 275 6.54 37.99 -5.18
C LYS C 275 7.25 36.78 -5.77
N ASP C 276 6.88 35.59 -5.27
CA ASP C 276 7.61 34.38 -5.59
C ASP C 276 7.58 34.09 -7.08
N SER C 277 8.75 33.80 -7.64
CA SER C 277 8.83 33.45 -9.04
CA SER C 277 8.88 33.44 -9.04
C SER C 277 8.75 31.94 -9.21
N ALA C 278 8.15 31.52 -10.32
CA ALA C 278 8.18 30.14 -10.79
C ALA C 278 8.99 30.17 -12.09
N ILE C 279 10.20 29.64 -12.04
CA ILE C 279 11.10 29.59 -13.20
C ILE C 279 10.86 28.26 -13.90
N VAL C 280 10.54 28.33 -15.19
CA VAL C 280 10.20 27.14 -15.96
C VAL C 280 11.19 27.04 -17.10
N LEU C 281 12.04 26.01 -17.05
CA LEU C 281 13.08 25.81 -18.05
C LEU C 281 12.57 24.93 -19.18
N GLU C 282 13.39 24.80 -20.22
CA GLU C 282 12.92 24.16 -21.44
C GLU C 282 12.63 22.68 -21.26
N ASP C 283 13.26 22.02 -20.28
CA ASP C 283 13.05 20.59 -20.09
C ASP C 283 12.01 20.27 -19.04
N ALA C 284 11.24 21.26 -18.60
CA ALA C 284 10.27 21.05 -17.54
C ALA C 284 9.10 20.18 -18.02
N ASP C 285 8.47 19.50 -17.07
CA ASP C 285 7.17 18.87 -17.27
C ASP C 285 6.13 19.98 -17.23
N LEU C 286 5.73 20.47 -18.40
CA LEU C 286 4.91 21.68 -18.46
C LEU C 286 3.53 21.47 -17.85
N ALA C 287 2.96 20.27 -17.95
CA ALA C 287 1.67 20.02 -17.32
C ALA C 287 1.78 20.06 -15.79
N LEU C 288 2.83 19.43 -15.25
CA LEU C 288 3.08 19.51 -13.82
C LEU C 288 3.30 20.96 -13.39
N ALA C 289 4.13 21.68 -14.15
CA ALA C 289 4.38 23.08 -13.83
C ALA C 289 3.07 23.87 -13.81
N ALA C 290 2.23 23.67 -14.83
CA ALA C 290 1.00 24.46 -14.91
C ALA C 290 0.08 24.14 -13.74
N LYS C 291 -0.06 22.86 -13.39
CA LYS C 291 -0.87 22.46 -12.26
C LYS C 291 -0.40 23.13 -10.97
N ASN C 292 0.91 23.06 -10.71
CA ASN C 292 1.44 23.67 -9.49
C ASN C 292 1.31 25.19 -9.52
N ILE C 293 1.61 25.80 -10.65
CA ILE C 293 1.54 27.26 -10.76
C ILE C 293 0.14 27.75 -10.46
N VAL C 294 -0.88 27.11 -11.04
CA VAL C 294 -2.24 27.63 -10.86
C VAL C 294 -2.71 27.40 -9.42
N ALA C 295 -2.41 26.23 -8.86
CA ALA C 295 -2.76 25.98 -7.46
C ALA C 295 -2.11 27.00 -6.54
N GLY C 296 -0.81 27.24 -6.71
CA GLY C 296 -0.10 28.17 -5.84
C GLY C 296 -0.50 29.62 -6.06
N ALA C 297 -0.73 30.02 -7.32
CA ALA C 297 -0.99 31.42 -7.60
C ALA C 297 -2.37 31.85 -7.10
N PHE C 298 -3.37 30.98 -7.22
CA PHE C 298 -4.76 31.39 -7.02
C PHE C 298 -5.38 30.85 -5.74
N GLY C 299 -4.65 30.08 -4.95
CA GLY C 299 -5.14 29.69 -3.63
C GLY C 299 -5.51 30.91 -2.80
N TYR C 300 -6.69 30.89 -2.18
CA TYR C 300 -7.22 32.01 -1.39
C TYR C 300 -7.15 33.32 -2.18
N SER C 301 -7.44 33.22 -3.48
CA SER C 301 -7.51 34.35 -4.40
C SER C 301 -6.19 35.11 -4.48
N GLY C 302 -5.08 34.43 -4.24
CA GLY C 302 -3.78 35.06 -4.25
C GLY C 302 -3.40 35.84 -3.01
N GLN C 303 -4.17 35.73 -1.94
CA GLN C 303 -3.92 36.51 -0.73
C GLN C 303 -3.00 35.76 0.22
N ARG C 304 -1.83 35.40 -0.32
CA ARG C 304 -0.84 34.61 0.41
C ARG C 304 0.55 35.12 0.07
N SER C 305 1.40 35.27 1.09
CA SER C 305 2.76 35.76 0.84
C SER C 305 3.56 34.75 0.03
N THR C 306 3.20 33.47 0.11
N THR C 306 3.47 33.48 0.41
CA THR C 306 3.92 32.40 -0.57
CA THR C 306 4.12 32.39 -0.29
C THR C 306 3.30 31.97 -1.91
C THR C 306 3.09 31.88 -1.28
N ALA C 307 2.39 32.73 -2.47
N ALA C 307 3.32 32.16 -2.55
CA ALA C 307 1.82 32.38 -3.76
CA ALA C 307 2.27 32.04 -3.55
C ALA C 307 2.88 32.48 -4.86
C ALA C 307 2.95 32.42 -4.85
N VAL C 308 2.78 31.60 -5.86
CA VAL C 308 3.43 31.87 -7.14
C VAL C 308 2.84 33.16 -7.66
N LYS C 309 3.68 34.20 -7.83
CA LYS C 309 3.17 35.49 -8.26
C LYS C 309 3.78 35.98 -9.57
N ARG C 310 4.72 35.25 -10.16
CA ARG C 310 5.16 35.57 -11.50
C ARG C 310 5.82 34.34 -12.10
N VAL C 311 5.46 34.03 -13.32
CA VAL C 311 6.03 32.93 -14.08
C VAL C 311 7.15 33.51 -14.95
N LEU C 312 8.34 32.95 -14.82
CA LEU C 312 9.50 33.36 -15.62
C LEU C 312 9.84 32.14 -16.49
N VAL C 313 9.42 32.15 -17.74
CA VAL C 313 9.46 30.96 -18.58
C VAL C 313 10.34 31.18 -19.79
N MET C 314 11.16 30.18 -20.13
CA MET C 314 11.96 30.24 -21.34
C MET C 314 11.06 30.30 -22.57
N ASP C 315 11.39 31.19 -23.52
CA ASP C 315 10.41 31.50 -24.56
CA ASP C 315 10.47 31.51 -24.60
C ASP C 315 10.02 30.26 -25.36
N LYS C 316 10.93 29.29 -25.53
CA LYS C 316 10.63 28.16 -26.40
C LYS C 316 9.52 27.25 -25.88
N VAL C 317 9.23 27.28 -24.58
CA VAL C 317 8.09 26.52 -24.04
C VAL C 317 6.97 27.42 -23.55
N ALA C 318 7.09 28.73 -23.75
CA ALA C 318 6.14 29.67 -23.17
C ALA C 318 4.74 29.52 -23.77
N ASP C 319 4.63 29.38 -25.09
CA ASP C 319 3.31 29.24 -25.70
C ASP C 319 2.57 28.04 -25.13
N GLN C 320 3.27 26.90 -25.01
CA GLN C 320 2.65 25.69 -24.51
C GLN C 320 2.34 25.82 -23.02
N LEU C 321 3.25 26.40 -22.24
CA LEU C 321 2.95 26.57 -20.82
C LEU C 321 1.76 27.48 -20.62
N ALA C 322 1.72 28.59 -21.35
CA ALA C 322 0.60 29.54 -21.23
C ALA C 322 -0.72 28.85 -21.50
N ALA C 323 -0.78 28.03 -22.55
CA ALA C 323 -2.01 27.33 -22.89
C ALA C 323 -2.44 26.40 -21.76
N GLU C 324 -1.48 25.68 -21.17
CA GLU C 324 -1.80 24.75 -20.09
C GLU C 324 -2.31 25.48 -18.86
N ILE C 325 -1.70 26.62 -18.54
CA ILE C 325 -2.16 27.41 -17.39
C ILE C 325 -3.55 27.98 -17.66
N LYS C 326 -3.77 28.55 -18.85
CA LYS C 326 -5.06 29.12 -19.19
C LYS C 326 -6.19 28.12 -18.98
N THR C 327 -6.03 26.90 -19.49
CA THR C 327 -7.08 25.89 -19.35
C THR C 327 -7.42 25.65 -17.89
N LEU C 328 -6.41 25.62 -17.02
CA LEU C 328 -6.68 25.39 -15.60
C LEU C 328 -7.35 26.60 -14.95
N VAL C 329 -6.91 27.81 -15.30
CA VAL C 329 -7.49 29.00 -14.69
C VAL C 329 -8.97 29.12 -15.05
N GLU C 330 -9.33 28.75 -16.28
CA GLU C 330 -10.72 28.79 -16.71
C GLU C 330 -11.62 27.84 -15.92
N LYS C 331 -11.04 26.83 -15.26
CA LYS C 331 -11.83 25.86 -14.50
C LYS C 331 -12.04 26.28 -13.05
N LEU C 332 -11.32 27.29 -12.57
CA LEU C 332 -11.48 27.74 -11.20
C LEU C 332 -12.88 28.29 -10.97
N SER C 333 -13.45 27.95 -9.81
CA SER C 333 -14.74 28.49 -9.42
C SER C 333 -14.55 29.86 -8.77
N VAL C 334 -15.52 30.72 -9.01
CA VAL C 334 -15.51 32.12 -8.59
C VAL C 334 -16.83 32.36 -7.88
N GLY C 335 -16.76 32.70 -6.59
CA GLY C 335 -17.98 32.84 -5.82
C GLY C 335 -17.75 32.98 -4.33
N MET C 336 -18.69 32.40 -3.55
CA MET C 336 -18.74 32.71 -2.14
C MET C 336 -17.95 31.71 -1.29
N PRO C 337 -17.49 32.18 -0.13
CA PRO C 337 -16.78 31.27 0.78
C PRO C 337 -17.60 30.07 1.21
N GLU C 338 -18.91 30.21 1.43
N GLU C 338 -18.91 30.21 1.40
CA GLU C 338 -19.69 29.06 1.85
CA GLU C 338 -19.71 29.07 1.85
C GLU C 338 -19.71 27.96 0.80
C GLU C 338 -19.79 27.98 0.79
N ASP C 339 -19.49 28.31 -0.47
CA ASP C 339 -19.49 27.38 -1.57
C ASP C 339 -18.08 26.91 -1.96
N ASP C 340 -17.10 27.16 -1.10
CA ASP C 340 -15.75 26.66 -1.30
C ASP C 340 -15.20 27.04 -2.67
N ALA C 341 -15.57 28.24 -3.13
CA ALA C 341 -15.06 28.73 -4.40
C ALA C 341 -13.55 28.87 -4.34
N ASP C 342 -12.89 28.50 -5.44
CA ASP C 342 -11.45 28.73 -5.53
C ASP C 342 -11.13 30.21 -5.32
N ILE C 343 -11.90 31.07 -5.99
CA ILE C 343 -11.70 32.51 -5.99
C ILE C 343 -12.86 33.10 -5.21
N THR C 344 -12.57 33.63 -4.03
CA THR C 344 -13.53 34.28 -3.17
C THR C 344 -13.30 35.79 -3.18
N PRO C 345 -14.23 36.56 -2.62
CA PRO C 345 -14.06 38.01 -2.59
C PRO C 345 -12.87 38.40 -1.74
N LEU C 346 -12.20 39.49 -2.14
CA LEU C 346 -11.00 39.93 -1.45
C LEU C 346 -11.38 40.60 -0.12
N ILE C 347 -10.36 40.81 0.70
CA ILE C 347 -10.60 41.11 2.11
C ILE C 347 -11.33 42.45 2.29
N ASP C 348 -11.08 43.43 1.42
CA ASP C 348 -11.85 44.66 1.51
C ASP C 348 -11.81 45.40 0.17
N THR C 349 -12.47 46.55 0.12
CA THR C 349 -12.62 47.28 -1.14
C THR C 349 -11.27 47.83 -1.60
N SER C 350 -10.47 48.37 -0.67
CA SER C 350 -9.16 48.89 -1.06
C SER C 350 -8.32 47.81 -1.73
N ALA C 351 -8.37 46.60 -1.19
CA ALA C 351 -7.65 45.48 -1.78
C ALA C 351 -8.07 45.25 -3.23
N ALA C 352 -9.38 45.21 -3.48
CA ALA C 352 -9.85 44.97 -4.83
C ALA C 352 -9.54 46.14 -5.76
N ASP C 353 -9.71 47.38 -5.26
CA ASP C 353 -9.33 48.54 -6.06
C ASP C 353 -7.88 48.44 -6.52
N PHE C 354 -6.98 48.09 -5.59
CA PHE C 354 -5.57 47.99 -5.89
C PHE C 354 -5.30 46.94 -6.95
N VAL C 355 -5.95 45.78 -6.84
CA VAL C 355 -5.75 44.74 -7.83
C VAL C 355 -6.30 45.16 -9.18
N GLU C 356 -7.48 45.81 -9.20
CA GLU C 356 -8.03 46.28 -10.46
C GLU C 356 -7.06 47.23 -11.15
N GLY C 357 -6.37 48.07 -10.37
CA GLY C 357 -5.42 49.00 -10.97
C GLY C 357 -4.22 48.32 -11.60
N LEU C 358 -3.71 47.27 -10.96
CA LEU C 358 -2.62 46.48 -11.54
C LEU C 358 -3.07 45.83 -12.84
N ILE C 359 -4.29 45.29 -12.85
CA ILE C 359 -4.83 44.67 -14.05
C ILE C 359 -4.98 45.72 -15.16
N LYS C 360 -5.49 46.89 -14.82
CA LYS C 360 -5.67 47.93 -15.83
C LYS C 360 -4.32 48.40 -16.38
N ASP C 361 -3.32 48.55 -15.52
CA ASP C 361 -2.00 48.96 -15.99
C ASP C 361 -1.43 47.96 -16.99
N ALA C 362 -1.63 46.66 -16.73
CA ALA C 362 -1.09 45.64 -17.62
C ALA C 362 -1.83 45.65 -18.96
N THR C 363 -3.16 45.75 -18.90
CA THR C 363 -3.94 45.84 -20.13
C THR C 363 -3.51 47.04 -20.97
N ASP C 364 -3.37 48.19 -20.31
CA ASP C 364 -3.08 49.43 -21.04
C ASP C 364 -1.67 49.42 -21.61
N LYS C 365 -0.74 48.71 -20.97
CA LYS C 365 0.61 48.59 -21.50
C LYS C 365 0.78 47.41 -22.45
N GLY C 366 -0.29 46.68 -22.76
CA GLY C 366 -0.27 45.75 -23.88
C GLY C 366 -0.18 44.28 -23.55
N ALA C 367 -0.31 43.90 -22.28
CA ALA C 367 -0.27 42.48 -21.95
C ALA C 367 -1.48 41.77 -22.54
N THR C 368 -1.31 40.47 -22.80
CA THR C 368 -2.37 39.63 -23.36
C THR C 368 -3.19 39.05 -22.21
N ALA C 369 -4.47 39.43 -22.14
CA ALA C 369 -5.38 38.88 -21.13
C ALA C 369 -5.84 37.51 -21.61
N LEU C 370 -5.26 36.45 -21.06
CA LEU C 370 -5.68 35.12 -21.47
C LEU C 370 -6.99 34.69 -20.82
N THR C 371 -7.29 35.20 -19.64
CA THR C 371 -8.60 35.06 -19.01
C THR C 371 -9.09 36.45 -18.64
N ALA C 372 -10.41 36.58 -18.56
CA ALA C 372 -11.03 37.91 -18.63
C ALA C 372 -11.26 38.49 -17.24
N PHE C 373 -11.09 39.80 -17.14
CA PHE C 373 -11.33 40.52 -15.90
C PHE C 373 -12.81 40.85 -15.73
N ASN C 374 -13.33 40.57 -14.54
N ASN C 374 -13.33 40.57 -14.54
CA ASN C 374 -14.64 41.02 -14.12
CA ASN C 374 -14.64 41.10 -14.16
C ASN C 374 -14.58 41.27 -12.62
C ASN C 374 -14.70 41.18 -12.64
N ARG C 375 -15.39 42.22 -12.14
CA ARG C 375 -15.45 42.52 -10.72
C ARG C 375 -16.91 42.76 -10.33
N GLU C 376 -17.37 42.01 -9.34
CA GLU C 376 -18.70 42.16 -8.74
C GLU C 376 -18.47 42.40 -7.25
N GLY C 377 -18.74 43.61 -6.79
CA GLY C 377 -18.35 43.95 -5.44
C GLY C 377 -16.83 43.90 -5.35
N ASN C 378 -16.31 43.10 -4.42
CA ASN C 378 -14.87 42.87 -4.31
C ASN C 378 -14.48 41.48 -4.78
N LEU C 379 -15.36 40.82 -5.53
CA LEU C 379 -15.06 39.53 -6.15
C LEU C 379 -14.49 39.77 -7.54
N ILE C 380 -13.19 39.59 -7.68
CA ILE C 380 -12.47 39.74 -8.93
C ILE C 380 -12.23 38.36 -9.52
N SER C 381 -12.58 38.19 -10.79
CA SER C 381 -12.33 36.92 -11.44
CA SER C 381 -12.33 36.95 -11.50
C SER C 381 -10.84 36.73 -11.68
N PRO C 382 -10.40 35.48 -11.85
CA PRO C 382 -8.95 35.24 -11.96
C PRO C 382 -8.43 35.64 -13.34
N VAL C 383 -7.43 36.52 -13.35
CA VAL C 383 -6.89 37.10 -14.58
C VAL C 383 -5.48 36.57 -14.81
N LEU C 384 -5.29 35.97 -15.99
CA LEU C 384 -4.00 35.47 -16.43
C LEU C 384 -3.51 36.34 -17.56
N PHE C 385 -2.35 36.97 -17.38
CA PHE C 385 -1.73 37.79 -18.41
C PHE C 385 -0.50 37.09 -18.97
N ASP C 386 -0.36 37.11 -20.29
CA ASP C 386 0.85 36.68 -20.98
C ASP C 386 1.52 37.92 -21.57
N HIS C 387 2.78 37.74 -21.98
CA HIS C 387 3.56 38.82 -22.58
C HIS C 387 3.64 40.02 -21.65
N VAL C 388 3.78 39.76 -20.37
CA VAL C 388 4.03 40.83 -19.41
C VAL C 388 5.47 41.28 -19.54
N THR C 389 5.69 42.59 -19.47
CA THR C 389 7.00 43.21 -19.52
C THR C 389 7.26 43.96 -18.22
N THR C 390 8.53 44.16 -17.92
CA THR C 390 8.90 44.65 -16.58
C THR C 390 8.67 46.15 -16.40
N ASP C 391 8.12 46.83 -17.39
CA ASP C 391 7.57 48.17 -17.15
C ASP C 391 6.17 48.14 -16.57
N MET C 392 5.56 46.96 -16.46
CA MET C 392 4.22 46.84 -15.93
C MET C 392 4.30 46.67 -14.41
N ARG C 393 3.46 47.41 -13.70
CA ARG C 393 3.40 47.28 -12.25
C ARG C 393 3.23 45.83 -11.83
N LEU C 394 2.42 45.06 -12.56
CA LEU C 394 2.14 43.68 -12.18
C LEU C 394 3.40 42.80 -12.23
N ALA C 395 4.45 43.24 -12.91
CA ALA C 395 5.67 42.44 -12.88
C ALA C 395 6.30 42.42 -11.50
N TRP C 396 5.97 43.40 -10.64
CA TRP C 396 6.73 43.62 -9.42
C TRP C 396 5.88 43.71 -8.16
N GLU C 397 4.78 44.46 -8.21
CA GLU C 397 4.02 44.75 -6.99
C GLU C 397 3.23 43.53 -6.55
N GLU C 398 3.21 43.28 -5.24
CA GLU C 398 2.47 42.14 -4.70
C GLU C 398 0.98 42.43 -4.77
N PRO C 399 0.19 41.70 -5.56
CA PRO C 399 -1.21 42.13 -5.72
C PRO C 399 -2.08 41.81 -4.52
N PHE C 400 -1.86 40.67 -3.86
CA PHE C 400 -2.82 40.08 -2.93
C PHE C 400 -4.19 40.03 -3.60
N GLY C 401 -4.19 39.50 -4.82
CA GLY C 401 -5.40 39.25 -5.55
C GLY C 401 -5.15 38.24 -6.66
N PRO C 402 -6.23 37.81 -7.32
CA PRO C 402 -6.14 36.68 -8.28
C PRO C 402 -5.74 37.12 -9.69
N VAL C 403 -4.49 37.58 -9.81
CA VAL C 403 -3.92 37.94 -11.10
C VAL C 403 -2.49 37.43 -11.16
N LEU C 404 -2.15 36.83 -12.31
CA LEU C 404 -0.85 36.20 -12.48
C LEU C 404 -0.21 36.62 -13.80
N PRO C 405 1.03 37.12 -13.76
CA PRO C 405 1.73 37.46 -15.01
C PRO C 405 2.66 36.36 -15.50
N ILE C 406 2.70 36.15 -16.82
CA ILE C 406 3.71 35.31 -17.45
C ILE C 406 4.71 36.23 -18.13
N ILE C 407 5.98 36.10 -17.74
CA ILE C 407 7.07 36.90 -18.27
C ILE C 407 8.01 35.96 -19.01
N ARG C 408 8.20 36.21 -20.31
CA ARG C 408 9.06 35.37 -21.14
C ARG C 408 10.49 35.87 -21.07
N VAL C 409 11.44 34.93 -20.88
CA VAL C 409 12.86 35.22 -20.87
C VAL C 409 13.54 34.32 -21.89
N THR C 410 14.77 34.68 -22.26
CA THR C 410 15.52 33.90 -23.23
C THR C 410 16.69 33.14 -22.63
N THR C 411 17.12 33.45 -21.41
CA THR C 411 18.20 32.72 -20.76
C THR C 411 17.84 32.49 -19.29
N VAL C 412 18.47 31.46 -18.70
CA VAL C 412 18.34 31.25 -17.26
C VAL C 412 18.89 32.44 -16.50
N GLU C 413 20.01 32.99 -16.97
CA GLU C 413 20.62 34.14 -16.31
C GLU C 413 19.65 35.30 -16.21
N GLU C 414 18.86 35.53 -17.27
CA GLU C 414 17.87 36.60 -17.26
C GLU C 414 16.76 36.31 -16.25
N ALA C 415 16.32 35.06 -16.18
CA ALA C 415 15.34 34.67 -15.17
C ALA C 415 15.85 34.94 -13.76
N ILE C 416 17.11 34.58 -13.50
CA ILE C 416 17.70 34.82 -12.19
C ILE C 416 17.75 36.32 -11.90
N LYS C 417 18.24 37.09 -12.88
CA LYS C 417 18.34 38.53 -12.69
CA LYS C 417 18.34 38.53 -12.69
C LYS C 417 16.97 39.14 -12.40
N ILE C 418 15.95 38.78 -13.20
CA ILE C 418 14.63 39.34 -12.99
C ILE C 418 14.06 38.89 -11.64
N SER C 419 14.23 37.61 -11.30
CA SER C 419 13.76 37.15 -10.00
C SER C 419 14.39 37.98 -8.88
N ASN C 420 15.70 38.19 -8.94
CA ASN C 420 16.39 38.88 -7.86
C ASN C 420 16.19 40.39 -7.86
N GLU C 421 15.74 40.99 -8.97
CA GLU C 421 15.47 42.42 -8.99
C GLU C 421 14.35 42.81 -8.04
N SER C 422 13.50 41.85 -7.68
CA SER C 422 12.38 42.14 -6.80
C SER C 422 12.87 42.57 -5.42
N GLU C 423 12.13 43.50 -4.81
CA GLU C 423 12.38 43.89 -3.44
CA GLU C 423 12.39 43.89 -3.44
C GLU C 423 12.01 42.78 -2.46
N TYR C 424 11.28 41.78 -2.91
CA TYR C 424 10.88 40.63 -2.11
C TYR C 424 11.83 39.46 -2.34
N GLY C 425 11.85 38.55 -1.39
CA GLY C 425 12.74 37.41 -1.46
C GLY C 425 12.27 36.27 -0.59
N LEU C 426 11.03 35.84 -0.77
CA LEU C 426 10.46 34.83 0.11
C LEU C 426 10.78 33.43 -0.40
N GLN C 427 10.11 32.97 -1.44
CA GLN C 427 10.42 31.68 -2.03
C GLN C 427 10.48 31.77 -3.55
N ALA C 428 10.91 30.66 -4.16
CA ALA C 428 10.90 30.49 -5.59
C ALA C 428 10.66 29.01 -5.91
N SER C 429 10.14 28.77 -7.11
CA SER C 429 9.95 27.43 -7.67
C SER C 429 10.79 27.31 -8.93
N ILE C 430 11.40 26.14 -9.13
CA ILE C 430 12.14 25.84 -10.35
C ILE C 430 11.57 24.56 -10.93
N PHE C 431 11.13 24.60 -12.18
CA PHE C 431 10.55 23.45 -12.88
C PHE C 431 11.55 23.04 -13.94
N THR C 432 12.19 21.89 -13.73
CA THR C 432 13.25 21.39 -14.59
C THR C 432 13.52 19.95 -14.22
N THR C 433 14.10 19.20 -15.16
CA THR C 433 14.50 17.83 -14.88
C THR C 433 15.99 17.72 -14.55
N ASN C 434 16.73 18.82 -14.62
CA ASN C 434 18.17 18.85 -14.33
C ASN C 434 18.35 19.37 -12.91
N PHE C 435 18.46 18.44 -11.96
N PHE C 435 18.45 18.40 -11.98
CA PHE C 435 18.46 18.85 -10.57
CA PHE C 435 18.47 18.69 -10.55
C PHE C 435 19.78 19.47 -10.13
C PHE C 435 19.76 19.41 -10.13
N PRO C 436 20.95 18.92 -10.49
CA PRO C 436 22.19 19.65 -10.17
C PRO C 436 22.18 21.08 -10.69
N LYS C 437 21.61 21.31 -11.87
CA LYS C 437 21.52 22.66 -12.37
C LYS C 437 20.53 23.48 -11.55
N ALA C 438 19.40 22.88 -11.17
CA ALA C 438 18.43 23.60 -10.35
C ALA C 438 19.04 24.00 -9.01
N PHE C 439 19.86 23.12 -8.42
CA PHE C 439 20.55 23.49 -7.18
C PHE C 439 21.48 24.67 -7.39
N GLY C 440 22.21 24.68 -8.50
CA GLY C 440 23.08 25.81 -8.79
C GLY C 440 22.31 27.10 -8.99
N ILE C 441 21.12 27.00 -9.60
CA ILE C 441 20.25 28.18 -9.72
C ILE C 441 19.78 28.61 -8.34
N ALA C 442 19.33 27.65 -7.52
CA ALA C 442 18.83 27.98 -6.19
C ALA C 442 19.87 28.76 -5.37
N GLU C 443 21.15 28.40 -5.51
CA GLU C 443 22.19 29.11 -4.79
C GLU C 443 22.20 30.60 -5.13
N GLN C 444 21.85 30.95 -6.36
CA GLN C 444 21.89 32.33 -6.82
C GLN C 444 20.61 33.10 -6.53
N LEU C 445 19.52 32.41 -6.17
CA LEU C 445 18.26 33.09 -5.94
C LEU C 445 18.21 33.66 -4.53
N GLU C 446 17.85 34.94 -4.44
CA GLU C 446 17.79 35.68 -3.17
C GLU C 446 16.43 35.46 -2.51
N VAL C 447 16.27 34.23 -1.99
CA VAL C 447 15.05 33.80 -1.32
C VAL C 447 15.42 32.89 -0.15
N GLY C 448 14.43 32.62 0.69
CA GLY C 448 14.62 31.68 1.79
C GLY C 448 14.53 30.23 1.38
N THR C 449 13.58 29.90 0.50
CA THR C 449 13.32 28.52 0.14
C THR C 449 13.07 28.42 -1.36
N VAL C 450 13.67 27.39 -1.98
CA VAL C 450 13.42 27.04 -3.38
C VAL C 450 12.78 25.66 -3.43
N HIS C 451 11.65 25.54 -4.12
CA HIS C 451 10.97 24.28 -4.31
C HIS C 451 11.20 23.78 -5.73
N LEU C 452 11.68 22.55 -5.84
CA LEU C 452 11.94 21.93 -7.15
C LEU C 452 10.72 21.16 -7.61
N ASN C 453 10.20 21.54 -8.78
CA ASN C 453 9.05 20.86 -9.41
C ASN C 453 7.85 20.82 -8.48
N ASN C 454 7.65 21.91 -7.75
CA ASN C 454 6.51 22.06 -6.85
C ASN C 454 6.25 23.55 -6.70
N LYS C 455 5.00 23.89 -6.37
CA LYS C 455 4.67 25.24 -6.00
C LYS C 455 5.38 25.64 -4.71
N THR C 456 5.58 26.95 -4.54
CA THR C 456 6.08 27.45 -3.27
C THR C 456 5.04 27.22 -2.18
N GLN C 457 5.51 27.08 -0.94
CA GLN C 457 4.63 26.77 0.18
C GLN C 457 5.41 26.92 1.49
N ARG C 458 4.67 27.25 2.56
CA ARG C 458 5.29 27.32 3.88
C ARG C 458 5.64 25.94 4.42
N GLY C 459 4.84 24.91 4.09
CA GLY C 459 4.98 23.61 4.70
C GLY C 459 6.10 22.77 4.11
N THR C 460 6.30 21.60 4.72
CA THR C 460 5.68 21.15 5.96
C THR C 460 6.22 22.03 7.10
N ASP C 461 5.48 22.10 8.20
CA ASP C 461 5.74 23.15 9.18
C ASP C 461 6.97 22.87 10.04
N ASN C 462 7.59 21.70 9.92
CA ASN C 462 8.91 21.49 10.52
C ASN C 462 10.03 22.12 9.71
N PHE C 463 9.81 22.38 8.42
CA PHE C 463 10.84 22.98 7.58
C PHE C 463 11.03 24.46 7.93
N PRO C 464 12.21 25.02 7.65
CA PRO C 464 12.39 26.46 7.87
C PRO C 464 11.51 27.25 6.92
N PHE C 465 10.98 28.35 7.44
CA PHE C 465 10.22 29.31 6.65
C PHE C 465 10.79 30.69 6.93
N LEU C 466 11.32 31.35 5.89
CA LEU C 466 11.97 32.63 6.07
C LEU C 466 11.99 33.37 4.74
N GLY C 467 12.04 34.69 4.83
CA GLY C 467 12.13 35.53 3.65
C GLY C 467 13.24 36.55 3.79
N ALA C 468 13.93 36.79 2.68
CA ALA C 468 14.98 37.78 2.55
C ALA C 468 14.40 39.15 2.20
N LYS C 469 15.24 40.17 2.32
CA LYS C 469 14.92 41.53 1.81
C LYS C 469 13.63 42.02 2.45
N LYS C 470 12.66 42.54 1.69
CA LYS C 470 11.46 43.10 2.27
C LYS C 470 10.44 42.03 2.64
N SER C 471 10.78 40.75 2.50
CA SER C 471 9.87 39.68 2.89
C SER C 471 9.94 39.34 4.37
N GLY C 472 10.93 39.83 5.10
CA GLY C 472 10.84 39.71 6.55
C GLY C 472 12.20 39.53 7.19
N ALA C 473 12.14 38.98 8.41
CA ALA C 473 13.28 38.83 9.29
C ALA C 473 13.01 37.65 10.22
N GLY C 474 14.05 36.89 10.53
CA GLY C 474 13.94 35.74 11.38
C GLY C 474 13.53 34.47 10.63
N VAL C 475 13.72 33.33 11.28
CA VAL C 475 13.46 32.04 10.69
C VAL C 475 12.38 31.33 11.51
N GLN C 476 11.31 30.90 10.85
CA GLN C 476 10.28 30.12 11.52
CA GLN C 476 10.22 30.17 11.44
C GLN C 476 10.22 28.73 10.90
N GLY C 477 9.07 28.08 10.99
CA GLY C 477 9.06 26.62 11.02
C GLY C 477 9.28 26.29 12.49
N VAL C 478 8.84 25.12 12.97
CA VAL C 478 8.60 24.96 14.40
C VAL C 478 9.89 25.11 15.21
N LYS C 479 10.89 24.28 14.94
CA LYS C 479 12.07 24.30 15.81
C LYS C 479 12.79 25.64 15.71
N TYR C 480 12.78 26.27 14.53
CA TYR C 480 13.43 27.56 14.36
C TYR C 480 12.70 28.65 15.12
N SER C 481 11.36 28.59 15.15
CA SER C 481 10.59 29.57 15.90
CA SER C 481 10.58 29.55 15.91
C SER C 481 10.86 29.43 17.40
N ILE C 482 11.04 28.20 17.88
CA ILE C 482 11.37 28.00 19.29
C ILE C 482 12.74 28.59 19.59
N GLU C 483 13.73 28.28 18.74
CA GLU C 483 15.07 28.84 18.92
C GLU C 483 15.02 30.36 19.01
N ALA C 484 14.24 30.99 18.13
CA ALA C 484 14.20 32.45 18.08
C ALA C 484 13.67 33.05 19.37
N MET C 485 12.70 32.40 20.01
CA MET C 485 12.07 32.94 21.22
C MET C 485 12.65 32.34 22.49
N THR C 486 13.86 31.80 22.41
CA THR C 486 14.61 31.42 23.60
C THR C 486 15.94 32.14 23.58
N THR C 487 16.49 32.36 24.77
CA THR C 487 17.86 32.82 24.90
C THR C 487 18.63 31.78 25.71
N VAL C 488 19.81 32.12 26.20
CA VAL C 488 20.58 31.20 27.02
C VAL C 488 21.03 31.88 28.29
N LYS C 489 21.29 31.06 29.29
CA LYS C 489 21.89 31.46 30.56
CA LYS C 489 21.94 31.51 30.50
C LYS C 489 23.07 30.53 30.79
N SER C 490 24.28 31.08 30.92
CA SER C 490 25.48 30.29 31.10
CA SER C 490 25.47 30.27 31.10
C SER C 490 25.94 30.39 32.54
N VAL C 491 26.27 29.24 33.14
CA VAL C 491 26.81 29.16 34.49
C VAL C 491 28.21 28.58 34.36
N VAL C 492 29.22 29.35 34.76
CA VAL C 492 30.63 29.00 34.52
C VAL C 492 31.30 28.73 35.86
N PHE C 493 32.03 27.62 35.95
CA PHE C 493 32.74 27.31 37.18
C PHE C 493 33.98 26.47 36.86
N ASP C 494 34.88 26.39 37.84
CA ASP C 494 36.12 25.63 37.71
C ASP C 494 36.00 24.30 38.45
N ILE C 495 36.31 23.21 37.75
CA ILE C 495 36.42 21.90 38.37
C ILE C 495 37.65 21.88 39.26
N GLN C 496 37.54 21.24 40.42
CA GLN C 496 38.63 21.18 41.37
C GLN C 496 39.17 19.77 41.57
N LEU D 22 56.07 62.12 15.67
CA LEU D 22 55.85 60.69 15.34
C LEU D 22 54.38 60.41 15.01
N ALA D 23 53.60 61.48 14.83
CA ALA D 23 52.20 61.34 14.48
C ALA D 23 52.05 61.14 12.98
N LYS D 24 51.24 60.16 12.60
CA LYS D 24 51.03 59.81 11.20
C LYS D 24 49.62 60.19 10.76
N GLN D 25 49.49 60.44 9.46
CA GLN D 25 48.19 60.69 8.83
C GLN D 25 47.65 59.36 8.31
N TYR D 26 46.59 58.87 8.93
CA TYR D 26 46.07 57.56 8.62
C TYR D 26 44.97 57.64 7.56
N LYS D 27 44.71 56.50 6.92
CA LYS D 27 43.78 56.42 5.81
C LYS D 27 42.83 55.26 5.99
N ASN D 28 41.65 55.38 5.39
CA ASN D 28 40.67 54.31 5.41
C ASN D 28 40.92 53.32 4.29
N LEU D 29 40.66 52.05 4.57
CA LEU D 29 40.69 51.00 3.56
C LEU D 29 39.34 50.95 2.86
N VAL D 30 39.33 51.30 1.56
CA VAL D 30 38.09 51.38 0.78
C VAL D 30 38.34 50.70 -0.56
N ASN D 31 37.73 49.52 -0.76
CA ASN D 31 37.77 48.82 -2.04
C ASN D 31 39.22 48.55 -2.47
N GLY D 32 40.03 48.08 -1.52
CA GLY D 32 41.40 47.73 -1.79
C GLY D 32 42.37 48.89 -1.86
N GLU D 33 41.89 50.12 -1.66
CA GLU D 33 42.74 51.31 -1.72
C GLU D 33 42.71 52.04 -0.38
N TRP D 34 43.74 52.85 -0.14
CA TRP D 34 43.83 53.65 1.09
C TRP D 34 43.49 55.09 0.75
N LYS D 35 42.47 55.63 1.42
CA LYS D 35 41.85 56.89 1.03
C LYS D 35 41.88 57.90 2.17
N LEU D 36 42.39 59.09 1.88
CA LEU D 36 42.18 60.24 2.74
C LEU D 36 40.83 60.88 2.43
N SER D 37 40.39 61.74 3.34
CA SER D 37 39.23 62.59 3.15
C SER D 37 39.69 64.04 3.21
N GLU D 38 38.81 64.96 2.78
CA GLU D 38 39.19 66.37 2.77
CA GLU D 38 39.18 66.37 2.77
C GLU D 38 39.36 66.92 4.18
N ASN D 39 38.58 66.43 5.14
CA ASN D 39 38.69 66.80 6.54
C ASN D 39 39.22 65.61 7.33
N GLU D 40 39.84 65.87 8.47
CA GLU D 40 40.37 64.81 9.31
C GLU D 40 40.05 65.09 10.76
N ILE D 41 40.37 64.11 11.61
CA ILE D 41 40.19 64.21 13.05
C ILE D 41 41.53 63.89 13.69
N THR D 42 42.06 64.84 14.45
CA THR D 42 43.32 64.62 15.16
C THR D 42 43.03 63.88 16.46
N ILE D 43 43.82 62.85 16.76
CA ILE D 43 43.62 61.99 17.91
C ILE D 43 44.73 62.27 18.92
N TYR D 44 44.36 62.48 20.18
CA TYR D 44 45.31 62.75 21.26
C TYR D 44 45.24 61.65 22.31
N ALA D 45 46.37 61.44 22.98
CA ALA D 45 46.47 60.43 24.04
C ALA D 45 45.77 60.92 25.29
N PRO D 46 44.75 60.22 25.79
CA PRO D 46 44.00 60.78 26.94
C PRO D 46 44.83 60.98 28.19
N ALA D 47 45.93 60.25 28.38
CA ALA D 47 46.69 60.36 29.61
C ALA D 47 47.68 61.51 29.59
N THR D 48 48.00 62.05 28.40
CA THR D 48 49.09 63.01 28.28
C THR D 48 48.80 64.17 27.33
N GLY D 49 47.86 64.05 26.41
CA GLY D 49 47.64 65.06 25.40
C GLY D 49 48.51 64.93 24.17
N GLU D 50 49.39 63.94 24.12
CA GLU D 50 50.27 63.75 22.97
C GLU D 50 49.45 63.58 21.69
N GLU D 51 49.83 64.32 20.65
CA GLU D 51 49.22 64.15 19.34
C GLU D 51 49.69 62.83 18.74
N LEU D 52 48.75 61.92 18.46
CA LEU D 52 49.07 60.62 17.94
C LEU D 52 48.96 60.50 16.43
N GLY D 53 48.17 61.35 15.79
CA GLY D 53 47.94 61.27 14.36
C GLY D 53 46.54 61.75 14.04
N SER D 54 46.15 61.57 12.78
CA SER D 54 44.82 61.93 12.33
CA SER D 54 44.83 61.94 12.32
C SER D 54 44.20 60.80 11.55
N VAL D 55 42.86 60.77 11.54
CA VAL D 55 42.10 59.80 10.76
C VAL D 55 41.10 60.59 9.91
N PRO D 56 40.65 60.06 8.79
CA PRO D 56 39.74 60.83 7.93
C PRO D 56 38.40 61.11 8.60
N ALA D 57 37.78 62.21 8.19
CA ALA D 57 36.42 62.56 8.61
C ALA D 57 35.54 62.37 7.38
N MET D 58 35.04 61.15 7.19
CA MET D 58 34.34 60.82 5.97
C MET D 58 33.01 61.56 5.86
N THR D 59 32.62 61.83 4.61
CA THR D 59 31.32 62.35 4.26
C THR D 59 30.37 61.19 3.96
N GLN D 60 29.07 61.52 3.90
CA GLN D 60 28.07 60.51 3.57
C GLN D 60 28.32 59.95 2.17
N ALA D 61 28.76 60.80 1.24
CA ALA D 61 29.05 60.31 -0.11
C ALA D 61 30.23 59.32 -0.09
N GLU D 62 31.18 59.51 0.82
CA GLU D 62 32.27 58.55 0.93
C GLU D 62 31.82 57.26 1.60
N VAL D 63 30.86 57.34 2.53
CA VAL D 63 30.25 56.13 3.07
C VAL D 63 29.55 55.35 1.96
N ASP D 64 28.80 56.06 1.09
CA ASP D 64 28.13 55.41 -0.02
C ASP D 64 29.11 54.61 -0.88
N ALA D 65 30.30 55.17 -1.11
CA ALA D 65 31.30 54.47 -1.91
C ALA D 65 31.80 53.21 -1.20
N VAL D 66 31.97 53.28 0.12
CA VAL D 66 32.37 52.10 0.88
C VAL D 66 31.35 50.99 0.70
N TYR D 67 30.07 51.31 0.95
CA TYR D 67 29.04 50.29 0.89
C TYR D 67 28.86 49.75 -0.53
N ALA D 68 28.91 50.63 -1.53
CA ALA D 68 28.77 50.16 -2.90
C ALA D 68 29.87 49.17 -3.26
N SER D 69 31.09 49.40 -2.77
CA SER D 69 32.19 48.49 -3.05
CA SER D 69 32.19 48.48 -3.07
C SER D 69 32.02 47.17 -2.31
N ALA D 70 31.50 47.23 -1.08
CA ALA D 70 31.27 45.99 -0.34
C ALA D 70 30.25 45.12 -1.05
N LYS D 71 29.11 45.70 -1.45
CA LYS D 71 28.06 44.91 -2.08
C LYS D 71 28.55 44.30 -3.39
N LYS D 72 29.39 45.03 -4.13
CA LYS D 72 29.93 44.49 -5.38
C LYS D 72 30.87 43.32 -5.11
N ALA D 73 31.63 43.38 -4.01
CA ALA D 73 32.56 42.31 -3.67
C ALA D 73 31.85 41.08 -3.12
N LEU D 74 30.60 41.22 -2.67
CA LEU D 74 29.93 40.14 -1.95
C LEU D 74 29.74 38.92 -2.83
N SER D 75 29.41 39.11 -4.10
CA SER D 75 29.07 37.98 -4.96
C SER D 75 30.25 37.01 -5.10
N ASP D 76 31.44 37.53 -5.36
CA ASP D 76 32.61 36.67 -5.50
C ASP D 76 33.08 36.12 -4.15
N TRP D 77 32.81 36.84 -3.07
CA TRP D 77 33.29 36.41 -1.76
C TRP D 77 32.46 35.27 -1.20
N ARG D 78 31.13 35.36 -1.34
CA ARG D 78 30.28 34.33 -0.76
C ARG D 78 30.39 33.00 -1.50
N THR D 79 30.92 32.99 -2.72
CA THR D 79 31.02 31.75 -3.49
C THR D 79 32.35 31.04 -3.30
N LEU D 80 33.30 31.66 -2.58
CA LEU D 80 34.53 30.98 -2.26
C LEU D 80 34.26 29.84 -1.28
N SER D 81 35.17 28.87 -1.26
CA SER D 81 35.06 27.81 -0.27
C SER D 81 35.37 28.35 1.12
N TYR D 82 34.91 27.62 2.13
CA TYR D 82 35.28 27.96 3.50
C TYR D 82 36.80 27.95 3.67
N VAL D 83 37.46 26.93 3.12
N VAL D 83 37.48 26.97 3.08
CA VAL D 83 38.92 26.84 3.22
CA VAL D 83 38.91 26.88 3.30
C VAL D 83 39.55 28.14 2.76
C VAL D 83 39.63 28.08 2.70
N GLU D 84 39.11 28.64 1.61
CA GLU D 84 39.73 29.83 1.03
C GLU D 84 39.51 31.06 1.91
N ARG D 85 38.28 31.23 2.42
CA ARG D 85 38.03 32.35 3.31
C ARG D 85 38.83 32.23 4.61
N ALA D 86 38.93 31.00 5.15
CA ALA D 86 39.66 30.81 6.39
C ALA D 86 41.13 31.20 6.25
N ALA D 87 41.74 30.91 5.10
CA ALA D 87 43.17 31.16 4.95
C ALA D 87 43.48 32.65 5.08
N TYR D 88 42.62 33.52 4.53
CA TYR D 88 42.81 34.95 4.70
C TYR D 88 42.80 35.33 6.18
N LEU D 89 41.86 34.77 6.94
CA LEU D 89 41.77 35.11 8.36
CA LEU D 89 41.77 35.09 8.36
C LEU D 89 43.02 34.65 9.11
N HIS D 90 43.48 33.42 8.84
CA HIS D 90 44.68 32.94 9.53
C HIS D 90 45.87 33.84 9.24
N LYS D 91 46.04 34.27 7.98
CA LYS D 91 47.15 35.15 7.64
C LYS D 91 47.05 36.49 8.38
N ALA D 92 45.84 37.07 8.44
CA ALA D 92 45.68 38.31 9.18
C ALA D 92 46.06 38.14 10.65
N ALA D 93 45.66 37.02 11.25
CA ALA D 93 45.99 36.77 12.65
C ALA D 93 47.50 36.63 12.83
N ASP D 94 48.16 35.90 11.93
CA ASP D 94 49.62 35.79 12.01
C ASP D 94 50.27 37.16 11.96
N ILE D 95 49.73 38.08 11.16
CA ILE D 95 50.33 39.39 11.01
C ILE D 95 50.12 40.22 12.28
N LEU D 96 48.96 40.07 12.92
CA LEU D 96 48.74 40.79 14.17
C LEU D 96 49.68 40.31 15.27
N VAL D 97 49.93 39.01 15.33
CA VAL D 97 50.89 38.50 16.32
C VAL D 97 52.26 39.11 16.04
N ARG D 98 52.64 39.15 14.76
CA ARG D 98 53.93 39.73 14.38
C ARG D 98 54.05 41.17 14.84
N ASP D 99 52.99 41.96 14.65
CA ASP D 99 53.02 43.38 14.93
C ASP D 99 52.37 43.73 16.27
N ALA D 100 52.22 42.76 17.17
CA ALA D 100 51.49 43.03 18.41
C ALA D 100 52.15 44.16 19.20
N GLU D 101 53.48 44.13 19.34
N GLU D 101 53.48 44.13 19.34
CA GLU D 101 54.15 45.20 20.08
CA GLU D 101 54.16 45.18 20.07
C GLU D 101 53.94 46.54 19.40
C GLU D 101 53.95 46.54 19.39
N LYS D 102 54.10 46.59 18.07
CA LYS D 102 53.92 47.84 17.34
C LYS D 102 52.51 48.39 17.50
N ILE D 103 51.51 47.53 17.33
CA ILE D 103 50.12 47.98 17.43
C ILE D 103 49.78 48.33 18.88
N GLY D 104 50.16 47.46 19.82
CA GLY D 104 49.81 47.70 21.21
C GLY D 104 50.36 49.01 21.73
N ALA D 105 51.57 49.37 21.31
CA ALA D 105 52.19 50.61 21.76
C ALA D 105 51.32 51.82 21.45
N ILE D 106 50.69 51.83 20.27
CA ILE D 106 49.83 52.93 19.88
C ILE D 106 48.46 52.83 20.54
N LEU D 107 47.91 51.61 20.57
CA LEU D 107 46.64 51.39 21.28
CA LEU D 107 46.64 51.39 21.28
C LEU D 107 46.73 51.87 22.71
N SER D 108 47.84 51.56 23.39
CA SER D 108 48.05 52.01 24.77
C SER D 108 47.86 53.51 24.89
N LYS D 109 48.48 54.27 23.99
CA LYS D 109 48.37 55.72 24.06
C LYS D 109 46.97 56.18 23.68
N GLU D 110 46.37 55.55 22.67
CA GLU D 110 45.15 56.10 22.11
C GLU D 110 43.97 56.01 23.09
N VAL D 111 43.90 54.93 23.87
CA VAL D 111 42.79 54.80 24.80
C VAL D 111 43.27 54.73 26.25
N ALA D 112 44.50 55.18 26.51
CA ALA D 112 45.10 55.20 27.84
C ALA D 112 44.94 53.85 28.55
N LYS D 113 45.30 52.79 27.83
CA LYS D 113 45.35 51.44 28.38
C LYS D 113 46.80 51.10 28.69
N GLY D 114 47.02 50.39 29.78
CA GLY D 114 48.36 49.94 30.11
C GLY D 114 49.04 49.33 28.91
N HIS D 115 50.32 49.65 28.69
CA HIS D 115 51.00 49.20 27.48
C HIS D 115 50.98 47.68 27.37
N LYS D 116 51.35 46.99 28.44
CA LYS D 116 51.34 45.53 28.39
C LYS D 116 49.93 45.01 28.10
N ALA D 117 48.92 45.58 28.75
CA ALA D 117 47.54 45.14 28.50
C ALA D 117 47.11 45.43 27.07
N ALA D 118 47.64 46.51 26.48
CA ALA D 118 47.33 46.79 25.08
C ALA D 118 47.92 45.75 24.14
N VAL D 119 49.17 45.34 24.38
CA VAL D 119 49.77 44.29 23.57
C VAL D 119 48.98 42.99 23.73
N SER D 120 48.51 42.71 24.95
CA SER D 120 47.71 41.51 25.18
C SER D 120 46.39 41.57 24.42
N GLU D 121 45.80 42.77 24.29
CA GLU D 121 44.57 42.87 23.53
C GLU D 121 44.77 42.46 22.07
N VAL D 122 45.88 42.87 21.47
CA VAL D 122 46.15 42.49 20.08
C VAL D 122 46.32 40.97 19.98
N ILE D 123 47.07 40.38 20.92
CA ILE D 123 47.26 38.93 20.91
C ILE D 123 45.93 38.20 21.01
N ARG D 124 45.07 38.65 21.93
CA ARG D 124 43.76 38.03 22.08
C ARG D 124 42.96 38.17 20.79
N THR D 125 43.11 39.29 20.09
CA THR D 125 42.41 39.48 18.83
C THR D 125 42.80 38.40 17.82
N ALA D 126 44.10 38.11 17.72
CA ALA D 126 44.54 37.06 16.80
C ALA D 126 43.98 35.71 17.20
N GLU D 127 43.93 35.43 18.51
CA GLU D 127 43.38 34.15 18.95
C GLU D 127 41.91 34.02 18.53
N ILE D 128 41.12 35.09 18.69
CA ILE D 128 39.71 35.01 18.32
C ILE D 128 39.57 34.87 16.81
N ILE D 129 40.42 35.55 16.04
CA ILE D 129 40.33 35.47 14.59
C ILE D 129 40.62 34.05 14.12
N ASN D 130 41.68 33.45 14.64
CA ASN D 130 42.01 32.07 14.28
C ASN D 130 40.90 31.11 14.66
N TYR D 131 40.34 31.27 15.87
CA TYR D 131 39.30 30.36 16.36
C TYR D 131 38.04 30.50 15.53
N ALA D 132 37.72 31.73 15.12
CA ALA D 132 36.52 31.95 14.30
C ALA D 132 36.66 31.30 12.93
N ALA D 133 37.85 31.41 12.33
CA ALA D 133 38.08 30.78 11.04
C ALA D 133 37.83 29.28 11.10
N GLU D 134 38.35 28.62 12.14
CA GLU D 134 38.18 27.17 12.23
C GLU D 134 36.78 26.78 12.70
N GLU D 135 36.14 27.59 13.54
CA GLU D 135 34.76 27.31 13.92
C GLU D 135 33.85 27.40 12.71
N GLY D 136 34.02 28.46 11.92
CA GLY D 136 33.10 28.71 10.83
C GLY D 136 33.24 27.74 9.69
N LEU D 137 34.46 27.24 9.43
CA LEU D 137 34.66 26.45 8.23
C LEU D 137 34.04 25.06 8.34
N ARG D 138 33.73 24.57 9.53
CA ARG D 138 33.13 23.24 9.69
C ARG D 138 31.65 23.33 10.08
N MET D 139 31.03 24.49 9.92
CA MET D 139 29.60 24.61 10.12
C MET D 139 28.86 23.79 9.08
N GLU D 140 27.69 23.28 9.48
CA GLU D 140 26.95 22.31 8.69
C GLU D 140 25.53 22.78 8.43
N GLY D 141 24.93 22.21 7.39
CA GLY D 141 23.51 22.30 7.15
C GLY D 141 22.79 21.07 7.68
N GLU D 142 21.53 20.94 7.29
CA GLU D 142 20.74 19.84 7.80
C GLU D 142 19.71 19.43 6.77
N VAL D 143 19.21 18.21 6.91
CA VAL D 143 18.15 17.69 6.05
C VAL D 143 16.97 17.30 6.93
N LEU D 144 15.79 17.80 6.58
CA LEU D 144 14.58 17.51 7.32
C LEU D 144 13.61 16.70 6.47
N GLU D 145 12.75 15.96 7.16
CA GLU D 145 11.83 15.00 6.56
C GLU D 145 10.40 15.50 6.65
N GLY D 146 9.70 15.50 5.52
CA GLY D 146 8.28 15.84 5.55
C GLY D 146 7.46 14.85 6.36
N GLY D 147 7.90 13.59 6.38
CA GLY D 147 7.22 12.54 7.12
C GLY D 147 7.33 12.66 8.63
N SER D 148 8.18 13.56 9.12
CA SER D 148 8.15 13.90 10.55
C SER D 148 6.84 14.59 10.91
N PHE D 149 6.25 15.30 9.95
CA PHE D 149 5.09 16.15 10.23
C PHE D 149 3.80 15.62 9.63
N GLU D 150 3.80 15.10 8.41
CA GLU D 150 2.58 14.52 7.85
C GLU D 150 2.92 13.40 6.87
N ALA D 151 2.10 12.35 6.92
CA ALA D 151 2.35 11.15 6.14
C ALA D 151 2.37 11.45 4.65
N ALA D 152 1.47 12.33 4.19
CA ALA D 152 1.40 12.63 2.76
C ALA D 152 2.70 13.19 2.21
N SER D 153 3.56 13.76 3.05
CA SER D 153 4.79 14.39 2.60
C SER D 153 6.04 13.58 2.93
N LYS D 154 5.89 12.25 3.11
CA LYS D 154 7.02 11.44 3.56
C LYS D 154 8.16 11.37 2.55
N LYS D 155 7.91 11.60 1.26
CA LYS D 155 8.98 11.59 0.27
C LYS D 155 9.57 12.98 0.03
N LYS D 156 9.08 13.98 0.72
CA LYS D 156 9.56 15.34 0.59
C LYS D 156 10.65 15.60 1.63
N ILE D 157 11.80 16.10 1.18
CA ILE D 157 12.87 16.47 2.10
C ILE D 157 13.35 17.88 1.80
N ALA D 158 13.86 18.54 2.85
CA ALA D 158 14.40 19.88 2.78
C ALA D 158 15.90 19.83 3.00
N ILE D 159 16.67 20.29 2.01
CA ILE D 159 18.11 20.43 2.14
C ILE D 159 18.42 21.87 2.56
N VAL D 160 18.87 22.05 3.79
CA VAL D 160 19.03 23.36 4.41
C VAL D 160 20.50 23.67 4.56
N ARG D 161 20.98 24.72 3.90
CA ARG D 161 22.38 25.10 3.95
C ARG D 161 22.52 26.54 4.43
N ARG D 162 23.69 26.84 4.99
CA ARG D 162 23.95 28.15 5.54
C ARG D 162 24.40 29.13 4.45
N GLU D 163 24.05 30.40 4.63
CA GLU D 163 24.47 31.48 3.75
C GLU D 163 24.75 32.73 4.60
N PRO D 164 25.59 33.63 4.09
CA PRO D 164 25.81 34.90 4.80
C PRO D 164 24.56 35.78 4.76
N VAL D 165 24.53 36.78 5.64
CA VAL D 165 23.42 37.73 5.60
C VAL D 165 23.69 38.86 4.61
N GLY D 166 24.95 39.17 4.34
CA GLY D 166 25.31 40.19 3.37
C GLY D 166 26.39 41.12 3.87
N LEU D 167 26.08 42.41 3.93
CA LEU D 167 27.01 43.41 4.45
C LEU D 167 26.78 43.58 5.95
N VAL D 168 27.82 43.34 6.73
CA VAL D 168 27.80 43.54 8.17
C VAL D 168 28.48 44.86 8.47
N LEU D 169 27.77 45.76 9.16
CA LEU D 169 28.39 46.95 9.73
C LEU D 169 28.85 46.59 11.14
N ALA D 170 30.16 46.64 11.36
CA ALA D 170 30.77 46.33 12.64
C ALA D 170 31.28 47.62 13.29
N ILE D 171 30.81 47.91 14.50
CA ILE D 171 31.15 49.13 15.22
C ILE D 171 31.81 48.73 16.53
N SER D 172 33.11 49.04 16.67
CA SER D 172 33.93 48.65 17.81
C SER D 172 33.96 49.74 18.86
N PRO D 173 34.35 49.39 20.11
CA PRO D 173 34.30 50.37 21.20
C PRO D 173 35.66 50.90 21.61
N PHE D 174 35.69 52.06 22.27
CA PHE D 174 36.97 52.66 22.64
C PHE D 174 37.75 51.77 23.61
N ASN D 175 37.06 50.97 24.41
CA ASN D 175 37.77 50.23 25.44
C ASN D 175 38.35 48.92 24.94
N TYR D 176 37.92 48.43 23.76
CA TYR D 176 38.55 47.28 23.11
C TYR D 176 38.54 47.51 21.61
N PRO D 177 39.27 48.54 21.15
CA PRO D 177 39.12 48.97 19.74
C PRO D 177 39.66 47.96 18.73
N VAL D 178 40.52 47.04 19.13
CA VAL D 178 41.01 45.99 18.25
C VAL D 178 40.31 44.67 18.53
N ASN D 179 40.30 44.24 19.79
CA ASN D 179 39.73 42.93 20.14
C ASN D 179 38.24 42.86 19.76
N LEU D 180 37.47 43.90 20.06
CA LEU D 180 36.03 43.89 19.75
C LEU D 180 35.74 44.56 18.42
N ALA D 181 36.76 44.76 17.59
CA ALA D 181 36.60 44.82 16.15
C ALA D 181 36.78 43.42 15.55
N GLY D 182 37.86 42.72 15.92
CA GLY D 182 38.09 41.40 15.38
C GLY D 182 37.02 40.39 15.73
N SER D 183 36.40 40.55 16.90
CA SER D 183 35.34 39.66 17.35
C SER D 183 34.12 39.71 16.46
N LYS D 184 33.97 40.80 15.71
CA LYS D 184 32.91 40.97 14.73
C LYS D 184 33.37 40.62 13.32
N ILE D 185 34.59 41.03 12.96
CA ILE D 185 35.04 40.90 11.57
C ILE D 185 35.24 39.45 11.18
N ALA D 186 35.91 38.67 12.02
CA ALA D 186 36.29 37.33 11.58
C ALA D 186 35.09 36.38 11.53
N PRO D 187 34.18 36.39 12.52
CA PRO D 187 32.97 35.56 12.38
C PRO D 187 32.15 35.93 11.15
N ALA D 188 32.07 37.23 10.87
CA ALA D 188 31.32 37.68 9.70
C ALA D 188 31.97 37.17 8.42
N LEU D 189 33.30 37.29 8.33
CA LEU D 189 33.98 36.99 7.06
C LEU D 189 34.00 35.50 6.76
N ILE D 190 34.22 34.66 7.78
CA ILE D 190 34.29 33.23 7.52
C ILE D 190 32.98 32.72 6.93
N ALA D 191 31.85 33.31 7.34
CA ALA D 191 30.54 32.93 6.87
C ALA D 191 30.19 33.48 5.50
N GLY D 192 31.07 34.27 4.89
CA GLY D 192 30.82 34.81 3.57
C GLY D 192 30.21 36.18 3.54
N ASN D 193 30.08 36.85 4.69
CA ASN D 193 29.66 38.23 4.72
C ASN D 193 30.81 39.14 4.29
N VAL D 194 30.45 40.34 3.81
CA VAL D 194 31.40 41.43 3.65
C VAL D 194 31.19 42.38 4.83
N VAL D 195 32.22 43.17 5.11
CA VAL D 195 32.28 43.90 6.38
C VAL D 195 32.76 45.32 6.15
N ALA D 196 32.14 46.25 6.89
CA ALA D 196 32.65 47.61 7.04
C ALA D 196 32.81 47.87 8.53
N LEU D 197 34.02 48.23 8.95
CA LEU D 197 34.32 48.50 10.35
C LEU D 197 34.30 50.00 10.60
N LYS D 198 33.45 50.43 11.52
CA LYS D 198 33.51 51.77 12.05
C LYS D 198 34.16 51.73 13.42
N PRO D 199 35.41 52.18 13.56
CA PRO D 199 35.99 52.29 14.90
C PRO D 199 35.43 53.51 15.61
N PRO D 200 35.55 53.55 16.94
CA PRO D 200 35.26 54.80 17.65
C PRO D 200 36.33 55.81 17.30
N THR D 201 35.95 57.09 17.26
CA THR D 201 36.95 58.10 16.93
C THR D 201 38.18 57.93 17.81
N GLN D 202 37.98 57.93 19.13
CA GLN D 202 39.06 57.60 20.06
C GLN D 202 39.28 56.10 19.99
N GLY D 203 40.24 55.68 19.18
CA GLY D 203 40.43 54.27 18.90
C GLY D 203 40.53 54.00 17.41
N SER D 204 40.23 55.02 16.60
CA SER D 204 40.21 54.83 15.16
C SER D 204 41.60 54.54 14.60
N ILE D 205 42.66 55.05 15.22
CA ILE D 205 44.00 54.70 14.75
C ILE D 205 44.22 53.20 14.93
N SER D 206 43.91 52.69 16.13
CA SER D 206 44.05 51.26 16.37
C SER D 206 43.19 50.44 15.41
N GLY D 207 41.98 50.90 15.14
CA GLY D 207 41.13 50.21 14.18
C GLY D 207 41.76 50.16 12.79
N LEU D 208 42.31 51.29 12.33
CA LEU D 208 42.94 51.28 11.02
C LEU D 208 44.23 50.46 11.03
N LEU D 209 44.93 50.42 12.18
CA LEU D 209 46.09 49.54 12.30
C LEU D 209 45.65 48.07 12.14
N LEU D 210 44.53 47.70 12.76
CA LEU D 210 44.00 46.36 12.55
C LEU D 210 43.70 46.12 11.08
N ALA D 211 43.11 47.12 10.42
CA ALA D 211 42.74 46.95 9.02
C ALA D 211 43.97 46.67 8.16
N GLU D 212 45.10 47.27 8.50
CA GLU D 212 46.33 47.07 7.71
C GLU D 212 46.69 45.58 7.64
N ALA D 213 46.52 44.87 8.75
CA ALA D 213 46.85 43.44 8.76
C ALA D 213 45.96 42.66 7.80
N PHE D 214 44.66 42.97 7.78
CA PHE D 214 43.77 42.31 6.84
C PHE D 214 44.13 42.64 5.40
N ALA D 215 44.50 43.91 5.15
CA ALA D 215 44.96 44.29 3.81
C ALA D 215 46.20 43.49 3.44
N GLU D 216 47.20 43.47 4.32
CA GLU D 216 48.44 42.75 4.02
C GLU D 216 48.16 41.26 3.81
N ALA D 217 47.23 40.70 4.58
CA ALA D 217 46.87 39.29 4.40
C ALA D 217 46.25 39.03 3.04
N GLY D 218 45.86 40.06 2.31
CA GLY D 218 45.34 39.90 0.97
C GLY D 218 43.83 39.85 0.83
N ILE D 219 43.09 40.29 1.83
CA ILE D 219 41.62 40.27 1.78
C ILE D 219 41.16 40.96 0.51
N PRO D 220 40.27 40.34 -0.28
CA PRO D 220 39.92 40.94 -1.58
C PRO D 220 39.31 42.32 -1.47
N ALA D 221 39.56 43.15 -2.48
CA ALA D 221 39.08 44.53 -2.49
C ALA D 221 37.59 44.59 -2.21
N GLY D 222 37.21 45.36 -1.18
CA GLY D 222 35.82 45.58 -0.87
C GLY D 222 35.21 44.56 0.08
N VAL D 223 35.89 43.44 0.31
CA VAL D 223 35.37 42.43 1.24
C VAL D 223 35.44 42.94 2.68
N PHE D 224 36.50 43.70 2.99
CA PHE D 224 36.66 44.37 4.27
C PHE D 224 37.04 45.82 3.98
N ASN D 225 36.37 46.75 4.68
CA ASN D 225 36.58 48.17 4.50
CA ASN D 225 36.60 48.17 4.50
C ASN D 225 36.46 48.85 5.85
N THR D 226 36.93 50.10 5.92
CA THR D 226 36.82 50.87 7.15
C THR D 226 36.15 52.21 6.87
N ILE D 227 35.56 52.76 7.93
CA ILE D 227 34.86 54.05 7.92
C ILE D 227 35.28 54.80 9.18
N THR D 228 35.71 56.04 9.02
CA THR D 228 35.96 56.91 10.16
C THR D 228 35.32 58.26 9.89
N GLY D 229 34.86 58.91 10.95
CA GLY D 229 34.24 60.20 10.79
C GLY D 229 33.56 60.66 12.06
N ARG D 230 32.98 61.85 11.96
CA ARG D 230 32.29 62.46 13.09
C ARG D 230 30.85 61.96 13.17
N GLY D 231 30.38 61.73 14.39
CA GLY D 231 29.00 61.30 14.58
C GLY D 231 28.01 62.27 13.97
N SER D 232 28.28 63.57 14.08
CA SER D 232 27.37 64.57 13.56
C SER D 232 27.23 64.51 12.05
N VAL D 233 28.18 63.90 11.35
CA VAL D 233 28.16 63.81 9.90
C VAL D 233 27.64 62.48 9.42
N ILE D 234 28.15 61.37 9.95
CA ILE D 234 27.84 60.04 9.44
C ILE D 234 27.26 59.11 10.49
N GLY D 235 27.07 59.56 11.72
CA GLY D 235 26.65 58.69 12.79
C GLY D 235 25.40 57.88 12.50
N ASP D 236 24.28 58.57 12.28
CA ASP D 236 23.06 57.90 11.88
C ASP D 236 23.17 57.33 10.47
N TYR D 237 23.90 58.02 9.58
CA TYR D 237 23.89 57.66 8.18
C TYR D 237 24.41 56.24 7.95
N ILE D 238 25.48 55.85 8.65
CA ILE D 238 26.06 54.53 8.39
C ILE D 238 25.10 53.42 8.77
N VAL D 239 24.22 53.67 9.75
CA VAL D 239 23.32 52.62 10.23
C VAL D 239 22.04 52.55 9.39
N GLU D 240 21.50 53.70 9.00
CA GLU D 240 20.24 53.71 8.26
C GLU D 240 20.41 53.28 6.82
N HIS D 241 21.65 53.24 6.32
CA HIS D 241 21.89 52.99 4.91
C HIS D 241 21.34 51.63 4.51
N GLU D 242 20.59 51.60 3.41
CA GLU D 242 19.89 50.39 3.00
C GLU D 242 20.83 49.29 2.52
N ALA D 243 22.10 49.62 2.25
CA ALA D 243 23.04 48.58 1.85
C ALA D 243 23.38 47.66 3.02
N VAL D 244 23.25 48.15 4.25
CA VAL D 244 23.62 47.38 5.42
C VAL D 244 22.57 46.31 5.68
N ASN D 245 23.02 45.06 5.83
CA ASN D 245 22.12 43.96 6.12
C ASN D 245 22.16 43.54 7.59
N PHE D 246 23.15 44.02 8.35
CA PHE D 246 23.36 43.56 9.71
C PHE D 246 24.21 44.60 10.42
N ILE D 247 23.83 44.94 11.66
CA ILE D 247 24.59 45.88 12.48
C ILE D 247 25.06 45.17 13.74
N ASN D 248 26.37 45.25 14.00
CA ASN D 248 27.01 44.54 15.11
C ASN D 248 27.79 45.58 15.92
N PHE D 249 27.27 45.96 17.10
CA PHE D 249 27.75 47.13 17.83
C PHE D 249 28.10 46.81 19.27
N THR D 250 29.23 47.36 19.72
CA THR D 250 29.61 47.40 21.12
C THR D 250 29.83 48.85 21.53
N GLY D 251 29.23 49.26 22.66
CA GLY D 251 29.35 50.65 23.08
C GLY D 251 28.43 50.94 24.25
N SER D 252 28.11 52.22 24.43
CA SER D 252 27.30 52.62 25.57
C SER D 252 25.82 52.27 25.34
N THR D 253 25.08 52.16 26.44
CA THR D 253 23.65 51.85 26.32
C THR D 253 22.89 52.94 25.57
N PRO D 254 23.09 54.24 25.85
CA PRO D 254 22.35 55.24 25.07
CA PRO D 254 22.35 55.25 25.07
C PRO D 254 22.64 55.20 23.58
N ILE D 255 23.89 54.97 23.18
CA ILE D 255 24.16 54.87 21.75
C ILE D 255 23.50 53.63 21.15
N GLY D 256 23.55 52.51 21.87
CA GLY D 256 22.90 51.31 21.36
C GLY D 256 21.40 51.48 21.21
N GLU D 257 20.77 52.19 22.15
CA GLU D 257 19.35 52.50 21.99
C GLU D 257 19.11 53.28 20.71
N GLY D 258 19.98 54.24 20.41
CA GLY D 258 19.85 54.99 19.18
C GLY D 258 19.93 54.10 17.95
N ILE D 259 20.86 53.15 17.97
CA ILE D 259 21.02 52.24 16.84
C ILE D 259 19.78 51.39 16.65
N GLY D 260 19.20 50.91 17.74
CA GLY D 260 17.98 50.12 17.63
C GLY D 260 16.86 50.89 16.95
N LYS D 261 16.77 52.19 17.22
CA LYS D 261 15.74 53.02 16.59
C LYS D 261 15.91 53.07 15.09
N LEU D 262 17.14 52.89 14.59
CA LEU D 262 17.46 53.06 13.18
C LEU D 262 17.63 51.75 12.43
N ALA D 263 17.59 50.62 13.12
CA ALA D 263 17.89 49.35 12.47
C ALA D 263 16.78 48.89 11.53
N GLY D 264 15.54 49.35 11.74
CA GLY D 264 14.46 48.87 10.89
C GLY D 264 14.25 47.38 11.08
N MET D 265 14.12 46.64 9.98
CA MET D 265 13.97 45.20 10.08
C MET D 265 15.29 44.46 9.92
N ARG D 266 16.40 45.16 10.02
CA ARG D 266 17.64 44.41 9.89
C ARG D 266 18.08 43.84 11.23
N PRO D 267 18.63 42.63 11.20
CA PRO D 267 19.11 42.02 12.46
C PRO D 267 20.22 42.86 13.07
N ILE D 268 20.24 42.92 14.41
CA ILE D 268 21.27 43.65 15.12
C ILE D 268 21.81 42.83 16.28
N MET D 269 23.02 43.17 16.68
CA MET D 269 23.64 42.67 17.89
C MET D 269 24.17 43.89 18.65
N LEU D 270 23.91 43.92 19.95
CA LEU D 270 24.27 45.05 20.79
C LEU D 270 24.97 44.54 22.04
N GLU D 271 26.14 45.08 22.33
CA GLU D 271 26.89 44.79 23.55
C GLU D 271 27.04 46.13 24.28
N LEU D 272 26.19 46.36 25.28
CA LEU D 272 26.06 47.68 25.90
C LEU D 272 26.59 47.62 27.34
N GLY D 273 26.07 48.48 28.21
CA GLY D 273 26.62 48.60 29.55
C GLY D 273 26.16 47.50 30.50
N GLY D 274 26.82 47.47 31.66
CA GLY D 274 26.45 46.54 32.71
C GLY D 274 26.65 47.16 34.08
N LYS D 275 26.03 46.54 35.07
CA LYS D 275 26.23 46.85 36.48
C LYS D 275 26.29 45.52 37.23
N ASP D 276 27.29 44.71 36.88
CA ASP D 276 27.35 43.34 37.36
C ASP D 276 27.48 43.27 38.88
N SER D 277 26.62 42.45 39.48
CA SER D 277 26.64 42.24 40.92
CA SER D 277 26.63 42.23 40.92
C SER D 277 27.57 41.08 41.26
N ALA D 278 28.25 41.21 42.39
CA ALA D 278 29.01 40.13 43.01
C ALA D 278 28.26 39.80 44.29
N ILE D 279 27.57 38.66 44.32
CA ILE D 279 26.77 38.26 45.47
C ILE D 279 27.63 37.38 46.35
N VAL D 280 27.83 37.81 47.60
CA VAL D 280 28.73 37.14 48.53
C VAL D 280 27.91 36.60 49.69
N LEU D 281 27.78 35.27 49.74
CA LEU D 281 26.99 34.60 50.76
C LEU D 281 27.82 34.41 52.04
N GLU D 282 27.12 34.02 53.11
N GLU D 282 27.14 34.01 53.11
CA GLU D 282 27.76 33.85 54.41
CA GLU D 282 27.83 33.91 54.39
C GLU D 282 28.86 32.81 54.36
C GLU D 282 28.83 32.76 54.44
N ASP D 283 28.70 31.76 53.56
CA ASP D 283 29.68 30.69 53.46
C ASP D 283 30.78 30.97 52.43
N ALA D 284 30.91 32.22 51.98
CA ALA D 284 31.85 32.51 50.90
C ALA D 284 33.30 32.42 51.36
N ASP D 285 34.17 32.05 50.42
CA ASP D 285 35.61 32.19 50.49
C ASP D 285 35.98 33.66 50.36
N LEU D 286 36.07 34.37 51.49
CA LEU D 286 36.21 35.82 51.45
C LEU D 286 37.53 36.24 50.82
N ALA D 287 38.61 35.50 51.05
CA ALA D 287 39.88 35.88 50.46
C ALA D 287 39.82 35.82 48.94
N LEU D 288 39.23 34.75 48.41
CA LEU D 288 39.07 34.63 46.96
C LEU D 288 38.04 35.62 46.43
N ALA D 289 36.96 35.83 47.19
CA ALA D 289 35.96 36.81 46.77
C ALA D 289 36.58 38.20 46.65
N ALA D 290 37.32 38.63 47.67
CA ALA D 290 37.92 39.97 47.62
C ALA D 290 38.90 40.09 46.47
N LYS D 291 39.72 39.06 46.24
CA LYS D 291 40.70 39.08 45.18
C LYS D 291 40.02 39.26 43.82
N ASN D 292 39.02 38.43 43.55
CA ASN D 292 38.31 38.51 42.28
C ASN D 292 37.54 39.81 42.16
N ILE D 293 36.91 40.26 43.25
CA ILE D 293 36.12 41.49 43.19
C ILE D 293 37.00 42.69 42.82
N VAL D 294 38.19 42.78 43.43
CA VAL D 294 39.05 43.94 43.15
C VAL D 294 39.61 43.85 41.72
N ALA D 295 40.05 42.66 41.30
CA ALA D 295 40.58 42.54 39.95
C ALA D 295 39.53 42.88 38.92
N GLY D 296 38.32 42.32 39.10
CA GLY D 296 37.27 42.56 38.14
C GLY D 296 36.76 43.99 38.17
N ALA D 297 36.67 44.59 39.36
CA ALA D 297 36.06 45.91 39.46
C ALA D 297 36.96 47.01 38.90
N PHE D 298 38.27 46.87 39.05
CA PHE D 298 39.18 47.97 38.76
C PHE D 298 40.08 47.72 37.55
N GLY D 299 39.95 46.58 36.88
CA GLY D 299 40.65 46.39 35.63
C GLY D 299 40.35 47.50 34.64
N TYR D 300 41.38 48.09 34.03
CA TYR D 300 41.22 49.21 33.10
C TYR D 300 40.36 50.32 33.72
N SER D 301 40.61 50.59 35.01
CA SER D 301 39.95 51.66 35.75
C SER D 301 38.43 51.51 35.75
N GLY D 302 37.95 50.28 35.62
CA GLY D 302 36.52 50.02 35.61
C GLY D 302 35.81 50.35 34.33
N GLN D 303 36.54 50.54 33.23
CA GLN D 303 35.94 50.91 31.94
C GLN D 303 35.66 49.67 31.11
N ARG D 304 34.88 48.77 31.71
CA ARG D 304 34.50 47.51 31.09
C ARG D 304 33.04 47.23 31.41
N SER D 305 32.30 46.77 30.40
CA SER D 305 30.89 46.44 30.63
CA SER D 305 30.90 46.41 30.60
C SER D 305 30.77 45.29 31.62
N THR D 306 31.76 44.41 31.69
N THR D 306 31.45 44.21 31.24
CA THR D 306 31.70 43.20 32.51
CA THR D 306 31.55 43.03 32.10
C THR D 306 32.44 43.34 33.85
C THR D 306 32.67 43.29 33.11
N ALA D 307 32.77 44.55 34.27
N ALA D 307 32.27 43.67 34.32
CA ALA D 307 33.42 44.71 35.57
CA ALA D 307 33.20 44.02 35.39
C ALA D 307 32.44 44.41 36.69
C ALA D 307 32.37 44.18 36.65
N VAL D 308 32.97 43.84 37.79
CA VAL D 308 32.21 43.83 39.04
C VAL D 308 31.93 45.28 39.43
N LYS D 309 30.64 45.64 39.51
CA LYS D 309 30.26 47.03 39.75
C LYS D 309 29.43 47.25 41.00
N ARG D 310 29.04 46.20 41.71
CA ARG D 310 28.39 46.35 43.01
C ARG D 310 28.51 45.05 43.76
N VAL D 311 28.89 45.13 45.04
CA VAL D 311 29.01 43.98 45.92
C VAL D 311 27.74 43.92 46.76
N LEU D 312 27.02 42.82 46.67
CA LEU D 312 25.85 42.56 47.50
C LEU D 312 26.26 41.49 48.50
N VAL D 313 26.59 41.90 49.73
CA VAL D 313 27.22 41.02 50.71
C VAL D 313 26.31 40.87 51.92
N MET D 314 26.14 39.63 52.38
CA MET D 314 25.34 39.37 53.56
C MET D 314 25.94 40.06 54.78
N ASP D 315 25.06 40.59 55.64
CA ASP D 315 25.51 41.40 56.76
C ASP D 315 26.63 40.72 57.56
N LYS D 316 26.50 39.40 57.79
CA LYS D 316 27.39 38.74 58.73
C LYS D 316 28.85 38.84 58.32
N VAL D 317 29.13 38.79 57.02
CA VAL D 317 30.50 38.77 56.53
C VAL D 317 30.91 40.10 55.91
N ALA D 318 30.05 41.13 55.98
CA ALA D 318 30.34 42.38 55.29
C ALA D 318 31.56 43.09 55.87
N ASP D 319 31.68 43.15 57.21
CA ASP D 319 32.82 43.86 57.79
C ASP D 319 34.13 43.19 57.35
N GLN D 320 34.19 41.86 57.40
CA GLN D 320 35.41 41.16 57.02
C GLN D 320 35.72 41.35 55.53
N LEU D 321 34.70 41.25 54.69
CA LEU D 321 34.95 41.39 53.26
C LEU D 321 35.38 42.82 52.93
N ALA D 322 34.74 43.81 53.53
CA ALA D 322 35.09 45.19 53.22
C ALA D 322 36.54 45.46 53.61
N ALA D 323 36.96 44.94 54.77
CA ALA D 323 38.34 45.14 55.20
C ALA D 323 39.33 44.56 54.19
N GLU D 324 39.05 43.37 53.67
CA GLU D 324 40.00 42.73 52.75
C GLU D 324 39.99 43.41 51.38
N ILE D 325 38.82 43.81 50.89
CA ILE D 325 38.76 44.55 49.64
C ILE D 325 39.55 45.85 49.79
N LYS D 326 39.34 46.57 50.89
CA LYS D 326 40.07 47.80 51.15
CA LYS D 326 40.07 47.80 51.15
C LYS D 326 41.57 47.60 51.02
N THR D 327 42.09 46.54 51.66
CA THR D 327 43.52 46.29 51.63
C THR D 327 44.03 46.11 50.21
N LEU D 328 43.28 45.38 49.38
CA LEU D 328 43.70 45.12 48.01
C LEU D 328 43.55 46.36 47.12
N VAL D 329 42.53 47.19 47.35
CA VAL D 329 42.40 48.44 46.59
C VAL D 329 43.59 49.35 46.88
N GLU D 330 44.05 49.38 48.14
CA GLU D 330 45.18 50.23 48.49
C GLU D 330 46.47 49.79 47.83
N LYS D 331 46.53 48.56 47.32
CA LYS D 331 47.71 48.04 46.63
C LYS D 331 47.74 48.37 45.15
N LEU D 332 46.65 48.87 44.59
CA LEU D 332 46.60 49.17 43.16
C LEU D 332 47.43 50.40 42.84
N SER D 333 48.24 50.30 41.79
CA SER D 333 49.03 51.45 41.34
C SER D 333 48.13 52.41 40.57
N VAL D 334 48.42 53.70 40.72
CA VAL D 334 47.65 54.77 40.08
C VAL D 334 48.63 55.61 39.29
N GLY D 335 48.46 55.63 37.97
CA GLY D 335 49.45 56.30 37.15
C GLY D 335 49.26 56.21 35.66
N MET D 336 50.40 56.20 34.91
CA MET D 336 50.33 56.38 33.46
CA MET D 336 50.36 56.38 33.46
C MET D 336 50.30 55.04 32.73
N PRO D 337 49.69 55.04 31.54
CA PRO D 337 49.72 53.80 30.73
C PRO D 337 51.11 53.25 30.52
N GLU D 338 52.08 54.11 30.18
CA GLU D 338 53.41 53.61 29.84
C GLU D 338 54.06 52.91 31.03
N ASP D 339 53.60 53.18 32.25
CA ASP D 339 54.12 52.53 33.44
C ASP D 339 53.30 51.33 33.86
N ASP D 340 52.30 50.94 33.06
CA ASP D 340 51.47 49.77 33.33
C ASP D 340 50.75 49.90 34.66
N ALA D 341 50.31 51.11 34.99
CA ALA D 341 49.53 51.32 36.20
C ALA D 341 48.23 50.51 36.15
N ASP D 342 47.81 50.02 37.31
CA ASP D 342 46.49 49.38 37.41
C ASP D 342 45.38 50.35 37.05
N ILE D 343 45.40 51.53 37.65
CA ILE D 343 44.42 52.58 37.43
C ILE D 343 45.06 53.65 36.56
N THR D 344 44.57 53.78 35.33
CA THR D 344 45.03 54.78 34.38
C THR D 344 44.01 55.90 34.22
N PRO D 345 44.37 56.99 33.54
CA PRO D 345 43.40 58.07 33.35
C PRO D 345 42.23 57.61 32.52
N LEU D 346 41.04 58.12 32.85
CA LEU D 346 39.83 57.77 32.13
C LEU D 346 39.86 58.36 30.72
N ILE D 347 38.94 57.88 29.88
CA ILE D 347 39.03 58.13 28.45
C ILE D 347 38.90 59.61 28.11
N ASP D 348 38.09 60.37 28.86
CA ASP D 348 37.97 61.81 28.61
C ASP D 348 37.43 62.51 29.85
N THR D 349 37.32 63.85 29.76
CA THR D 349 36.96 64.66 30.92
C THR D 349 35.51 64.44 31.33
N SER D 350 34.61 64.29 30.36
CA SER D 350 33.22 63.97 30.67
CA SER D 350 33.22 63.97 30.67
C SER D 350 33.12 62.71 31.51
N ALA D 351 33.90 61.68 31.17
CA ALA D 351 33.85 60.43 31.93
C ALA D 351 34.26 60.66 33.38
N ALA D 352 35.37 61.39 33.58
CA ALA D 352 35.83 61.68 34.93
C ALA D 352 34.85 62.57 35.67
N ASP D 353 34.25 63.55 35.00
CA ASP D 353 33.27 64.39 35.66
C ASP D 353 32.09 63.54 36.15
N PHE D 354 31.61 62.62 35.31
CA PHE D 354 30.49 61.77 35.70
C PHE D 354 30.84 60.90 36.90
N VAL D 355 32.04 60.32 36.90
CA VAL D 355 32.45 59.48 38.02
C VAL D 355 32.56 60.31 39.29
N GLU D 356 33.14 61.51 39.20
CA GLU D 356 33.24 62.36 40.38
C GLU D 356 31.86 62.64 40.95
N GLY D 357 30.86 62.84 40.07
CA GLY D 357 29.52 63.13 40.52
C GLY D 357 28.89 61.98 41.29
N LEU D 358 29.09 60.75 40.82
CA LEU D 358 28.60 59.59 41.55
C LEU D 358 29.26 59.50 42.92
N ILE D 359 30.55 59.81 43.00
CA ILE D 359 31.27 59.76 44.26
C ILE D 359 30.70 60.81 45.23
N LYS D 360 30.43 62.02 44.74
CA LYS D 360 29.94 63.05 45.64
C LYS D 360 28.55 62.70 46.17
N ASP D 361 27.67 62.17 45.31
CA ASP D 361 26.35 61.75 45.77
C ASP D 361 26.45 60.70 46.87
N ALA D 362 27.34 59.72 46.70
CA ALA D 362 27.50 58.69 47.72
C ALA D 362 28.02 59.31 49.01
N THR D 363 29.02 60.18 48.91
CA THR D 363 29.55 60.85 50.10
C THR D 363 28.46 61.63 50.81
N ASP D 364 27.74 62.48 50.07
CA ASP D 364 26.75 63.35 50.68
C ASP D 364 25.58 62.58 51.30
N LYS D 365 25.32 61.35 50.85
CA LYS D 365 24.25 60.54 51.41
C LYS D 365 24.71 59.61 52.52
N GLY D 366 25.98 59.67 52.92
CA GLY D 366 26.44 58.98 54.10
C GLY D 366 27.24 57.71 53.88
N ALA D 367 27.68 57.44 52.66
CA ALA D 367 28.49 56.27 52.43
C ALA D 367 29.87 56.43 53.06
N THR D 368 30.46 55.31 53.44
CA THR D 368 31.79 55.27 54.06
C THR D 368 32.82 55.12 52.96
N ALA D 369 33.66 56.14 52.80
CA ALA D 369 34.78 56.08 51.86
C ALA D 369 35.90 55.29 52.53
N LEU D 370 36.08 54.04 52.12
CA LEU D 370 37.15 53.22 52.68
C LEU D 370 38.51 53.53 52.05
N THR D 371 38.52 54.05 50.83
CA THR D 371 39.73 54.57 50.19
C THR D 371 39.44 55.97 49.67
N ALA D 372 40.48 56.78 49.57
CA ALA D 372 40.32 58.22 49.37
C ALA D 372 40.17 58.57 47.90
N PHE D 373 39.24 59.48 47.63
CA PHE D 373 39.08 60.01 46.29
C PHE D 373 40.10 61.11 46.04
N ASN D 374 40.81 61.01 44.93
CA ASN D 374 41.69 62.06 44.46
C ASN D 374 41.59 62.08 42.94
N ARG D 375 41.60 63.28 42.36
CA ARG D 375 41.50 63.44 40.91
C ARG D 375 42.58 64.40 40.44
N GLU D 376 43.40 63.92 39.51
CA GLU D 376 44.50 64.67 38.90
C GLU D 376 44.26 64.63 37.39
N GLY D 377 43.81 65.73 36.82
CA GLY D 377 43.36 65.70 35.44
C GLY D 377 42.15 64.79 35.35
N ASN D 378 42.26 63.73 34.54
CA ASN D 378 41.22 62.72 34.48
C ASN D 378 41.66 61.41 35.10
N LEU D 379 42.71 61.44 35.93
CA LEU D 379 43.18 60.27 36.64
C LEU D 379 42.55 60.27 38.04
N ILE D 380 41.59 59.36 38.24
CA ILE D 380 40.86 59.26 39.50
C ILE D 380 41.42 58.07 40.28
N SER D 381 41.74 58.29 41.54
CA SER D 381 42.18 57.20 42.40
CA SER D 381 42.18 57.20 42.39
C SER D 381 41.04 56.21 42.61
N PRO D 382 41.35 54.95 42.89
CA PRO D 382 40.29 53.95 43.09
C PRO D 382 39.57 54.16 44.41
N VAL D 383 38.26 54.35 44.34
CA VAL D 383 37.44 54.68 45.50
C VAL D 383 36.55 53.49 45.84
N LEU D 384 36.67 53.02 47.08
CA LEU D 384 35.81 51.97 47.60
C LEU D 384 34.84 52.59 48.61
N PHE D 385 33.56 52.30 48.45
CA PHE D 385 32.53 52.78 49.36
C PHE D 385 31.85 51.58 50.04
N ASP D 386 31.57 51.73 51.34
CA ASP D 386 30.79 50.77 52.11
C ASP D 386 29.51 51.47 52.57
N HIS D 387 28.54 50.66 53.00
CA HIS D 387 27.26 51.19 53.48
C HIS D 387 26.59 52.01 52.38
N VAL D 388 26.73 51.56 51.15
CA VAL D 388 25.98 52.15 50.05
C VAL D 388 24.54 51.66 50.12
N THR D 389 23.61 52.56 49.89
CA THR D 389 22.20 52.26 49.95
C THR D 389 21.57 52.58 48.61
N THR D 390 20.37 52.04 48.39
CA THR D 390 19.74 52.10 47.08
C THR D 390 19.21 53.48 46.74
N ASP D 391 19.21 54.43 47.68
CA ASP D 391 18.90 55.81 47.31
C ASP D 391 20.08 56.52 46.67
N MET D 392 21.24 55.88 46.57
CA MET D 392 22.46 56.49 46.04
C MET D 392 22.61 56.13 44.58
N ARG D 393 23.05 57.12 43.78
CA ARG D 393 23.19 56.90 42.34
C ARG D 393 24.19 55.78 42.04
N LEU D 394 25.25 55.69 42.85
CA LEU D 394 26.28 54.69 42.63
C LEU D 394 25.75 53.27 42.82
N ALA D 395 24.59 53.10 43.47
CA ALA D 395 24.02 51.76 43.57
C ALA D 395 23.58 51.24 42.21
N TRP D 396 23.35 52.13 41.25
CA TRP D 396 22.66 51.77 40.01
C TRP D 396 23.40 52.18 38.75
N GLU D 397 23.91 53.42 38.71
CA GLU D 397 24.44 53.94 37.46
C GLU D 397 25.82 53.37 37.17
N GLU D 398 26.05 53.04 35.89
CA GLU D 398 27.31 52.46 35.44
C GLU D 398 28.36 53.56 35.40
N PRO D 399 29.38 53.54 36.26
CA PRO D 399 30.30 54.67 36.29
C PRO D 399 31.23 54.73 35.08
N PHE D 400 31.69 53.57 34.61
CA PHE D 400 32.86 53.48 33.73
C PHE D 400 34.03 54.26 34.32
N GLY D 401 34.30 54.00 35.60
CA GLY D 401 35.39 54.59 36.32
C GLY D 401 35.71 53.77 37.55
N PRO D 402 36.81 54.09 38.24
CA PRO D 402 37.30 53.25 39.34
C PRO D 402 36.63 53.54 40.68
N VAL D 403 35.33 53.25 40.78
CA VAL D 403 34.59 53.40 42.02
C VAL D 403 33.72 52.18 42.19
N LEU D 404 33.74 51.61 43.40
CA LEU D 404 33.02 50.37 43.68
C LEU D 404 32.21 50.51 44.96
N PRO D 405 30.88 50.30 44.90
CA PRO D 405 30.06 50.27 46.11
C PRO D 405 29.89 48.87 46.70
N ILE D 406 29.92 48.83 48.03
CA ILE D 406 29.53 47.65 48.79
C ILE D 406 28.14 47.92 49.37
N ILE D 407 27.18 47.08 48.98
CA ILE D 407 25.80 47.17 49.45
C ILE D 407 25.55 45.99 50.38
N ARG D 408 25.29 46.28 51.64
CA ARG D 408 25.01 45.24 52.62
C ARG D 408 23.56 44.81 52.50
N VAL D 409 23.35 43.50 52.35
CA VAL D 409 22.03 42.93 52.20
C VAL D 409 21.83 41.90 53.31
N THR D 410 20.56 41.62 53.62
CA THR D 410 20.29 40.69 54.70
C THR D 410 20.12 39.26 54.21
N THR D 411 19.64 39.06 52.98
CA THR D 411 19.38 37.71 52.49
C THR D 411 19.78 37.58 51.02
N VAL D 412 19.90 36.33 50.57
CA VAL D 412 20.11 36.09 49.15
C VAL D 412 18.89 36.54 48.35
N GLU D 413 17.68 36.40 48.92
CA GLU D 413 16.49 36.88 48.22
C GLU D 413 16.57 38.40 48.00
N GLU D 414 17.07 39.13 49.00
CA GLU D 414 17.23 40.57 48.83
C GLU D 414 18.31 40.88 47.77
N ALA D 415 19.40 40.11 47.76
CA ALA D 415 20.44 40.33 46.76
C ALA D 415 19.92 40.07 45.35
N ILE D 416 19.11 39.02 45.17
CA ILE D 416 18.48 38.79 43.87
C ILE D 416 17.57 39.96 43.51
N LYS D 417 16.75 40.41 44.46
CA LYS D 417 15.81 41.50 44.20
C LYS D 417 16.56 42.75 43.75
N ILE D 418 17.59 43.15 44.51
CA ILE D 418 18.36 44.35 44.18
C ILE D 418 19.13 44.16 42.87
N SER D 419 19.69 42.98 42.66
CA SER D 419 20.43 42.74 41.41
C SER D 419 19.52 42.90 40.20
N ASN D 420 18.33 42.29 40.25
CA ASN D 420 17.40 42.33 39.13
C ASN D 420 16.72 43.68 38.97
N GLU D 421 16.70 44.52 40.02
CA GLU D 421 16.08 45.84 39.88
CA GLU D 421 16.09 45.85 39.89
C GLU D 421 16.86 46.74 38.94
N SER D 422 18.12 46.40 38.64
CA SER D 422 18.91 47.15 37.68
C SER D 422 18.28 47.05 36.30
N GLU D 423 18.40 48.13 35.53
CA GLU D 423 18.07 48.08 34.11
C GLU D 423 19.11 47.29 33.32
N TYR D 424 20.26 47.03 33.92
CA TYR D 424 21.32 46.25 33.28
C TYR D 424 21.15 44.78 33.64
N GLY D 425 21.76 43.93 32.83
CA GLY D 425 21.61 42.50 33.00
C GLY D 425 22.66 41.71 32.25
N LEU D 426 23.92 42.06 32.43
CA LEU D 426 25.02 41.43 31.68
C LEU D 426 25.47 40.14 32.38
N GLN D 427 26.21 40.27 33.49
CA GLN D 427 26.68 39.10 34.20
C GLN D 427 26.53 39.28 35.71
N ALA D 428 26.76 38.20 36.44
CA ALA D 428 26.80 38.21 37.89
C ALA D 428 27.85 37.22 38.36
N SER D 429 28.41 37.47 39.55
CA SER D 429 29.24 36.51 40.25
C SER D 429 28.51 36.06 41.52
N ILE D 430 28.67 34.79 41.87
CA ILE D 430 28.21 34.29 43.17
C ILE D 430 29.40 33.65 43.86
N PHE D 431 29.65 34.06 45.10
CA PHE D 431 30.69 33.48 45.93
C PHE D 431 30.01 32.71 47.05
N THR D 432 30.15 31.40 47.01
CA THR D 432 29.53 30.51 47.95
C THR D 432 30.19 29.15 47.79
N THR D 433 30.09 28.33 48.83
CA THR D 433 30.56 26.96 48.78
C THR D 433 29.44 25.98 48.44
N ASN D 434 28.21 26.46 48.27
CA ASN D 434 27.04 25.61 48.02
C ASN D 434 26.66 25.76 46.56
N PHE D 435 27.13 24.82 45.74
CA PHE D 435 26.94 25.01 44.30
CA PHE D 435 26.96 24.95 44.27
C PHE D 435 25.51 24.71 43.85
N PRO D 436 24.82 23.68 44.34
CA PRO D 436 23.41 23.52 43.93
C PRO D 436 22.55 24.73 44.26
N LYS D 437 22.81 25.36 45.41
CA LYS D 437 22.12 26.59 45.75
C LYS D 437 22.52 27.72 44.81
N ALA D 438 23.81 27.79 44.46
CA ALA D 438 24.30 28.80 43.52
C ALA D 438 23.62 28.67 42.17
N PHE D 439 23.36 27.43 41.73
CA PHE D 439 22.67 27.25 40.46
CA PHE D 439 22.66 27.24 40.46
C PHE D 439 21.23 27.75 40.54
N GLY D 440 20.56 27.51 41.66
CA GLY D 440 19.21 28.02 41.82
C GLY D 440 19.17 29.54 41.89
N ILE D 441 20.18 30.15 42.50
CA ILE D 441 20.28 31.61 42.47
C ILE D 441 20.47 32.07 41.04
N ALA D 442 21.40 31.45 40.32
CA ALA D 442 21.68 31.82 38.94
C ALA D 442 20.42 31.80 38.08
N GLU D 443 19.58 30.78 38.28
CA GLU D 443 18.34 30.71 37.51
C GLU D 443 17.49 31.95 37.70
N GLN D 444 17.56 32.57 38.89
CA GLN D 444 16.73 33.72 39.19
C GLN D 444 17.35 35.05 38.76
N LEU D 445 18.64 35.08 38.44
CA LEU D 445 19.31 36.32 38.07
C LEU D 445 19.06 36.63 36.59
N GLU D 446 18.65 37.87 36.32
CA GLU D 446 18.33 38.34 34.97
C GLU D 446 19.62 38.85 34.31
N VAL D 447 20.46 37.89 33.95
CA VAL D 447 21.76 38.14 33.34
C VAL D 447 22.01 37.05 32.30
N GLY D 448 23.02 37.28 31.47
CA GLY D 448 23.41 36.30 30.49
C GLY D 448 24.29 35.20 31.05
N THR D 449 25.26 35.57 31.89
CA THR D 449 26.22 34.62 32.44
C THR D 449 26.38 34.84 33.94
N VAL D 450 26.44 33.74 34.68
CA VAL D 450 26.77 33.77 36.11
C VAL D 450 28.06 32.99 36.30
N HIS D 451 29.04 33.63 36.93
CA HIS D 451 30.32 33.01 37.25
C HIS D 451 30.35 32.63 38.72
N LEU D 452 30.65 31.36 38.99
CA LEU D 452 30.69 30.87 40.36
C LEU D 452 32.12 30.97 40.88
N ASN D 453 32.29 31.71 41.98
CA ASN D 453 33.58 31.86 42.66
C ASN D 453 34.66 32.38 41.71
N ASN D 454 34.27 33.33 40.86
CA ASN D 454 35.18 34.01 39.95
C ASN D 454 34.55 35.36 39.59
N LYS D 455 35.40 36.34 39.28
CA LYS D 455 34.89 37.59 38.73
C LYS D 455 34.13 37.32 37.43
N THR D 456 33.23 38.25 37.09
CA THR D 456 32.59 38.22 35.79
C THR D 456 33.63 38.49 34.70
N GLN D 457 33.39 37.95 33.51
CA GLN D 457 34.33 38.11 32.40
C GLN D 457 33.68 37.66 31.10
N ARG D 458 34.19 38.20 29.98
CA ARG D 458 33.68 37.80 28.67
C ARG D 458 34.13 36.38 28.32
N GLY D 459 35.35 36.00 28.70
CA GLY D 459 35.95 34.77 28.22
C GLY D 459 35.47 33.54 28.95
N THR D 460 35.96 32.38 28.50
CA THR D 460 36.81 32.20 27.32
C THR D 460 35.96 32.50 26.09
N ASP D 461 36.60 32.84 24.98
CA ASP D 461 35.85 33.44 23.87
C ASP D 461 35.00 32.45 23.10
N ASN D 462 35.13 31.14 23.37
CA ASN D 462 34.19 30.16 22.82
C ASN D 462 32.88 30.12 23.61
N PHE D 463 32.88 30.63 24.84
CA PHE D 463 31.67 30.63 25.66
C PHE D 463 30.69 31.69 25.14
N PRO D 464 29.39 31.52 25.42
CA PRO D 464 28.45 32.58 25.07
C PRO D 464 28.70 33.85 25.88
N PHE D 465 28.53 34.98 25.22
CA PHE D 465 28.57 36.29 25.84
C PHE D 465 27.33 37.06 25.42
N LEU D 466 26.50 37.44 26.40
CA LEU D 466 25.24 38.08 26.09
C LEU D 466 24.76 38.85 27.31
N GLY D 467 23.99 39.90 27.06
CA GLY D 467 23.37 40.66 28.13
C GLY D 467 21.89 40.83 27.88
N ALA D 468 21.13 40.80 28.96
CA ALA D 468 19.69 41.01 28.95
C ALA D 468 19.37 42.48 29.15
N LYS D 469 18.10 42.83 28.93
CA LYS D 469 17.58 44.15 29.31
C LYS D 469 18.41 45.22 28.57
N LYS D 470 18.82 46.29 29.24
CA LYS D 470 19.55 47.37 28.59
C LYS D 470 21.01 47.03 28.35
N SER D 471 21.44 45.81 28.64
CA SER D 471 22.82 45.43 28.37
C SER D 471 23.02 44.93 26.95
N GLY D 472 21.98 44.68 26.18
CA GLY D 472 22.17 44.44 24.75
C GLY D 472 21.15 43.48 24.17
N ALA D 473 21.57 42.85 23.08
CA ALA D 473 20.74 41.98 22.27
C ALA D 473 21.66 41.08 21.46
N GLY D 474 21.24 39.83 21.28
CA GLY D 474 22.04 38.87 20.55
C GLY D 474 23.06 38.17 21.43
N VAL D 475 23.61 37.08 20.91
CA VAL D 475 24.55 36.23 21.65
C VAL D 475 25.86 36.19 20.86
N GLN D 476 26.96 36.55 21.52
CA GLN D 476 28.30 36.43 20.96
C GLN D 476 29.07 35.35 21.74
N GLY D 477 30.39 35.45 21.78
CA GLY D 477 31.22 34.27 21.76
C GLY D 477 31.24 33.67 20.36
N VAL D 478 32.27 32.88 20.06
CA VAL D 478 32.63 32.72 18.65
C VAL D 478 31.53 32.03 17.85
N LYS D 479 31.17 30.80 18.22
CA LYS D 479 30.20 30.10 17.36
C LYS D 479 28.86 30.81 17.36
N TYR D 480 28.48 31.44 18.48
CA TYR D 480 27.22 32.18 18.52
C TYR D 480 27.22 33.38 17.59
N SER D 481 28.34 34.11 17.53
CA SER D 481 28.41 35.27 16.64
CA SER D 481 28.40 35.27 16.64
C SER D 481 28.30 34.83 15.18
N ILE D 482 28.89 33.68 14.84
CA ILE D 482 28.80 33.19 13.47
C ILE D 482 27.36 32.82 13.14
N GLU D 483 26.69 32.10 14.04
CA GLU D 483 25.29 31.77 13.82
C GLU D 483 24.45 33.03 13.59
N ALA D 484 24.73 34.09 14.36
CA ALA D 484 23.93 35.30 14.25
C ALA D 484 24.06 35.97 12.88
N MET D 485 25.25 35.93 12.30
CA MET D 485 25.52 36.56 11.01
C MET D 485 25.43 35.57 9.84
N THR D 486 24.70 34.48 10.02
N THR D 486 24.65 34.51 10.00
CA THR D 486 24.33 33.61 8.93
CA THR D 486 24.36 33.58 8.92
C THR D 486 22.82 33.46 8.88
C THR D 486 22.88 33.25 8.92
N THR D 487 22.33 33.11 7.72
CA THR D 487 20.94 32.70 7.52
C THR D 487 20.99 31.32 6.86
N VAL D 488 19.84 30.85 6.39
CA VAL D 488 19.78 29.55 5.73
C VAL D 488 19.07 29.71 4.39
N LYS D 489 19.30 28.73 3.52
CA LYS D 489 18.62 28.58 2.24
C LYS D 489 18.17 27.14 2.18
N SER D 490 16.88 26.92 2.04
CA SER D 490 16.30 25.58 1.96
CA SER D 490 16.34 25.57 1.96
C SER D 490 15.94 25.25 0.53
N VAL D 491 16.29 24.04 0.09
CA VAL D 491 15.91 23.53 -1.22
C VAL D 491 15.10 22.26 -0.95
N VAL D 492 13.86 22.25 -1.42
CA VAL D 492 12.88 21.21 -1.08
C VAL D 492 12.54 20.44 -2.35
N PHE D 493 12.56 19.11 -2.26
CA PHE D 493 12.17 18.31 -3.41
C PHE D 493 11.60 16.98 -2.95
N ASP D 494 10.92 16.31 -3.87
CA ASP D 494 10.28 15.02 -3.60
C ASP D 494 11.15 13.90 -4.15
N ILE D 495 11.46 12.92 -3.29
CA ILE D 495 12.11 11.70 -3.75
C ILE D 495 11.11 10.87 -4.56
N GLN D 496 11.62 10.21 -5.60
CA GLN D 496 10.80 9.34 -6.44
C GLN D 496 11.23 7.88 -6.29
N ALA E 23 -38.38 6.89 -60.03
CA ALA E 23 -38.58 7.53 -58.73
C ALA E 23 -39.77 6.91 -58.01
N LYS E 24 -39.52 5.82 -57.28
CA LYS E 24 -40.58 5.14 -56.57
C LYS E 24 -40.98 5.93 -55.32
N GLN E 25 -42.19 5.65 -54.84
CA GLN E 25 -42.76 6.28 -53.65
C GLN E 25 -42.88 5.21 -52.57
N TYR E 26 -42.12 5.37 -51.50
CA TYR E 26 -42.03 4.33 -50.48
C TYR E 26 -43.06 4.53 -49.38
N LYS E 27 -43.35 3.45 -48.67
CA LYS E 27 -44.39 3.42 -47.66
C LYS E 27 -43.83 2.81 -46.38
N ASN E 28 -44.44 3.18 -45.26
CA ASN E 28 -44.10 2.58 -43.97
C ASN E 28 -44.87 1.29 -43.75
N LEU E 29 -44.18 0.27 -43.24
CA LEU E 29 -44.83 -0.96 -42.81
C LEU E 29 -45.53 -0.68 -41.49
N VAL E 30 -46.86 -0.71 -41.49
CA VAL E 30 -47.66 -0.41 -40.30
C VAL E 30 -48.75 -1.46 -40.20
N ASN E 31 -48.66 -2.32 -39.19
CA ASN E 31 -49.68 -3.33 -38.90
C ASN E 31 -49.94 -4.22 -40.11
N GLY E 32 -48.85 -4.70 -40.70
CA GLY E 32 -48.92 -5.66 -41.78
C GLY E 32 -49.25 -5.11 -43.16
N GLU E 33 -49.27 -3.79 -43.32
CA GLU E 33 -49.61 -3.18 -44.61
C GLU E 33 -48.66 -2.03 -44.88
N TRP E 34 -48.68 -1.55 -46.13
CA TRP E 34 -47.80 -0.49 -46.59
C TRP E 34 -48.59 0.82 -46.66
N LYS E 35 -48.23 1.77 -45.80
CA LYS E 35 -49.01 2.97 -45.55
C LYS E 35 -48.29 4.23 -46.06
N LEU E 36 -49.04 5.11 -46.70
CA LEU E 36 -48.58 6.43 -47.10
C LEU E 36 -49.07 7.49 -46.12
N SER E 37 -48.42 8.65 -46.15
CA SER E 37 -48.82 9.80 -45.34
C SER E 37 -49.21 10.94 -46.28
N GLU E 38 -49.85 11.97 -45.71
CA GLU E 38 -50.34 13.07 -46.51
CA GLU E 38 -50.34 13.06 -46.54
C GLU E 38 -49.19 13.90 -47.09
N ASN E 39 -48.06 13.93 -46.41
CA ASN E 39 -46.87 14.63 -46.88
C ASN E 39 -45.72 13.63 -46.96
N GLU E 40 -44.74 13.94 -47.81
CA GLU E 40 -43.61 13.05 -48.04
C GLU E 40 -42.34 13.86 -48.17
N ILE E 41 -41.21 13.16 -48.22
CA ILE E 41 -39.88 13.76 -48.29
C ILE E 41 -39.15 13.10 -49.44
N THR E 42 -38.70 13.92 -50.39
CA THR E 42 -37.93 13.39 -51.51
C THR E 42 -36.48 13.16 -51.07
N ILE E 43 -35.91 12.04 -51.52
CA ILE E 43 -34.56 11.65 -51.15
CA ILE E 43 -34.56 11.63 -51.16
C ILE E 43 -33.69 11.65 -52.41
N TYR E 44 -32.50 12.21 -52.28
CA TYR E 44 -31.55 12.30 -53.39
C TYR E 44 -30.26 11.58 -53.01
N ALA E 45 -29.59 11.03 -54.02
CA ALA E 45 -28.29 10.41 -53.79
C ALA E 45 -27.24 11.48 -53.48
N PRO E 46 -26.55 11.39 -52.33
CA PRO E 46 -25.57 12.44 -52.02
C PRO E 46 -24.47 12.62 -53.05
N ALA E 47 -24.07 11.57 -53.77
CA ALA E 47 -22.92 11.71 -54.66
C ALA E 47 -23.28 12.35 -56.00
N THR E 48 -24.53 12.22 -56.42
CA THR E 48 -24.96 12.62 -57.76
C THR E 48 -26.12 13.60 -57.79
N GLY E 49 -26.92 13.71 -56.72
CA GLY E 49 -28.13 14.49 -56.75
C GLY E 49 -29.32 13.78 -57.38
N GLU E 50 -29.13 12.57 -57.88
CA GLU E 50 -30.21 11.80 -58.48
C GLU E 50 -31.37 11.63 -57.50
N GLU E 51 -32.58 11.91 -57.97
CA GLU E 51 -33.77 11.67 -57.18
C GLU E 51 -34.01 10.16 -57.07
N LEU E 52 -34.07 9.65 -55.84
CA LEU E 52 -34.21 8.22 -55.60
C LEU E 52 -35.62 7.81 -55.25
N GLY E 53 -36.42 8.71 -54.70
CA GLY E 53 -37.76 8.39 -54.29
C GLY E 53 -38.18 9.28 -53.14
N SER E 54 -39.37 9.02 -52.62
CA SER E 54 -39.89 9.75 -51.48
C SER E 54 -40.25 8.77 -50.37
N VAL E 55 -40.24 9.28 -49.14
CA VAL E 55 -40.68 8.51 -47.98
C VAL E 55 -41.71 9.32 -47.25
N PRO E 56 -42.59 8.69 -46.48
CA PRO E 56 -43.66 9.45 -45.81
C PRO E 56 -43.12 10.37 -44.74
N ALA E 57 -43.82 11.48 -44.52
CA ALA E 57 -43.56 12.41 -43.42
C ALA E 57 -44.71 12.24 -42.42
N MET E 58 -44.53 11.32 -41.47
CA MET E 58 -45.63 10.95 -40.58
C MET E 58 -45.98 12.07 -39.61
N THR E 59 -47.26 12.15 -39.29
CA THR E 59 -47.71 13.03 -38.22
C THR E 59 -47.56 12.34 -36.86
N GLN E 60 -47.70 13.12 -35.79
CA GLN E 60 -47.65 12.52 -34.46
C GLN E 60 -48.81 11.56 -34.26
N ALA E 61 -49.99 11.89 -34.77
CA ALA E 61 -51.12 10.97 -34.69
C ALA E 61 -50.80 9.65 -35.38
N GLU E 62 -50.05 9.69 -36.49
CA GLU E 62 -49.69 8.45 -37.18
C GLU E 62 -48.71 7.63 -36.36
N VAL E 63 -47.80 8.30 -35.64
CA VAL E 63 -46.95 7.58 -34.69
C VAL E 63 -47.82 6.89 -33.64
N ASP E 64 -48.81 7.60 -33.11
CA ASP E 64 -49.70 6.99 -32.11
C ASP E 64 -50.30 5.70 -32.63
N ALA E 65 -50.65 5.66 -33.92
CA ALA E 65 -51.29 4.48 -34.48
C ALA E 65 -50.29 3.35 -34.68
N VAL E 66 -49.07 3.68 -35.09
CA VAL E 66 -48.02 2.66 -35.16
C VAL E 66 -47.85 2.00 -33.79
N TYR E 67 -47.72 2.82 -32.75
CA TYR E 67 -47.47 2.27 -31.41
C TYR E 67 -48.67 1.48 -30.91
N ALA E 68 -49.88 2.00 -31.15
CA ALA E 68 -51.09 1.28 -30.73
C ALA E 68 -51.16 -0.08 -31.39
N SER E 69 -50.73 -0.17 -32.66
N SER E 69 -50.75 -0.16 -32.67
CA SER E 69 -50.74 -1.46 -33.35
CA SER E 69 -50.74 -1.44 -33.37
C SER E 69 -49.69 -2.40 -32.78
C SER E 69 -49.71 -2.39 -32.76
N ALA E 70 -48.50 -1.88 -32.46
CA ALA E 70 -47.45 -2.74 -31.93
C ALA E 70 -47.84 -3.31 -30.58
N LYS E 71 -48.41 -2.49 -29.69
CA LYS E 71 -48.74 -2.97 -28.36
C LYS E 71 -49.86 -4.00 -28.42
N LYS E 72 -50.84 -3.80 -29.31
CA LYS E 72 -51.89 -4.80 -29.49
C LYS E 72 -51.31 -6.12 -29.96
N ALA E 73 -50.28 -6.08 -30.81
CA ALA E 73 -49.69 -7.29 -31.36
C ALA E 73 -48.80 -8.02 -30.35
N LEU E 74 -48.31 -7.31 -29.34
CA LEU E 74 -47.36 -7.89 -28.40
C LEU E 74 -47.96 -9.09 -27.68
N SER E 75 -49.25 -9.05 -27.38
CA SER E 75 -49.86 -10.10 -26.58
C SER E 75 -49.71 -11.47 -27.25
N ASP E 76 -50.08 -11.56 -28.53
CA ASP E 76 -49.99 -12.85 -29.21
C ASP E 76 -48.56 -13.18 -29.61
N TRP E 77 -47.71 -12.16 -29.81
CA TRP E 77 -46.34 -12.42 -30.24
C TRP E 77 -45.52 -13.02 -29.11
N ARG E 78 -45.69 -12.49 -27.89
CA ARG E 78 -44.85 -12.92 -26.78
C ARG E 78 -45.21 -14.30 -26.29
N THR E 79 -46.45 -14.75 -26.52
CA THR E 79 -46.87 -16.08 -26.12
C THR E 79 -46.55 -17.15 -27.16
N LEU E 80 -46.11 -16.77 -28.35
CA LEU E 80 -45.60 -17.76 -29.29
C LEU E 80 -44.40 -18.48 -28.67
N SER E 81 -44.09 -19.65 -29.22
CA SER E 81 -42.84 -20.32 -28.84
C SER E 81 -41.65 -19.60 -29.46
N TYR E 82 -40.48 -19.82 -28.85
CA TYR E 82 -39.24 -19.32 -29.44
C TYR E 82 -39.06 -19.85 -30.85
N VAL E 83 -39.33 -21.14 -31.08
CA VAL E 83 -39.09 -21.71 -32.40
CA VAL E 83 -39.08 -21.71 -32.40
C VAL E 83 -39.97 -21.03 -33.44
N GLU E 84 -41.20 -20.68 -33.06
CA GLU E 84 -42.11 -20.02 -33.99
C GLU E 84 -41.63 -18.61 -34.32
N ARG E 85 -41.13 -17.88 -33.34
CA ARG E 85 -40.61 -16.55 -33.65
C ARG E 85 -39.38 -16.65 -34.55
N ALA E 86 -38.51 -17.63 -34.29
CA ALA E 86 -37.30 -17.77 -35.09
C ALA E 86 -37.61 -18.02 -36.56
N ALA E 87 -38.67 -18.77 -36.84
CA ALA E 87 -38.99 -19.10 -38.24
C ALA E 87 -39.12 -17.85 -39.10
N TYR E 88 -39.80 -16.83 -38.59
CA TYR E 88 -39.95 -15.59 -39.35
C TYR E 88 -38.60 -14.94 -39.63
N LEU E 89 -37.72 -14.91 -38.64
CA LEU E 89 -36.43 -14.26 -38.83
C LEU E 89 -35.60 -15.00 -39.86
N HIS E 90 -35.60 -16.33 -39.82
CA HIS E 90 -34.85 -17.07 -40.84
C HIS E 90 -35.37 -16.77 -42.24
N LYS E 91 -36.70 -16.76 -42.40
CA LYS E 91 -37.28 -16.43 -43.70
C LYS E 91 -36.90 -15.03 -44.14
N ALA E 92 -36.94 -14.07 -43.21
CA ALA E 92 -36.55 -12.70 -43.53
C ALA E 92 -35.11 -12.64 -44.00
N ALA E 93 -34.22 -13.40 -43.35
CA ALA E 93 -32.82 -13.41 -43.77
C ALA E 93 -32.66 -14.04 -45.14
N ASP E 94 -33.44 -15.09 -45.44
CA ASP E 94 -33.36 -15.70 -46.77
C ASP E 94 -33.76 -14.71 -47.85
N ILE E 95 -34.78 -13.90 -47.60
CA ILE E 95 -35.22 -12.90 -48.57
C ILE E 95 -34.14 -11.84 -48.76
N LEU E 96 -33.49 -11.40 -47.68
CA LEU E 96 -32.44 -10.40 -47.80
C LEU E 96 -31.29 -10.90 -48.66
N VAL E 97 -30.87 -12.15 -48.46
CA VAL E 97 -29.81 -12.71 -49.29
C VAL E 97 -30.23 -12.69 -50.75
N ARG E 98 -31.49 -13.06 -51.02
CA ARG E 98 -31.97 -13.11 -52.40
C ARG E 98 -31.92 -11.74 -53.05
N ASP E 99 -32.31 -10.69 -52.31
CA ASP E 99 -32.39 -9.35 -52.86
C ASP E 99 -31.20 -8.48 -52.49
N ALA E 100 -30.07 -9.10 -52.11
CA ALA E 100 -28.93 -8.33 -51.64
C ALA E 100 -28.43 -7.37 -52.72
N GLU E 101 -28.22 -7.86 -53.93
CA GLU E 101 -27.77 -7.00 -55.02
CA GLU E 101 -27.77 -7.00 -55.02
C GLU E 101 -28.78 -5.89 -55.29
N LYS E 102 -30.07 -6.22 -55.27
CA LYS E 102 -31.11 -5.23 -55.53
C LYS E 102 -31.16 -4.16 -54.45
N ILE E 103 -31.14 -4.58 -53.18
CA ILE E 103 -31.19 -3.63 -52.07
C ILE E 103 -29.88 -2.85 -51.98
N GLY E 104 -28.75 -3.56 -52.06
CA GLY E 104 -27.46 -2.89 -51.99
C GLY E 104 -27.30 -1.79 -53.00
N ALA E 105 -27.93 -1.94 -54.17
CA ALA E 105 -27.80 -0.93 -55.22
C ALA E 105 -28.44 0.39 -54.80
N ILE E 106 -29.60 0.33 -54.16
CA ILE E 106 -30.25 1.57 -53.70
C ILE E 106 -29.54 2.13 -52.49
N LEU E 107 -29.14 1.25 -51.55
CA LEU E 107 -28.37 1.69 -50.39
C LEU E 107 -27.12 2.45 -50.82
N SER E 108 -26.38 1.89 -51.79
CA SER E 108 -25.20 2.57 -52.33
C SER E 108 -25.51 4.02 -52.67
N LYS E 109 -26.58 4.25 -53.44
CA LYS E 109 -26.92 5.60 -53.87
C LYS E 109 -27.35 6.46 -52.68
N GLU E 110 -28.15 5.90 -51.78
CA GLU E 110 -28.84 6.72 -50.79
C GLU E 110 -27.88 7.32 -49.78
N VAL E 111 -26.82 6.60 -49.42
CA VAL E 111 -25.86 7.10 -48.45
C VAL E 111 -24.47 7.19 -49.03
N ALA E 112 -24.34 7.10 -50.36
CA ALA E 112 -23.06 7.29 -51.03
C ALA E 112 -22.01 6.31 -50.53
N LYS E 113 -22.43 5.07 -50.32
CA LYS E 113 -21.54 3.96 -50.00
C LYS E 113 -21.16 3.21 -51.26
N GLY E 114 -19.93 2.71 -51.30
CA GLY E 114 -19.48 1.92 -52.44
C GLY E 114 -20.48 0.82 -52.76
N HIS E 115 -20.67 0.51 -54.04
CA HIS E 115 -21.68 -0.47 -54.41
C HIS E 115 -21.40 -1.83 -53.78
N LYS E 116 -20.18 -2.35 -53.95
CA LYS E 116 -19.83 -3.64 -53.39
C LYS E 116 -19.98 -3.63 -51.86
N ALA E 117 -19.51 -2.57 -51.21
CA ALA E 117 -19.67 -2.45 -49.77
C ALA E 117 -21.13 -2.42 -49.36
N ALA E 118 -22.00 -1.86 -50.21
CA ALA E 118 -23.41 -1.78 -49.85
C ALA E 118 -24.06 -3.16 -49.90
N VAL E 119 -23.78 -3.95 -50.93
CA VAL E 119 -24.31 -5.31 -50.98
C VAL E 119 -23.73 -6.14 -49.84
N SER E 120 -22.44 -5.95 -49.54
CA SER E 120 -21.84 -6.66 -48.41
CA SER E 120 -21.84 -6.65 -48.41
C SER E 120 -22.57 -6.36 -47.12
N GLU E 121 -23.02 -5.11 -46.93
CA GLU E 121 -23.75 -4.77 -45.72
C GLU E 121 -25.06 -5.57 -45.63
N VAL E 122 -25.78 -5.69 -46.75
CA VAL E 122 -27.03 -6.43 -46.71
C VAL E 122 -26.77 -7.89 -46.36
N ILE E 123 -25.72 -8.48 -46.94
CA ILE E 123 -25.40 -9.87 -46.66
C ILE E 123 -25.10 -10.06 -45.17
N ARG E 124 -24.28 -9.17 -44.61
CA ARG E 124 -23.97 -9.24 -43.18
C ARG E 124 -25.23 -9.13 -42.33
N THR E 125 -26.21 -8.35 -42.78
CA THR E 125 -27.46 -8.22 -42.03
C THR E 125 -28.21 -9.54 -41.99
N ALA E 126 -28.27 -10.26 -43.11
CA ALA E 126 -28.87 -11.58 -43.10
C ALA E 126 -28.15 -12.51 -42.13
N GLU E 127 -26.82 -12.44 -42.09
CA GLU E 127 -26.05 -13.25 -41.14
C GLU E 127 -26.47 -12.93 -39.70
N ILE E 128 -26.56 -11.64 -39.37
CA ILE E 128 -26.89 -11.25 -38.00
C ILE E 128 -28.29 -11.70 -37.64
N ILE E 129 -29.24 -11.54 -38.56
CA ILE E 129 -30.62 -11.96 -38.29
C ILE E 129 -30.67 -13.45 -38.00
N ASN E 130 -30.02 -14.26 -38.85
CA ASN E 130 -30.02 -15.71 -38.64
C ASN E 130 -29.39 -16.07 -37.31
N TYR E 131 -28.24 -15.47 -36.99
CA TYR E 131 -27.55 -15.80 -35.74
C TYR E 131 -28.37 -15.38 -34.53
N ALA E 132 -29.05 -14.22 -34.61
CA ALA E 132 -29.90 -13.79 -33.52
C ALA E 132 -31.04 -14.77 -33.27
N ALA E 133 -31.69 -15.25 -34.33
CA ALA E 133 -32.80 -16.19 -34.15
C ALA E 133 -32.34 -17.42 -33.36
N GLU E 134 -31.20 -17.99 -33.73
CA GLU E 134 -30.75 -19.21 -33.07
C GLU E 134 -30.11 -18.94 -31.72
N GLU E 135 -29.49 -17.77 -31.53
CA GLU E 135 -28.98 -17.44 -30.20
C GLU E 135 -30.12 -17.25 -29.21
N GLY E 136 -31.18 -16.55 -29.65
CA GLY E 136 -32.25 -16.19 -28.75
C GLY E 136 -33.18 -17.34 -28.41
N LEU E 137 -33.38 -18.28 -29.32
CA LEU E 137 -34.39 -19.30 -29.08
C LEU E 137 -33.96 -20.31 -28.03
N ARG E 138 -32.67 -20.40 -27.70
CA ARG E 138 -32.18 -21.38 -26.73
C ARG E 138 -31.69 -20.72 -25.45
N MET E 139 -32.01 -19.46 -25.24
CA MET E 139 -31.72 -18.84 -23.96
C MET E 139 -32.54 -19.50 -22.86
N GLU E 140 -32.02 -19.43 -21.65
CA GLU E 140 -32.56 -20.17 -20.52
C GLU E 140 -32.85 -19.24 -19.36
N GLY E 141 -33.68 -19.75 -18.44
CA GLY E 141 -33.84 -19.17 -17.14
C GLY E 141 -32.96 -19.88 -16.12
N GLU E 142 -33.23 -19.61 -14.86
CA GLU E 142 -32.42 -20.22 -13.81
C GLU E 142 -33.28 -20.47 -12.58
N VAL E 143 -32.75 -21.31 -11.71
N VAL E 143 -32.80 -21.34 -11.71
CA VAL E 143 -33.39 -21.67 -10.45
CA VAL E 143 -33.46 -21.62 -10.44
C VAL E 143 -32.41 -21.33 -9.33
C VAL E 143 -32.46 -21.37 -9.33
N LEU E 144 -32.88 -20.55 -8.36
CA LEU E 144 -32.05 -20.13 -7.25
C LEU E 144 -32.58 -20.74 -5.97
N GLU E 145 -31.66 -21.01 -5.04
CA GLU E 145 -31.93 -21.71 -3.79
C GLU E 145 -31.95 -20.72 -2.63
N GLY E 146 -33.04 -20.71 -1.86
CA GLY E 146 -33.06 -19.91 -0.66
C GLY E 146 -31.98 -20.31 0.33
N GLY E 147 -31.62 -21.60 0.35
CA GLY E 147 -30.64 -22.13 1.26
C GLY E 147 -29.21 -21.77 0.93
N SER E 148 -28.98 -21.16 -0.24
CA SER E 148 -27.69 -20.52 -0.49
C SER E 148 -27.46 -19.34 0.44
N PHE E 149 -28.54 -18.66 0.84
CA PHE E 149 -28.45 -17.41 1.60
C PHE E 149 -28.82 -17.57 3.07
N GLU E 150 -29.81 -18.41 3.38
CA GLU E 150 -30.39 -18.47 4.71
C GLU E 150 -30.90 -19.88 4.98
N ALA E 151 -30.42 -20.49 6.06
CA ALA E 151 -30.80 -21.86 6.37
C ALA E 151 -32.32 -22.01 6.46
N ALA E 152 -33.01 -21.03 7.05
CA ALA E 152 -34.45 -21.17 7.25
C ALA E 152 -35.24 -21.11 5.95
N SER E 153 -34.63 -20.65 4.85
CA SER E 153 -35.29 -20.61 3.56
C SER E 153 -34.81 -21.71 2.60
N LYS E 154 -34.28 -22.81 3.13
CA LYS E 154 -33.73 -23.85 2.28
C LYS E 154 -34.79 -24.54 1.42
N LYS E 155 -36.07 -24.44 1.78
CA LYS E 155 -37.14 -25.01 0.95
C LYS E 155 -37.75 -24.01 -0.02
N LYS E 156 -37.28 -22.76 -0.04
CA LYS E 156 -37.82 -21.74 -0.93
C LYS E 156 -36.94 -21.68 -2.17
N ILE E 157 -37.57 -21.77 -3.35
CA ILE E 157 -36.79 -21.65 -4.59
C ILE E 157 -37.45 -20.63 -5.50
N ALA E 158 -36.63 -20.05 -6.37
CA ALA E 158 -37.04 -19.01 -7.30
C ALA E 158 -36.85 -19.54 -8.72
N ILE E 159 -37.94 -19.63 -9.46
CA ILE E 159 -37.96 -20.04 -10.87
CA ILE E 159 -37.94 -20.03 -10.87
C ILE E 159 -37.94 -18.76 -11.70
N VAL E 160 -36.80 -18.48 -12.34
CA VAL E 160 -36.57 -17.20 -13.02
C VAL E 160 -36.58 -17.44 -14.52
N ARG E 161 -37.55 -16.85 -15.20
CA ARG E 161 -37.68 -17.00 -16.64
C ARG E 161 -37.56 -15.64 -17.33
N ARG E 162 -37.14 -15.69 -18.59
CA ARG E 162 -36.95 -14.48 -19.37
C ARG E 162 -38.26 -14.03 -20.01
N GLU E 163 -38.45 -12.73 -20.09
CA GLU E 163 -39.59 -12.12 -20.76
C GLU E 163 -39.10 -10.94 -21.58
N PRO E 164 -39.84 -10.56 -22.61
CA PRO E 164 -39.47 -9.35 -23.37
C PRO E 164 -39.73 -8.10 -22.54
N VAL E 165 -39.11 -7.00 -22.97
CA VAL E 165 -39.34 -5.73 -22.28
C VAL E 165 -40.60 -5.04 -22.78
N GLY E 166 -41.03 -5.32 -24.01
CA GLY E 166 -42.24 -4.73 -24.56
C GLY E 166 -42.09 -4.19 -25.97
N LEU E 167 -42.32 -2.91 -26.14
CA LEU E 167 -42.12 -2.24 -27.43
C LEU E 167 -40.72 -1.63 -27.45
N VAL E 168 -39.93 -2.02 -28.46
CA VAL E 168 -38.60 -1.49 -28.66
C VAL E 168 -38.65 -0.47 -29.79
N LEU E 169 -38.22 0.75 -29.50
CA LEU E 169 -37.96 1.76 -30.53
C LEU E 169 -36.53 1.60 -31.01
N ALA E 170 -36.36 1.17 -32.26
CA ALA E 170 -35.05 1.02 -32.88
C ALA E 170 -34.82 2.20 -33.83
N ILE E 171 -33.71 2.91 -33.63
CA ILE E 171 -33.34 4.05 -34.47
C ILE E 171 -32.00 3.72 -35.11
N SER E 172 -32.03 3.48 -36.42
CA SER E 172 -30.84 3.10 -37.18
C SER E 172 -30.04 4.33 -37.61
N PRO E 173 -28.78 4.13 -38.01
CA PRO E 173 -27.93 5.25 -38.42
C PRO E 173 -27.78 5.32 -39.94
N PHE E 174 -27.41 6.49 -40.46
CA PHE E 174 -27.29 6.62 -41.91
C PHE E 174 -26.15 5.77 -42.46
N ASN E 175 -25.10 5.54 -41.68
CA ASN E 175 -23.90 4.92 -42.23
C ASN E 175 -23.98 3.40 -42.29
N TYR E 176 -24.96 2.81 -41.62
CA TYR E 176 -25.27 1.39 -41.75
C TYR E 176 -26.78 1.24 -41.66
N PRO E 177 -27.50 1.73 -42.67
CA PRO E 177 -28.96 1.86 -42.53
C PRO E 177 -29.72 0.54 -42.63
N VAL E 178 -29.06 -0.54 -43.05
CA VAL E 178 -29.65 -1.86 -43.04
C VAL E 178 -29.05 -2.73 -41.94
N ASN E 179 -27.72 -2.78 -41.87
CA ASN E 179 -27.06 -3.68 -40.91
C ASN E 179 -27.39 -3.26 -39.47
N LEU E 180 -27.30 -1.96 -39.17
CA LEU E 180 -27.59 -1.49 -37.82
C LEU E 180 -29.06 -1.10 -37.66
N ALA E 181 -29.92 -1.53 -38.57
CA ALA E 181 -31.34 -1.70 -38.30
C ALA E 181 -31.64 -3.14 -37.90
N GLY E 182 -31.16 -4.10 -38.71
CA GLY E 182 -31.33 -5.50 -38.39
C GLY E 182 -30.68 -5.90 -37.09
N SER E 183 -29.57 -5.26 -36.73
CA SER E 183 -28.88 -5.60 -35.49
C SER E 183 -29.72 -5.33 -34.26
N LYS E 184 -30.75 -4.50 -34.41
CA LYS E 184 -31.70 -4.17 -33.36
C LYS E 184 -32.99 -4.96 -33.48
N ILE E 185 -33.52 -5.08 -34.70
CA ILE E 185 -34.83 -5.70 -34.92
C ILE E 185 -34.79 -7.18 -34.54
N ALA E 186 -33.83 -7.92 -35.10
CA ALA E 186 -33.87 -9.38 -34.92
C ALA E 186 -33.63 -9.76 -33.47
N PRO E 187 -32.61 -9.26 -32.78
CA PRO E 187 -32.48 -9.58 -31.35
C PRO E 187 -33.71 -9.19 -30.55
N ALA E 188 -34.34 -8.07 -30.88
CA ALA E 188 -35.55 -7.69 -30.16
C ALA E 188 -36.68 -8.69 -30.41
N LEU E 189 -36.85 -9.12 -31.67
CA LEU E 189 -38.00 -9.92 -32.04
C LEU E 189 -37.93 -11.34 -31.46
N ILE E 190 -36.75 -11.97 -31.52
CA ILE E 190 -36.65 -13.35 -31.04
C ILE E 190 -37.00 -13.41 -29.55
N ALA E 191 -36.69 -12.36 -28.79
CA ALA E 191 -36.96 -12.32 -27.37
C ALA E 191 -38.44 -12.08 -27.04
N GLY E 192 -39.28 -11.87 -28.06
CA GLY E 192 -40.68 -11.62 -27.85
C GLY E 192 -41.10 -10.17 -27.86
N ASN E 193 -40.19 -9.25 -28.17
CA ASN E 193 -40.56 -7.84 -28.22
C ASN E 193 -41.24 -7.53 -29.55
N VAL E 194 -42.02 -6.45 -29.55
CA VAL E 194 -42.47 -5.83 -30.78
C VAL E 194 -41.55 -4.63 -31.03
N VAL E 195 -41.50 -4.19 -32.29
CA VAL E 195 -40.47 -3.22 -32.71
C VAL E 195 -41.09 -2.15 -33.60
N ALA E 196 -40.63 -0.92 -33.41
CA ALA E 196 -40.85 0.17 -34.35
C ALA E 196 -39.47 0.65 -34.78
N LEU E 197 -39.21 0.61 -36.09
CA LEU E 197 -37.95 1.10 -36.64
C LEU E 197 -38.15 2.52 -37.15
N LYS E 198 -37.35 3.45 -36.63
CA LYS E 198 -37.26 4.80 -37.16
C LYS E 198 -35.92 4.96 -37.84
N PRO E 199 -35.85 4.91 -39.18
CA PRO E 199 -34.58 5.20 -39.85
C PRO E 199 -34.34 6.70 -39.92
N PRO E 200 -33.10 7.13 -40.10
CA PRO E 200 -32.86 8.54 -40.43
C PRO E 200 -33.40 8.81 -41.82
N THR E 201 -33.81 10.04 -42.05
CA THR E 201 -34.43 10.36 -43.34
C THR E 201 -33.50 10.02 -44.49
N GLN E 202 -32.25 10.47 -44.42
CA GLN E 202 -31.25 10.00 -45.38
C GLN E 202 -30.83 8.60 -44.92
N GLY E 203 -31.47 7.59 -45.49
CA GLY E 203 -31.29 6.21 -45.06
C GLY E 203 -32.62 5.52 -44.85
N SER E 204 -33.71 6.24 -45.11
CA SER E 204 -35.05 5.70 -44.89
C SER E 204 -35.46 4.73 -45.99
N ILE E 205 -35.11 5.02 -47.25
CA ILE E 205 -35.39 4.07 -48.32
C ILE E 205 -34.72 2.73 -48.02
N SER E 206 -33.45 2.79 -47.62
CA SER E 206 -32.73 1.56 -47.27
C SER E 206 -33.40 0.82 -46.13
N GLY E 207 -33.88 1.56 -45.13
CA GLY E 207 -34.53 0.93 -44.00
C GLY E 207 -35.86 0.32 -44.36
N LEU E 208 -36.64 1.01 -45.20
CA LEU E 208 -37.92 0.45 -45.63
C LEU E 208 -37.71 -0.75 -46.56
N LEU E 209 -36.61 -0.75 -47.32
CA LEU E 209 -36.27 -1.94 -48.10
C LEU E 209 -36.04 -3.14 -47.20
N LEU E 210 -35.29 -2.94 -46.11
CA LEU E 210 -35.15 -4.01 -45.12
C LEU E 210 -36.52 -4.46 -44.61
N ALA E 211 -37.42 -3.50 -44.39
CA ALA E 211 -38.74 -3.86 -43.89
C ALA E 211 -39.52 -4.71 -44.88
N GLU E 212 -39.30 -4.52 -46.18
CA GLU E 212 -39.98 -5.33 -47.17
C GLU E 212 -39.64 -6.81 -46.99
N ALA E 213 -38.41 -7.12 -46.59
CA ALA E 213 -38.01 -8.50 -46.38
C ALA E 213 -38.74 -9.12 -45.20
N PHE E 214 -38.87 -8.37 -44.09
CA PHE E 214 -39.62 -8.89 -42.95
C PHE E 214 -41.09 -9.05 -43.27
N ALA E 215 -41.63 -8.16 -44.12
CA ALA E 215 -43.02 -8.27 -44.53
C ALA E 215 -43.25 -9.50 -45.39
N GLU E 216 -42.42 -9.70 -46.41
CA GLU E 216 -42.57 -10.87 -47.25
C GLU E 216 -42.37 -12.15 -46.45
N ALA E 217 -41.62 -12.08 -45.34
CA ALA E 217 -41.44 -13.22 -44.46
C ALA E 217 -42.70 -13.56 -43.68
N GLY E 218 -43.72 -12.71 -43.73
CA GLY E 218 -44.96 -12.96 -43.04
C GLY E 218 -44.99 -12.54 -41.60
N ILE E 219 -44.09 -11.67 -41.16
CA ILE E 219 -44.03 -11.26 -39.76
C ILE E 219 -45.43 -10.78 -39.36
N PRO E 220 -45.96 -11.21 -38.20
CA PRO E 220 -47.35 -10.86 -37.87
C PRO E 220 -47.56 -9.36 -37.82
N ALA E 221 -48.79 -8.96 -38.17
CA ALA E 221 -49.13 -7.56 -38.27
C ALA E 221 -48.93 -6.84 -36.94
N GLY E 222 -48.14 -5.77 -36.97
CA GLY E 222 -47.88 -4.98 -35.78
C GLY E 222 -46.67 -5.42 -34.99
N VAL E 223 -46.17 -6.64 -35.20
CA VAL E 223 -44.98 -7.08 -34.48
C VAL E 223 -43.77 -6.26 -34.90
N PHE E 224 -43.72 -5.88 -36.18
CA PHE E 224 -42.67 -5.02 -36.70
C PHE E 224 -43.31 -3.93 -37.54
N ASN E 225 -42.88 -2.68 -37.33
CA ASN E 225 -43.43 -1.52 -38.01
C ASN E 225 -42.30 -0.54 -38.27
N THR E 226 -42.56 0.42 -39.16
CA THR E 226 -41.59 1.47 -39.45
C THR E 226 -42.26 2.84 -39.28
N ILE E 227 -41.43 3.82 -38.95
CA ILE E 227 -41.83 5.23 -38.85
C ILE E 227 -40.82 6.04 -39.65
N THR E 228 -41.30 7.02 -40.42
CA THR E 228 -40.44 7.99 -41.08
C THR E 228 -41.07 9.38 -40.97
N GLY E 229 -40.22 10.40 -40.97
CA GLY E 229 -40.68 11.77 -40.84
C GLY E 229 -39.54 12.70 -40.50
N ARG E 230 -39.91 13.97 -40.29
CA ARG E 230 -38.93 15.01 -40.00
C ARG E 230 -38.71 15.10 -38.50
N GLY E 231 -37.45 15.29 -38.11
CA GLY E 231 -37.13 15.37 -36.69
C GLY E 231 -37.82 16.52 -35.98
N SER E 232 -38.14 17.59 -36.70
CA SER E 232 -38.80 18.73 -36.08
C SER E 232 -40.25 18.44 -35.75
N VAL E 233 -40.87 17.49 -36.46
CA VAL E 233 -42.28 17.16 -36.23
C VAL E 233 -42.42 16.00 -35.25
N ILE E 234 -41.66 14.93 -35.45
CA ILE E 234 -41.84 13.71 -34.68
C ILE E 234 -40.58 13.27 -33.96
N GLY E 235 -39.46 13.97 -34.12
CA GLY E 235 -38.23 13.56 -33.48
C GLY E 235 -38.35 13.29 -32.00
N ASP E 236 -38.77 14.29 -31.23
CA ASP E 236 -38.93 14.10 -29.80
C ASP E 236 -40.14 13.25 -29.48
N TYR E 237 -41.19 13.34 -30.29
CA TYR E 237 -42.44 12.66 -29.97
C TYR E 237 -42.27 11.15 -29.95
N ILE E 238 -41.50 10.59 -30.88
CA ILE E 238 -41.40 9.14 -30.96
C ILE E 238 -40.67 8.58 -29.73
N VAL E 239 -39.81 9.37 -29.12
CA VAL E 239 -39.03 8.90 -27.98
C VAL E 239 -39.78 9.10 -26.66
N GLU E 240 -40.44 10.25 -26.49
CA GLU E 240 -41.12 10.52 -25.22
CA GLU E 240 -41.14 10.55 -25.24
C GLU E 240 -42.41 9.72 -25.07
N HIS E 241 -42.94 9.18 -26.16
CA HIS E 241 -44.22 8.46 -26.11
C HIS E 241 -44.18 7.34 -25.07
N GLU E 242 -45.24 7.26 -24.27
CA GLU E 242 -45.28 6.33 -23.14
CA GLU E 242 -45.23 6.32 -23.15
C GLU E 242 -45.43 4.87 -23.58
N ALA E 243 -45.86 4.61 -24.81
CA ALA E 243 -45.98 3.23 -25.26
C ALA E 243 -44.61 2.56 -25.40
N VAL E 244 -43.57 3.36 -25.66
CA VAL E 244 -42.24 2.80 -25.88
C VAL E 244 -41.66 2.30 -24.56
N ASN E 245 -41.14 1.07 -24.56
CA ASN E 245 -40.58 0.48 -23.35
C ASN E 245 -39.05 0.45 -23.36
N PHE E 246 -38.42 0.67 -24.51
CA PHE E 246 -36.98 0.48 -24.68
C PHE E 246 -36.57 1.28 -25.91
N ILE E 247 -35.45 2.00 -25.81
CA ILE E 247 -34.92 2.76 -26.93
C ILE E 247 -33.54 2.22 -27.27
N ASN E 248 -33.36 1.86 -28.54
CA ASN E 248 -32.12 1.27 -29.06
C ASN E 248 -31.68 2.15 -30.23
N PHE E 249 -30.60 2.92 -30.04
CA PHE E 249 -30.22 3.98 -30.95
C PHE E 249 -28.74 3.94 -31.32
N THR E 250 -28.48 4.10 -32.62
CA THR E 250 -27.14 4.36 -33.14
C THR E 250 -27.15 5.69 -33.88
N GLY E 251 -26.12 6.51 -33.63
CA GLY E 251 -26.06 7.83 -34.25
C GLY E 251 -25.03 8.71 -33.58
N SER E 252 -25.16 10.01 -33.80
CA SER E 252 -24.17 10.95 -33.29
C SER E 252 -24.30 11.11 -31.78
N THR E 253 -23.22 11.57 -31.15
CA THR E 253 -23.25 11.78 -29.72
C THR E 253 -24.23 12.88 -29.33
N PRO E 254 -24.26 14.04 -29.99
CA PRO E 254 -25.27 15.05 -29.61
C PRO E 254 -26.70 14.54 -29.68
N ILE E 255 -27.06 13.84 -30.76
CA ILE E 255 -28.42 13.33 -30.86
C ILE E 255 -28.69 12.29 -29.80
N GLY E 256 -27.72 11.39 -29.57
CA GLY E 256 -27.85 10.42 -28.51
C GLY E 256 -28.06 11.05 -27.15
N GLU E 257 -27.33 12.13 -26.86
CA GLU E 257 -27.53 12.83 -25.60
C GLU E 257 -28.96 13.33 -25.49
N GLY E 258 -29.49 13.89 -26.57
CA GLY E 258 -30.87 14.36 -26.56
C GLY E 258 -31.86 13.24 -26.25
N ILE E 259 -31.63 12.07 -26.85
CA ILE E 259 -32.51 10.93 -26.58
C ILE E 259 -32.43 10.54 -25.10
N GLY E 260 -31.23 10.58 -24.53
CA GLY E 260 -31.08 10.23 -23.12
C GLY E 260 -31.94 11.08 -22.20
N LYS E 261 -32.06 12.37 -22.51
CA LYS E 261 -32.89 13.24 -21.68
C LYS E 261 -34.35 12.84 -21.73
N LEU E 262 -34.82 12.37 -22.87
CA LEU E 262 -36.22 11.99 -23.06
C LEU E 262 -36.51 10.56 -22.68
N ALA E 263 -35.47 9.77 -22.38
CA ALA E 263 -35.67 8.36 -22.08
C ALA E 263 -36.45 8.16 -20.78
N GLY E 264 -36.31 9.08 -19.83
CA GLY E 264 -36.97 8.87 -18.55
C GLY E 264 -36.37 7.68 -17.84
N MET E 265 -37.23 6.82 -17.30
CA MET E 265 -36.78 5.62 -16.59
C MET E 265 -36.60 4.44 -17.52
N ARG E 266 -36.83 4.60 -18.78
CA ARG E 266 -36.82 3.44 -19.64
C ARG E 266 -35.40 3.07 -20.04
N PRO E 267 -35.12 1.77 -20.14
CA PRO E 267 -33.78 1.35 -20.56
C PRO E 267 -33.48 1.84 -21.96
N ILE E 268 -32.23 2.24 -22.16
CA ILE E 268 -31.79 2.76 -23.45
C ILE E 268 -30.43 2.16 -23.76
N MET E 269 -30.23 1.85 -25.04
CA MET E 269 -28.92 1.50 -25.56
C MET E 269 -28.54 2.55 -26.59
N LEU E 270 -27.30 3.00 -26.53
CA LEU E 270 -26.80 4.05 -27.39
C LEU E 270 -25.45 3.65 -27.97
N GLU E 271 -25.31 3.77 -29.28
CA GLU E 271 -24.05 3.55 -29.98
C GLU E 271 -23.71 4.88 -30.64
N LEU E 272 -22.79 5.63 -30.05
CA LEU E 272 -22.58 7.00 -30.44
C LEU E 272 -21.22 7.17 -31.11
N GLY E 273 -20.62 8.34 -30.98
CA GLY E 273 -19.39 8.61 -31.67
C GLY E 273 -18.18 7.98 -31.00
N GLY E 274 -17.07 7.99 -31.73
CA GLY E 274 -15.82 7.51 -31.21
C GLY E 274 -14.68 8.39 -31.70
N LYS E 275 -13.58 8.34 -30.94
CA LYS E 275 -12.30 8.90 -31.38
C LYS E 275 -11.22 7.85 -31.10
N ASP E 276 -11.38 6.68 -31.74
CA ASP E 276 -10.56 5.53 -31.42
C ASP E 276 -9.08 5.81 -31.67
N SER E 277 -8.26 5.52 -30.68
CA SER E 277 -6.83 5.69 -30.79
CA SER E 277 -6.82 5.69 -30.79
C SER E 277 -6.17 4.41 -31.30
N ALA E 278 -5.10 4.60 -32.07
CA ALA E 278 -4.21 3.52 -32.51
C ALA E 278 -2.86 3.81 -31.85
N ILE E 279 -2.50 3.03 -30.84
CA ILE E 279 -1.29 3.24 -30.06
C ILE E 279 -0.18 2.39 -30.66
N VAL E 280 0.88 3.03 -31.13
CA VAL E 280 1.95 2.34 -31.85
C VAL E 280 3.22 2.43 -31.02
N LEU E 281 3.67 1.29 -30.51
CA LEU E 281 4.84 1.25 -29.65
C LEU E 281 6.12 1.05 -30.46
N GLU E 282 7.26 1.18 -29.79
CA GLU E 282 8.54 1.17 -30.50
C GLU E 282 8.84 -0.18 -31.14
N ASP E 283 8.26 -1.27 -30.64
CA ASP E 283 8.51 -2.59 -31.21
C ASP E 283 7.43 -3.02 -32.20
N ALA E 284 6.59 -2.09 -32.66
CA ALA E 284 5.54 -2.44 -33.61
C ALA E 284 6.11 -2.75 -34.99
N ASP E 285 5.40 -3.61 -35.72
CA ASP E 285 5.61 -3.77 -37.16
C ASP E 285 4.95 -2.57 -37.83
N LEU E 286 5.75 -1.60 -38.27
CA LEU E 286 5.19 -0.32 -38.69
C LEU E 286 4.43 -0.43 -40.00
N ALA E 287 4.85 -1.33 -40.90
CA ALA E 287 4.12 -1.54 -42.15
C ALA E 287 2.74 -2.15 -41.88
N LEU E 288 2.69 -3.11 -40.96
CA LEU E 288 1.41 -3.70 -40.60
C LEU E 288 0.53 -2.72 -39.84
N ALA E 289 1.14 -1.90 -38.97
CA ALA E 289 0.37 -0.87 -38.27
C ALA E 289 -0.23 0.12 -39.28
N ALA E 290 0.59 0.58 -40.23
CA ALA E 290 0.09 1.52 -41.24
C ALA E 290 -1.01 0.90 -42.07
N LYS E 291 -0.84 -0.36 -42.48
CA LYS E 291 -1.87 -1.09 -43.21
C LYS E 291 -3.21 -0.97 -42.51
N ASN E 292 -3.25 -1.32 -41.24
CA ASN E 292 -4.50 -1.35 -40.50
C ASN E 292 -4.98 0.04 -40.17
N ILE E 293 -4.06 0.95 -39.83
CA ILE E 293 -4.45 2.31 -39.50
C ILE E 293 -5.15 2.97 -40.69
N VAL E 294 -4.60 2.79 -41.90
CA VAL E 294 -5.20 3.46 -43.06
C VAL E 294 -6.51 2.78 -43.44
N ALA E 295 -6.56 1.45 -43.37
CA ALA E 295 -7.81 0.76 -43.70
C ALA E 295 -8.91 1.14 -42.72
N GLY E 296 -8.58 1.24 -41.43
CA GLY E 296 -9.58 1.56 -40.44
C GLY E 296 -9.95 3.03 -40.40
N ALA E 297 -9.00 3.92 -40.72
CA ALA E 297 -9.27 5.34 -40.63
C ALA E 297 -10.11 5.84 -41.80
N PHE E 298 -9.93 5.27 -42.98
CA PHE E 298 -10.53 5.84 -44.19
C PHE E 298 -11.64 4.97 -44.79
N GLY E 299 -11.93 3.82 -44.22
CA GLY E 299 -13.10 3.07 -44.67
C GLY E 299 -14.36 3.91 -44.64
N TYR E 300 -15.17 3.82 -45.70
CA TYR E 300 -16.38 4.64 -45.83
C TYR E 300 -16.07 6.11 -45.54
N SER E 301 -14.91 6.57 -46.01
CA SER E 301 -14.51 7.97 -45.90
C SER E 301 -14.45 8.45 -44.45
N GLY E 302 -14.21 7.54 -43.51
CA GLY E 302 -14.12 7.92 -42.12
C GLY E 302 -15.43 8.07 -41.40
N GLN E 303 -16.54 7.75 -42.05
CA GLN E 303 -17.88 7.92 -41.49
C GLN E 303 -18.30 6.67 -40.70
N ARG E 304 -17.47 6.32 -39.72
CA ARG E 304 -17.73 5.14 -38.89
C ARG E 304 -17.34 5.46 -37.46
N SER E 305 -18.16 4.99 -36.51
CA SER E 305 -17.86 5.27 -35.12
CA SER E 305 -17.87 5.25 -35.10
C SER E 305 -16.59 4.55 -34.65
N THR E 306 -16.28 3.39 -35.25
CA THR E 306 -15.09 2.62 -34.87
C THR E 306 -13.88 2.90 -35.76
N ALA E 307 -13.93 3.93 -36.59
CA ALA E 307 -12.75 4.26 -37.40
C ALA E 307 -11.56 4.55 -36.49
N VAL E 308 -10.37 4.19 -36.97
CA VAL E 308 -9.15 4.73 -36.36
C VAL E 308 -9.17 6.23 -36.59
N LYS E 309 -9.21 7.01 -35.50
CA LYS E 309 -9.33 8.46 -35.65
C LYS E 309 -8.17 9.26 -35.10
N ARG E 310 -7.20 8.64 -34.45
CA ARG E 310 -5.99 9.36 -34.04
C ARG E 310 -4.90 8.33 -33.79
N VAL E 311 -3.71 8.61 -34.29
CA VAL E 311 -2.56 7.75 -34.05
C VAL E 311 -1.77 8.33 -32.89
N LEU E 312 -1.48 7.51 -31.88
CA LEU E 312 -0.64 7.91 -30.75
C LEU E 312 0.63 7.07 -30.87
N VAL E 313 1.72 7.68 -31.37
CA VAL E 313 2.90 6.93 -31.75
C VAL E 313 4.11 7.41 -30.95
N MET E 314 4.87 6.44 -30.42
CA MET E 314 6.11 6.74 -29.71
C MET E 314 7.08 7.48 -30.61
N ASP E 315 7.71 8.52 -30.04
CA ASP E 315 8.52 9.45 -30.82
C ASP E 315 9.50 8.76 -31.75
N LYS E 316 10.20 7.74 -31.24
CA LYS E 316 11.34 7.17 -31.95
C LYS E 316 10.95 6.36 -33.17
N VAL E 317 9.67 6.00 -33.33
CA VAL E 317 9.23 5.33 -34.55
C VAL E 317 8.22 6.17 -35.33
N ALA E 318 7.98 7.41 -34.90
CA ALA E 318 6.94 8.22 -35.51
C ALA E 318 7.28 8.62 -36.95
N ASP E 319 8.52 9.04 -37.19
CA ASP E 319 8.90 9.45 -38.54
C ASP E 319 8.71 8.33 -39.54
N GLN E 320 9.11 7.12 -39.19
CA GLN E 320 8.96 6.01 -40.14
C GLN E 320 7.50 5.59 -40.26
N LEU E 321 6.76 5.58 -39.15
CA LEU E 321 5.34 5.25 -39.25
C LEU E 321 4.61 6.23 -40.16
N ALA E 322 4.89 7.53 -40.00
CA ALA E 322 4.24 8.53 -40.83
C ALA E 322 4.51 8.25 -42.30
N ALA E 323 5.74 7.86 -42.62
CA ALA E 323 6.09 7.54 -44.00
C ALA E 323 5.32 6.33 -44.50
N GLU E 324 5.19 5.30 -43.67
CA GLU E 324 4.44 4.11 -44.08
CA GLU E 324 4.43 4.11 -44.09
C GLU E 324 2.96 4.44 -44.28
N ILE E 325 2.41 5.30 -43.41
CA ILE E 325 1.01 5.67 -43.55
C ILE E 325 0.79 6.51 -44.79
N LYS E 326 1.65 7.51 -45.02
CA LYS E 326 1.48 8.37 -46.18
C LYS E 326 1.42 7.56 -47.46
N THR E 327 2.33 6.60 -47.62
CA THR E 327 2.37 5.81 -48.84
C THR E 327 1.01 5.19 -49.15
N LEU E 328 0.35 4.65 -48.13
CA LEU E 328 -0.94 3.99 -48.35
C LEU E 328 -2.05 5.00 -48.60
N VAL E 329 -1.99 6.15 -47.94
CA VAL E 329 -3.02 7.16 -48.16
C VAL E 329 -3.05 7.57 -49.62
N GLU E 330 -1.87 7.74 -50.23
CA GLU E 330 -1.81 8.14 -51.64
C GLU E 330 -2.50 7.12 -52.54
N LYS E 331 -2.51 5.85 -52.15
CA LYS E 331 -3.10 4.80 -52.97
C LYS E 331 -4.63 4.82 -52.94
N LEU E 332 -5.22 5.46 -51.95
CA LEU E 332 -6.68 5.41 -51.80
C LEU E 332 -7.34 6.06 -53.00
N SER E 333 -8.34 5.38 -53.55
CA SER E 333 -9.13 5.92 -54.64
C SER E 333 -10.18 6.89 -54.10
N VAL E 334 -10.38 7.98 -54.84
CA VAL E 334 -11.33 9.03 -54.49
C VAL E 334 -12.29 9.17 -55.66
N GLY E 335 -13.57 8.89 -55.43
CA GLY E 335 -14.53 8.95 -56.51
C GLY E 335 -15.95 8.60 -56.12
N MET E 336 -16.68 7.98 -57.06
CA MET E 336 -18.11 7.76 -56.92
C MET E 336 -18.42 6.39 -56.36
N PRO E 337 -19.55 6.28 -55.64
CA PRO E 337 -19.97 4.97 -55.12
C PRO E 337 -20.07 3.87 -56.17
N GLU E 338 -20.64 4.16 -57.35
CA GLU E 338 -20.79 3.12 -58.35
C GLU E 338 -19.44 2.61 -58.83
N ASP E 339 -18.37 3.37 -58.63
CA ASP E 339 -17.02 2.95 -58.98
C ASP E 339 -16.30 2.26 -57.84
N ASP E 340 -16.97 2.06 -56.70
CA ASP E 340 -16.36 1.39 -55.54
C ASP E 340 -15.09 2.12 -55.09
N ALA E 341 -15.13 3.45 -55.11
CA ALA E 341 -14.01 4.21 -54.61
C ALA E 341 -13.86 3.98 -53.10
N ASP E 342 -12.61 3.96 -52.64
CA ASP E 342 -12.37 3.89 -51.19
C ASP E 342 -12.98 5.10 -50.50
N ILE E 343 -12.77 6.29 -51.07
CA ILE E 343 -13.21 7.54 -50.49
C ILE E 343 -14.34 8.08 -51.37
N THR E 344 -15.55 8.08 -50.85
CA THR E 344 -16.71 8.57 -51.56
C THR E 344 -17.18 9.88 -50.98
N PRO E 345 -18.13 10.56 -51.64
CA PRO E 345 -18.64 11.81 -51.09
C PRO E 345 -19.30 11.61 -49.74
N LEU E 346 -19.13 12.60 -48.87
CA LEU E 346 -19.75 12.59 -47.55
C LEU E 346 -21.25 12.76 -47.65
N ILE E 347 -21.94 12.42 -46.56
CA ILE E 347 -23.38 12.23 -46.60
C ILE E 347 -24.10 13.53 -46.95
N ASP E 348 -23.60 14.66 -46.49
CA ASP E 348 -24.22 15.93 -46.87
C ASP E 348 -23.22 17.07 -46.73
N THR E 349 -23.65 18.26 -47.17
CA THR E 349 -22.76 19.41 -47.22
C THR E 349 -22.36 19.88 -45.82
N SER E 350 -23.26 19.77 -44.85
CA SER E 350 -22.91 20.15 -43.49
C SER E 350 -21.74 19.32 -42.97
N ALA E 351 -21.73 18.03 -43.30
CA ALA E 351 -20.66 17.17 -42.81
C ALA E 351 -19.31 17.56 -43.43
N ALA E 352 -19.30 17.89 -44.72
CA ALA E 352 -18.07 18.30 -45.38
C ALA E 352 -17.61 19.66 -44.89
N ASP E 353 -18.55 20.59 -44.65
CA ASP E 353 -18.20 21.88 -44.07
C ASP E 353 -17.51 21.72 -42.72
N PHE E 354 -18.02 20.80 -41.90
CA PHE E 354 -17.45 20.57 -40.57
C PHE E 354 -16.03 20.04 -40.68
N VAL E 355 -15.83 19.01 -41.50
CA VAL E 355 -14.48 18.48 -41.71
C VAL E 355 -13.55 19.57 -42.20
N GLU E 356 -14.00 20.38 -43.16
CA GLU E 356 -13.14 21.44 -43.69
C GLU E 356 -12.66 22.38 -42.59
N GLY E 357 -13.56 22.75 -41.66
CA GLY E 357 -13.16 23.62 -40.58
C GLY E 357 -12.22 22.97 -39.59
N LEU E 358 -12.38 21.67 -39.34
CA LEU E 358 -11.45 20.98 -38.46
C LEU E 358 -10.04 21.01 -39.05
N ILE E 359 -9.94 20.78 -40.36
CA ILE E 359 -8.64 20.74 -41.01
C ILE E 359 -8.00 22.12 -41.04
N LYS E 360 -8.81 23.17 -41.26
CA LYS E 360 -8.29 24.53 -41.24
C LYS E 360 -7.74 24.90 -39.87
N ASP E 361 -8.43 24.47 -38.81
CA ASP E 361 -7.95 24.72 -37.45
C ASP E 361 -6.57 24.12 -37.24
N ALA E 362 -6.37 22.87 -37.68
CA ALA E 362 -5.06 22.23 -37.53
C ALA E 362 -4.01 22.94 -38.36
N THR E 363 -4.33 23.30 -39.60
CA THR E 363 -3.39 24.05 -40.43
C THR E 363 -2.97 25.35 -39.73
N ASP E 364 -3.95 26.13 -39.28
CA ASP E 364 -3.68 27.41 -38.63
C ASP E 364 -2.77 27.25 -37.42
N LYS E 365 -2.87 26.13 -36.71
CA LYS E 365 -2.13 25.91 -35.48
C LYS E 365 -0.83 25.16 -35.69
N GLY E 366 -0.44 24.91 -36.94
CA GLY E 366 0.91 24.47 -37.24
C GLY E 366 1.10 22.99 -37.53
N ALA E 367 0.03 22.24 -37.74
CA ALA E 367 0.18 20.83 -38.04
C ALA E 367 0.93 20.65 -39.36
N THR E 368 1.61 19.51 -39.49
CA THR E 368 2.34 19.17 -40.70
C THR E 368 1.39 18.45 -41.67
N ALA E 369 1.19 19.04 -42.84
CA ALA E 369 0.26 18.48 -43.82
C ALA E 369 1.00 17.47 -44.69
N LEU E 370 0.78 16.16 -44.43
CA LEU E 370 1.35 15.15 -45.31
C LEU E 370 0.51 15.00 -46.58
N THR E 371 -0.81 15.03 -46.45
CA THR E 371 -1.74 15.25 -47.55
C THR E 371 -2.79 16.22 -47.05
N ALA E 372 -3.09 17.26 -47.83
CA ALA E 372 -3.89 18.37 -47.35
C ALA E 372 -5.29 18.37 -47.94
N PHE E 373 -6.05 19.42 -47.62
CA PHE E 373 -7.48 19.43 -47.88
C PHE E 373 -7.79 19.75 -49.33
N ASN E 374 -8.61 18.90 -49.94
CA ASN E 374 -9.25 19.22 -51.21
C ASN E 374 -10.69 18.76 -51.17
N ARG E 375 -11.57 19.56 -51.76
CA ARG E 375 -12.99 19.30 -51.76
C ARG E 375 -13.55 19.60 -53.14
N GLU E 376 -14.29 18.63 -53.69
CA GLU E 376 -15.03 18.78 -54.94
C GLU E 376 -16.49 18.51 -54.56
N GLY E 377 -17.29 19.56 -54.43
CA GLY E 377 -18.59 19.37 -53.84
C GLY E 377 -18.39 18.91 -52.41
N ASN E 378 -18.90 17.73 -52.08
CA ASN E 378 -18.70 17.14 -50.77
C ASN E 378 -17.76 15.93 -50.83
N LEU E 379 -17.02 15.77 -51.92
CA LEU E 379 -16.00 14.72 -52.02
C LEU E 379 -14.69 15.31 -51.51
N ILE E 380 -14.31 14.91 -50.30
CA ILE E 380 -13.09 15.37 -49.65
C ILE E 380 -12.02 14.30 -49.84
N SER E 381 -10.86 14.69 -50.35
CA SER E 381 -9.75 13.76 -50.49
C SER E 381 -9.15 13.44 -49.13
N PRO E 382 -8.45 12.31 -49.00
CA PRO E 382 -7.96 11.91 -47.68
C PRO E 382 -6.91 12.89 -47.17
N VAL E 383 -7.07 13.27 -45.91
CA VAL E 383 -6.18 14.22 -45.24
C VAL E 383 -5.38 13.48 -44.17
N LEU E 384 -4.07 13.70 -44.16
CA LEU E 384 -3.18 13.09 -43.18
C LEU E 384 -2.30 14.18 -42.59
N PHE E 385 -2.44 14.44 -41.29
CA PHE E 385 -1.66 15.45 -40.58
C PHE E 385 -0.69 14.78 -39.61
N ASP E 386 0.52 15.32 -39.50
CA ASP E 386 1.50 14.91 -38.49
C ASP E 386 1.73 16.08 -37.54
N HIS E 387 2.37 15.78 -36.41
CA HIS E 387 2.65 16.76 -35.37
C HIS E 387 1.38 17.49 -34.93
N VAL E 388 0.31 16.71 -34.79
CA VAL E 388 -0.93 17.23 -34.23
C VAL E 388 -0.77 17.34 -32.72
N THR E 389 -1.19 18.45 -32.16
CA THR E 389 -1.03 18.73 -30.74
C THR E 389 -2.41 18.90 -30.09
N THR E 390 -2.41 18.83 -28.76
CA THR E 390 -3.65 18.76 -28.00
C THR E 390 -4.44 20.07 -28.03
N ASP E 391 -3.84 21.18 -28.50
CA ASP E 391 -4.58 22.41 -28.66
C ASP E 391 -5.36 22.45 -29.98
N MET E 392 -5.28 21.41 -30.80
CA MET E 392 -5.96 21.35 -32.08
C MET E 392 -7.27 20.59 -31.93
N ARG E 393 -8.34 21.14 -32.50
CA ARG E 393 -9.63 20.45 -32.47
C ARG E 393 -9.52 19.04 -33.03
N LEU E 394 -8.69 18.85 -34.07
CA LEU E 394 -8.58 17.56 -34.73
C LEU E 394 -8.02 16.47 -33.81
N ALA E 395 -7.34 16.85 -32.73
CA ALA E 395 -6.90 15.84 -31.78
C ALA E 395 -8.07 15.17 -31.06
N TRP E 396 -9.25 15.79 -31.07
CA TRP E 396 -10.32 15.40 -30.15
C TRP E 396 -11.68 15.21 -30.81
N GLU E 397 -12.09 16.14 -31.67
CA GLU E 397 -13.45 16.10 -32.20
C GLU E 397 -13.59 15.00 -33.24
N GLU E 398 -14.74 14.32 -33.21
CA GLU E 398 -15.01 13.28 -34.19
C GLU E 398 -15.38 13.88 -35.53
N PRO E 399 -14.56 13.69 -36.58
CA PRO E 399 -14.84 14.41 -37.84
C PRO E 399 -15.97 13.81 -38.67
N PHE E 400 -16.05 12.49 -38.69
CA PHE E 400 -16.88 11.76 -39.66
C PHE E 400 -16.55 12.19 -41.08
N GLY E 401 -15.25 12.15 -41.38
CA GLY E 401 -14.73 12.47 -42.67
C GLY E 401 -13.34 11.87 -42.82
N PRO E 402 -12.78 11.94 -44.01
CA PRO E 402 -11.52 11.21 -44.30
C PRO E 402 -10.27 12.00 -43.90
N VAL E 403 -10.07 12.14 -42.60
CA VAL E 403 -8.96 12.91 -42.05
C VAL E 403 -8.38 12.17 -40.86
N LEU E 404 -7.05 12.08 -40.79
CA LEU E 404 -6.39 11.32 -39.75
C LEU E 404 -5.24 12.12 -39.16
N PRO E 405 -5.26 12.40 -37.85
CA PRO E 405 -4.09 13.01 -37.20
C PRO E 405 -3.13 12.01 -36.57
N ILE E 406 -1.85 12.35 -36.64
CA ILE E 406 -0.79 11.62 -35.94
C ILE E 406 -0.32 12.50 -34.80
N ILE E 407 -0.36 11.95 -33.58
CA ILE E 407 0.05 12.63 -32.37
C ILE E 407 1.25 11.88 -31.80
N ARG E 408 2.35 12.60 -31.60
CA ARG E 408 3.58 11.97 -31.11
C ARG E 408 3.63 12.04 -29.59
N VAL E 409 4.03 10.92 -28.97
CA VAL E 409 4.13 10.82 -27.53
C VAL E 409 5.53 10.32 -27.17
N THR E 410 5.95 10.63 -25.94
CA THR E 410 7.27 10.27 -25.45
CA THR E 410 7.26 10.25 -25.48
C THR E 410 7.27 8.97 -24.65
N THR E 411 6.15 8.61 -24.03
CA THR E 411 6.06 7.43 -23.18
C THR E 411 4.72 6.75 -23.39
N VAL E 412 4.67 5.46 -23.04
CA VAL E 412 3.39 4.75 -23.08
CA VAL E 412 3.40 4.74 -23.06
C VAL E 412 2.40 5.37 -22.10
N GLU E 413 2.89 5.83 -20.95
CA GLU E 413 2.01 6.48 -19.98
C GLU E 413 1.33 7.69 -20.59
N GLU E 414 2.09 8.49 -21.35
CA GLU E 414 1.50 9.65 -22.03
C GLU E 414 0.47 9.22 -23.06
N ALA E 415 0.73 8.11 -23.76
CA ALA E 415 -0.24 7.61 -24.74
C ALA E 415 -1.55 7.24 -24.07
N ILE E 416 -1.46 6.53 -22.94
CA ILE E 416 -2.66 6.15 -22.20
C ILE E 416 -3.39 7.40 -21.71
N LYS E 417 -2.65 8.38 -21.18
CA LYS E 417 -3.28 9.59 -20.68
CA LYS E 417 -3.27 9.59 -20.68
C LYS E 417 -4.03 10.33 -21.78
N ILE E 418 -3.37 10.55 -22.92
CA ILE E 418 -4.00 11.27 -24.02
C ILE E 418 -5.19 10.50 -24.55
N SER E 419 -5.05 9.18 -24.69
CA SER E 419 -6.18 8.36 -25.14
C SER E 419 -7.38 8.55 -24.23
N ASN E 420 -7.16 8.48 -22.91
CA ASN E 420 -8.25 8.52 -21.95
C ASN E 420 -8.80 9.92 -21.72
N GLU E 421 -8.06 10.96 -22.09
N GLU E 421 -8.05 10.96 -22.09
CA GLU E 421 -8.55 12.33 -21.95
CA GLU E 421 -8.53 12.33 -21.97
C GLU E 421 -9.69 12.63 -22.91
C GLU E 421 -9.71 12.60 -22.88
N SER E 422 -9.86 11.80 -23.95
CA SER E 422 -10.99 11.96 -24.85
C SER E 422 -12.31 11.79 -24.11
N GLU E 423 -13.31 12.55 -24.54
CA GLU E 423 -14.67 12.33 -24.05
C GLU E 423 -15.28 11.05 -24.60
N TYR E 424 -14.68 10.46 -25.63
CA TYR E 424 -15.14 9.22 -26.24
C TYR E 424 -14.39 8.04 -25.62
N GLY E 425 -14.98 6.86 -25.79
CA GLY E 425 -14.36 5.66 -25.27
C GLY E 425 -14.91 4.41 -25.92
N LEU E 426 -14.78 4.32 -27.23
CA LEU E 426 -15.39 3.22 -27.98
C LEU E 426 -14.40 2.06 -28.09
N GLN E 427 -13.37 2.20 -28.93
CA GLN E 427 -12.38 1.16 -29.08
C GLN E 427 -10.98 1.76 -29.15
N ALA E 428 -9.98 0.89 -29.10
CA ALA E 428 -8.61 1.28 -29.37
C ALA E 428 -7.90 0.11 -30.04
N SER E 429 -6.85 0.43 -30.80
CA SER E 429 -5.92 -0.54 -31.33
CA SER E 429 -5.93 -0.58 -31.30
C SER E 429 -4.56 -0.32 -30.69
N ILE E 430 -3.83 -1.41 -30.46
CA ILE E 430 -2.45 -1.36 -29.96
C ILE E 430 -1.59 -2.17 -30.91
N PHE E 431 -0.49 -1.58 -31.37
CA PHE E 431 0.43 -2.23 -32.30
C PHE E 431 1.76 -2.43 -31.59
N THR E 432 2.12 -3.70 -31.39
CA THR E 432 3.27 -4.09 -30.58
C THR E 432 3.50 -5.57 -30.83
N THR E 433 4.69 -6.03 -30.49
CA THR E 433 4.97 -7.46 -30.48
C THR E 433 4.86 -8.08 -29.09
N ASN E 434 4.68 -7.25 -28.05
CA ASN E 434 4.66 -7.67 -26.65
C ASN E 434 3.20 -7.68 -26.20
N PHE E 435 2.56 -8.85 -26.30
CA PHE E 435 1.15 -8.95 -26.03
CA PHE E 435 1.14 -9.03 -26.02
C PHE E 435 0.84 -8.86 -24.53
N PRO E 436 1.65 -9.45 -23.65
CA PRO E 436 1.40 -9.22 -22.21
C PRO E 436 1.39 -7.73 -21.87
N LYS E 437 2.32 -6.97 -22.45
CA LYS E 437 2.31 -5.52 -22.23
C LYS E 437 1.06 -4.90 -22.84
N ALA E 438 0.67 -5.33 -24.04
CA ALA E 438 -0.54 -4.80 -24.65
C ALA E 438 -1.77 -5.04 -23.78
N PHE E 439 -1.86 -6.23 -23.16
CA PHE E 439 -2.98 -6.50 -22.28
CA PHE E 439 -2.99 -6.50 -22.28
C PHE E 439 -2.95 -5.57 -21.07
N GLY E 440 -1.77 -5.30 -20.52
CA GLY E 440 -1.68 -4.36 -19.41
C GLY E 440 -2.09 -2.95 -19.80
N ILE E 441 -1.72 -2.53 -21.01
CA ILE E 441 -2.19 -1.24 -21.51
C ILE E 441 -3.70 -1.26 -21.69
N ALA E 442 -4.23 -2.36 -22.26
CA ALA E 442 -5.67 -2.45 -22.52
C ALA E 442 -6.47 -2.29 -21.23
N GLU E 443 -5.96 -2.85 -20.12
CA GLU E 443 -6.66 -2.70 -18.85
C GLU E 443 -6.84 -1.24 -18.48
N GLN E 444 -5.90 -0.37 -18.83
CA GLN E 444 -5.93 1.03 -18.44
C GLN E 444 -6.69 1.91 -19.41
N LEU E 445 -7.00 1.42 -20.60
CA LEU E 445 -7.68 2.24 -21.59
C LEU E 445 -9.19 2.22 -21.34
N GLU E 446 -9.80 3.41 -21.36
CA GLU E 446 -11.22 3.59 -21.06
C GLU E 446 -12.02 3.41 -22.35
N VAL E 447 -12.09 2.16 -22.79
CA VAL E 447 -12.79 1.78 -24.02
C VAL E 447 -13.54 0.48 -23.77
N GLY E 448 -14.41 0.15 -24.72
CA GLY E 448 -15.11 -1.12 -24.70
C GLY E 448 -14.26 -2.28 -25.20
N THR E 449 -13.51 -2.06 -26.28
CA THR E 449 -12.76 -3.13 -26.93
C THR E 449 -11.40 -2.63 -27.39
N VAL E 450 -10.39 -3.47 -27.19
CA VAL E 450 -9.04 -3.22 -27.69
C VAL E 450 -8.71 -4.31 -28.71
N HIS E 451 -8.34 -3.90 -29.92
CA HIS E 451 -7.87 -4.83 -30.93
C HIS E 451 -6.34 -4.80 -30.97
N LEU E 452 -5.74 -5.98 -31.03
CA LEU E 452 -4.29 -6.10 -30.98
C LEU E 452 -3.77 -6.36 -32.40
N ASN E 453 -2.90 -5.47 -32.86
CA ASN E 453 -2.30 -5.56 -34.19
C ASN E 453 -3.38 -5.66 -35.26
N ASN E 454 -4.49 -4.95 -35.04
CA ASN E 454 -5.54 -4.88 -36.05
CA ASN E 454 -5.57 -4.90 -36.02
C ASN E 454 -6.32 -3.59 -35.85
N LYS E 455 -7.03 -3.20 -36.91
CA LYS E 455 -7.86 -2.02 -36.83
C LYS E 455 -9.03 -2.27 -35.89
N THR E 456 -9.54 -1.20 -35.30
CA THR E 456 -10.76 -1.29 -34.52
C THR E 456 -11.94 -1.60 -35.44
N GLN E 457 -12.92 -2.32 -34.90
CA GLN E 457 -14.05 -2.77 -35.71
C GLN E 457 -15.11 -3.36 -34.78
N ARG E 458 -16.35 -3.40 -35.28
CA ARG E 458 -17.47 -3.91 -34.50
C ARG E 458 -17.47 -5.43 -34.43
N GLY E 459 -17.01 -6.12 -35.48
CA GLY E 459 -17.17 -7.55 -35.58
C GLY E 459 -16.08 -8.34 -34.89
N THR E 460 -16.19 -9.68 -34.98
CA THR E 460 -17.34 -10.39 -35.58
C THR E 460 -18.57 -10.11 -34.70
N ASP E 461 -19.75 -10.24 -35.27
CA ASP E 461 -20.94 -9.69 -34.63
C ASP E 461 -21.44 -10.50 -33.45
N ASN E 462 -20.84 -11.66 -33.15
CA ASN E 462 -21.11 -12.33 -31.89
C ASN E 462 -20.31 -11.73 -30.73
N PHE E 463 -19.26 -10.97 -31.03
CA PHE E 463 -18.45 -10.34 -30.00
C PHE E 463 -19.20 -9.18 -29.36
N PRO E 464 -18.91 -8.85 -28.10
CA PRO E 464 -19.51 -7.64 -27.50
C PRO E 464 -19.05 -6.39 -28.23
N PHE E 465 -19.96 -5.44 -28.40
CA PHE E 465 -19.66 -4.13 -28.96
C PHE E 465 -20.25 -3.09 -28.02
N LEU E 466 -19.39 -2.25 -27.46
CA LEU E 466 -19.87 -1.27 -26.51
C LEU E 466 -18.89 -0.11 -26.46
N GLY E 467 -19.40 1.02 -25.99
CA GLY E 467 -18.60 2.22 -25.84
C GLY E 467 -18.99 2.95 -24.58
N ALA E 468 -17.97 3.47 -23.89
CA ALA E 468 -18.09 4.15 -22.61
C ALA E 468 -18.14 5.65 -22.82
N LYS E 469 -18.30 6.38 -21.70
CA LYS E 469 -18.23 7.84 -21.66
C LYS E 469 -19.23 8.39 -22.68
N LYS E 470 -18.83 9.27 -23.58
CA LYS E 470 -19.77 9.81 -24.55
C LYS E 470 -19.97 8.90 -25.76
N SER E 471 -19.40 7.71 -25.76
CA SER E 471 -19.62 6.78 -26.87
C SER E 471 -20.89 5.96 -26.72
N GLY E 472 -21.60 6.09 -25.60
CA GLY E 472 -22.92 5.49 -25.48
C GLY E 472 -23.20 4.69 -24.23
N ALA E 473 -24.05 3.68 -24.36
CA ALA E 473 -24.54 2.91 -23.22
C ALA E 473 -25.05 1.57 -23.69
N GLY E 474 -24.86 0.56 -22.85
CA GLY E 474 -25.33 -0.78 -23.14
C GLY E 474 -24.33 -1.55 -23.99
N VAL E 475 -24.58 -2.86 -24.08
CA VAL E 475 -23.66 -3.79 -24.74
C VAL E 475 -24.43 -4.48 -25.85
N GLN E 476 -23.91 -4.39 -27.08
CA GLN E 476 -24.47 -5.11 -28.21
C GLN E 476 -23.46 -6.16 -28.67
N GLY E 477 -23.56 -6.57 -29.93
CA GLY E 477 -23.16 -7.91 -30.27
C GLY E 477 -24.37 -8.80 -30.00
N VAL E 478 -24.50 -9.92 -30.70
CA VAL E 478 -25.81 -10.54 -30.86
C VAL E 478 -26.39 -10.94 -29.50
N LYS E 479 -25.70 -11.79 -28.75
CA LYS E 479 -26.30 -12.30 -27.52
CA LYS E 479 -26.30 -12.30 -27.52
C LYS E 479 -26.45 -11.18 -26.49
N TYR E 480 -25.53 -10.22 -26.47
CA TYR E 480 -25.63 -9.12 -25.52
C TYR E 480 -26.84 -8.24 -25.83
N SER E 481 -27.13 -8.04 -27.12
CA SER E 481 -28.31 -7.27 -27.52
CA SER E 481 -28.31 -7.25 -27.48
C SER E 481 -29.58 -7.97 -27.10
N ILE E 482 -29.62 -9.31 -27.23
CA ILE E 482 -30.80 -10.05 -26.79
C ILE E 482 -31.00 -9.90 -25.29
N GLU E 483 -29.92 -10.10 -24.52
CA GLU E 483 -29.99 -9.96 -23.07
CA GLU E 483 -30.01 -9.97 -23.07
C GLU E 483 -30.49 -8.57 -22.69
N ALA E 484 -30.00 -7.54 -23.38
CA ALA E 484 -30.36 -6.17 -23.05
C ALA E 484 -31.85 -5.92 -23.19
N MET E 485 -32.47 -6.53 -24.20
CA MET E 485 -33.88 -6.31 -24.52
C MET E 485 -34.76 -7.42 -23.96
N THR E 486 -34.31 -8.05 -22.90
CA THR E 486 -35.12 -8.98 -22.14
C THR E 486 -35.03 -8.56 -20.67
N THR E 487 -36.07 -8.91 -19.92
CA THR E 487 -36.04 -8.82 -18.47
C THR E 487 -36.35 -10.21 -17.92
N VAL E 488 -36.64 -10.28 -16.62
CA VAL E 488 -36.96 -11.56 -16.01
C VAL E 488 -38.23 -11.43 -15.20
N LYS E 489 -38.85 -12.59 -14.98
CA LYS E 489 -40.01 -12.78 -14.11
C LYS E 489 -39.68 -13.99 -13.26
N SER E 490 -39.72 -13.82 -11.94
CA SER E 490 -39.43 -14.88 -10.99
CA SER E 490 -39.43 -14.90 -11.01
C SER E 490 -40.71 -15.35 -10.33
N VAL E 491 -40.86 -16.66 -10.20
CA VAL E 491 -41.96 -17.26 -9.46
C VAL E 491 -41.34 -18.01 -8.30
N VAL E 492 -41.76 -17.68 -7.09
CA VAL E 492 -41.11 -18.16 -5.88
C VAL E 492 -42.14 -18.99 -5.13
N PHE E 493 -41.72 -20.18 -4.69
CA PHE E 493 -42.61 -21.01 -3.90
C PHE E 493 -41.81 -21.83 -2.91
N ASP E 494 -42.52 -22.41 -1.95
CA ASP E 494 -41.91 -23.19 -0.88
C ASP E 494 -42.22 -24.66 -1.08
N ILE E 495 -41.18 -25.48 -1.18
CA ILE E 495 -41.33 -26.92 -1.29
C ILE E 495 -41.86 -27.47 0.04
N GLN E 496 -42.79 -28.42 -0.06
CA GLN E 496 -43.31 -29.10 1.12
C GLN E 496 -42.84 -30.55 1.13
N ALA F 23 -26.50 16.83 22.13
CA ALA F 23 -26.71 15.80 21.12
C ALA F 23 -25.50 15.71 20.19
N LYS F 24 -25.23 14.51 19.67
CA LYS F 24 -24.02 14.28 18.88
C LYS F 24 -24.17 14.86 17.48
N GLN F 25 -23.11 15.51 17.01
CA GLN F 25 -23.01 15.95 15.63
C GLN F 25 -22.35 14.83 14.83
N TYR F 26 -23.11 14.15 13.99
CA TYR F 26 -22.54 13.09 13.18
C TYR F 26 -21.87 13.69 11.94
N LYS F 27 -20.91 12.94 11.39
CA LYS F 27 -20.01 13.45 10.38
C LYS F 27 -20.02 12.54 9.16
N ASN F 28 -19.86 13.16 7.99
CA ASN F 28 -19.72 12.40 6.76
C ASN F 28 -18.30 11.89 6.60
N LEU F 29 -18.20 10.72 5.96
CA LEU F 29 -16.93 10.12 5.58
C LEU F 29 -16.54 10.68 4.21
N VAL F 30 -15.47 11.47 4.17
CA VAL F 30 -15.04 12.12 2.94
C VAL F 30 -13.54 11.89 2.80
N ASN F 31 -13.17 11.04 1.84
CA ASN F 31 -11.77 10.79 1.51
C ASN F 31 -10.98 10.39 2.77
N GLY F 32 -11.56 9.47 3.53
CA GLY F 32 -10.92 8.92 4.71
C GLY F 32 -10.99 9.79 5.95
N GLU F 33 -11.63 10.95 5.88
CA GLU F 33 -11.74 11.86 7.00
C GLU F 33 -13.22 12.08 7.33
N TRP F 34 -13.47 12.43 8.59
CA TRP F 34 -14.83 12.67 9.09
C TRP F 34 -15.09 14.18 9.14
N LYS F 35 -16.11 14.63 8.42
CA LYS F 35 -16.33 16.05 8.21
C LYS F 35 -17.74 16.48 8.56
N LEU F 36 -17.85 17.47 9.45
CA LEU F 36 -19.07 18.26 9.57
C LEU F 36 -19.18 19.23 8.40
N SER F 37 -20.35 19.83 8.24
CA SER F 37 -20.56 20.92 7.31
C SER F 37 -20.96 22.17 8.08
N GLU F 38 -21.00 23.29 7.36
CA GLU F 38 -21.36 24.56 7.99
C GLU F 38 -22.73 24.47 8.63
N ASN F 39 -23.72 23.99 7.89
CA ASN F 39 -25.06 23.81 8.42
C ASN F 39 -25.33 22.32 8.65
N GLU F 40 -26.31 22.06 9.52
CA GLU F 40 -26.64 20.71 9.97
C GLU F 40 -28.15 20.58 10.06
N ILE F 41 -28.60 19.32 10.07
CA ILE F 41 -30.01 18.94 10.17
C ILE F 41 -30.18 18.16 11.45
N THR F 42 -30.97 18.68 12.38
CA THR F 42 -31.25 17.97 13.62
C THR F 42 -32.26 16.86 13.34
N ILE F 43 -31.98 15.66 13.85
CA ILE F 43 -32.80 14.48 13.61
C ILE F 43 -33.51 14.11 14.91
N TYR F 44 -34.81 13.89 14.83
CA TYR F 44 -35.63 13.51 15.98
C TYR F 44 -36.22 12.13 15.77
N ALA F 45 -36.42 11.40 16.87
CA ALA F 45 -37.07 10.09 16.80
C ALA F 45 -38.55 10.28 16.48
N PRO F 46 -39.06 9.71 15.38
CA PRO F 46 -40.46 9.99 15.01
C PRO F 46 -41.48 9.53 16.03
N ALA F 47 -41.18 8.50 16.82
CA ALA F 47 -42.16 7.96 17.75
C ALA F 47 -42.23 8.73 19.05
N THR F 48 -41.13 9.37 19.45
CA THR F 48 -41.01 9.98 20.77
C THR F 48 -40.56 11.43 20.77
N GLY F 49 -40.08 11.96 19.64
CA GLY F 49 -39.58 13.33 19.59
C GLY F 49 -38.19 13.52 20.17
N GLU F 50 -37.56 12.47 20.65
CA GLU F 50 -36.21 12.57 21.22
C GLU F 50 -35.21 13.06 20.18
N GLU F 51 -34.44 14.08 20.55
CA GLU F 51 -33.36 14.56 19.70
C GLU F 51 -32.25 13.52 19.66
N LEU F 52 -31.93 13.03 18.46
CA LEU F 52 -30.93 11.97 18.32
C LEU F 52 -29.54 12.50 17.95
N GLY F 53 -29.44 13.72 17.45
CA GLY F 53 -28.21 14.28 16.94
C GLY F 53 -28.47 15.02 15.65
N SER F 54 -27.40 15.46 15.01
CA SER F 54 -27.52 16.12 13.72
C SER F 54 -26.68 15.42 12.67
N VAL F 55 -27.01 15.66 11.40
CA VAL F 55 -26.15 15.23 10.30
C VAL F 55 -25.86 16.45 9.42
N PRO F 56 -24.75 16.44 8.68
CA PRO F 56 -24.39 17.64 7.91
C PRO F 56 -25.38 17.94 6.80
N ALA F 57 -25.53 19.24 6.52
CA ALA F 57 -26.31 19.72 5.38
C ALA F 57 -25.32 20.14 4.30
N MET F 58 -24.89 19.16 3.51
CA MET F 58 -23.81 19.41 2.57
C MET F 58 -24.23 20.40 1.49
N THR F 59 -23.23 21.14 1.00
CA THR F 59 -23.37 22.01 -0.15
C THR F 59 -23.06 21.23 -1.43
N GLN F 60 -23.44 21.82 -2.57
CA GLN F 60 -23.05 21.26 -3.85
C GLN F 60 -21.53 21.15 -3.98
N ALA F 61 -20.81 22.14 -3.45
CA ALA F 61 -19.34 22.10 -3.54
C ALA F 61 -18.78 20.93 -2.72
N GLU F 62 -19.40 20.63 -1.58
CA GLU F 62 -18.98 19.49 -0.79
C GLU F 62 -19.28 18.18 -1.49
N VAL F 63 -20.38 18.13 -2.27
CA VAL F 63 -20.63 16.97 -3.11
C VAL F 63 -19.52 16.84 -4.15
N ASP F 64 -19.13 17.96 -4.77
CA ASP F 64 -18.05 17.95 -5.75
C ASP F 64 -16.80 17.30 -5.16
N ALA F 65 -16.48 17.63 -3.91
CA ALA F 65 -15.24 17.17 -3.31
C ALA F 65 -15.29 15.67 -3.00
N VAL F 66 -16.46 15.18 -2.56
CA VAL F 66 -16.65 13.74 -2.42
C VAL F 66 -16.38 13.04 -3.74
N TYR F 67 -17.04 13.51 -4.81
CA TYR F 67 -16.90 12.83 -6.09
C TYR F 67 -15.46 12.91 -6.60
N ALA F 68 -14.80 14.06 -6.44
CA ALA F 68 -13.42 14.17 -6.91
C ALA F 68 -12.51 13.20 -6.15
N SER F 69 -12.73 13.05 -4.84
CA SER F 69 -11.90 12.12 -4.08
CA SER F 69 -11.91 12.12 -4.07
C SER F 69 -12.18 10.68 -4.48
N ALA F 70 -13.45 10.35 -4.76
CA ALA F 70 -13.78 9.01 -5.21
C ALA F 70 -13.09 8.68 -6.53
N LYS F 71 -13.17 9.59 -7.50
CA LYS F 71 -12.54 9.32 -8.79
C LYS F 71 -11.03 9.19 -8.64
N LYS F 72 -10.42 9.94 -7.73
CA LYS F 72 -8.98 9.83 -7.53
C LYS F 72 -8.61 8.46 -6.96
N ALA F 73 -9.47 7.91 -6.10
CA ALA F 73 -9.21 6.63 -5.46
C ALA F 73 -9.52 5.45 -6.36
N LEU F 74 -10.26 5.68 -7.46
CA LEU F 74 -10.75 4.57 -8.27
C LEU F 74 -9.61 3.78 -8.91
N SER F 75 -8.56 4.48 -9.38
CA SER F 75 -7.54 3.76 -10.12
C SER F 75 -6.87 2.70 -9.27
N ASP F 76 -6.42 3.06 -8.06
CA ASP F 76 -5.78 2.08 -7.18
C ASP F 76 -6.77 1.03 -6.68
N TRP F 77 -8.04 1.38 -6.50
CA TRP F 77 -9.02 0.42 -5.97
C TRP F 77 -9.34 -0.64 -7.01
N ARG F 78 -9.59 -0.24 -8.26
CA ARG F 78 -10.00 -1.23 -9.26
C ARG F 78 -8.86 -2.14 -9.68
N THR F 79 -7.60 -1.75 -9.42
CA THR F 79 -6.46 -2.61 -9.76
CA THR F 79 -6.46 -2.60 -9.75
C THR F 79 -6.11 -3.57 -8.63
N LEU F 80 -6.75 -3.47 -7.47
CA LEU F 80 -6.58 -4.47 -6.43
C LEU F 80 -7.15 -5.79 -6.90
N SER F 81 -6.70 -6.87 -6.27
CA SER F 81 -7.29 -8.17 -6.57
C SER F 81 -8.70 -8.26 -5.99
N TYR F 82 -9.48 -9.19 -6.53
CA TYR F 82 -10.78 -9.47 -5.93
C TYR F 82 -10.65 -9.89 -4.47
N VAL F 83 -9.66 -10.74 -4.15
CA VAL F 83 -9.50 -11.21 -2.78
CA VAL F 83 -9.55 -11.20 -2.78
C VAL F 83 -9.29 -10.03 -1.84
N GLU F 84 -8.49 -9.05 -2.26
CA GLU F 84 -8.21 -7.93 -1.38
C GLU F 84 -9.45 -7.09 -1.14
N ARG F 85 -10.24 -6.83 -2.18
CA ARG F 85 -11.47 -6.07 -2.01
C ARG F 85 -12.46 -6.85 -1.16
N ALA F 86 -12.53 -8.17 -1.35
CA ALA F 86 -13.42 -9.01 -0.55
C ALA F 86 -13.06 -8.93 0.93
N ALA F 87 -11.77 -8.86 1.25
CA ALA F 87 -11.35 -8.86 2.64
C ALA F 87 -11.86 -7.62 3.38
N TYR F 88 -11.81 -6.46 2.71
CA TYR F 88 -12.35 -5.25 3.31
C TYR F 88 -13.83 -5.41 3.63
N LEU F 89 -14.60 -6.00 2.70
CA LEU F 89 -16.03 -6.15 2.92
CA LEU F 89 -16.03 -6.16 2.92
C LEU F 89 -16.32 -7.12 4.06
N HIS F 90 -15.62 -8.26 4.10
CA HIS F 90 -15.82 -9.21 5.19
C HIS F 90 -15.52 -8.55 6.54
N LYS F 91 -14.45 -7.74 6.62
CA LYS F 91 -14.12 -7.08 7.87
CA LYS F 91 -14.13 -7.10 7.89
C LYS F 91 -15.20 -6.09 8.27
N ALA F 92 -15.73 -5.34 7.30
CA ALA F 92 -16.80 -4.40 7.59
C ALA F 92 -18.04 -5.12 8.12
N ALA F 93 -18.39 -6.26 7.52
CA ALA F 93 -19.52 -7.05 7.98
C ALA F 93 -19.29 -7.57 9.40
N ASP F 94 -18.07 -8.02 9.70
CA ASP F 94 -17.77 -8.48 11.04
C ASP F 94 -18.00 -7.37 12.06
N ILE F 95 -17.59 -6.14 11.73
CA ILE F 95 -17.77 -5.01 12.62
C ILE F 95 -19.25 -4.68 12.80
N LEU F 96 -20.03 -4.71 11.72
CA LEU F 96 -21.47 -4.48 11.86
C LEU F 96 -22.11 -5.50 12.81
N VAL F 97 -21.74 -6.77 12.69
CA VAL F 97 -22.28 -7.79 13.59
C VAL F 97 -21.88 -7.48 15.03
N ARG F 98 -20.60 -7.13 15.23
CA ARG F 98 -20.15 -6.76 16.57
C ARG F 98 -20.96 -5.63 17.15
N ASP F 99 -21.29 -4.62 16.35
CA ASP F 99 -21.97 -3.44 16.83
C ASP F 99 -23.47 -3.44 16.50
N ALA F 100 -24.04 -4.62 16.20
CA ALA F 100 -25.42 -4.66 15.73
C ALA F 100 -26.39 -4.09 16.76
N GLU F 101 -26.18 -4.38 18.05
CA GLU F 101 -27.08 -3.84 19.05
CA GLU F 101 -27.09 -3.84 19.05
C GLU F 101 -26.93 -2.32 19.16
N LYS F 102 -25.69 -1.83 19.10
CA LYS F 102 -25.43 -0.39 19.20
C LYS F 102 -26.09 0.36 18.04
N ILE F 103 -25.87 -0.12 16.82
CA ILE F 103 -26.44 0.54 15.65
C ILE F 103 -27.95 0.34 15.60
N GLY F 104 -28.42 -0.88 15.83
CA GLY F 104 -29.84 -1.13 15.79
C GLY F 104 -30.64 -0.30 16.77
N ALA F 105 -30.07 -0.03 17.95
CA ALA F 105 -30.79 0.78 18.94
C ALA F 105 -31.07 2.17 18.39
N ILE F 106 -30.09 2.77 17.71
CA ILE F 106 -30.29 4.10 17.15
C ILE F 106 -31.20 4.05 15.91
N LEU F 107 -31.00 3.05 15.05
CA LEU F 107 -31.84 2.91 13.86
CA LEU F 107 -31.84 2.90 13.87
C LEU F 107 -33.31 2.77 14.26
N SER F 108 -33.58 1.99 15.31
CA SER F 108 -34.95 1.82 15.80
C SER F 108 -35.57 3.18 16.13
N LYS F 109 -34.83 4.02 16.86
N LYS F 109 -34.84 4.02 16.87
CA LYS F 109 -35.33 5.35 17.18
CA LYS F 109 -35.35 5.35 17.17
C LYS F 109 -35.45 6.21 15.94
C LYS F 109 -35.46 6.21 15.91
N GLU F 110 -34.47 6.14 15.03
CA GLU F 110 -34.41 7.11 13.94
C GLU F 110 -35.56 6.94 12.95
N VAL F 111 -35.95 5.71 12.64
CA VAL F 111 -37.01 5.50 11.66
C VAL F 111 -38.22 4.79 12.29
N ALA F 112 -38.32 4.84 13.62
CA ALA F 112 -39.47 4.31 14.34
C ALA F 112 -39.74 2.86 13.93
N LYS F 113 -38.67 2.07 13.92
CA LYS F 113 -38.72 0.65 13.61
C LYS F 113 -38.53 -0.14 14.90
N GLY F 114 -39.34 -1.18 15.08
CA GLY F 114 -39.21 -2.04 16.24
C GLY F 114 -37.76 -2.39 16.54
N HIS F 115 -37.38 -2.36 17.82
CA HIS F 115 -35.97 -2.54 18.18
CA HIS F 115 -35.98 -2.54 18.17
C HIS F 115 -35.42 -3.84 17.62
N LYS F 116 -36.13 -4.95 17.86
CA LYS F 116 -35.68 -6.24 17.35
C LYS F 116 -35.57 -6.24 15.83
N ALA F 117 -36.54 -5.61 15.15
CA ALA F 117 -36.47 -5.52 13.70
C ALA F 117 -35.30 -4.67 13.24
N ALA F 118 -34.92 -3.66 14.03
CA ALA F 118 -33.81 -2.79 13.63
C ALA F 118 -32.47 -3.52 13.75
N VAL F 119 -32.27 -4.24 14.86
CA VAL F 119 -31.08 -5.07 14.98
C VAL F 119 -31.04 -6.11 13.87
N SER F 120 -32.20 -6.69 13.54
CA SER F 120 -32.26 -7.67 12.47
C SER F 120 -31.87 -7.06 11.13
N GLU F 121 -32.26 -5.80 10.90
CA GLU F 121 -31.83 -5.13 9.67
C GLU F 121 -30.31 -5.06 9.60
N VAL F 122 -29.66 -4.73 10.72
CA VAL F 122 -28.19 -4.62 10.71
C VAL F 122 -27.55 -5.99 10.44
N ILE F 123 -28.08 -7.03 11.08
CA ILE F 123 -27.54 -8.39 10.86
C ILE F 123 -27.73 -8.81 9.40
N ARG F 124 -28.91 -8.53 8.85
CA ARG F 124 -29.16 -8.86 7.44
C ARG F 124 -28.21 -8.10 6.53
N THR F 125 -27.92 -6.83 6.84
CA THR F 125 -26.99 -6.07 6.03
C THR F 125 -25.60 -6.73 6.01
N ALA F 126 -25.16 -7.24 7.16
CA ALA F 126 -23.88 -7.94 7.21
C ALA F 126 -23.92 -9.21 6.36
N GLU F 127 -25.02 -9.96 6.44
CA GLU F 127 -25.17 -11.13 5.59
C GLU F 127 -25.07 -10.77 4.11
N ILE F 128 -25.71 -9.67 3.73
CA ILE F 128 -25.67 -9.25 2.33
C ILE F 128 -24.25 -8.83 1.94
N ILE F 129 -23.56 -8.09 2.82
CA ILE F 129 -22.20 -7.66 2.49
C ILE F 129 -21.30 -8.87 2.28
N ASN F 130 -21.36 -9.85 3.18
CA ASN F 130 -20.52 -11.04 3.05
C ASN F 130 -20.85 -11.81 1.77
N TYR F 131 -22.15 -12.00 1.49
CA TYR F 131 -22.56 -12.74 0.30
C TYR F 131 -22.13 -12.01 -0.96
N ALA F 132 -22.22 -10.68 -0.97
CA ALA F 132 -21.79 -9.92 -2.14
C ALA F 132 -20.28 -10.04 -2.36
N ALA F 133 -19.49 -10.02 -1.28
CA ALA F 133 -18.06 -10.19 -1.40
C ALA F 133 -17.72 -11.51 -2.08
N GLU F 134 -18.35 -12.60 -1.65
CA GLU F 134 -18.03 -13.90 -2.21
CA GLU F 134 -18.04 -13.92 -2.20
C GLU F 134 -18.66 -14.13 -3.58
N GLU F 135 -19.83 -13.53 -3.83
CA GLU F 135 -20.40 -13.63 -5.17
C GLU F 135 -19.53 -12.89 -6.17
N GLY F 136 -19.10 -11.68 -5.82
CA GLY F 136 -18.40 -10.85 -6.78
C GLY F 136 -16.99 -11.32 -7.08
N LEU F 137 -16.34 -11.96 -6.11
CA LEU F 137 -14.94 -12.31 -6.30
C LEU F 137 -14.76 -13.48 -7.23
N ARG F 138 -15.86 -14.21 -7.52
CA ARG F 138 -15.89 -15.33 -8.46
C ARG F 138 -16.35 -14.91 -9.84
N MET F 139 -16.56 -13.61 -10.04
CA MET F 139 -16.92 -13.09 -11.34
C MET F 139 -16.03 -13.69 -12.42
N GLU F 140 -16.64 -14.06 -13.54
CA GLU F 140 -15.89 -14.61 -14.65
C GLU F 140 -16.12 -13.80 -15.91
N GLY F 141 -15.15 -13.88 -16.82
CA GLY F 141 -15.31 -13.40 -18.17
C GLY F 141 -15.62 -14.53 -19.13
N GLU F 142 -15.52 -14.20 -20.42
CA GLU F 142 -15.86 -15.15 -21.47
C GLU F 142 -14.85 -15.07 -22.60
N VAL F 143 -14.68 -16.17 -23.32
CA VAL F 143 -13.93 -16.22 -24.57
C VAL F 143 -14.91 -16.54 -25.69
N LEU F 144 -14.94 -15.70 -26.72
CA LEU F 144 -15.82 -15.90 -27.86
C LEU F 144 -15.02 -16.22 -29.12
N GLU F 145 -15.64 -17.05 -29.98
CA GLU F 145 -14.99 -17.60 -31.17
C GLU F 145 -15.53 -16.90 -32.41
N GLY F 146 -14.63 -16.28 -33.18
CA GLY F 146 -15.05 -15.75 -34.46
C GLY F 146 -15.67 -16.81 -35.35
N GLY F 147 -15.17 -18.05 -35.24
CA GLY F 147 -15.64 -19.15 -36.05
C GLY F 147 -17.05 -19.58 -35.75
N SER F 148 -17.62 -19.14 -34.63
N SER F 148 -17.62 -19.13 -34.63
CA SER F 148 -19.04 -19.36 -34.40
CA SER F 148 -19.04 -19.34 -34.38
C SER F 148 -19.89 -18.58 -35.40
C SER F 148 -19.90 -18.57 -35.37
N PHE F 149 -19.38 -17.47 -35.89
CA PHE F 149 -20.15 -16.55 -36.73
C PHE F 149 -19.77 -16.60 -38.21
N GLU F 150 -18.47 -16.68 -38.52
CA GLU F 150 -18.04 -16.69 -39.91
CA GLU F 150 -18.00 -16.61 -39.90
C GLU F 150 -16.77 -17.49 -40.04
N ALA F 151 -16.74 -18.35 -41.05
CA ALA F 151 -15.60 -19.24 -41.25
C ALA F 151 -14.30 -18.45 -41.38
N ALA F 152 -14.34 -17.33 -42.10
CA ALA F 152 -13.11 -16.56 -42.34
C ALA F 152 -12.50 -15.98 -41.08
N SER F 153 -13.26 -15.88 -39.99
CA SER F 153 -12.77 -15.30 -38.75
C SER F 153 -12.50 -16.36 -37.68
N LYS F 154 -12.22 -17.60 -38.08
CA LYS F 154 -12.16 -18.67 -37.10
C LYS F 154 -10.92 -18.58 -36.22
N LYS F 155 -9.91 -17.83 -36.64
CA LYS F 155 -8.72 -17.60 -35.82
C LYS F 155 -8.82 -16.33 -34.99
N LYS F 156 -9.94 -15.61 -35.04
CA LYS F 156 -10.11 -14.39 -34.26
C LYS F 156 -10.90 -14.73 -33.01
N ILE F 157 -10.37 -14.36 -31.84
CA ILE F 157 -11.11 -14.60 -30.61
C ILE F 157 -11.15 -13.34 -29.75
N ALA F 158 -12.18 -13.27 -28.90
CA ALA F 158 -12.40 -12.13 -28.02
C ALA F 158 -12.28 -12.58 -26.57
N ILE F 159 -11.33 -11.97 -25.85
N ILE F 159 -11.36 -11.95 -25.84
CA ILE F 159 -11.17 -12.19 -24.42
CA ILE F 159 -11.15 -12.17 -24.41
C ILE F 159 -11.96 -11.09 -23.70
C ILE F 159 -11.94 -11.10 -23.68
N VAL F 160 -13.02 -11.49 -23.02
CA VAL F 160 -13.96 -10.54 -22.41
C VAL F 160 -13.87 -10.64 -20.89
N ARG F 161 -13.52 -9.54 -20.23
CA ARG F 161 -13.36 -9.50 -18.79
C ARG F 161 -14.24 -8.39 -18.22
N ARG F 162 -14.71 -8.59 -17.00
CA ARG F 162 -15.57 -7.61 -16.37
C ARG F 162 -14.74 -6.49 -15.74
N GLU F 163 -15.29 -5.29 -15.74
CA GLU F 163 -14.71 -4.13 -15.11
C GLU F 163 -15.79 -3.34 -14.40
N PRO F 164 -15.43 -2.54 -13.40
CA PRO F 164 -16.39 -1.63 -12.79
C PRO F 164 -16.84 -0.55 -13.76
N VAL F 165 -18.02 0.02 -13.46
CA VAL F 165 -18.50 1.16 -14.23
C VAL F 165 -17.86 2.46 -13.77
N GLY F 166 -17.36 2.52 -12.52
CA GLY F 166 -16.68 3.69 -12.03
C GLY F 166 -17.17 4.15 -10.67
N LEU F 167 -17.78 5.33 -10.63
CA LEU F 167 -18.35 5.90 -9.41
C LEU F 167 -19.83 5.55 -9.35
N VAL F 168 -20.23 4.84 -8.30
CA VAL F 168 -21.62 4.48 -8.06
C VAL F 168 -22.17 5.41 -6.98
N LEU F 169 -23.25 6.10 -7.30
CA LEU F 169 -24.04 6.84 -6.31
C LEU F 169 -25.12 5.89 -5.80
N ALA F 170 -25.07 5.59 -4.50
CA ALA F 170 -26.07 4.74 -3.86
C ALA F 170 -26.96 5.61 -2.97
N ILE F 171 -28.27 5.44 -3.08
CA ILE F 171 -29.25 6.23 -2.33
C ILE F 171 -30.21 5.25 -1.67
N SER F 172 -30.18 5.20 -0.35
CA SER F 172 -31.03 4.27 0.39
C SER F 172 -32.25 4.99 0.96
N PRO F 173 -33.31 4.24 1.33
CA PRO F 173 -34.59 4.87 1.72
C PRO F 173 -34.80 4.85 3.23
N PHE F 174 -35.76 5.64 3.73
CA PHE F 174 -35.95 5.71 5.18
C PHE F 174 -36.35 4.36 5.75
N ASN F 175 -37.04 3.51 4.98
CA ASN F 175 -37.58 2.28 5.53
CA ASN F 175 -37.58 2.27 5.51
C ASN F 175 -36.54 1.18 5.67
N TYR F 176 -35.38 1.33 5.04
CA TYR F 176 -34.29 0.38 5.15
C TYR F 176 -32.98 1.14 4.97
N PRO F 177 -32.66 2.09 5.85
CA PRO F 177 -31.53 2.99 5.54
C PRO F 177 -30.18 2.30 5.57
N VAL F 178 -30.05 1.22 6.31
CA VAL F 178 -28.81 0.46 6.40
C VAL F 178 -28.84 -0.73 5.44
N ASN F 179 -29.92 -1.52 5.46
CA ASN F 179 -30.01 -2.70 4.61
C ASN F 179 -29.89 -2.35 3.12
N LEU F 180 -30.67 -1.38 2.66
CA LEU F 180 -30.63 -0.98 1.26
C LEU F 180 -29.55 0.08 0.99
N ALA F 181 -28.67 0.34 1.98
CA ALA F 181 -27.36 0.91 1.70
C ALA F 181 -26.35 -0.21 1.44
N GLY F 182 -26.24 -1.14 2.39
CA GLY F 182 -25.34 -2.27 2.22
C GLY F 182 -25.57 -3.06 0.94
N SER F 183 -26.84 -3.19 0.52
CA SER F 183 -27.18 -4.01 -0.64
C SER F 183 -26.77 -3.36 -1.95
N LYS F 184 -26.51 -2.06 -1.94
CA LYS F 184 -25.98 -1.34 -3.09
C LYS F 184 -24.46 -1.23 -3.01
N ILE F 185 -23.96 -0.94 -1.80
CA ILE F 185 -22.55 -0.62 -1.60
C ILE F 185 -21.66 -1.84 -1.83
N ALA F 186 -22.04 -2.97 -1.23
CA ALA F 186 -21.14 -4.12 -1.30
C ALA F 186 -21.05 -4.68 -2.72
N PRO F 187 -22.15 -4.88 -3.44
CA PRO F 187 -22.00 -5.28 -4.85
C PRO F 187 -21.17 -4.31 -5.69
N ALA F 188 -21.33 -3.01 -5.44
CA ALA F 188 -20.50 -2.03 -6.15
C ALA F 188 -19.03 -2.21 -5.81
N LEU F 189 -18.72 -2.30 -4.51
CA LEU F 189 -17.32 -2.29 -4.08
C LEU F 189 -16.57 -3.54 -4.54
N ILE F 190 -17.18 -4.73 -4.42
CA ILE F 190 -16.44 -5.94 -4.76
C ILE F 190 -16.01 -5.92 -6.23
N ALA F 191 -16.82 -5.34 -7.10
CA ALA F 191 -16.51 -5.27 -8.53
C ALA F 191 -15.47 -4.21 -8.87
N GLY F 192 -15.02 -3.42 -7.90
CA GLY F 192 -14.01 -2.42 -8.15
C GLY F 192 -14.52 -1.01 -8.39
N ASN F 193 -15.81 -0.78 -8.23
CA ASN F 193 -16.34 0.58 -8.25
C ASN F 193 -15.96 1.32 -6.97
N VAL F 194 -15.97 2.65 -7.03
CA VAL F 194 -15.96 3.48 -5.84
C VAL F 194 -17.38 3.98 -5.60
N VAL F 195 -17.67 4.40 -4.37
CA VAL F 195 -19.06 4.60 -3.94
C VAL F 195 -19.21 5.87 -3.14
N ALA F 196 -20.31 6.58 -3.40
CA ALA F 196 -20.85 7.61 -2.53
C ALA F 196 -22.24 7.17 -2.08
N LEU F 197 -22.46 7.10 -0.76
CA LEU F 197 -23.75 6.74 -0.20
C LEU F 197 -24.47 8.00 0.28
N LYS F 198 -25.66 8.24 -0.30
CA LYS F 198 -26.62 9.22 0.19
C LYS F 198 -27.70 8.47 0.96
N PRO F 199 -27.68 8.46 2.30
CA PRO F 199 -28.81 7.91 3.04
C PRO F 199 -29.99 8.85 2.99
N PRO F 200 -31.18 8.40 3.36
CA PRO F 200 -32.28 9.34 3.58
C PRO F 200 -31.96 10.23 4.78
N THR F 201 -32.44 11.46 4.72
CA THR F 201 -32.17 12.37 5.84
C THR F 201 -32.71 11.78 7.14
N GLN F 202 -33.97 11.33 7.15
CA GLN F 202 -34.48 10.55 8.27
C GLN F 202 -33.94 9.13 8.11
N GLY F 203 -32.86 8.82 8.82
CA GLY F 203 -32.07 7.62 8.57
C GLY F 203 -30.60 7.90 8.28
N SER F 204 -30.17 9.15 8.22
CA SER F 204 -28.79 9.47 7.88
C SER F 204 -27.84 9.17 9.04
N ILE F 205 -28.30 9.29 10.29
CA ILE F 205 -27.46 8.84 11.41
C ILE F 205 -27.12 7.36 11.24
N SER F 206 -28.13 6.53 10.99
CA SER F 206 -27.87 5.10 10.82
C SER F 206 -26.98 4.84 9.61
N GLY F 207 -27.17 5.61 8.54
CA GLY F 207 -26.27 5.47 7.40
C GLY F 207 -24.84 5.82 7.74
N LEU F 208 -24.63 6.90 8.50
CA LEU F 208 -23.26 7.26 8.89
C LEU F 208 -22.70 6.25 9.89
N LEU F 209 -23.54 5.61 10.71
CA LEU F 209 -23.03 4.55 11.58
C LEU F 209 -22.59 3.34 10.77
N LEU F 210 -23.32 3.01 9.69
CA LEU F 210 -22.83 1.99 8.77
C LEU F 210 -21.49 2.40 8.18
N ALA F 211 -21.35 3.67 7.79
CA ALA F 211 -20.09 4.14 7.22
C ALA F 211 -18.93 3.93 8.19
N GLU F 212 -19.16 4.11 9.49
CA GLU F 212 -18.08 3.90 10.45
C GLU F 212 -17.51 2.49 10.35
N ALA F 213 -18.38 1.49 10.17
CA ALA F 213 -17.90 0.11 10.06
C ALA F 213 -16.96 -0.06 8.88
N PHE F 214 -17.30 0.54 7.72
CA PHE F 214 -16.43 0.45 6.56
C PHE F 214 -15.10 1.17 6.80
N ALA F 215 -15.15 2.32 7.48
CA ALA F 215 -13.92 3.04 7.81
C ALA F 215 -13.06 2.24 8.77
N GLU F 216 -13.66 1.65 9.80
CA GLU F 216 -12.87 0.87 10.74
C GLU F 216 -12.28 -0.37 10.08
N ALA F 217 -12.97 -0.90 9.08
CA ALA F 217 -12.47 -2.03 8.32
C ALA F 217 -11.26 -1.67 7.48
N GLY F 218 -10.94 -0.38 7.33
CA GLY F 218 -9.77 0.03 6.58
C GLY F 218 -10.01 0.35 5.12
N ILE F 219 -11.25 0.50 4.68
CA ILE F 219 -11.54 0.81 3.28
C ILE F 219 -10.71 2.01 2.88
N PRO F 220 -9.95 1.94 1.78
CA PRO F 220 -9.04 3.06 1.45
CA PRO F 220 -9.04 3.06 1.45
C PRO F 220 -9.78 4.39 1.29
N ALA F 221 -9.07 5.47 1.64
CA ALA F 221 -9.66 6.80 1.57
C ALA F 221 -10.23 7.09 0.19
N GLY F 222 -11.47 7.56 0.16
CA GLY F 222 -12.15 7.92 -1.06
C GLY F 222 -12.84 6.79 -1.78
N VAL F 223 -12.54 5.54 -1.44
CA VAL F 223 -13.20 4.40 -2.07
C VAL F 223 -14.66 4.35 -1.69
N PHE F 224 -14.97 4.69 -0.44
CA PHE F 224 -16.33 4.77 0.05
C PHE F 224 -16.49 6.07 0.81
N ASN F 225 -17.55 6.81 0.52
CA ASN F 225 -17.81 8.13 1.09
C ASN F 225 -19.29 8.27 1.37
N THR F 226 -19.66 9.24 2.21
CA THR F 226 -21.06 9.54 2.42
C THR F 226 -21.39 10.99 2.09
N ILE F 227 -22.65 11.19 1.71
CA ILE F 227 -23.26 12.48 1.44
C ILE F 227 -24.55 12.57 2.25
N THR F 228 -24.76 13.71 2.92
CA THR F 228 -26.01 13.99 3.61
C THR F 228 -26.42 15.43 3.30
N GLY F 229 -27.72 15.66 3.22
CA GLY F 229 -28.22 17.01 3.07
C GLY F 229 -29.65 17.03 2.56
N ARG F 230 -30.10 18.26 2.27
CA ARG F 230 -31.48 18.52 1.89
C ARG F 230 -31.66 18.32 0.39
N GLY F 231 -32.76 17.66 0.02
CA GLY F 231 -33.06 17.46 -1.39
C GLY F 231 -33.13 18.77 -2.15
N SER F 232 -33.63 19.82 -1.52
CA SER F 232 -33.79 21.09 -2.22
C SER F 232 -32.45 21.70 -2.60
N VAL F 233 -31.38 21.33 -1.91
CA VAL F 233 -30.04 21.83 -2.18
C VAL F 233 -29.25 20.89 -3.07
N ILE F 234 -29.31 19.58 -2.80
CA ILE F 234 -28.40 18.65 -3.46
C ILE F 234 -29.11 17.51 -4.17
N GLY F 235 -30.43 17.40 -4.09
CA GLY F 235 -31.12 16.28 -4.68
C GLY F 235 -30.82 16.06 -6.16
N ASP F 236 -31.18 17.04 -6.98
CA ASP F 236 -30.85 16.96 -8.40
C ASP F 236 -29.35 16.95 -8.62
N TYR F 237 -28.60 17.70 -7.80
CA TYR F 237 -27.18 17.90 -8.05
C TYR F 237 -26.39 16.59 -7.98
N ILE F 238 -26.68 15.76 -6.97
CA ILE F 238 -25.88 14.53 -6.82
C ILE F 238 -26.11 13.58 -7.99
N VAL F 239 -27.29 13.62 -8.60
CA VAL F 239 -27.63 12.71 -9.69
C VAL F 239 -27.16 13.24 -11.04
N GLU F 240 -27.26 14.56 -11.27
CA GLU F 240 -26.89 15.15 -12.54
C GLU F 240 -25.39 15.23 -12.74
N HIS F 241 -24.62 15.11 -11.66
CA HIS F 241 -23.19 15.38 -11.70
C HIS F 241 -22.47 14.45 -12.66
N GLU F 242 -21.60 15.02 -13.50
N GLU F 242 -21.60 15.04 -13.49
CA GLU F 242 -20.97 14.24 -14.55
CA GLU F 242 -20.93 14.29 -14.56
C GLU F 242 -20.04 13.16 -14.01
C GLU F 242 -19.97 13.23 -14.04
N ALA F 243 -19.50 13.34 -12.79
CA ALA F 243 -18.60 12.33 -12.26
C ALA F 243 -19.29 11.00 -12.02
N VAL F 244 -20.61 10.99 -11.87
CA VAL F 244 -21.32 9.78 -11.50
C VAL F 244 -21.50 8.88 -12.71
N ASN F 245 -21.13 7.62 -12.56
CA ASN F 245 -21.24 6.65 -13.65
C ASN F 245 -22.43 5.72 -13.52
N PHE F 246 -23.08 5.66 -12.34
CA PHE F 246 -24.20 4.77 -12.11
C PHE F 246 -25.01 5.34 -10.96
N ILE F 247 -26.33 5.38 -11.10
CA ILE F 247 -27.22 5.83 -10.04
C ILE F 247 -28.06 4.66 -9.58
N ASN F 248 -27.96 4.33 -8.29
CA ASN F 248 -28.66 3.20 -7.68
C ASN F 248 -29.55 3.73 -6.57
N PHE F 249 -30.87 3.77 -6.82
CA PHE F 249 -31.81 4.49 -5.98
C PHE F 249 -32.99 3.63 -5.56
N THR F 250 -33.32 3.68 -4.27
CA THR F 250 -34.57 3.16 -3.74
C THR F 250 -35.30 4.32 -3.10
N GLY F 251 -36.55 4.50 -3.48
CA GLY F 251 -37.37 5.54 -2.90
C GLY F 251 -38.73 5.64 -3.55
N SER F 252 -39.33 6.82 -3.51
CA SER F 252 -40.67 7.00 -4.03
C SER F 252 -40.64 7.12 -5.56
N THR F 253 -41.77 6.80 -6.17
CA THR F 253 -41.86 6.91 -7.62
C THR F 253 -41.71 8.35 -8.10
N PRO F 254 -42.34 9.35 -7.48
CA PRO F 254 -42.14 10.73 -7.97
C PRO F 254 -40.68 11.12 -7.99
N ILE F 255 -39.94 10.82 -6.93
CA ILE F 255 -38.51 11.15 -6.90
C ILE F 255 -37.78 10.33 -7.97
N GLY F 256 -38.05 9.02 -8.01
CA GLY F 256 -37.41 8.17 -9.00
C GLY F 256 -37.61 8.65 -10.42
N GLU F 257 -38.83 9.10 -10.74
CA GLU F 257 -39.10 9.64 -12.06
CA GLU F 257 -39.10 9.64 -12.06
C GLU F 257 -38.19 10.83 -12.35
N GLY F 258 -38.03 11.73 -11.38
CA GLY F 258 -37.14 12.86 -11.57
C GLY F 258 -35.69 12.46 -11.71
N ILE F 259 -35.29 11.39 -11.03
CA ILE F 259 -33.92 10.89 -11.20
C ILE F 259 -33.73 10.35 -12.62
N GLY F 260 -34.72 9.62 -13.13
CA GLY F 260 -34.62 9.12 -14.48
C GLY F 260 -34.38 10.22 -15.50
N LYS F 261 -35.08 11.35 -15.35
CA LYS F 261 -34.91 12.45 -16.28
C LYS F 261 -33.46 12.94 -16.30
N LEU F 262 -32.82 12.98 -15.14
CA LEU F 262 -31.48 13.53 -15.01
C LEU F 262 -30.38 12.49 -15.23
N ALA F 263 -30.74 11.21 -15.34
CA ALA F 263 -29.72 10.18 -15.49
C ALA F 263 -29.04 10.25 -16.86
N GLY F 264 -29.76 10.74 -17.86
CA GLY F 264 -29.19 10.79 -19.20
C GLY F 264 -28.89 9.39 -19.68
N MET F 265 -27.67 9.19 -20.17
N MET F 265 -27.67 9.18 -20.16
CA MET F 265 -27.25 7.91 -20.71
CA MET F 265 -27.26 7.89 -20.69
C MET F 265 -26.52 7.04 -19.68
C MET F 265 -26.51 7.04 -19.65
N ARG F 266 -26.49 7.46 -18.42
CA ARG F 266 -25.81 6.62 -17.43
C ARG F 266 -26.72 5.48 -16.96
N PRO F 267 -26.15 4.29 -16.74
CA PRO F 267 -26.98 3.18 -16.27
C PRO F 267 -27.53 3.46 -14.89
N ILE F 268 -28.72 2.94 -14.62
CA ILE F 268 -29.40 3.23 -13.38
C ILE F 268 -30.11 1.99 -12.86
N MET F 269 -30.37 2.02 -11.56
N MET F 269 -30.36 2.00 -11.56
CA MET F 269 -31.16 1.01 -10.86
CA MET F 269 -31.18 1.00 -10.89
C MET F 269 -32.17 1.79 -10.04
C MET F 269 -32.17 1.75 -10.01
N LEU F 270 -33.45 1.52 -10.23
CA LEU F 270 -34.52 2.22 -9.53
C LEU F 270 -35.46 1.22 -8.90
N GLU F 271 -35.65 1.31 -7.58
CA GLU F 271 -36.66 0.58 -6.84
C GLU F 271 -37.63 1.62 -6.29
N LEU F 272 -38.83 1.69 -6.87
CA LEU F 272 -39.77 2.76 -6.58
C LEU F 272 -41.00 2.21 -5.85
N GLY F 273 -42.16 2.80 -6.10
CA GLY F 273 -43.35 2.39 -5.39
C GLY F 273 -43.85 1.03 -5.83
N GLY F 274 -44.69 0.45 -4.96
CA GLY F 274 -45.40 -0.76 -5.30
C GLY F 274 -46.83 -0.67 -4.82
N LYS F 275 -47.69 -1.45 -5.48
CA LYS F 275 -49.07 -1.67 -5.03
C LYS F 275 -49.35 -3.16 -5.21
N ASP F 276 -48.55 -3.99 -4.55
CA ASP F 276 -48.55 -5.42 -4.83
C ASP F 276 -49.92 -6.02 -4.53
N SER F 277 -50.44 -6.78 -5.49
CA SER F 277 -51.72 -7.44 -5.32
CA SER F 277 -51.72 -7.45 -5.35
C SER F 277 -51.53 -8.83 -4.70
N ALA F 278 -52.51 -9.23 -3.91
CA ALA F 278 -52.62 -10.59 -3.39
C ALA F 278 -53.86 -11.17 -4.02
N ILE F 279 -53.69 -12.06 -5.01
CA ILE F 279 -54.81 -12.65 -5.73
C ILE F 279 -55.20 -13.93 -5.01
N VAL F 280 -56.45 -14.02 -4.57
CA VAL F 280 -56.93 -15.13 -3.76
C VAL F 280 -58.02 -15.87 -4.53
N LEU F 281 -57.74 -17.11 -4.92
CA LEU F 281 -58.67 -17.89 -5.72
C LEU F 281 -59.59 -18.73 -4.82
N GLU F 282 -60.61 -19.33 -5.45
CA GLU F 282 -61.62 -20.04 -4.67
C GLU F 282 -61.06 -21.25 -3.95
N ASP F 283 -60.00 -21.86 -4.46
CA ASP F 283 -59.46 -23.06 -3.85
C ASP F 283 -58.34 -22.77 -2.85
N ALA F 284 -58.16 -21.51 -2.43
CA ALA F 284 -57.07 -21.18 -1.53
C ALA F 284 -57.35 -21.64 -0.10
N ASP F 285 -56.28 -21.93 0.63
CA ASP F 285 -56.35 -22.15 2.08
C ASP F 285 -56.44 -20.78 2.75
N LEU F 286 -57.63 -20.44 3.27
CA LEU F 286 -57.87 -19.06 3.68
C LEU F 286 -57.07 -18.70 4.93
N ALA F 287 -56.93 -19.63 5.87
CA ALA F 287 -56.16 -19.32 7.07
C ALA F 287 -54.72 -18.98 6.72
N LEU F 288 -54.11 -19.74 5.80
CA LEU F 288 -52.75 -19.43 5.36
C LEU F 288 -52.70 -18.12 4.60
N ALA F 289 -53.66 -17.90 3.69
CA ALA F 289 -53.66 -16.66 2.93
C ALA F 289 -53.81 -15.45 3.85
N ALA F 290 -54.70 -15.55 4.84
CA ALA F 290 -54.88 -14.44 5.76
C ALA F 290 -53.63 -14.20 6.59
N LYS F 291 -52.99 -15.28 7.04
CA LYS F 291 -51.78 -15.15 7.83
C LYS F 291 -50.71 -14.40 7.04
N ASN F 292 -50.49 -14.80 5.79
N ASN F 292 -50.50 -14.80 5.79
CA ASN F 292 -49.45 -14.18 4.98
CA ASN F 292 -49.45 -14.18 4.98
C ASN F 292 -49.84 -12.80 4.51
C ASN F 292 -49.85 -12.79 4.52
N ILE F 293 -51.12 -12.57 4.21
CA ILE F 293 -51.56 -11.27 3.76
C ILE F 293 -51.38 -10.24 4.87
N VAL F 294 -51.71 -10.61 6.12
CA VAL F 294 -51.56 -9.67 7.21
C VAL F 294 -50.09 -9.42 7.53
N ALA F 295 -49.28 -10.49 7.58
CA ALA F 295 -47.85 -10.28 7.80
C ALA F 295 -47.27 -9.34 6.75
N GLY F 296 -47.66 -9.52 5.49
CA GLY F 296 -47.07 -8.73 4.43
C GLY F 296 -47.63 -7.33 4.31
N ALA F 297 -48.91 -7.15 4.65
CA ALA F 297 -49.51 -5.83 4.48
C ALA F 297 -49.12 -4.86 5.59
N PHE F 298 -48.93 -5.37 6.81
CA PHE F 298 -48.77 -4.53 7.98
C PHE F 298 -47.39 -4.59 8.60
N GLY F 299 -46.46 -5.38 8.06
CA GLY F 299 -45.09 -5.29 8.53
C GLY F 299 -44.57 -3.87 8.39
N TYR F 300 -43.90 -3.40 9.45
CA TYR F 300 -43.38 -2.03 9.51
C TYR F 300 -44.46 -1.02 9.13
N SER F 301 -45.68 -1.29 9.60
CA SER F 301 -46.83 -0.43 9.40
C SER F 301 -47.12 -0.16 7.93
N GLY F 302 -46.80 -1.13 7.06
CA GLY F 302 -47.05 -0.98 5.63
C GLY F 302 -46.06 -0.10 4.89
N GLN F 303 -44.98 0.30 5.55
CA GLN F 303 -43.97 1.15 4.95
C GLN F 303 -42.90 0.32 4.22
N ARG F 304 -43.36 -0.48 3.26
CA ARG F 304 -42.49 -1.35 2.49
C ARG F 304 -42.90 -1.31 1.02
N SER F 305 -41.91 -1.23 0.12
CA SER F 305 -42.25 -1.27 -1.30
C SER F 305 -42.94 -2.57 -1.68
N THR F 306 -42.59 -3.68 -1.01
CA THR F 306 -43.11 -4.99 -1.35
C THR F 306 -44.27 -5.43 -0.45
N ALA F 307 -44.87 -4.51 0.31
CA ALA F 307 -46.01 -4.87 1.14
C ALA F 307 -47.16 -5.36 0.28
N VAL F 308 -47.92 -6.32 0.81
CA VAL F 308 -49.22 -6.61 0.23
C VAL F 308 -50.08 -5.36 0.38
N LYS F 309 -50.49 -4.75 -0.73
CA LYS F 309 -51.19 -3.48 -0.66
C LYS F 309 -52.61 -3.51 -1.23
N ARG F 310 -53.04 -4.63 -1.81
CA ARG F 310 -54.42 -4.77 -2.22
C ARG F 310 -54.74 -6.26 -2.38
N VAL F 311 -55.84 -6.68 -1.78
CA VAL F 311 -56.33 -8.04 -1.94
C VAL F 311 -57.33 -8.06 -3.07
N LEU F 312 -57.08 -8.90 -4.07
CA LEU F 312 -58.01 -9.16 -5.17
C LEU F 312 -58.57 -10.55 -4.95
N VAL F 313 -59.81 -10.64 -4.46
CA VAL F 313 -60.34 -11.92 -3.99
C VAL F 313 -61.61 -12.30 -4.75
N MET F 314 -61.71 -13.59 -5.07
CA MET F 314 -62.91 -14.15 -5.69
C MET F 314 -64.07 -14.08 -4.71
N ASP F 315 -65.23 -13.63 -5.21
CA ASP F 315 -66.36 -13.32 -4.35
C ASP F 315 -66.69 -14.44 -3.37
N LYS F 316 -66.64 -15.69 -3.82
CA LYS F 316 -67.18 -16.81 -3.04
CA LYS F 316 -67.20 -16.77 -3.02
C LYS F 316 -66.40 -17.06 -1.75
N VAL F 317 -65.15 -16.61 -1.68
CA VAL F 317 -64.34 -16.80 -0.48
C VAL F 317 -64.00 -15.48 0.19
N ALA F 318 -64.58 -14.38 -0.27
CA ALA F 318 -64.21 -13.07 0.24
C ALA F 318 -64.65 -12.87 1.69
N ASP F 319 -65.88 -13.29 2.04
CA ASP F 319 -66.38 -13.02 3.39
C ASP F 319 -65.56 -13.75 4.45
N GLN F 320 -65.25 -15.03 4.21
CA GLN F 320 -64.44 -15.75 5.19
C GLN F 320 -63.01 -15.24 5.21
N LEU F 321 -62.44 -14.94 4.04
CA LEU F 321 -61.08 -14.40 3.99
C LEU F 321 -61.02 -13.06 4.73
N ALA F 322 -61.93 -12.15 4.41
CA ALA F 322 -62.01 -10.88 5.13
C ALA F 322 -62.10 -11.12 6.63
N ALA F 323 -62.96 -12.04 7.06
CA ALA F 323 -63.11 -12.30 8.48
C ALA F 323 -61.81 -12.80 9.10
N GLU F 324 -61.12 -13.71 8.41
CA GLU F 324 -59.89 -14.25 9.01
C GLU F 324 -58.76 -13.23 8.98
N ILE F 325 -58.73 -12.36 7.96
CA ILE F 325 -57.78 -11.24 7.98
C ILE F 325 -58.11 -10.32 9.15
N LYS F 326 -59.38 -9.94 9.30
CA LYS F 326 -59.78 -9.05 10.39
C LYS F 326 -59.34 -9.60 11.74
N THR F 327 -59.52 -10.91 11.97
CA THR F 327 -59.14 -11.47 13.25
C THR F 327 -57.66 -11.25 13.53
N LEU F 328 -56.81 -11.49 12.54
CA LEU F 328 -55.37 -11.33 12.76
C LEU F 328 -54.98 -9.86 12.88
N VAL F 329 -55.64 -8.97 12.14
CA VAL F 329 -55.34 -7.56 12.25
C VAL F 329 -55.58 -7.11 13.68
N GLU F 330 -56.69 -7.53 14.28
N GLU F 330 -56.70 -7.52 14.28
CA GLU F 330 -57.05 -7.08 15.62
CA GLU F 330 -57.03 -7.04 15.62
C GLU F 330 -56.07 -7.55 16.68
C GLU F 330 -56.06 -7.53 16.68
N LYS F 331 -55.25 -8.56 16.37
CA LYS F 331 -54.25 -9.07 17.30
C LYS F 331 -52.89 -8.36 17.16
N LEU F 332 -52.70 -7.56 16.12
CA LEU F 332 -51.46 -6.81 15.96
C LEU F 332 -51.29 -5.84 17.12
N SER F 333 -50.08 -5.80 17.69
CA SER F 333 -49.78 -4.81 18.72
C SER F 333 -49.56 -3.44 18.08
N VAL F 334 -50.09 -2.40 18.71
CA VAL F 334 -50.02 -1.03 18.22
C VAL F 334 -49.35 -0.20 19.29
N GLY F 335 -48.14 0.27 19.01
CA GLY F 335 -47.39 1.02 20.02
C GLY F 335 -46.02 1.50 19.59
N MET F 336 -45.06 1.41 20.51
CA MET F 336 -43.79 2.11 20.35
C MET F 336 -42.69 1.19 19.81
N PRO F 337 -41.74 1.76 19.06
CA PRO F 337 -40.65 0.93 18.52
C PRO F 337 -39.84 0.21 19.58
N GLU F 338 -39.57 0.84 20.73
CA GLU F 338 -38.75 0.17 21.73
CA GLU F 338 -38.75 0.19 21.74
C GLU F 338 -39.46 -1.04 22.34
N ASP F 339 -40.77 -1.14 22.20
CA ASP F 339 -41.53 -2.28 22.71
C ASP F 339 -41.80 -3.33 21.65
N ASP F 340 -41.15 -3.24 20.48
CA ASP F 340 -41.32 -4.19 19.39
C ASP F 340 -42.79 -4.32 18.97
N ALA F 341 -43.50 -3.20 18.97
CA ALA F 341 -44.86 -3.20 18.46
C ALA F 341 -44.90 -3.58 16.98
N ASP F 342 -45.93 -4.34 16.60
CA ASP F 342 -46.14 -4.65 15.19
C ASP F 342 -46.37 -3.38 14.38
N ILE F 343 -47.27 -2.54 14.85
CA ILE F 343 -47.62 -1.28 14.19
C ILE F 343 -46.96 -0.16 14.99
N THR F 344 -46.07 0.57 14.36
CA THR F 344 -45.37 1.68 14.98
C THR F 344 -45.79 3.00 14.35
N PRO F 345 -45.46 4.13 14.97
CA PRO F 345 -45.80 5.43 14.37
C PRO F 345 -45.10 5.58 13.03
N LEU F 346 -45.80 6.23 12.10
CA LEU F 346 -45.26 6.43 10.75
C LEU F 346 -44.12 7.45 10.79
N ILE F 347 -43.40 7.51 9.67
CA ILE F 347 -42.09 8.16 9.64
C ILE F 347 -42.20 9.66 9.88
N ASP F 348 -43.29 10.29 9.44
CA ASP F 348 -43.49 11.70 9.76
C ASP F 348 -44.96 12.05 9.61
N THR F 349 -45.28 13.29 9.97
CA THR F 349 -46.67 13.73 9.99
C THR F 349 -47.26 13.78 8.59
N SER F 350 -46.46 14.16 7.60
CA SER F 350 -46.94 14.19 6.23
C SER F 350 -47.39 12.81 5.77
N ALA F 351 -46.62 11.78 6.12
CA ALA F 351 -47.01 10.41 5.75
C ALA F 351 -48.34 10.03 6.39
N ALA F 352 -48.53 10.37 7.66
CA ALA F 352 -49.75 9.96 8.34
C ALA F 352 -50.95 10.75 7.83
N ASP F 353 -50.74 12.03 7.49
CA ASP F 353 -51.81 12.83 6.89
C ASP F 353 -52.23 12.27 5.53
N PHE F 354 -51.25 11.84 4.73
CA PHE F 354 -51.55 11.25 3.42
C PHE F 354 -52.39 9.99 3.58
N VAL F 355 -52.00 9.12 4.52
CA VAL F 355 -52.76 7.90 4.77
C VAL F 355 -54.18 8.23 5.22
N GLU F 356 -54.32 9.19 6.14
CA GLU F 356 -55.65 9.57 6.60
C GLU F 356 -56.52 10.06 5.45
N GLY F 357 -55.93 10.80 4.50
CA GLY F 357 -56.71 11.28 3.37
C GLY F 357 -57.21 10.16 2.47
N LEU F 358 -56.40 9.12 2.27
CA LEU F 358 -56.86 7.95 1.53
C LEU F 358 -57.99 7.26 2.26
N ILE F 359 -57.84 7.10 3.58
CA ILE F 359 -58.88 6.46 4.38
C ILE F 359 -60.18 7.23 4.26
N LYS F 360 -60.12 8.55 4.37
CA LYS F 360 -61.34 9.36 4.22
C LYS F 360 -61.96 9.17 2.84
N ASP F 361 -61.13 9.16 1.78
CA ASP F 361 -61.68 9.03 0.44
C ASP F 361 -62.41 7.69 0.28
N ALA F 362 -61.80 6.60 0.77
CA ALA F 362 -62.46 5.30 0.67
C ALA F 362 -63.76 5.29 1.46
N THR F 363 -63.74 5.88 2.65
CA THR F 363 -64.94 5.86 3.48
C THR F 363 -66.09 6.63 2.82
N ASP F 364 -65.80 7.81 2.27
CA ASP F 364 -66.84 8.63 1.67
C ASP F 364 -67.39 8.02 0.39
N LYS F 365 -66.63 7.14 -0.26
CA LYS F 365 -67.11 6.45 -1.46
C LYS F 365 -67.78 5.12 -1.13
N GLY F 366 -67.86 4.73 0.15
CA GLY F 366 -68.67 3.60 0.57
C GLY F 366 -67.95 2.35 1.05
N ALA F 367 -66.63 2.37 1.19
CA ALA F 367 -65.91 1.20 1.66
C ALA F 367 -66.32 0.85 3.09
N THR F 368 -66.24 -0.45 3.41
N THR F 368 -66.26 -0.45 3.42
CA THR F 368 -66.59 -0.98 4.72
CA THR F 368 -66.63 -0.92 4.74
C THR F 368 -65.34 -1.03 5.59
C THR F 368 -65.38 -1.06 5.61
N ALA F 369 -65.41 -0.42 6.77
CA ALA F 369 -64.26 -0.37 7.69
C ALA F 369 -64.35 -1.53 8.67
N LEU F 370 -63.67 -2.64 8.33
CA LEU F 370 -63.71 -3.81 9.20
C LEU F 370 -62.96 -3.56 10.51
N THR F 371 -61.91 -2.74 10.49
CA THR F 371 -61.29 -2.21 11.69
C THR F 371 -61.31 -0.68 11.57
N ALA F 372 -61.25 -0.01 12.71
CA ALA F 372 -61.55 1.41 12.75
C ALA F 372 -60.30 2.28 12.66
N PHE F 373 -60.39 3.36 11.90
CA PHE F 373 -59.31 4.33 11.87
C PHE F 373 -59.25 5.06 13.21
N ASN F 374 -58.11 4.92 13.90
CA ASN F 374 -57.78 5.74 15.06
C ASN F 374 -56.35 6.23 14.86
N ARG F 375 -56.05 7.40 15.44
CA ARG F 375 -54.76 8.04 15.22
C ARG F 375 -54.39 8.83 16.47
N GLU F 376 -53.23 8.52 17.03
N GLU F 376 -53.23 8.50 17.04
CA GLU F 376 -52.66 9.31 18.12
CA GLU F 376 -52.61 9.25 18.12
C GLU F 376 -51.25 9.73 17.70
C GLU F 376 -51.26 9.72 17.62
N GLY F 377 -51.04 11.02 17.59
CA GLY F 377 -49.81 11.52 16.98
C GLY F 377 -49.79 11.04 15.53
N ASN F 378 -48.73 10.33 15.14
CA ASN F 378 -48.65 9.70 13.84
C ASN F 378 -48.73 8.18 13.94
N LEU F 379 -49.26 7.68 15.06
CA LEU F 379 -49.53 6.27 15.26
C LEU F 379 -50.95 5.98 14.76
N ILE F 380 -51.04 5.45 13.54
CA ILE F 380 -52.32 5.07 12.95
C ILE F 380 -52.58 3.59 13.25
N SER F 381 -53.77 3.30 13.78
CA SER F 381 -54.15 1.91 14.02
C SER F 381 -54.40 1.21 12.68
N PRO F 382 -54.17 -0.10 12.60
CA PRO F 382 -54.29 -0.79 11.31
C PRO F 382 -55.74 -0.83 10.84
N VAL F 383 -55.96 -0.39 9.60
CA VAL F 383 -57.29 -0.24 9.01
C VAL F 383 -57.46 -1.25 7.88
N LEU F 384 -58.53 -2.04 7.97
CA LEU F 384 -58.90 -3.02 6.96
C LEU F 384 -60.21 -2.59 6.32
N PHE F 385 -60.19 -2.40 5.00
CA PHE F 385 -61.36 -2.00 4.24
C PHE F 385 -61.81 -3.16 3.35
N ASP F 386 -63.11 -3.42 3.33
CA ASP F 386 -63.72 -4.33 2.37
C ASP F 386 -64.57 -3.50 1.41
N HIS F 387 -64.98 -4.13 0.31
CA HIS F 387 -65.84 -3.49 -0.70
C HIS F 387 -65.20 -2.23 -1.28
N VAL F 388 -63.89 -2.28 -1.46
CA VAL F 388 -63.19 -1.21 -2.14
C VAL F 388 -63.41 -1.34 -3.64
N THR F 389 -63.65 -0.21 -4.28
CA THR F 389 -63.94 -0.13 -5.70
C THR F 389 -62.89 0.71 -6.41
N THR F 390 -62.84 0.57 -7.74
CA THR F 390 -61.76 1.17 -8.51
C THR F 390 -61.86 2.69 -8.61
N ASP F 391 -62.94 3.30 -8.16
CA ASP F 391 -63.02 4.75 -8.13
C ASP F 391 -62.41 5.35 -6.86
N MET F 392 -62.01 4.52 -5.90
CA MET F 392 -61.38 4.98 -4.67
C MET F 392 -59.87 5.07 -4.86
N ARG F 393 -59.29 6.17 -4.37
CA ARG F 393 -57.84 6.34 -4.45
C ARG F 393 -57.11 5.17 -3.83
N LEU F 394 -57.65 4.59 -2.75
CA LEU F 394 -56.98 3.50 -2.06
C LEU F 394 -56.85 2.27 -2.94
N ALA F 395 -57.63 2.18 -4.01
CA ALA F 395 -57.47 1.07 -4.93
C ALA F 395 -56.12 1.13 -5.66
N TRP F 396 -55.51 2.33 -5.78
CA TRP F 396 -54.36 2.50 -6.67
C TRP F 396 -53.15 3.16 -6.03
N GLU F 397 -53.35 4.19 -5.20
CA GLU F 397 -52.23 4.95 -4.68
C GLU F 397 -51.53 4.20 -3.56
N GLU F 398 -50.21 4.30 -3.53
CA GLU F 398 -49.39 3.65 -2.52
C GLU F 398 -49.49 4.43 -1.22
N PRO F 399 -50.08 3.86 -0.15
CA PRO F 399 -50.25 4.64 1.07
C PRO F 399 -48.96 4.84 1.88
N PHE F 400 -48.12 3.80 1.92
CA PHE F 400 -47.04 3.72 2.89
C PHE F 400 -47.57 3.96 4.30
N GLY F 401 -48.59 3.18 4.67
CA GLY F 401 -49.17 3.17 5.97
C GLY F 401 -50.06 1.96 6.16
N PRO F 402 -50.54 1.74 7.39
CA PRO F 402 -51.23 0.48 7.75
C PRO F 402 -52.70 0.48 7.36
N VAL F 403 -52.95 0.44 6.06
CA VAL F 403 -54.31 0.38 5.50
C VAL F 403 -54.31 -0.57 4.33
N LEU F 404 -55.25 -1.52 4.34
CA LEU F 404 -55.31 -2.58 3.34
C LEU F 404 -56.69 -2.63 2.72
N PRO F 405 -56.82 -2.41 1.41
CA PRO F 405 -58.11 -2.60 0.74
C PRO F 405 -58.31 -4.03 0.26
N ILE F 406 -59.54 -4.50 0.41
CA ILE F 406 -60.01 -5.76 -0.18
C ILE F 406 -60.91 -5.38 -1.35
N ILE F 407 -60.57 -5.88 -2.54
CA ILE F 407 -61.36 -5.64 -3.75
C ILE F 407 -61.87 -7.00 -4.20
N ARG F 408 -63.19 -7.11 -4.36
CA ARG F 408 -63.85 -8.33 -4.76
C ARG F 408 -63.91 -8.42 -6.27
N VAL F 409 -63.57 -9.61 -6.81
CA VAL F 409 -63.62 -9.84 -8.24
C VAL F 409 -64.47 -11.08 -8.47
N THR F 410 -65.02 -11.16 -9.68
CA THR F 410 -65.90 -12.27 -10.05
C THR F 410 -65.21 -13.36 -10.85
N THR F 411 -64.11 -13.04 -11.56
CA THR F 411 -63.36 -14.02 -12.33
C THR F 411 -61.86 -13.79 -12.13
N VAL F 412 -61.08 -14.83 -12.43
CA VAL F 412 -59.62 -14.70 -12.42
C VAL F 412 -59.18 -13.67 -13.45
N GLU F 413 -59.80 -13.70 -14.64
CA GLU F 413 -59.45 -12.75 -15.69
C GLU F 413 -59.59 -11.32 -15.18
N GLU F 414 -60.62 -11.06 -14.38
CA GLU F 414 -60.81 -9.71 -13.85
C GLU F 414 -59.71 -9.36 -12.85
N ALA F 415 -59.31 -10.33 -12.01
CA ALA F 415 -58.20 -10.09 -11.10
C ALA F 415 -56.94 -9.69 -11.85
N ILE F 416 -56.64 -10.39 -12.96
CA ILE F 416 -55.45 -10.06 -13.74
C ILE F 416 -55.57 -8.66 -14.32
N LYS F 417 -56.74 -8.33 -14.87
CA LYS F 417 -56.93 -7.00 -15.47
C LYS F 417 -56.76 -5.90 -14.43
N ILE F 418 -57.41 -6.05 -13.26
CA ILE F 418 -57.29 -5.02 -12.24
C ILE F 418 -55.86 -4.91 -11.73
N SER F 419 -55.20 -6.05 -11.51
CA SER F 419 -53.81 -6.02 -11.08
C SER F 419 -52.95 -5.23 -12.06
N ASN F 420 -53.07 -5.53 -13.36
CA ASN F 420 -52.23 -4.93 -14.38
C ASN F 420 -52.59 -3.48 -14.66
N GLU F 421 -53.80 -3.05 -14.32
CA GLU F 421 -54.20 -1.67 -14.52
CA GLU F 421 -54.21 -1.67 -14.50
C GLU F 421 -53.39 -0.71 -13.65
N SER F 422 -52.73 -1.22 -12.62
CA SER F 422 -51.87 -0.38 -11.79
C SER F 422 -50.69 0.13 -12.60
N GLU F 423 -50.29 1.38 -12.31
CA GLU F 423 -49.03 1.90 -12.81
C GLU F 423 -47.83 1.21 -12.17
N TYR F 424 -48.04 0.49 -11.07
CA TYR F 424 -46.99 -0.19 -10.35
C TYR F 424 -46.93 -1.67 -10.75
N GLY F 425 -45.76 -2.26 -10.53
CA GLY F 425 -45.59 -3.65 -10.87
C GLY F 425 -44.36 -4.26 -10.24
N LEU F 426 -44.28 -4.19 -8.91
CA LEU F 426 -43.15 -4.79 -8.20
CA LEU F 426 -43.16 -4.79 -8.19
C LEU F 426 -43.35 -6.30 -8.06
N GLN F 427 -44.33 -6.70 -7.24
CA GLN F 427 -44.61 -8.12 -7.05
C GLN F 427 -46.10 -8.35 -6.97
N ALA F 428 -46.46 -9.63 -6.93
CA ALA F 428 -47.82 -10.08 -6.65
C ALA F 428 -47.72 -11.40 -5.92
N SER F 429 -48.76 -11.71 -5.14
CA SER F 429 -48.95 -13.02 -4.54
C SER F 429 -50.15 -13.70 -5.18
N ILE F 430 -50.10 -15.01 -5.32
CA ILE F 430 -51.25 -15.80 -5.72
C ILE F 430 -51.47 -16.89 -4.68
N PHE F 431 -52.69 -16.97 -4.15
CA PHE F 431 -53.08 -17.98 -3.16
CA PHE F 431 -53.06 -17.97 -3.16
C PHE F 431 -54.05 -18.94 -3.82
N THR F 432 -53.67 -20.21 -3.87
CA THR F 432 -54.42 -21.23 -4.59
C THR F 432 -53.79 -22.58 -4.29
N THR F 433 -54.53 -23.63 -4.59
CA THR F 433 -53.98 -24.98 -4.50
C THR F 433 -53.62 -25.56 -5.85
N ASN F 434 -53.80 -24.80 -6.93
CA ASN F 434 -53.53 -25.23 -8.30
C ASN F 434 -52.33 -24.47 -8.86
N PHE F 435 -51.16 -25.06 -8.73
CA PHE F 435 -49.94 -24.32 -9.08
C PHE F 435 -49.73 -24.18 -10.58
N PRO F 436 -50.05 -25.18 -11.41
CA PRO F 436 -49.93 -24.96 -12.85
C PRO F 436 -50.79 -23.80 -13.32
N LYS F 437 -51.97 -23.62 -12.70
CA LYS F 437 -52.80 -22.46 -13.00
C LYS F 437 -52.14 -21.18 -12.51
N ALA F 438 -51.59 -21.20 -11.30
CA ALA F 438 -50.92 -20.01 -10.78
C ALA F 438 -49.75 -19.60 -11.67
N PHE F 439 -49.00 -20.58 -12.19
CA PHE F 439 -47.90 -20.24 -13.10
C PHE F 439 -48.42 -19.54 -14.35
N GLY F 440 -49.54 -20.01 -14.90
CA GLY F 440 -50.12 -19.36 -16.06
C GLY F 440 -50.65 -17.99 -15.76
N ILE F 441 -51.20 -17.79 -14.56
CA ILE F 441 -51.58 -16.44 -14.12
C ILE F 441 -50.35 -15.56 -14.00
N ALA F 442 -49.27 -16.10 -13.40
CA ALA F 442 -48.05 -15.32 -13.20
C ALA F 442 -47.50 -14.79 -14.52
N GLU F 443 -47.54 -15.62 -15.57
CA GLU F 443 -47.05 -15.17 -16.88
C GLU F 443 -47.77 -13.91 -17.34
N GLN F 444 -49.04 -13.73 -16.96
CA GLN F 444 -49.85 -12.61 -17.41
C GLN F 444 -49.73 -11.38 -16.53
N LEU F 445 -49.15 -11.50 -15.34
CA LEU F 445 -49.06 -10.38 -14.42
C LEU F 445 -47.83 -9.53 -14.72
N GLU F 446 -48.04 -8.22 -14.81
CA GLU F 446 -46.98 -7.27 -15.14
C GLU F 446 -46.23 -6.85 -13.87
N VAL F 447 -45.44 -7.81 -13.37
CA VAL F 447 -44.65 -7.64 -12.15
C VAL F 447 -43.32 -8.35 -12.32
N GLY F 448 -42.38 -8.05 -11.43
CA GLY F 448 -41.08 -8.69 -11.42
C GLY F 448 -41.08 -10.08 -10.81
N THR F 449 -41.80 -10.23 -9.68
CA THR F 449 -41.82 -11.47 -8.95
C THR F 449 -43.23 -11.82 -8.50
N VAL F 450 -43.59 -13.10 -8.64
CA VAL F 450 -44.84 -13.63 -8.12
C VAL F 450 -44.51 -14.68 -7.06
N HIS F 451 -45.08 -14.51 -5.86
CA HIS F 451 -44.94 -15.45 -4.76
C HIS F 451 -46.20 -16.30 -4.67
N LEU F 452 -46.02 -17.62 -4.62
CA LEU F 452 -47.15 -18.55 -4.52
C LEU F 452 -47.37 -18.93 -3.06
N ASN F 453 -48.58 -18.67 -2.57
CA ASN F 453 -49.01 -19.06 -1.22
C ASN F 453 -48.08 -18.49 -0.16
N ASN F 454 -47.63 -17.26 -0.39
CA ASN F 454 -46.85 -16.53 0.59
CA ASN F 454 -46.81 -16.53 0.56
C ASN F 454 -46.95 -15.04 0.26
N LYS F 455 -46.59 -14.22 1.24
CA LYS F 455 -46.56 -12.79 1.05
C LYS F 455 -45.48 -12.41 0.04
N THR F 456 -45.61 -11.23 -0.55
CA THR F 456 -44.54 -10.68 -1.38
C THR F 456 -43.40 -10.21 -0.48
N GLN F 457 -42.19 -10.26 -1.04
CA GLN F 457 -40.98 -9.91 -0.29
C GLN F 457 -39.80 -9.88 -1.24
N ARG F 458 -38.79 -9.08 -0.88
CA ARG F 458 -37.55 -9.02 -1.63
C ARG F 458 -36.76 -10.31 -1.54
N GLY F 459 -36.84 -11.01 -0.42
CA GLY F 459 -35.88 -12.05 -0.11
C GLY F 459 -36.18 -13.37 -0.77
N THR F 460 -35.24 -14.30 -0.64
CA THR F 460 -33.92 -14.14 -0.03
C THR F 460 -33.08 -13.25 -0.93
N ASP F 461 -32.07 -12.62 -0.39
CA ASP F 461 -31.41 -11.52 -1.09
C ASP F 461 -30.52 -11.99 -2.24
N ASN F 462 -30.37 -13.30 -2.45
CA ASN F 462 -29.74 -13.79 -3.67
C ASN F 462 -30.71 -13.84 -4.86
N PHE F 463 -32.02 -13.83 -4.59
CA PHE F 463 -33.03 -13.89 -5.64
C PHE F 463 -33.09 -12.57 -6.41
N PRO F 464 -33.54 -12.59 -7.66
CA PRO F 464 -33.75 -11.32 -8.37
C PRO F 464 -34.87 -10.53 -7.72
N PHE F 465 -34.72 -9.20 -7.75
CA PHE F 465 -35.71 -8.28 -7.23
C PHE F 465 -35.81 -7.11 -8.20
N LEU F 466 -37.00 -6.89 -8.74
CA LEU F 466 -37.14 -5.91 -9.81
C LEU F 466 -38.58 -5.45 -9.93
N GLY F 467 -38.76 -4.23 -10.44
CA GLY F 467 -40.07 -3.68 -10.65
C GLY F 467 -40.34 -3.32 -12.09
N ALA F 468 -41.52 -3.69 -12.58
CA ALA F 468 -42.00 -3.28 -13.88
C ALA F 468 -42.67 -1.90 -13.80
N LYS F 469 -42.85 -1.29 -14.97
CA LYS F 469 -43.62 -0.04 -15.12
C LYS F 469 -43.07 1.01 -14.14
N LYS F 470 -43.91 1.72 -13.39
CA LYS F 470 -43.44 2.81 -12.55
C LYS F 470 -42.79 2.34 -11.26
N SER F 471 -42.65 1.03 -11.05
CA SER F 471 -41.94 0.52 -9.88
C SER F 471 -40.43 0.53 -10.07
N GLY F 472 -39.95 0.87 -11.27
CA GLY F 472 -38.54 1.13 -11.44
C GLY F 472 -37.90 0.55 -12.68
N ALA F 473 -36.62 0.20 -12.55
CA ALA F 473 -35.77 -0.19 -13.66
C ALA F 473 -34.57 -0.93 -13.10
N GLY F 474 -34.10 -1.93 -13.85
CA GLY F 474 -32.95 -2.71 -13.44
C GLY F 474 -33.35 -3.83 -12.48
N VAL F 475 -32.39 -4.71 -12.22
CA VAL F 475 -32.61 -5.92 -11.43
C VAL F 475 -31.64 -5.93 -10.26
N GLN F 476 -32.18 -5.99 -9.04
CA GLN F 476 -31.40 -6.13 -7.82
C GLN F 476 -31.45 -7.59 -7.34
N GLY F 477 -31.04 -7.82 -6.10
CA GLY F 477 -30.52 -9.11 -5.71
C GLY F 477 -29.05 -9.21 -6.01
N VAL F 478 -28.32 -9.97 -5.18
CA VAL F 478 -26.89 -9.73 -5.06
C VAL F 478 -26.19 -9.86 -6.43
N LYS F 479 -26.28 -11.04 -7.06
CA LYS F 479 -25.50 -11.19 -8.29
C LYS F 479 -26.03 -10.28 -9.40
N TYR F 480 -27.33 -9.99 -9.38
CA TYR F 480 -27.88 -9.09 -10.39
C TYR F 480 -27.39 -7.66 -10.19
N SER F 481 -27.25 -7.24 -8.94
CA SER F 481 -26.70 -5.92 -8.66
CA SER F 481 -26.69 -5.91 -8.68
C SER F 481 -25.25 -5.83 -9.12
N ILE F 482 -24.47 -6.88 -8.90
CA ILE F 482 -23.08 -6.88 -9.35
C ILE F 482 -23.03 -6.75 -10.87
N GLU F 483 -23.85 -7.54 -11.57
CA GLU F 483 -23.88 -7.46 -13.02
C GLU F 483 -24.24 -6.06 -13.48
N ALA F 484 -25.20 -5.42 -12.79
CA ALA F 484 -25.68 -4.11 -13.21
C ALA F 484 -24.59 -3.05 -13.12
N MET F 485 -23.78 -3.12 -12.07
CA MET F 485 -22.74 -2.13 -11.81
C MET F 485 -21.37 -2.57 -12.32
N THR F 486 -21.34 -3.47 -13.30
CA THR F 486 -20.12 -3.77 -14.03
C THR F 486 -20.39 -3.65 -15.52
N THR F 487 -19.31 -3.51 -16.28
CA THR F 487 -19.38 -3.53 -17.74
C THR F 487 -18.35 -4.56 -18.18
N VAL F 488 -18.03 -4.62 -19.47
CA VAL F 488 -17.02 -5.55 -19.92
C VAL F 488 -15.97 -4.78 -20.70
N LYS F 489 -14.80 -5.39 -20.82
CA LYS F 489 -13.72 -4.93 -21.67
C LYS F 489 -13.30 -6.15 -22.50
N SER F 490 -13.35 -6.00 -23.82
CA SER F 490 -12.99 -7.07 -24.73
C SER F 490 -11.62 -6.78 -25.33
N VAL F 491 -10.77 -7.80 -25.38
CA VAL F 491 -9.48 -7.72 -26.08
C VAL F 491 -9.50 -8.77 -27.17
N VAL F 492 -9.34 -8.33 -28.41
CA VAL F 492 -9.53 -9.17 -29.58
C VAL F 492 -8.18 -9.33 -30.28
N PHE F 493 -7.82 -10.57 -30.60
CA PHE F 493 -6.61 -10.80 -31.36
C PHE F 493 -6.83 -11.98 -32.31
N ASP F 494 -5.90 -12.12 -33.25
CA ASP F 494 -5.93 -13.20 -34.23
C ASP F 494 -4.84 -14.21 -33.89
N ILE F 495 -5.25 -15.48 -33.76
CA ILE F 495 -4.29 -16.56 -33.56
C ILE F 495 -3.48 -16.77 -34.83
N GLN F 496 -2.19 -17.07 -34.68
CA GLN F 496 -1.33 -17.30 -35.84
C GLN F 496 -1.00 -18.78 -36.00
N ALA G 23 -33.64 -58.37 -50.17
CA ALA G 23 -32.50 -58.99 -50.82
C ALA G 23 -31.37 -57.99 -51.01
N LYS G 24 -31.58 -56.75 -50.59
CA LYS G 24 -30.58 -55.72 -50.78
C LYS G 24 -29.41 -55.92 -49.82
N GLN G 25 -28.20 -55.88 -50.37
CA GLN G 25 -26.98 -55.93 -49.58
C GLN G 25 -26.57 -54.51 -49.20
N TYR G 26 -26.59 -54.21 -47.91
CA TYR G 26 -26.18 -52.90 -47.43
C TYR G 26 -24.68 -52.88 -47.16
N LYS G 27 -24.12 -51.68 -47.11
CA LYS G 27 -22.69 -51.46 -47.02
C LYS G 27 -22.38 -50.49 -45.90
N ASN G 28 -21.19 -50.63 -45.33
CA ASN G 28 -20.74 -49.68 -44.34
C ASN G 28 -20.10 -48.46 -44.99
N LEU G 29 -20.25 -47.31 -44.34
CA LEU G 29 -19.58 -46.08 -44.73
C LEU G 29 -18.21 -46.07 -44.07
N VAL G 30 -17.15 -46.17 -44.87
CA VAL G 30 -15.79 -46.20 -44.37
C VAL G 30 -14.97 -45.24 -45.19
N ASN G 31 -14.48 -44.17 -44.55
CA ASN G 31 -13.60 -43.22 -45.19
C ASN G 31 -14.17 -42.73 -46.52
N GLY G 32 -15.46 -42.38 -46.50
CA GLY G 32 -16.12 -41.78 -47.63
C GLY G 32 -16.57 -42.74 -48.70
N GLU G 33 -16.26 -44.02 -48.56
CA GLU G 33 -16.63 -45.05 -49.53
C GLU G 33 -17.52 -46.08 -48.86
N TRP G 34 -18.25 -46.82 -49.67
CA TRP G 34 -19.19 -47.84 -49.19
C TRP G 34 -18.58 -49.21 -49.39
N LYS G 35 -18.53 -49.99 -48.31
CA LYS G 35 -17.82 -51.27 -48.34
C LYS G 35 -18.69 -52.43 -47.88
N LEU G 36 -18.76 -53.46 -48.72
CA LEU G 36 -19.17 -54.78 -48.27
C LEU G 36 -18.03 -55.43 -47.48
N SER G 37 -18.36 -56.50 -46.75
CA SER G 37 -17.37 -57.42 -46.19
C SER G 37 -17.58 -58.80 -46.81
N GLU G 38 -16.61 -59.70 -46.56
N GLU G 38 -16.65 -59.71 -46.54
CA GLU G 38 -16.70 -61.02 -47.16
CA GLU G 38 -16.72 -61.03 -47.18
C GLU G 38 -17.89 -61.80 -46.61
C GLU G 38 -17.81 -61.90 -46.58
N ASN G 39 -18.14 -61.68 -45.31
CA ASN G 39 -19.29 -62.31 -44.66
C ASN G 39 -20.33 -61.23 -44.36
N GLU G 40 -21.57 -61.67 -44.21
CA GLU G 40 -22.68 -60.75 -43.96
C GLU G 40 -23.61 -61.37 -42.93
N ILE G 41 -24.53 -60.55 -42.46
CA ILE G 41 -25.58 -60.95 -41.53
C ILE G 41 -26.91 -60.60 -42.18
N THR G 42 -27.79 -61.58 -42.31
CA THR G 42 -29.11 -61.34 -42.88
C THR G 42 -30.06 -60.86 -41.77
N ILE G 43 -30.80 -59.79 -42.07
CA ILE G 43 -31.73 -59.17 -41.13
C ILE G 43 -33.16 -59.50 -41.54
N TYR G 44 -33.94 -59.99 -40.58
CA TYR G 44 -35.34 -60.36 -40.79
C TYR G 44 -36.25 -59.51 -39.91
N ALA G 45 -37.47 -59.28 -40.40
CA ALA G 45 -38.46 -58.49 -39.67
C ALA G 45 -39.02 -59.29 -38.50
N PRO G 46 -38.92 -58.79 -37.26
CA PRO G 46 -39.38 -59.59 -36.12
C PRO G 46 -40.84 -59.95 -36.14
N ALA G 47 -41.68 -59.17 -36.82
CA ALA G 47 -43.11 -59.43 -36.76
C ALA G 47 -43.56 -60.49 -37.74
N THR G 48 -42.80 -60.68 -38.83
CA THR G 48 -43.23 -61.49 -39.95
C THR G 48 -42.19 -62.49 -40.44
N GLY G 49 -40.91 -62.29 -40.12
CA GLY G 49 -39.87 -63.12 -40.68
C GLY G 49 -39.39 -62.70 -42.05
N GLU G 50 -39.92 -61.61 -42.58
CA GLU G 50 -39.55 -61.14 -43.92
C GLU G 50 -38.07 -60.82 -43.98
N GLU G 51 -37.41 -61.30 -45.05
CA GLU G 51 -36.01 -60.96 -45.27
C GLU G 51 -35.91 -59.50 -45.72
N LEU G 52 -35.16 -58.70 -44.96
CA LEU G 52 -35.06 -57.27 -45.25
C LEU G 52 -33.79 -56.92 -46.02
N GLY G 53 -32.76 -57.74 -45.94
CA GLY G 53 -31.48 -57.45 -46.54
C GLY G 53 -30.39 -57.96 -45.64
N SER G 54 -29.15 -57.64 -46.01
CA SER G 54 -27.99 -58.05 -45.23
C SER G 54 -27.13 -56.84 -44.91
N VAL G 55 -26.33 -56.97 -43.85
CA VAL G 55 -25.31 -55.97 -43.51
C VAL G 55 -23.99 -56.69 -43.37
N PRO G 56 -22.88 -55.97 -43.54
CA PRO G 56 -21.58 -56.65 -43.49
C PRO G 56 -21.25 -57.20 -42.11
N ALA G 57 -20.51 -58.31 -42.08
CA ALA G 57 -19.99 -58.86 -40.85
C ALA G 57 -18.50 -58.52 -40.80
N MET G 58 -18.21 -57.32 -40.29
CA MET G 58 -16.85 -56.81 -40.38
C MET G 58 -15.86 -57.66 -39.56
N THR G 59 -14.62 -57.69 -40.03
CA THR G 59 -13.53 -58.27 -39.28
C THR G 59 -12.89 -57.23 -38.36
N GLN G 60 -12.05 -57.71 -37.44
CA GLN G 60 -11.29 -56.81 -36.58
C GLN G 60 -10.38 -55.91 -37.41
N ALA G 61 -9.79 -56.43 -38.48
CA ALA G 61 -8.94 -55.60 -39.33
C ALA G 61 -9.76 -54.51 -40.03
N GLU G 62 -11.01 -54.81 -40.39
CA GLU G 62 -11.87 -53.79 -41.01
CA GLU G 62 -11.86 -53.80 -41.00
C GLU G 62 -12.26 -52.73 -39.99
N VAL G 63 -12.42 -53.10 -38.73
CA VAL G 63 -12.62 -52.11 -37.69
C VAL G 63 -11.39 -51.21 -37.57
N ASP G 64 -10.20 -51.82 -37.61
CA ASP G 64 -8.97 -51.02 -37.56
C ASP G 64 -8.97 -49.96 -38.65
N ALA G 65 -9.42 -50.31 -39.86
CA ALA G 65 -9.39 -49.38 -40.98
C ALA G 65 -10.38 -48.24 -40.75
N VAL G 66 -11.56 -48.56 -40.20
CA VAL G 66 -12.51 -47.50 -39.85
C VAL G 66 -11.84 -46.50 -38.90
N TYR G 67 -11.23 -47.01 -37.83
CA TYR G 67 -10.71 -46.15 -36.78
C TYR G 67 -9.50 -45.35 -37.26
N ALA G 68 -8.66 -45.96 -38.11
CA ALA G 68 -7.52 -45.24 -38.67
C ALA G 68 -7.98 -44.12 -39.58
N SER G 69 -9.02 -44.39 -40.39
CA SER G 69 -9.59 -43.36 -41.25
C SER G 69 -10.13 -42.21 -40.43
N ALA G 70 -10.77 -42.51 -39.29
CA ALA G 70 -11.38 -41.47 -38.49
C ALA G 70 -10.31 -40.59 -37.86
N LYS G 71 -9.29 -41.21 -37.26
CA LYS G 71 -8.26 -40.41 -36.59
C LYS G 71 -7.53 -39.53 -37.61
N LYS G 72 -7.32 -40.02 -38.82
CA LYS G 72 -6.68 -39.22 -39.86
C LYS G 72 -7.54 -38.02 -40.23
N ALA G 73 -8.87 -38.21 -40.32
CA ALA G 73 -9.75 -37.12 -40.70
C ALA G 73 -9.92 -36.10 -39.58
N LEU G 74 -9.55 -36.46 -38.35
CA LEU G 74 -9.85 -35.64 -37.19
C LEU G 74 -9.08 -34.32 -37.21
N SER G 75 -7.84 -34.34 -37.70
CA SER G 75 -7.02 -33.14 -37.70
CA SER G 75 -7.02 -33.14 -37.70
CA SER G 75 -7.02 -33.14 -37.71
C SER G 75 -7.68 -32.03 -38.52
N ASP G 76 -8.12 -32.34 -39.73
CA ASP G 76 -8.73 -31.32 -40.57
C ASP G 76 -10.12 -30.95 -40.06
N TRP G 77 -10.87 -31.91 -39.52
CA TRP G 77 -12.24 -31.66 -39.11
C TRP G 77 -12.29 -30.73 -37.90
N ARG G 78 -11.44 -30.99 -36.90
CA ARG G 78 -11.50 -30.17 -35.70
C ARG G 78 -11.02 -28.75 -35.94
N THR G 79 -10.31 -28.49 -37.04
CA THR G 79 -9.83 -27.16 -37.35
C THR G 79 -10.75 -26.40 -38.31
N LEU G 80 -11.82 -27.04 -38.79
CA LEU G 80 -12.85 -26.28 -39.48
C LEU G 80 -13.52 -25.32 -38.50
N SER G 81 -14.17 -24.30 -39.05
CA SER G 81 -14.96 -23.42 -38.20
C SER G 81 -16.21 -24.16 -37.72
N TYR G 82 -16.78 -23.66 -36.61
CA TYR G 82 -18.06 -24.20 -36.16
C TYR G 82 -19.14 -24.05 -37.24
N VAL G 83 -19.15 -22.91 -37.93
CA VAL G 83 -20.18 -22.66 -38.95
CA VAL G 83 -20.21 -22.69 -38.93
CA VAL G 83 -20.20 -22.68 -38.94
C VAL G 83 -20.08 -23.72 -40.06
N GLU G 84 -18.86 -24.07 -40.43
CA GLU G 84 -18.68 -25.04 -41.51
C GLU G 84 -19.17 -26.42 -41.10
N ARG G 85 -18.85 -26.86 -39.88
CA ARG G 85 -19.34 -28.15 -39.40
C ARG G 85 -20.86 -28.14 -39.25
N ALA G 86 -21.41 -27.03 -38.77
CA ALA G 86 -22.87 -26.95 -38.66
C ALA G 86 -23.54 -27.11 -40.02
N ALA G 87 -22.94 -26.58 -41.09
CA ALA G 87 -23.60 -26.63 -42.39
C ALA G 87 -23.80 -28.07 -42.85
N TYR G 88 -22.81 -28.94 -42.62
CA TYR G 88 -22.95 -30.35 -42.98
CA TYR G 88 -22.98 -30.33 -42.99
C TYR G 88 -24.13 -30.98 -42.24
N LEU G 89 -24.29 -30.64 -40.96
CA LEU G 89 -25.34 -31.25 -40.16
CA LEU G 89 -25.34 -31.26 -40.17
C LEU G 89 -26.72 -30.82 -40.63
N HIS G 90 -26.90 -29.52 -40.89
CA HIS G 90 -28.18 -29.07 -41.42
C HIS G 90 -28.50 -29.76 -42.74
N LYS G 91 -27.49 -29.95 -43.60
CA LYS G 91 -27.73 -30.61 -44.87
C LYS G 91 -28.17 -32.05 -44.66
N ALA G 92 -27.53 -32.77 -43.73
CA ALA G 92 -27.92 -34.13 -43.42
C ALA G 92 -29.33 -34.21 -42.86
N ALA G 93 -29.71 -33.27 -42.00
CA ALA G 93 -31.06 -33.25 -41.46
C ALA G 93 -32.10 -33.02 -42.56
N ASP G 94 -31.81 -32.11 -43.49
CA ASP G 94 -32.75 -31.87 -44.60
C ASP G 94 -32.97 -33.15 -45.40
N ILE G 95 -31.90 -33.90 -45.66
CA ILE G 95 -32.02 -35.13 -46.43
C ILE G 95 -32.85 -36.15 -45.68
N LEU G 96 -32.66 -36.24 -44.36
CA LEU G 96 -33.49 -37.15 -43.56
C LEU G 96 -34.97 -36.81 -43.64
N VAL G 97 -35.31 -35.52 -43.57
CA VAL G 97 -36.72 -35.13 -43.67
C VAL G 97 -37.27 -35.56 -45.03
N ARG G 98 -36.49 -35.35 -46.08
CA ARG G 98 -36.90 -35.73 -47.43
C ARG G 98 -37.21 -37.21 -47.51
N ASP G 99 -36.36 -38.05 -46.89
CA ASP G 99 -36.43 -39.49 -47.00
C ASP G 99 -37.08 -40.15 -45.79
N ALA G 100 -37.82 -39.39 -44.97
CA ALA G 100 -38.37 -39.94 -43.74
C ALA G 100 -39.33 -41.09 -44.00
N GLU G 101 -40.19 -40.96 -45.01
CA GLU G 101 -41.11 -42.06 -45.32
C GLU G 101 -40.35 -43.31 -45.75
N LYS G 102 -39.35 -43.15 -46.61
CA LYS G 102 -38.59 -44.29 -47.13
C LYS G 102 -37.82 -44.98 -46.01
N ILE G 103 -37.18 -44.19 -45.14
CA ILE G 103 -36.43 -44.79 -44.04
C ILE G 103 -37.37 -45.39 -43.00
N GLY G 104 -38.43 -44.66 -42.65
CA GLY G 104 -39.34 -45.14 -41.62
C GLY G 104 -40.04 -46.43 -42.00
N ALA G 105 -40.37 -46.61 -43.28
CA ALA G 105 -40.98 -47.86 -43.71
C ALA G 105 -40.07 -49.05 -43.43
N ILE G 106 -38.77 -48.90 -43.63
CA ILE G 106 -37.86 -50.01 -43.36
C ILE G 106 -37.62 -50.15 -41.86
N LEU G 107 -37.41 -49.04 -41.16
CA LEU G 107 -37.25 -49.07 -39.71
CA LEU G 107 -37.24 -49.07 -39.71
C LEU G 107 -38.39 -49.82 -39.05
N SER G 108 -39.62 -49.56 -39.49
CA SER G 108 -40.79 -50.22 -38.94
C SER G 108 -40.66 -51.74 -39.01
N LYS G 109 -40.28 -52.25 -40.17
CA LYS G 109 -40.11 -53.69 -40.34
CA LYS G 109 -40.11 -53.69 -40.34
C LYS G 109 -38.97 -54.23 -39.47
N GLU G 110 -37.84 -53.51 -39.46
CA GLU G 110 -36.64 -54.03 -38.82
C GLU G 110 -36.80 -54.24 -37.32
N VAL G 111 -37.52 -53.36 -36.64
CA VAL G 111 -37.62 -53.48 -35.18
C VAL G 111 -39.08 -53.60 -34.73
N ALA G 112 -39.96 -53.96 -35.65
CA ALA G 112 -41.39 -54.19 -35.37
C ALA G 112 -41.98 -53.00 -34.62
N LYS G 113 -41.67 -51.80 -35.11
CA LYS G 113 -42.26 -50.57 -34.63
C LYS G 113 -43.37 -50.13 -35.57
N GLY G 114 -44.43 -49.57 -35.00
CA GLY G 114 -45.52 -49.06 -35.81
C GLY G 114 -45.02 -48.18 -36.93
N HIS G 115 -45.62 -48.31 -38.11
CA HIS G 115 -45.14 -47.60 -39.28
C HIS G 115 -45.14 -46.09 -39.05
N LYS G 116 -46.27 -45.54 -38.59
CA LYS G 116 -46.30 -44.10 -38.33
C LYS G 116 -45.29 -43.71 -37.26
N ALA G 117 -45.19 -44.51 -36.20
CA ALA G 117 -44.21 -44.24 -35.15
C ALA G 117 -42.79 -44.24 -35.71
N ALA G 118 -42.50 -45.15 -36.65
CA ALA G 118 -41.16 -45.21 -37.23
C ALA G 118 -40.83 -43.96 -38.04
N VAL G 119 -41.78 -43.50 -38.86
CA VAL G 119 -41.56 -42.26 -39.60
C VAL G 119 -41.34 -41.10 -38.65
N SER G 120 -42.15 -41.05 -37.58
CA SER G 120 -41.99 -39.99 -36.60
CA SER G 120 -42.00 -40.01 -36.58
C SER G 120 -40.61 -40.02 -35.96
N GLU G 121 -40.04 -41.22 -35.76
CA GLU G 121 -38.71 -41.31 -35.19
C GLU G 121 -37.68 -40.62 -36.09
N VAL G 122 -37.78 -40.84 -37.40
CA VAL G 122 -36.85 -40.22 -38.33
C VAL G 122 -37.01 -38.70 -38.31
N ILE G 123 -38.25 -38.21 -38.26
CA ILE G 123 -38.47 -36.77 -38.22
C ILE G 123 -37.85 -36.18 -36.96
N ARG G 124 -38.02 -36.85 -35.83
CA ARG G 124 -37.43 -36.38 -34.58
C ARG G 124 -35.91 -36.36 -34.67
N THR G 125 -35.33 -37.33 -35.37
CA THR G 125 -33.88 -37.36 -35.53
C THR G 125 -33.40 -36.10 -36.26
N ALA G 126 -34.10 -35.69 -37.32
CA ALA G 126 -33.72 -34.47 -38.02
C ALA G 126 -33.80 -33.25 -37.08
N GLU G 127 -34.82 -33.19 -36.23
CA GLU G 127 -34.93 -32.08 -35.29
C GLU G 127 -33.75 -32.03 -34.36
N ILE G 128 -33.32 -33.18 -33.84
CA ILE G 128 -32.19 -33.21 -32.93
C ILE G 128 -30.90 -32.82 -33.66
N ILE G 129 -30.74 -33.26 -34.91
CA ILE G 129 -29.53 -32.94 -35.64
C ILE G 129 -29.43 -31.43 -35.87
N ASN G 130 -30.53 -30.82 -36.34
CA ASN G 130 -30.53 -29.37 -36.57
C ASN G 130 -30.27 -28.60 -35.28
N TYR G 131 -30.92 -29.00 -34.19
CA TYR G 131 -30.79 -28.29 -32.92
C TYR G 131 -29.38 -28.44 -32.37
N ALA G 132 -28.78 -29.62 -32.53
CA ALA G 132 -27.41 -29.82 -32.07
C ALA G 132 -26.43 -28.97 -32.86
N ALA G 133 -26.68 -28.79 -34.16
CA ALA G 133 -25.78 -27.96 -34.97
C ALA G 133 -25.71 -26.54 -34.43
N GLU G 134 -26.88 -25.96 -34.13
CA GLU G 134 -26.93 -24.59 -33.65
C GLU G 134 -26.53 -24.47 -32.18
N GLU G 135 -26.84 -25.47 -31.35
CA GLU G 135 -26.40 -25.44 -29.96
C GLU G 135 -24.88 -25.45 -29.89
N GLY G 136 -24.24 -26.33 -30.66
CA GLY G 136 -22.82 -26.56 -30.50
C GLY G 136 -21.92 -25.49 -31.06
N LEU G 137 -22.44 -24.66 -31.96
CA LEU G 137 -21.59 -23.67 -32.60
C LEU G 137 -21.45 -22.41 -31.76
N ARG G 138 -22.25 -22.25 -30.71
CA ARG G 138 -22.18 -21.07 -29.85
C ARG G 138 -21.92 -21.46 -28.40
N MET G 139 -21.29 -22.62 -28.19
CA MET G 139 -20.74 -22.92 -26.89
C MET G 139 -19.51 -22.05 -26.70
N GLU G 140 -19.50 -21.25 -25.65
CA GLU G 140 -18.44 -20.29 -25.44
C GLU G 140 -17.49 -20.77 -24.35
N GLY G 141 -16.37 -20.06 -24.25
CA GLY G 141 -15.36 -20.35 -23.26
C GLY G 141 -15.42 -19.38 -22.08
N GLU G 142 -14.52 -19.61 -21.15
CA GLU G 142 -14.46 -18.87 -19.91
C GLU G 142 -13.12 -18.15 -19.81
N VAL G 143 -13.12 -16.99 -19.14
CA VAL G 143 -11.90 -16.30 -18.76
C VAL G 143 -11.91 -16.19 -17.25
N LEU G 144 -10.93 -16.81 -16.59
CA LEU G 144 -10.87 -16.85 -15.14
C LEU G 144 -9.77 -15.94 -14.62
N GLU G 145 -10.02 -15.33 -13.46
CA GLU G 145 -9.12 -14.37 -12.84
C GLU G 145 -8.32 -15.04 -11.73
N GLY G 146 -6.98 -14.97 -11.84
CA GLY G 146 -6.15 -15.45 -10.76
C GLY G 146 -6.41 -14.73 -9.45
N GLY G 147 -6.79 -13.45 -9.54
CA GLY G 147 -7.06 -12.63 -8.38
C GLY G 147 -8.35 -12.97 -7.66
N SER G 148 -9.16 -13.87 -8.23
CA SER G 148 -10.28 -14.43 -7.47
C SER G 148 -9.78 -15.29 -6.32
N PHE G 149 -8.60 -15.88 -6.46
CA PHE G 149 -8.09 -16.85 -5.50
C PHE G 149 -6.89 -16.36 -4.70
N GLU G 150 -6.00 -15.59 -5.34
CA GLU G 150 -4.71 -15.22 -4.74
C GLU G 150 -4.34 -13.83 -5.20
N ALA G 151 -4.12 -12.91 -4.25
CA ALA G 151 -3.79 -11.54 -4.62
C ALA G 151 -2.54 -11.49 -5.49
N ALA G 152 -1.54 -12.32 -5.18
CA ALA G 152 -0.29 -12.31 -5.92
C ALA G 152 -0.47 -12.74 -7.38
N SER G 153 -1.59 -13.38 -7.70
CA SER G 153 -1.84 -13.87 -9.05
C SER G 153 -2.87 -13.01 -9.79
N LYS G 154 -3.07 -11.77 -9.36
CA LYS G 154 -4.13 -10.94 -9.95
C LYS G 154 -3.87 -10.61 -11.43
N LYS G 155 -2.63 -10.69 -11.90
CA LYS G 155 -2.33 -10.44 -13.30
CA LYS G 155 -2.31 -10.43 -13.29
C LYS G 155 -2.30 -11.70 -14.13
N LYS G 156 -2.59 -12.85 -13.54
CA LYS G 156 -2.63 -14.13 -14.24
C LYS G 156 -4.08 -14.46 -14.60
N ILE G 157 -4.32 -14.73 -15.88
CA ILE G 157 -5.66 -15.12 -16.31
C ILE G 157 -5.60 -16.40 -17.14
N ALA G 158 -6.70 -17.14 -17.11
CA ALA G 158 -6.84 -18.38 -17.86
C ALA G 158 -7.93 -18.22 -18.91
N ILE G 159 -7.56 -18.52 -20.16
CA ILE G 159 -8.46 -18.51 -21.30
CA ILE G 159 -8.46 -18.51 -21.30
C ILE G 159 -8.84 -19.96 -21.57
N VAL G 160 -10.10 -20.30 -21.34
CA VAL G 160 -10.56 -21.68 -21.38
C VAL G 160 -11.54 -21.84 -22.55
N ARG G 161 -11.12 -22.63 -23.54
CA ARG G 161 -11.92 -22.90 -24.74
C ARG G 161 -12.24 -24.39 -24.85
N ARG G 162 -13.35 -24.71 -25.48
CA ARG G 162 -13.75 -26.09 -25.66
C ARG G 162 -13.00 -26.72 -26.85
N GLU G 163 -12.70 -28.01 -26.72
CA GLU G 163 -12.13 -28.86 -27.75
C GLU G 163 -12.86 -30.19 -27.80
N PRO G 164 -12.88 -30.85 -28.95
CA PRO G 164 -13.45 -32.21 -29.01
C PRO G 164 -12.60 -33.19 -28.22
N VAL G 165 -13.19 -34.33 -27.87
CA VAL G 165 -12.44 -35.39 -27.19
C VAL G 165 -11.70 -36.28 -28.18
N GLY G 166 -12.18 -36.40 -29.41
CA GLY G 166 -11.49 -37.15 -30.45
C GLY G 166 -12.42 -38.06 -31.23
N LEU G 167 -12.17 -39.36 -31.16
CA LEU G 167 -13.03 -40.34 -31.80
C LEU G 167 -14.08 -40.82 -30.82
N VAL G 168 -15.34 -40.65 -31.19
CA VAL G 168 -16.48 -41.10 -30.40
C VAL G 168 -17.04 -42.36 -31.03
N LEU G 169 -17.09 -43.43 -30.26
CA LEU G 169 -17.81 -44.64 -30.64
C LEU G 169 -19.25 -44.50 -30.16
N ALA G 170 -20.18 -44.41 -31.11
CA ALA G 170 -21.61 -44.29 -30.83
C ALA G 170 -22.25 -45.65 -31.08
N ILE G 171 -22.93 -46.18 -30.06
CA ILE G 171 -23.58 -47.48 -30.12
C ILE G 171 -25.07 -47.25 -29.92
N SER G 172 -25.85 -47.44 -30.97
CA SER G 172 -27.28 -47.17 -30.95
C SER G 172 -28.07 -48.38 -30.51
N PRO G 173 -29.32 -48.18 -30.07
CA PRO G 173 -30.12 -49.28 -29.56
C PRO G 173 -31.17 -49.75 -30.55
N PHE G 174 -31.66 -50.98 -30.37
CA PHE G 174 -32.64 -51.51 -31.31
C PHE G 174 -33.93 -50.71 -31.28
N ASN G 175 -34.28 -50.15 -30.11
CA ASN G 175 -35.62 -49.57 -29.98
C ASN G 175 -35.71 -48.14 -30.49
N TYR G 176 -34.57 -47.50 -30.77
CA TYR G 176 -34.52 -46.21 -31.46
C TYR G 176 -33.27 -46.21 -32.34
N PRO G 177 -33.26 -47.04 -33.38
CA PRO G 177 -32.02 -47.24 -34.15
C PRO G 177 -31.60 -46.04 -34.97
N VAL G 178 -32.49 -45.07 -35.20
CA VAL G 178 -32.15 -43.84 -35.91
C VAL G 178 -32.06 -42.65 -34.94
N ASN G 179 -33.08 -42.49 -34.10
CA ASN G 179 -33.13 -41.34 -33.19
C ASN G 179 -31.99 -41.36 -32.20
N LEU G 180 -31.70 -42.52 -31.62
CA LEU G 180 -30.61 -42.64 -30.66
C LEU G 180 -29.32 -43.10 -31.33
N ALA G 181 -29.24 -43.00 -32.66
CA ALA G 181 -27.98 -42.85 -33.36
C ALA G 181 -27.70 -41.36 -33.58
N GLY G 182 -28.68 -40.64 -34.14
CA GLY G 182 -28.50 -39.21 -34.36
C GLY G 182 -28.23 -38.41 -33.10
N SER G 183 -28.80 -38.84 -31.98
CA SER G 183 -28.62 -38.13 -30.73
C SER G 183 -27.16 -38.13 -30.26
N LYS G 184 -26.37 -39.06 -30.77
CA LYS G 184 -24.95 -39.18 -30.48
C LYS G 184 -24.08 -38.57 -31.56
N ILE G 185 -24.44 -38.83 -32.82
CA ILE G 185 -23.63 -38.40 -33.97
C ILE G 185 -23.57 -36.89 -34.05
N ALA G 186 -24.73 -36.21 -34.02
CA ALA G 186 -24.74 -34.78 -34.31
C ALA G 186 -24.06 -33.98 -33.20
N PRO G 187 -24.37 -34.19 -31.91
CA PRO G 187 -23.60 -33.48 -30.87
C PRO G 187 -22.12 -33.75 -30.95
N ALA G 188 -21.73 -34.98 -31.25
CA ALA G 188 -20.31 -35.30 -31.37
C ALA G 188 -19.67 -34.50 -32.52
N LEU G 189 -20.35 -34.46 -33.66
CA LEU G 189 -19.74 -33.88 -34.86
C LEU G 189 -19.60 -32.36 -34.74
N ILE G 190 -20.63 -31.67 -34.23
CA ILE G 190 -20.56 -30.21 -34.23
C ILE G 190 -19.39 -29.71 -33.40
N ALA G 191 -19.03 -30.46 -32.35
CA ALA G 191 -17.93 -30.09 -31.47
C ALA G 191 -16.55 -30.41 -32.05
N GLY G 192 -16.50 -31.02 -33.24
CA GLY G 192 -15.24 -31.36 -33.84
C GLY G 192 -14.77 -32.77 -33.60
N ASN G 193 -15.60 -33.62 -33.02
CA ASN G 193 -15.24 -35.01 -32.91
C ASN G 193 -15.46 -35.73 -34.24
N VAL G 194 -14.77 -36.86 -34.39
CA VAL G 194 -15.09 -37.82 -35.45
C VAL G 194 -15.82 -38.98 -34.80
N VAL G 195 -16.60 -39.71 -35.61
CA VAL G 195 -17.57 -40.66 -35.09
C VAL G 195 -17.54 -41.96 -35.87
N ALA G 196 -17.62 -43.07 -35.14
CA ALA G 196 -17.98 -44.37 -35.70
C ALA G 196 -19.28 -44.82 -35.04
N LEU G 197 -20.28 -45.15 -35.87
CA LEU G 197 -21.57 -45.64 -35.40
C LEU G 197 -21.59 -47.16 -35.49
N LYS G 198 -21.78 -47.82 -34.34
CA LYS G 198 -22.03 -49.26 -34.29
C LYS G 198 -23.51 -49.46 -33.98
N PRO G 199 -24.34 -49.76 -34.96
CA PRO G 199 -25.73 -50.09 -34.65
C PRO G 199 -25.83 -51.50 -34.10
N PRO G 200 -26.93 -51.83 -33.42
CA PRO G 200 -27.16 -53.24 -33.08
C PRO G 200 -27.50 -53.99 -34.35
N THR G 201 -27.21 -55.29 -34.35
CA THR G 201 -27.52 -56.09 -35.53
C THR G 201 -28.97 -55.88 -35.96
N GLN G 202 -29.90 -56.01 -35.02
CA GLN G 202 -31.30 -55.70 -35.28
C GLN G 202 -31.47 -54.19 -35.16
N GLY G 203 -31.47 -53.50 -36.30
CA GLY G 203 -31.35 -52.06 -36.36
C GLY G 203 -30.19 -51.57 -37.20
N SER G 204 -29.35 -52.48 -37.71
CA SER G 204 -28.21 -52.06 -38.51
C SER G 204 -28.62 -51.48 -39.86
N ILE G 205 -29.68 -52.01 -40.47
CA ILE G 205 -30.12 -51.42 -41.73
C ILE G 205 -30.57 -49.99 -41.51
N SER G 206 -31.39 -49.76 -40.48
CA SER G 206 -31.83 -48.41 -40.18
C SER G 206 -30.65 -47.49 -39.91
N GLY G 207 -29.64 -48.01 -39.20
CA GLY G 207 -28.45 -47.21 -38.94
C GLY G 207 -27.68 -46.88 -40.20
N LEU G 208 -27.56 -47.84 -41.11
CA LEU G 208 -26.87 -47.55 -42.37
C LEU G 208 -27.69 -46.60 -43.24
N LEU G 209 -29.03 -46.67 -43.15
CA LEU G 209 -29.86 -45.72 -43.89
CA LEU G 209 -29.86 -45.73 -43.88
C LEU G 209 -29.65 -44.30 -43.38
N LEU G 210 -29.54 -44.12 -42.06
CA LEU G 210 -29.18 -42.82 -41.52
C LEU G 210 -27.82 -42.38 -42.06
N ALA G 211 -26.86 -43.30 -42.11
CA ALA G 211 -25.53 -42.95 -42.58
C ALA G 211 -25.56 -42.43 -44.01
N GLU G 212 -26.48 -42.94 -44.84
CA GLU G 212 -26.56 -42.45 -46.21
CA GLU G 212 -26.56 -42.45 -46.21
C GLU G 212 -26.84 -40.95 -46.26
N ALA G 213 -27.68 -40.46 -45.35
CA ALA G 213 -28.00 -39.04 -45.34
C ALA G 213 -26.76 -38.20 -45.05
N PHE G 214 -25.93 -38.64 -44.11
CA PHE G 214 -24.70 -37.91 -43.79
C PHE G 214 -23.73 -37.96 -44.96
N ALA G 215 -23.66 -39.08 -45.67
CA ALA G 215 -22.80 -39.18 -46.84
C ALA G 215 -23.29 -38.27 -47.96
N GLU G 216 -24.60 -38.28 -48.24
CA GLU G 216 -25.13 -37.44 -49.30
C GLU G 216 -24.90 -35.96 -48.99
N ALA G 217 -24.94 -35.59 -47.70
CA ALA G 217 -24.67 -34.23 -47.28
C ALA G 217 -23.21 -33.83 -47.46
N GLY G 218 -22.34 -34.77 -47.79
CA GLY G 218 -20.94 -34.46 -48.04
C GLY G 218 -20.04 -34.48 -46.82
N ILE G 219 -20.44 -35.15 -45.76
CA ILE G 219 -19.59 -35.26 -44.57
C ILE G 219 -18.22 -35.73 -45.01
N PRO G 220 -17.12 -35.08 -44.59
CA PRO G 220 -15.81 -35.45 -45.14
C PRO G 220 -15.44 -36.89 -44.85
N ALA G 221 -14.72 -37.49 -45.80
CA ALA G 221 -14.31 -38.88 -45.68
C ALA G 221 -13.62 -39.13 -44.35
N GLY G 222 -14.13 -40.12 -43.62
CA GLY G 222 -13.60 -40.49 -42.33
C GLY G 222 -14.13 -39.74 -41.14
N VAL G 223 -14.84 -38.63 -41.33
CA VAL G 223 -15.37 -37.88 -40.20
C VAL G 223 -16.50 -38.67 -39.54
N PHE G 224 -17.31 -39.35 -40.35
CA PHE G 224 -18.38 -40.22 -39.87
C PHE G 224 -18.26 -41.54 -40.62
N ASN G 225 -18.32 -42.64 -39.87
CA ASN G 225 -18.16 -43.98 -40.42
C ASN G 225 -19.14 -44.91 -39.69
N THR G 226 -19.38 -46.09 -40.27
CA THR G 226 -20.20 -47.10 -39.63
C THR G 226 -19.43 -48.41 -39.51
N ILE G 227 -19.83 -49.20 -38.50
CA ILE G 227 -19.31 -50.52 -38.22
C ILE G 227 -20.50 -51.43 -38.01
N THR G 228 -20.53 -52.57 -38.72
CA THR G 228 -21.49 -53.62 -38.43
C THR G 228 -20.77 -54.96 -38.35
N GLY G 229 -21.30 -55.86 -37.53
CA GLY G 229 -20.71 -57.18 -37.43
C GLY G 229 -21.25 -57.95 -36.26
N ARG G 230 -20.67 -59.14 -36.08
CA ARG G 230 -21.10 -60.08 -35.07
C ARG G 230 -20.42 -59.78 -33.73
N GLY G 231 -21.21 -59.84 -32.66
CA GLY G 231 -20.65 -59.63 -31.33
C GLY G 231 -19.48 -60.54 -31.04
N SER G 232 -19.55 -61.79 -31.50
CA SER G 232 -18.47 -62.74 -31.20
C SER G 232 -17.17 -62.37 -31.89
N VAL G 233 -17.23 -61.62 -32.98
CA VAL G 233 -16.03 -61.23 -33.70
C VAL G 233 -15.49 -59.88 -33.24
N ILE G 234 -16.35 -58.88 -33.05
CA ILE G 234 -15.89 -57.51 -32.85
C ILE G 234 -16.51 -56.82 -31.65
N GLY G 235 -17.36 -57.49 -30.87
CA GLY G 235 -18.10 -56.83 -29.81
C GLY G 235 -17.24 -56.14 -28.78
N ASP G 236 -16.31 -56.87 -28.17
CA ASP G 236 -15.37 -56.26 -27.25
C ASP G 236 -14.31 -55.46 -28.00
N TYR G 237 -13.91 -55.96 -29.17
CA TYR G 237 -12.81 -55.34 -29.91
C TYR G 237 -13.08 -53.86 -30.17
N ILE G 238 -14.32 -53.50 -30.54
CA ILE G 238 -14.57 -52.13 -30.95
C ILE G 238 -14.47 -51.18 -29.75
N VAL G 239 -14.74 -51.68 -28.55
CA VAL G 239 -14.73 -50.86 -27.35
C VAL G 239 -13.34 -50.76 -26.74
N GLU G 240 -12.58 -51.85 -26.77
CA GLU G 240 -11.25 -51.85 -26.16
C GLU G 240 -10.21 -51.13 -27.02
N HIS G 241 -10.50 -50.89 -28.30
CA HIS G 241 -9.52 -50.31 -29.20
CA HIS G 241 -9.52 -50.31 -29.20
C HIS G 241 -8.98 -49.00 -28.65
N GLU G 242 -7.65 -48.85 -28.68
CA GLU G 242 -7.02 -47.65 -28.17
C GLU G 242 -7.32 -46.40 -29.01
N ALA G 243 -7.79 -46.56 -30.25
CA ALA G 243 -8.16 -45.40 -31.04
C ALA G 243 -9.35 -44.66 -30.45
N VAL G 244 -10.22 -45.36 -29.73
CA VAL G 244 -11.48 -44.78 -29.28
C VAL G 244 -11.23 -43.92 -28.05
N ASN G 245 -11.68 -42.66 -28.11
CA ASN G 245 -11.51 -41.72 -27.01
C ASN G 245 -12.74 -41.58 -26.13
N PHE G 246 -13.89 -42.10 -26.55
CA PHE G 246 -15.16 -41.83 -25.89
C PHE G 246 -16.15 -42.87 -26.38
N ILE G 247 -16.93 -43.43 -25.46
CA ILE G 247 -17.95 -44.43 -25.78
C ILE G 247 -19.30 -43.92 -25.32
N ASN G 248 -20.25 -43.89 -26.23
CA ASN G 248 -21.59 -43.34 -26.01
C ASN G 248 -22.59 -44.41 -26.40
N PHE G 249 -23.22 -45.03 -25.40
CA PHE G 249 -23.97 -46.28 -25.56
C PHE G 249 -25.38 -46.19 -25.03
N THR G 250 -26.34 -46.71 -25.80
CA THR G 250 -27.70 -46.96 -25.31
C THR G 250 -28.03 -48.43 -25.51
N GLY G 251 -28.59 -49.06 -24.47
CA GLY G 251 -28.92 -50.47 -24.56
C GLY G 251 -29.25 -51.05 -23.20
N SER G 252 -29.15 -52.38 -23.10
CA SER G 252 -29.51 -53.06 -21.86
C SER G 252 -28.50 -52.82 -20.75
N THR G 253 -28.97 -52.94 -19.51
CA THR G 253 -28.09 -52.70 -18.37
CA THR G 253 -28.09 -52.72 -18.36
C THR G 253 -26.94 -53.71 -18.32
N PRO G 254 -27.18 -55.02 -18.47
CA PRO G 254 -26.04 -55.95 -18.48
C PRO G 254 -24.96 -55.59 -19.49
N ILE G 255 -25.36 -55.26 -20.73
CA ILE G 255 -24.37 -54.92 -21.75
C ILE G 255 -23.65 -53.64 -21.37
N GLY G 256 -24.39 -52.65 -20.86
CA GLY G 256 -23.76 -51.41 -20.46
C GLY G 256 -22.74 -51.59 -19.35
N GLU G 257 -23.04 -52.48 -18.41
CA GLU G 257 -22.05 -52.79 -17.38
C GLU G 257 -20.81 -53.44 -17.98
N GLY G 258 -21.01 -54.27 -19.00
CA GLY G 258 -19.86 -54.86 -19.67
C GLY G 258 -18.97 -53.81 -20.33
N ILE G 259 -19.60 -52.79 -20.92
CA ILE G 259 -18.83 -51.70 -21.51
C ILE G 259 -18.10 -50.93 -20.44
N GLY G 260 -18.74 -50.70 -19.29
CA GLY G 260 -18.05 -50.03 -18.20
C GLY G 260 -16.76 -50.72 -17.83
N LYS G 261 -16.75 -52.06 -17.88
CA LYS G 261 -15.57 -52.80 -17.46
C LYS G 261 -14.44 -52.73 -18.48
N LEU G 262 -14.73 -52.29 -19.71
CA LEU G 262 -13.75 -52.20 -20.78
C LEU G 262 -13.32 -50.78 -21.10
N ALA G 263 -14.00 -49.78 -20.55
CA ALA G 263 -13.71 -48.40 -20.90
C ALA G 263 -12.37 -47.94 -20.34
N GLY G 264 -11.89 -48.56 -19.27
CA GLY G 264 -10.65 -48.09 -18.69
C GLY G 264 -10.85 -46.69 -18.12
N MET G 265 -9.95 -45.77 -18.46
CA MET G 265 -10.02 -44.38 -18.04
CA MET G 265 -10.12 -44.40 -17.98
C MET G 265 -10.81 -43.51 -19.00
N ARG G 266 -11.27 -44.05 -20.11
CA ARG G 266 -11.92 -43.22 -21.10
C ARG G 266 -13.34 -42.88 -20.68
N PRO G 267 -13.78 -41.66 -21.00
CA PRO G 267 -15.14 -41.26 -20.61
C PRO G 267 -16.18 -42.05 -21.36
N ILE G 268 -17.29 -42.32 -20.67
CA ILE G 268 -18.38 -43.09 -21.25
C ILE G 268 -19.70 -42.47 -20.84
N MET G 269 -20.68 -42.60 -21.73
CA MET G 269 -22.07 -42.32 -21.43
CA MET G 269 -22.07 -42.32 -21.42
C MET G 269 -22.89 -43.59 -21.66
N LEU G 270 -23.76 -43.89 -20.71
CA LEU G 270 -24.55 -45.11 -20.73
C LEU G 270 -26.00 -44.76 -20.48
N GLU G 271 -26.88 -45.21 -21.38
CA GLU G 271 -28.32 -45.04 -21.28
C GLU G 271 -28.91 -46.44 -21.18
N LEU G 272 -29.23 -46.89 -19.97
CA LEU G 272 -29.57 -48.28 -19.72
C LEU G 272 -31.04 -48.40 -19.30
N GLY G 273 -31.37 -49.41 -18.51
CA GLY G 273 -32.75 -49.72 -18.24
C GLY G 273 -33.36 -48.82 -17.17
N GLY G 274 -34.69 -48.90 -17.09
CA GLY G 274 -35.41 -48.20 -16.05
C GLY G 274 -36.51 -49.08 -15.49
N LYS G 275 -37.01 -48.67 -14.32
CA LYS G 275 -38.21 -49.24 -13.74
C LYS G 275 -39.01 -48.07 -13.16
N ASP G 276 -39.39 -47.15 -14.04
CA ASP G 276 -39.93 -45.87 -13.61
C ASP G 276 -41.24 -46.06 -12.86
N SER G 277 -41.34 -45.43 -11.70
CA SER G 277 -42.56 -45.46 -10.91
CA SER G 277 -42.54 -45.45 -10.87
C SER G 277 -43.49 -44.33 -11.28
N ALA G 278 -44.80 -44.59 -11.14
CA ALA G 278 -45.84 -43.58 -11.23
C ALA G 278 -46.52 -43.56 -9.86
N ILE G 279 -46.22 -42.54 -9.06
CA ILE G 279 -46.78 -42.38 -7.73
C ILE G 279 -48.10 -41.62 -7.86
N VAL G 280 -49.17 -42.21 -7.36
CA VAL G 280 -50.52 -41.64 -7.47
C VAL G 280 -51.05 -41.38 -6.06
N LEU G 281 -51.26 -40.11 -5.75
CA LEU G 281 -51.70 -39.70 -4.42
C LEU G 281 -53.22 -39.59 -4.37
N GLU G 282 -53.75 -39.45 -3.16
CA GLU G 282 -55.19 -39.50 -2.97
C GLU G 282 -55.92 -38.35 -3.67
N ASP G 283 -55.24 -37.23 -3.90
CA ASP G 283 -55.86 -36.06 -4.51
C ASP G 283 -55.61 -35.98 -6.02
N ALA G 284 -55.11 -37.04 -6.62
CA ALA G 284 -54.82 -37.02 -8.04
C ALA G 284 -56.10 -37.02 -8.88
N ASP G 285 -56.01 -36.42 -10.06
CA ASP G 285 -56.99 -36.65 -11.13
C ASP G 285 -56.78 -38.06 -11.64
N LEU G 286 -57.63 -38.99 -11.19
CA LEU G 286 -57.35 -40.41 -11.44
C LEU G 286 -57.53 -40.78 -12.90
N ALA G 287 -58.52 -40.19 -13.58
CA ALA G 287 -58.68 -40.46 -15.01
C ALA G 287 -57.48 -39.97 -15.81
N LEU G 288 -56.96 -38.78 -15.48
CA LEU G 288 -55.77 -38.27 -16.16
C LEU G 288 -54.56 -39.14 -15.85
N ALA G 289 -54.38 -39.53 -14.58
CA ALA G 289 -53.29 -40.44 -14.24
C ALA G 289 -53.37 -41.72 -15.06
N ALA G 290 -54.57 -42.32 -15.11
CA ALA G 290 -54.72 -43.57 -15.85
C ALA G 290 -54.38 -43.39 -17.33
N LYS G 291 -54.87 -42.31 -17.93
CA LYS G 291 -54.58 -42.01 -19.33
C LYS G 291 -53.07 -41.99 -19.58
N ASN G 292 -52.35 -41.24 -18.77
CA ASN G 292 -50.91 -41.10 -18.94
C ASN G 292 -50.16 -42.38 -18.60
N ILE G 293 -50.61 -43.07 -17.55
CA ILE G 293 -49.94 -44.32 -17.14
C ILE G 293 -50.00 -45.34 -18.27
N VAL G 294 -51.17 -45.52 -18.88
CA VAL G 294 -51.28 -46.56 -19.91
C VAL G 294 -50.53 -46.15 -21.18
N ALA G 295 -50.65 -44.89 -21.59
CA ALA G 295 -49.89 -44.43 -22.75
C ALA G 295 -48.40 -44.64 -22.53
N GLY G 296 -47.91 -44.30 -21.34
CA GLY G 296 -46.48 -44.38 -21.08
C GLY G 296 -46.00 -45.81 -20.89
N ALA G 297 -46.82 -46.64 -20.24
CA ALA G 297 -46.38 -48.00 -19.95
C ALA G 297 -46.34 -48.86 -21.22
N PHE G 298 -47.25 -48.63 -22.15
CA PHE G 298 -47.47 -49.58 -23.24
C PHE G 298 -47.02 -49.08 -24.60
N GLY G 299 -46.56 -47.83 -24.70
CA GLY G 299 -45.89 -47.36 -25.89
C GLY G 299 -44.81 -48.33 -26.36
N TYR G 300 -44.84 -48.68 -27.66
CA TYR G 300 -43.89 -49.63 -28.25
C TYR G 300 -43.83 -50.92 -27.42
N SER G 301 -44.99 -51.38 -26.97
CA SER G 301 -45.14 -52.62 -26.21
C SER G 301 -44.32 -52.63 -24.93
N GLY G 302 -44.00 -51.47 -24.39
CA GLY G 302 -43.20 -51.40 -23.18
C GLY G 302 -41.70 -51.47 -23.40
N GLN G 303 -41.24 -51.41 -24.64
CA GLN G 303 -39.84 -51.61 -24.97
C GLN G 303 -39.09 -50.28 -24.99
N ARG G 304 -39.18 -49.57 -23.86
CA ARG G 304 -38.60 -48.26 -23.67
C ARG G 304 -38.07 -48.18 -22.25
N SER G 305 -36.86 -47.65 -22.09
CA SER G 305 -36.27 -47.45 -20.77
CA SER G 305 -36.31 -47.52 -20.75
C SER G 305 -37.08 -46.47 -19.94
N THR G 306 -37.83 -45.56 -20.58
N THR G 306 -37.52 -45.40 -20.61
CA THR G 306 -38.60 -44.56 -19.86
CA THR G 306 -38.26 -44.30 -20.02
C THR G 306 -40.09 -44.85 -19.72
C THR G 306 -39.72 -44.61 -20.34
N ALA G 307 -40.54 -46.08 -20.01
N ALA G 307 -40.39 -45.24 -19.39
CA ALA G 307 -41.95 -46.40 -19.81
CA ALA G 307 -41.74 -45.72 -19.60
C ALA G 307 -42.30 -46.32 -18.32
C ALA G 307 -42.26 -46.14 -18.24
N VAL G 308 -43.54 -45.92 -18.02
CA VAL G 308 -44.10 -46.19 -16.70
C VAL G 308 -44.09 -47.70 -16.51
N LYS G 309 -43.37 -48.17 -15.47
CA LYS G 309 -43.22 -49.61 -15.28
C LYS G 309 -43.71 -50.11 -13.93
N ARG G 310 -44.16 -49.24 -13.04
CA ARG G 310 -44.88 -49.70 -11.86
C ARG G 310 -45.69 -48.52 -11.30
N VAL G 311 -46.93 -48.82 -10.94
CA VAL G 311 -47.82 -47.84 -10.33
C VAL G 311 -47.75 -48.03 -8.81
N LEU G 312 -47.40 -46.97 -8.09
CA LEU G 312 -47.39 -46.94 -6.64
C LEU G 312 -48.53 -46.01 -6.24
N VAL G 313 -49.66 -46.59 -5.81
CA VAL G 313 -50.89 -45.84 -5.60
C VAL G 313 -51.34 -45.97 -4.16
N MET G 314 -51.69 -44.83 -3.56
CA MET G 314 -52.29 -44.82 -2.23
C MET G 314 -53.54 -45.68 -2.16
N ASP G 315 -53.63 -46.44 -1.06
CA ASP G 315 -54.70 -47.41 -0.85
C ASP G 315 -56.08 -46.88 -1.23
N LYS G 316 -56.40 -45.67 -0.77
CA LYS G 316 -57.78 -45.20 -0.79
C LYS G 316 -58.27 -44.85 -2.18
N VAL G 317 -57.39 -44.70 -3.16
CA VAL G 317 -57.81 -44.46 -4.53
C VAL G 317 -57.41 -45.61 -5.46
N ALA G 318 -56.90 -46.71 -4.90
CA ALA G 318 -56.36 -47.76 -5.76
C ALA G 318 -57.45 -48.51 -6.52
N ASP G 319 -58.56 -48.85 -5.86
CA ASP G 319 -59.61 -49.58 -6.57
C ASP G 319 -60.12 -48.79 -7.76
N GLN G 320 -60.37 -47.50 -7.57
CA GLN G 320 -60.86 -46.66 -8.66
C GLN G 320 -59.80 -46.49 -9.73
N LEU G 321 -58.54 -46.26 -9.35
CA LEU G 321 -57.52 -46.11 -10.38
C LEU G 321 -57.34 -47.38 -11.20
N ALA G 322 -57.32 -48.54 -10.52
CA ALA G 322 -57.12 -49.80 -11.23
C ALA G 322 -58.23 -50.05 -12.24
N ALA G 323 -59.47 -49.71 -11.88
CA ALA G 323 -60.58 -49.85 -12.82
C ALA G 323 -60.38 -48.95 -14.04
N GLU G 324 -59.87 -47.74 -13.84
CA GLU G 324 -59.67 -46.82 -14.96
C GLU G 324 -58.52 -47.29 -15.85
N ILE G 325 -57.44 -47.79 -15.25
CA ILE G 325 -56.34 -48.34 -16.04
C ILE G 325 -56.80 -49.58 -16.79
N LYS G 326 -57.57 -50.46 -16.12
CA LYS G 326 -58.01 -51.70 -16.75
C LYS G 326 -58.79 -51.42 -18.04
N THR G 327 -59.76 -50.50 -18.00
CA THR G 327 -60.56 -50.24 -19.19
CA THR G 327 -60.55 -50.24 -19.19
C THR G 327 -59.68 -49.76 -20.34
N LEU G 328 -58.67 -48.94 -20.05
CA LEU G 328 -57.79 -48.44 -21.10
C LEU G 328 -56.91 -49.54 -21.67
N VAL G 329 -56.39 -50.43 -20.82
CA VAL G 329 -55.54 -51.52 -21.31
C VAL G 329 -56.34 -52.44 -22.22
N GLU G 330 -57.60 -52.70 -21.86
CA GLU G 330 -58.46 -53.58 -22.64
C GLU G 330 -58.67 -53.06 -24.05
N LYS G 331 -58.55 -51.75 -24.26
CA LYS G 331 -58.82 -51.16 -25.56
C LYS G 331 -57.59 -51.06 -26.45
N LEU G 332 -56.39 -51.31 -25.93
CA LEU G 332 -55.20 -51.19 -26.75
C LEU G 332 -55.23 -52.19 -27.90
N SER G 333 -54.86 -51.73 -29.09
CA SER G 333 -54.80 -52.63 -30.25
C SER G 333 -53.57 -53.50 -30.17
N VAL G 334 -53.70 -54.74 -30.65
CA VAL G 334 -52.68 -55.77 -30.58
C VAL G 334 -52.55 -56.40 -31.96
N GLY G 335 -51.39 -56.22 -32.59
CA GLY G 335 -51.25 -56.64 -33.97
C GLY G 335 -49.94 -56.21 -34.59
N MET G 336 -50.00 -55.97 -35.88
CA MET G 336 -48.80 -55.85 -36.69
C MET G 336 -48.34 -54.40 -36.83
N PRO G 337 -47.02 -54.23 -37.00
CA PRO G 337 -46.49 -52.87 -37.19
C PRO G 337 -47.11 -52.11 -38.35
N GLU G 338 -47.36 -52.78 -39.49
CA GLU G 338 -47.91 -52.05 -40.63
C GLU G 338 -49.33 -51.58 -40.36
N ASP G 339 -50.00 -52.13 -39.36
CA ASP G 339 -51.33 -51.68 -38.96
C ASP G 339 -51.27 -50.66 -37.83
N ASP G 340 -50.08 -50.18 -37.46
CA ASP G 340 -49.96 -49.17 -36.42
C ASP G 340 -50.60 -49.62 -35.12
N ALA G 341 -50.49 -50.91 -34.82
CA ALA G 341 -51.02 -51.43 -33.56
C ALA G 341 -50.27 -50.82 -32.38
N ASP G 342 -51.00 -50.61 -31.28
CA ASP G 342 -50.39 -50.14 -30.04
C ASP G 342 -49.35 -51.13 -29.55
N ILE G 343 -49.74 -52.41 -29.49
CA ILE G 343 -48.91 -53.49 -29.01
C ILE G 343 -48.50 -54.30 -30.24
N THR G 344 -47.22 -54.27 -30.58
CA THR G 344 -46.63 -55.01 -31.68
C THR G 344 -45.81 -56.19 -31.14
N PRO G 345 -45.40 -57.12 -32.00
CA PRO G 345 -44.54 -58.22 -31.55
C PRO G 345 -43.23 -57.70 -30.96
N LEU G 346 -42.77 -58.36 -29.91
CA LEU G 346 -41.51 -57.97 -29.28
C LEU G 346 -40.32 -58.33 -30.16
N ILE G 347 -39.16 -57.76 -29.80
CA ILE G 347 -38.03 -57.75 -30.72
C ILE G 347 -37.53 -59.17 -31.04
N ASP G 348 -37.59 -60.10 -30.09
CA ASP G 348 -37.20 -61.47 -30.40
C ASP G 348 -37.83 -62.41 -29.38
N THR G 349 -37.58 -63.71 -29.58
CA THR G 349 -38.22 -64.73 -28.76
C THR G 349 -37.72 -64.67 -27.32
N SER G 350 -36.43 -64.41 -27.13
CA SER G 350 -35.88 -64.29 -25.78
C SER G 350 -36.62 -63.23 -24.99
N ALA G 351 -36.85 -62.07 -25.61
CA ALA G 351 -37.59 -61.00 -24.95
C ALA G 351 -38.97 -61.46 -24.51
N ALA G 352 -39.71 -62.12 -25.41
CA ALA G 352 -41.06 -62.54 -25.05
C ALA G 352 -41.04 -63.64 -23.99
N ASP G 353 -40.09 -64.57 -24.08
CA ASP G 353 -39.95 -65.58 -23.04
C ASP G 353 -39.75 -64.94 -21.68
N PHE G 354 -38.87 -63.94 -21.61
CA PHE G 354 -38.59 -63.28 -20.35
C PHE G 354 -39.84 -62.63 -19.78
N VAL G 355 -40.59 -61.93 -20.63
CA VAL G 355 -41.82 -61.27 -20.17
C VAL G 355 -42.81 -62.30 -19.66
N GLU G 356 -42.96 -63.42 -20.37
CA GLU G 356 -43.92 -64.45 -19.96
C GLU G 356 -43.58 -64.99 -18.57
N GLY G 357 -42.28 -65.11 -18.28
CA GLY G 357 -41.87 -65.60 -16.96
C GLY G 357 -42.23 -64.64 -15.85
N LEU G 358 -42.08 -63.33 -16.08
CA LEU G 358 -42.49 -62.35 -15.08
C LEU G 358 -43.98 -62.43 -14.82
N ILE G 359 -44.76 -62.61 -15.89
CA ILE G 359 -46.21 -62.75 -15.77
C ILE G 359 -46.54 -64.00 -14.95
N LYS G 360 -45.87 -65.12 -15.26
CA LYS G 360 -46.20 -66.35 -14.55
C LYS G 360 -45.86 -66.24 -13.06
N ASP G 361 -44.72 -65.61 -12.74
CA ASP G 361 -44.36 -65.45 -11.34
C ASP G 361 -45.40 -64.63 -10.60
N ALA G 362 -45.88 -63.53 -11.22
CA ALA G 362 -46.91 -62.72 -10.59
C ALA G 362 -48.19 -63.51 -10.37
N THR G 363 -48.62 -64.28 -11.38
CA THR G 363 -49.84 -65.07 -11.24
C THR G 363 -49.69 -66.08 -10.12
N ASP G 364 -48.58 -66.82 -10.11
CA ASP G 364 -48.39 -67.87 -9.11
C ASP G 364 -48.32 -67.32 -7.70
N LYS G 365 -47.84 -66.09 -7.52
CA LYS G 365 -47.76 -65.48 -6.20
C LYS G 365 -49.04 -64.75 -5.80
N GLY G 366 -50.09 -64.84 -6.61
CA GLY G 366 -51.40 -64.40 -6.23
C GLY G 366 -51.79 -63.00 -6.67
N ALA G 367 -51.07 -62.39 -7.60
CA ALA G 367 -51.48 -61.10 -8.12
C ALA G 367 -52.78 -61.24 -8.91
N THR G 368 -53.53 -60.15 -8.98
CA THR G 368 -54.79 -60.13 -9.70
C THR G 368 -54.54 -59.73 -11.16
N ALA G 369 -54.82 -60.65 -12.08
CA ALA G 369 -54.70 -60.39 -13.51
C ALA G 369 -55.97 -59.67 -13.98
N LEU G 370 -55.87 -58.34 -14.14
CA LEU G 370 -57.00 -57.56 -14.60
C LEU G 370 -57.20 -57.65 -16.11
N THR G 371 -56.16 -58.00 -16.86
CA THR G 371 -56.27 -58.33 -18.27
C THR G 371 -55.51 -59.62 -18.52
N ALA G 372 -55.92 -60.34 -19.56
CA ALA G 372 -55.54 -61.72 -19.75
C ALA G 372 -54.24 -61.84 -20.52
N PHE G 373 -53.39 -62.78 -20.10
CA PHE G 373 -52.19 -63.09 -20.86
C PHE G 373 -52.56 -63.87 -22.12
N ASN G 374 -51.98 -63.48 -23.25
CA ASN G 374 -52.07 -64.24 -24.49
C ASN G 374 -50.79 -63.98 -25.27
N ARG G 375 -50.28 -65.03 -25.93
CA ARG G 375 -49.03 -64.93 -26.70
C ARG G 375 -49.19 -65.73 -27.97
N GLU G 376 -49.03 -65.04 -29.11
CA GLU G 376 -49.00 -65.63 -30.44
C GLU G 376 -47.64 -65.30 -31.03
N GLY G 377 -46.81 -66.31 -31.27
CA GLY G 377 -45.45 -66.00 -31.67
C GLY G 377 -44.80 -65.19 -30.57
N ASN G 378 -44.29 -64.00 -30.88
CA ASN G 378 -43.74 -63.11 -29.87
C ASN G 378 -44.62 -61.89 -29.65
N LEU G 379 -45.89 -61.98 -30.02
CA LEU G 379 -46.89 -60.94 -29.81
C LEU G 379 -47.61 -61.27 -28.50
N ILE G 380 -47.26 -60.55 -27.45
CA ILE G 380 -47.89 -60.70 -26.14
C ILE G 380 -48.95 -59.62 -25.98
N SER G 381 -50.16 -60.04 -25.63
CA SER G 381 -51.23 -59.13 -25.29
C SER G 381 -50.91 -58.40 -23.98
N PRO G 382 -51.40 -57.18 -23.81
CA PRO G 382 -50.99 -56.38 -22.64
C PRO G 382 -51.62 -56.91 -21.35
N VAL G 383 -50.78 -57.06 -20.33
CA VAL G 383 -51.20 -57.66 -19.07
C VAL G 383 -51.05 -56.63 -17.96
N LEU G 384 -52.16 -56.37 -17.27
CA LEU G 384 -52.22 -55.50 -16.11
C LEU G 384 -52.43 -56.35 -14.87
N PHE G 385 -51.59 -56.16 -13.85
CA PHE G 385 -51.73 -56.83 -12.57
C PHE G 385 -52.03 -55.82 -11.47
N ASP G 386 -52.94 -56.18 -10.57
CA ASP G 386 -53.18 -55.44 -9.34
C ASP G 386 -52.73 -56.31 -8.17
N HIS G 387 -52.62 -55.68 -6.99
CA HIS G 387 -52.22 -56.36 -5.76
C HIS G 387 -50.85 -57.02 -5.89
N VAL G 388 -49.94 -56.33 -6.57
CA VAL G 388 -48.56 -56.80 -6.70
C VAL G 388 -47.81 -56.48 -5.42
N THR G 389 -46.98 -57.43 -4.98
CA THR G 389 -46.22 -57.33 -3.74
C THR G 389 -44.73 -57.51 -4.03
N THR G 390 -43.89 -57.11 -3.06
CA THR G 390 -42.45 -56.96 -3.31
C THR G 390 -41.69 -58.27 -3.42
N ASP G 391 -42.33 -59.41 -3.12
CA ASP G 391 -41.77 -60.72 -3.40
C ASP G 391 -41.91 -61.13 -4.86
N MET G 392 -42.65 -60.37 -5.66
CA MET G 392 -42.86 -60.70 -7.06
C MET G 392 -41.80 -60.06 -7.93
N ARG G 393 -41.26 -60.85 -8.86
CA ARG G 393 -40.26 -60.34 -9.78
C ARG G 393 -40.75 -59.11 -10.51
N LEU G 394 -42.05 -59.07 -10.86
CA LEU G 394 -42.59 -57.97 -11.63
C LEU G 394 -42.54 -56.64 -10.87
N ALA G 395 -42.41 -56.67 -9.54
CA ALA G 395 -42.27 -55.40 -8.85
C ALA G 395 -40.98 -54.70 -9.19
N TRP G 396 -39.97 -55.44 -9.68
CA TRP G 396 -38.61 -54.92 -9.77
C TRP G 396 -37.95 -55.04 -11.15
N GLU G 397 -38.08 -56.20 -11.78
CA GLU G 397 -37.32 -56.47 -12.99
C GLU G 397 -37.91 -55.75 -14.19
N GLU G 398 -37.04 -55.17 -15.02
CA GLU G 398 -37.49 -54.45 -16.20
C GLU G 398 -37.96 -55.43 -17.27
N PRO G 399 -39.25 -55.44 -17.65
CA PRO G 399 -39.69 -56.50 -18.57
C PRO G 399 -39.27 -56.27 -20.01
N PHE G 400 -39.27 -55.00 -20.44
CA PHE G 400 -39.20 -54.67 -21.86
C PHE G 400 -40.28 -55.45 -22.61
N GLY G 401 -41.48 -55.42 -22.04
CA GLY G 401 -42.66 -55.99 -22.64
C GLY G 401 -43.93 -55.41 -22.03
N PRO G 402 -45.09 -55.78 -22.60
CA PRO G 402 -46.36 -55.10 -22.21
C PRO G 402 -47.01 -55.73 -20.97
N VAL G 403 -46.39 -55.49 -19.82
CA VAL G 403 -46.94 -55.92 -18.53
C VAL G 403 -46.67 -54.83 -17.51
N LEU G 404 -47.70 -54.48 -16.74
CA LEU G 404 -47.65 -53.37 -15.79
C LEU G 404 -48.20 -53.79 -14.44
N PRO G 405 -47.41 -53.67 -13.36
CA PRO G 405 -47.92 -53.93 -12.01
C PRO G 405 -48.47 -52.69 -11.31
N ILE G 406 -49.55 -52.89 -10.56
CA ILE G 406 -50.07 -51.91 -9.63
C ILE G 406 -49.73 -52.38 -8.22
N ILE G 407 -49.01 -51.55 -7.48
CA ILE G 407 -48.59 -51.83 -6.11
C ILE G 407 -49.27 -50.80 -5.21
N ARG G 408 -50.04 -51.28 -4.25
CA ARG G 408 -50.72 -50.39 -3.30
C ARG G 408 -49.82 -50.07 -2.11
N VAL G 409 -49.85 -48.80 -1.70
CA VAL G 409 -49.08 -48.30 -0.58
C VAL G 409 -50.01 -47.55 0.35
N THR G 410 -49.60 -47.45 1.61
CA THR G 410 -50.41 -46.85 2.67
C THR G 410 -49.99 -45.42 3.01
N THR G 411 -48.74 -45.06 2.76
CA THR G 411 -48.24 -43.72 3.03
C THR G 411 -47.35 -43.26 1.88
N VAL G 412 -47.18 -41.94 1.77
CA VAL G 412 -46.22 -41.39 0.82
C VAL G 412 -44.82 -41.87 1.13
N GLU G 413 -44.46 -41.92 2.42
CA GLU G 413 -43.12 -42.37 2.79
C GLU G 413 -42.85 -43.76 2.24
N GLU G 414 -43.86 -44.64 2.28
CA GLU G 414 -43.70 -45.98 1.73
C GLU G 414 -43.54 -45.96 0.22
N ALA G 415 -44.30 -45.10 -0.47
CA ALA G 415 -44.13 -44.96 -1.91
C ALA G 415 -42.69 -44.58 -2.25
N ILE G 416 -42.14 -43.62 -1.51
CA ILE G 416 -40.77 -43.17 -1.76
C ILE G 416 -39.79 -44.31 -1.51
N LYS G 417 -39.97 -45.04 -0.41
CA LYS G 417 -39.05 -46.14 -0.09
CA LYS G 417 -39.06 -46.15 -0.08
C LYS G 417 -39.07 -47.21 -1.17
N ILE G 418 -40.27 -47.63 -1.59
CA ILE G 418 -40.36 -48.68 -2.61
C ILE G 418 -39.78 -48.18 -3.92
N SER G 419 -40.06 -46.93 -4.27
CA SER G 419 -39.50 -46.39 -5.51
C SER G 419 -37.98 -46.44 -5.48
N ASN G 420 -37.38 -46.02 -4.36
CA ASN G 420 -35.93 -45.93 -4.27
C ASN G 420 -35.25 -47.28 -4.03
N GLU G 421 -36.00 -48.30 -3.64
CA GLU G 421 -35.43 -49.63 -3.44
C GLU G 421 -35.01 -50.26 -4.76
N SER G 422 -35.55 -49.78 -5.88
CA SER G 422 -35.15 -50.29 -7.18
C SER G 422 -33.66 -50.07 -7.42
N GLU G 423 -33.05 -51.04 -8.11
CA GLU G 423 -31.70 -50.85 -8.63
C GLU G 423 -31.67 -49.84 -9.76
N TYR G 424 -32.82 -49.50 -10.34
CA TYR G 424 -32.94 -48.53 -11.40
C TYR G 424 -33.33 -47.15 -10.85
N GLY G 425 -33.06 -46.13 -11.65
CA GLY G 425 -33.27 -44.76 -11.23
C GLY G 425 -33.30 -43.78 -12.39
N LEU G 426 -34.17 -44.05 -13.37
CA LEU G 426 -34.22 -43.22 -14.58
C LEU G 426 -35.18 -42.05 -14.39
N GLN G 427 -36.49 -42.31 -14.40
CA GLN G 427 -37.45 -41.24 -14.17
C GLN G 427 -38.54 -41.70 -13.23
N ALA G 428 -39.37 -40.74 -12.82
CA ALA G 428 -40.59 -41.02 -12.08
C ALA G 428 -41.67 -40.02 -12.50
N SER G 429 -42.93 -40.43 -12.36
CA SER G 429 -44.08 -39.55 -12.49
CA SER G 429 -44.04 -39.50 -12.48
C SER G 429 -44.76 -39.40 -11.14
N ILE G 430 -45.30 -38.22 -10.86
CA ILE G 430 -46.10 -38.01 -9.64
C ILE G 430 -47.43 -37.38 -10.06
N PHE G 431 -48.54 -38.02 -9.70
CA PHE G 431 -49.88 -37.52 -9.98
C PHE G 431 -50.51 -37.03 -8.68
N THR G 432 -50.73 -35.73 -8.60
CA THR G 432 -51.26 -35.05 -7.43
C THR G 432 -51.61 -33.63 -7.84
N THR G 433 -52.59 -33.06 -7.14
CA THR G 433 -52.93 -31.66 -7.32
C THR G 433 -52.12 -30.74 -6.42
N ASN G 434 -51.25 -31.28 -5.57
CA ASN G 434 -50.47 -30.52 -4.59
C ASN G 434 -49.04 -30.44 -5.11
N PHE G 435 -48.71 -29.37 -5.82
N PHE G 435 -48.74 -29.35 -5.82
CA PHE G 435 -47.41 -29.34 -6.44
CA PHE G 435 -47.46 -29.15 -6.49
C PHE G 435 -46.29 -29.11 -5.44
C PHE G 435 -46.31 -29.02 -5.50
N PRO G 436 -46.44 -28.22 -4.43
CA PRO G 436 -45.35 -28.15 -3.44
C PRO G 436 -45.03 -29.49 -2.80
N LYS G 437 -46.04 -30.32 -2.54
CA LYS G 437 -45.79 -31.65 -2.01
C LYS G 437 -45.10 -32.53 -3.04
N ALA G 438 -45.54 -32.46 -4.30
CA ALA G 438 -44.88 -33.23 -5.35
C ALA G 438 -43.40 -32.86 -5.46
N PHE G 439 -43.09 -31.58 -5.33
CA PHE G 439 -41.69 -31.17 -5.40
C PHE G 439 -40.90 -31.77 -4.24
N GLY G 440 -41.52 -31.84 -3.06
CA GLY G 440 -40.84 -32.41 -1.92
C GLY G 440 -40.62 -33.89 -2.08
N ILE G 441 -41.58 -34.59 -2.69
CA ILE G 441 -41.36 -36.00 -3.02
C ILE G 441 -40.27 -36.14 -4.06
N ALA G 442 -40.31 -35.29 -5.10
CA ALA G 442 -39.33 -35.41 -6.18
C ALA G 442 -37.91 -35.27 -5.66
N GLU G 443 -37.70 -34.39 -4.68
CA GLU G 443 -36.37 -34.22 -4.10
C GLU G 443 -35.84 -35.53 -3.50
N GLN G 444 -36.73 -36.39 -3.01
CA GLN G 444 -36.33 -37.60 -2.33
C GLN G 444 -36.19 -38.81 -3.25
N LEU G 445 -36.69 -38.72 -4.49
CA LEU G 445 -36.66 -39.86 -5.40
C LEU G 445 -35.32 -39.93 -6.09
N GLU G 446 -34.73 -41.13 -6.11
CA GLU G 446 -33.41 -41.37 -6.69
C GLU G 446 -33.54 -41.64 -8.19
N VAL G 447 -33.77 -40.55 -8.94
CA VAL G 447 -34.00 -40.59 -10.38
C VAL G 447 -33.41 -39.34 -11.02
N GLY G 448 -33.30 -39.35 -12.33
CA GLY G 448 -32.85 -38.18 -13.06
C GLY G 448 -33.90 -37.11 -13.27
N THR G 449 -35.11 -37.52 -13.67
CA THR G 449 -36.18 -36.60 -14.00
C THR G 449 -37.48 -37.08 -13.36
N VAL G 450 -38.24 -36.13 -12.80
CA VAL G 450 -39.58 -36.37 -12.30
C VAL G 450 -40.55 -35.54 -13.11
N HIS G 451 -41.56 -36.19 -13.69
CA HIS G 451 -42.61 -35.52 -14.42
C HIS G 451 -43.86 -35.40 -13.55
N LEU G 452 -44.41 -34.20 -13.47
CA LEU G 452 -45.59 -33.95 -12.65
C LEU G 452 -46.84 -34.06 -13.51
N ASN G 453 -47.74 -34.95 -13.12
CA ASN G 453 -49.04 -35.11 -13.79
C ASN G 453 -48.86 -35.42 -15.28
N ASN G 454 -47.84 -36.20 -15.59
CA ASN G 454 -47.64 -36.68 -16.95
CA ASN G 454 -47.59 -36.64 -16.96
C ASN G 454 -46.77 -37.92 -16.91
N LYS G 455 -46.82 -38.68 -17.99
CA LYS G 455 -45.98 -39.87 -18.13
C LYS G 455 -44.50 -39.47 -18.20
N THR G 456 -43.64 -40.42 -17.87
CA THR G 456 -42.20 -40.19 -18.04
C THR G 456 -41.86 -40.19 -19.52
N GLN G 457 -40.80 -39.45 -19.86
CA GLN G 457 -40.41 -39.32 -21.27
C GLN G 457 -39.03 -38.69 -21.36
N ARG G 458 -38.34 -38.96 -22.47
CA ARG G 458 -37.03 -38.38 -22.70
C ARG G 458 -37.11 -36.90 -23.06
N GLY G 459 -38.17 -36.47 -23.76
CA GLY G 459 -38.24 -35.12 -24.28
C GLY G 459 -38.74 -34.09 -23.27
N THR G 460 -38.77 -32.83 -23.72
CA THR G 460 -38.26 -32.41 -25.03
C THR G 460 -36.73 -32.56 -25.05
N ASP G 461 -36.15 -32.67 -26.23
CA ASP G 461 -34.76 -33.11 -26.35
C ASP G 461 -33.75 -32.06 -25.94
N ASN G 462 -34.18 -30.83 -25.65
CA ASN G 462 -33.27 -29.86 -25.05
C ASN G 462 -33.14 -30.02 -23.54
N PHE G 463 -34.10 -30.71 -22.90
CA PHE G 463 -34.03 -30.98 -21.48
C PHE G 463 -32.97 -32.05 -21.17
N PRO G 464 -32.45 -32.09 -19.95
CA PRO G 464 -31.51 -33.15 -19.58
C PRO G 464 -32.19 -34.51 -19.52
N PHE G 465 -31.45 -35.53 -19.94
CA PHE G 465 -31.88 -36.92 -19.86
C PHE G 465 -30.78 -37.72 -19.18
N LEU G 466 -31.07 -38.23 -18.00
CA LEU G 466 -30.06 -38.95 -17.24
C LEU G 466 -30.76 -39.90 -16.28
N GLY G 467 -29.99 -40.87 -15.78
N GLY G 467 -30.00 -40.89 -15.83
CA GLY G 467 -30.53 -41.87 -14.87
CA GLY G 467 -30.45 -41.80 -14.81
C GLY G 467 -29.54 -42.37 -13.85
C GLY G 467 -29.59 -41.70 -13.58
N ALA G 468 -29.98 -42.49 -12.59
CA ALA G 468 -29.17 -42.80 -11.42
C ALA G 468 -28.99 -44.31 -11.30
N LYS G 469 -28.07 -44.71 -10.43
CA LYS G 469 -27.88 -46.13 -10.10
C LYS G 469 -27.64 -46.91 -11.39
N LYS G 470 -28.30 -48.04 -11.61
CA LYS G 470 -28.03 -48.90 -12.76
C LYS G 470 -28.65 -48.38 -14.06
N SER G 471 -29.29 -47.22 -14.05
CA SER G 471 -29.90 -46.71 -15.28
C SER G 471 -28.92 -45.99 -16.19
N GLY G 472 -27.71 -45.71 -15.75
CA GLY G 472 -26.71 -45.25 -16.68
C GLY G 472 -25.71 -44.30 -16.04
N ALA G 473 -25.06 -43.55 -16.92
CA ALA G 473 -23.97 -42.64 -16.58
C ALA G 473 -23.96 -41.54 -17.63
N GLY G 474 -23.75 -40.31 -17.17
CA GLY G 474 -23.70 -39.16 -18.05
C GLY G 474 -25.07 -38.52 -18.26
N VAL G 475 -25.03 -37.28 -18.76
CA VAL G 475 -26.23 -36.48 -18.96
C VAL G 475 -26.35 -36.19 -20.45
N GLN G 476 -27.49 -36.56 -21.03
CA GLN G 476 -27.78 -36.24 -22.41
CA GLN G 476 -27.83 -36.29 -22.41
C GLN G 476 -28.93 -35.24 -22.45
N GLY G 477 -29.64 -35.18 -23.56
CA GLY G 477 -30.30 -33.94 -23.92
C GLY G 477 -29.24 -33.15 -24.69
N VAL G 478 -29.63 -32.29 -25.63
CA VAL G 478 -28.68 -31.87 -26.67
C VAL G 478 -27.49 -31.14 -26.07
N LYS G 479 -27.71 -30.06 -25.34
CA LYS G 479 -26.56 -29.28 -24.87
C LYS G 479 -25.70 -30.11 -23.92
N TYR G 480 -26.33 -30.95 -23.08
CA TYR G 480 -25.57 -31.76 -22.12
C TYR G 480 -24.72 -32.80 -22.85
N SER G 481 -25.25 -33.36 -23.93
CA SER G 481 -24.48 -34.34 -24.69
CA SER G 481 -24.49 -34.34 -24.70
C SER G 481 -23.28 -33.69 -25.36
N ILE G 482 -23.45 -32.46 -25.87
CA ILE G 482 -22.32 -31.76 -26.48
C ILE G 482 -21.24 -31.52 -25.43
N GLU G 483 -21.63 -31.04 -24.25
N GLU G 483 -21.64 -31.04 -24.26
CA GLU G 483 -20.66 -30.80 -23.20
CA GLU G 483 -20.67 -30.80 -23.19
C GLU G 483 -19.94 -32.08 -22.82
C GLU G 483 -19.94 -32.08 -22.82
N ALA G 484 -20.67 -33.20 -22.75
CA ALA G 484 -20.04 -34.46 -22.36
C ALA G 484 -18.96 -34.87 -23.35
N MET G 485 -19.18 -34.62 -24.64
CA MET G 485 -18.25 -35.07 -25.67
C MET G 485 -17.27 -33.98 -26.07
N THR G 486 -17.03 -33.02 -25.19
CA THR G 486 -15.93 -32.07 -25.33
C THR G 486 -15.06 -32.11 -24.08
N THR G 487 -13.87 -31.56 -24.21
CA THR G 487 -12.98 -31.26 -23.10
C THR G 487 -12.66 -29.77 -23.19
N VAL G 488 -11.78 -29.30 -22.32
CA VAL G 488 -11.36 -27.91 -22.38
C VAL G 488 -9.85 -27.83 -22.54
N LYS G 489 -9.40 -26.76 -23.18
CA LYS G 489 -8.00 -26.38 -23.28
CA LYS G 489 -7.99 -26.40 -23.23
C LYS G 489 -7.86 -25.02 -22.61
N SER G 490 -7.01 -24.94 -21.58
CA SER G 490 -6.80 -23.70 -20.85
CA SER G 490 -6.80 -23.69 -20.86
C SER G 490 -5.45 -23.12 -21.24
N VAL G 491 -5.43 -21.86 -21.67
CA VAL G 491 -4.21 -21.12 -21.96
C VAL G 491 -4.08 -20.04 -20.90
N VAL G 492 -2.97 -20.06 -20.16
CA VAL G 492 -2.74 -19.19 -19.02
C VAL G 492 -1.55 -18.29 -19.32
N PHE G 493 -1.69 -16.99 -19.05
CA PHE G 493 -0.58 -16.07 -19.22
C PHE G 493 -0.67 -14.95 -18.18
N ASP G 494 0.43 -14.23 -18.04
CA ASP G 494 0.57 -13.16 -17.07
C ASP G 494 0.56 -11.82 -17.79
N ILE G 495 -0.37 -10.96 -17.39
CA ILE G 495 -0.43 -9.60 -17.90
C ILE G 495 0.73 -8.78 -17.34
N GLN G 496 1.31 -7.95 -18.19
CA GLN G 496 2.44 -7.13 -17.76
C GLN G 496 2.06 -5.66 -17.82
N GLU H 12 21.62 -29.54 37.41
CA GLU H 12 23.01 -30.02 37.65
C GLU H 12 23.01 -31.54 37.84
N GLY H 13 24.13 -32.17 37.51
CA GLY H 13 24.30 -33.60 37.66
C GLY H 13 23.52 -34.47 36.70
N ARG H 14 22.63 -33.88 35.91
CA ARG H 14 21.75 -34.63 35.02
C ARG H 14 22.07 -34.28 33.57
N ARG H 15 22.27 -35.32 32.75
CA ARG H 15 22.50 -35.10 31.33
C ARG H 15 21.18 -34.80 30.62
N ASP H 16 21.28 -34.32 29.40
CA ASP H 16 20.11 -34.09 28.57
C ASP H 16 20.50 -34.00 27.09
N LEU H 22 7.77 -38.91 21.44
CA LEU H 22 7.60 -37.96 20.30
C LEU H 22 6.71 -38.58 19.22
N ALA H 23 6.93 -39.87 18.95
CA ALA H 23 6.07 -40.60 18.03
C ALA H 23 4.73 -40.90 18.69
N LYS H 24 3.64 -40.72 17.94
CA LYS H 24 2.30 -40.86 18.49
C LYS H 24 1.54 -41.96 17.76
N GLN H 25 0.59 -42.56 18.48
CA GLN H 25 -0.34 -43.51 17.90
C GLN H 25 -1.57 -42.74 17.42
N TYR H 26 -1.90 -42.90 16.14
CA TYR H 26 -3.05 -42.21 15.55
C TYR H 26 -4.20 -43.19 15.32
N LYS H 27 -5.38 -42.62 15.16
CA LYS H 27 -6.63 -43.36 15.04
C LYS H 27 -7.42 -42.85 13.85
N ASN H 28 -8.33 -43.69 13.35
CA ASN H 28 -9.21 -43.29 12.27
C ASN H 28 -10.47 -42.63 12.81
N LEU H 29 -11.01 -41.70 12.04
CA LEU H 29 -12.30 -41.08 12.34
C LEU H 29 -13.39 -41.91 11.71
N VAL H 30 -14.26 -42.50 12.54
CA VAL H 30 -15.28 -43.42 12.05
C VAL H 30 -16.58 -43.09 12.77
N ASN H 31 -17.54 -42.53 12.04
CA ASN H 31 -18.84 -42.23 12.61
C ASN H 31 -18.71 -41.37 13.87
N GLY H 32 -17.84 -40.38 13.80
CA GLY H 32 -17.66 -39.45 14.90
C GLY H 32 -16.83 -39.97 16.05
N GLU H 33 -16.29 -41.17 15.96
CA GLU H 33 -15.45 -41.76 16.99
C GLU H 33 -14.04 -41.98 16.45
N TRP H 34 -13.08 -42.07 17.35
CA TRP H 34 -11.69 -42.32 16.99
C TRP H 34 -11.37 -43.78 17.32
N LYS H 35 -10.95 -44.52 16.29
CA LYS H 35 -10.87 -45.97 16.37
C LYS H 35 -9.47 -46.46 16.01
N LEU H 36 -8.89 -47.26 16.90
CA LEU H 36 -7.73 -48.08 16.60
C LEU H 36 -8.16 -49.35 15.90
N SER H 37 -7.20 -50.01 15.27
CA SER H 37 -7.36 -51.34 14.71
C SER H 37 -6.42 -52.30 15.44
N GLU H 38 -6.61 -53.60 15.22
CA GLU H 38 -5.78 -54.59 15.92
CA GLU H 38 -5.79 -54.59 15.91
C GLU H 38 -4.34 -54.53 15.43
N ASN H 39 -4.13 -54.26 14.15
CA ASN H 39 -2.83 -54.07 13.55
C ASN H 39 -2.64 -52.60 13.19
N GLU H 40 -1.38 -52.18 13.10
CA GLU H 40 -1.09 -50.81 12.70
C GLU H 40 0.05 -50.81 11.70
N ILE H 41 0.33 -49.63 11.14
CA ILE H 41 1.45 -49.41 10.24
C ILE H 41 2.30 -48.33 10.88
N THR H 42 3.58 -48.60 11.09
CA THR H 42 4.49 -47.59 11.61
C THR H 42 5.06 -46.79 10.44
N ILE H 43 5.03 -45.47 10.55
CA ILE H 43 5.44 -44.56 9.48
C ILE H 43 6.77 -43.91 9.88
N TYR H 44 7.71 -43.88 8.95
CA TYR H 44 9.05 -43.36 9.19
C TYR H 44 9.33 -42.20 8.25
N ALA H 45 10.12 -41.25 8.72
CA ALA H 45 10.50 -40.09 7.92
C ALA H 45 11.42 -40.53 6.79
N PRO H 46 11.07 -40.26 5.53
CA PRO H 46 11.95 -40.72 4.44
C PRO H 46 13.35 -40.15 4.47
N ALA H 47 13.54 -38.94 5.02
CA ALA H 47 14.84 -38.30 4.93
C ALA H 47 15.79 -38.80 6.01
N THR H 48 15.27 -39.24 7.15
CA THR H 48 16.09 -39.60 8.30
C THR H 48 15.85 -40.99 8.84
N GLY H 49 14.72 -41.62 8.52
CA GLY H 49 14.36 -42.88 9.14
C GLY H 49 13.72 -42.74 10.50
N GLU H 50 13.58 -41.52 11.00
CA GLU H 50 12.95 -41.30 12.29
C GLU H 50 11.54 -41.88 12.32
N GLU H 51 11.18 -42.53 13.42
CA GLU H 51 9.82 -43.02 13.61
C GLU H 51 8.90 -41.86 13.95
N LEU H 52 7.85 -41.68 13.14
CA LEU H 52 6.95 -40.54 13.33
C LEU H 52 5.67 -40.92 14.06
N GLY H 53 5.24 -42.17 13.97
CA GLY H 53 3.99 -42.57 14.57
C GLY H 53 3.46 -43.82 13.88
N SER H 54 2.24 -44.18 14.26
CA SER H 54 1.58 -45.37 13.73
CA SER H 54 1.58 -45.36 13.72
C SER H 54 0.13 -45.05 13.42
N VAL H 55 -0.38 -45.64 12.35
CA VAL H 55 -1.77 -45.48 11.95
C VAL H 55 -2.38 -46.88 11.88
N PRO H 56 -3.70 -46.99 12.00
CA PRO H 56 -4.33 -48.33 11.97
C PRO H 56 -4.19 -49.00 10.62
N ALA H 57 -4.19 -50.33 10.64
CA ALA H 57 -4.20 -51.16 9.44
C ALA H 57 -5.58 -51.82 9.39
N MET H 58 -6.54 -51.11 8.79
CA MET H 58 -7.93 -51.54 8.89
C MET H 58 -8.17 -52.87 8.18
N THR H 59 -9.16 -53.61 8.68
CA THR H 59 -9.64 -54.80 8.01
C THR H 59 -10.78 -54.45 7.05
N GLN H 60 -11.16 -55.42 6.22
CA GLN H 60 -12.32 -55.19 5.35
C GLN H 60 -13.58 -54.96 6.16
N ALA H 61 -13.73 -55.68 7.28
CA ALA H 61 -14.89 -55.45 8.13
C ALA H 61 -14.91 -54.03 8.68
N GLU H 62 -13.74 -53.49 9.00
CA GLU H 62 -13.71 -52.11 9.51
C GLU H 62 -14.02 -51.11 8.40
N VAL H 63 -13.64 -51.41 7.16
CA VAL H 63 -14.06 -50.58 6.03
C VAL H 63 -15.58 -50.61 5.89
N ASP H 64 -16.17 -51.80 6.00
CA ASP H 64 -17.62 -51.90 5.94
C ASP H 64 -18.28 -50.96 6.95
N ALA H 65 -17.70 -50.85 8.14
CA ALA H 65 -18.29 -50.00 9.17
C ALA H 65 -18.21 -48.53 8.79
N VAL H 66 -17.09 -48.12 8.19
CA VAL H 66 -16.97 -46.73 7.74
C VAL H 66 -18.03 -46.42 6.69
N TYR H 67 -18.20 -47.31 5.71
CA TYR H 67 -19.12 -47.03 4.62
C TYR H 67 -20.57 -47.06 5.10
N ALA H 68 -20.91 -48.02 5.98
CA ALA H 68 -22.26 -48.05 6.54
C ALA H 68 -22.56 -46.74 7.27
N SER H 69 -21.60 -46.24 8.05
CA SER H 69 -21.82 -45.02 8.80
CA SER H 69 -21.84 -45.02 8.81
C SER H 69 -21.98 -43.82 7.88
N ALA H 70 -21.24 -43.80 6.78
CA ALA H 70 -21.37 -42.71 5.81
C ALA H 70 -22.74 -42.73 5.16
N LYS H 71 -23.19 -43.90 4.68
CA LYS H 71 -24.47 -43.94 3.99
C LYS H 71 -25.62 -43.56 4.92
N LYS H 72 -25.53 -43.93 6.20
CA LYS H 72 -26.58 -43.55 7.14
CA LYS H 72 -26.57 -43.55 7.15
C LYS H 72 -26.58 -42.05 7.40
N ALA H 73 -25.42 -41.40 7.33
CA ALA H 73 -25.33 -39.98 7.58
C ALA H 73 -25.74 -39.14 6.38
N LEU H 74 -25.79 -39.75 5.19
CA LEU H 74 -25.99 -38.98 3.97
C LEU H 74 -27.35 -38.27 3.96
N SER H 75 -28.39 -38.94 4.46
CA SER H 75 -29.73 -38.35 4.37
C SER H 75 -29.81 -37.02 5.11
N ASP H 76 -29.39 -37.00 6.38
CA ASP H 76 -29.46 -35.76 7.16
C ASP H 76 -28.45 -34.72 6.68
N TRP H 77 -27.39 -35.14 5.98
CA TRP H 77 -26.40 -34.18 5.52
C TRP H 77 -26.85 -33.49 4.25
N ARG H 78 -27.35 -34.26 3.28
CA ARG H 78 -27.78 -33.67 2.02
C ARG H 78 -29.00 -32.78 2.17
N THR H 79 -29.76 -32.92 3.26
CA THR H 79 -30.93 -32.07 3.46
C THR H 79 -30.65 -30.82 4.29
N LEU H 80 -29.45 -30.68 4.84
CA LEU H 80 -29.08 -29.38 5.39
C LEU H 80 -29.06 -28.33 4.29
N SER H 81 -29.16 -27.07 4.68
CA SER H 81 -28.95 -25.98 3.74
C SER H 81 -27.48 -25.91 3.32
N TYR H 82 -27.26 -25.30 2.16
CA TYR H 82 -25.88 -25.03 1.74
C TYR H 82 -25.13 -24.19 2.78
N VAL H 83 -25.80 -23.16 3.33
N VAL H 83 -25.80 -23.18 3.35
CA VAL H 83 -25.13 -22.28 4.30
CA VAL H 83 -25.07 -22.29 4.27
C VAL H 83 -24.61 -23.10 5.47
C VAL H 83 -24.62 -23.06 5.51
N GLU H 84 -25.42 -24.03 5.96
CA GLU H 84 -25.02 -24.82 7.12
C GLU H 84 -23.82 -25.70 6.80
N ARG H 85 -23.81 -26.33 5.62
CA ARG H 85 -22.66 -27.15 5.25
C ARG H 85 -21.43 -26.29 5.08
N ALA H 86 -21.57 -25.10 4.49
CA ALA H 86 -20.42 -24.21 4.34
C ALA H 86 -19.84 -23.82 5.69
N ALA H 87 -20.69 -23.62 6.70
CA ALA H 87 -20.18 -23.18 8.00
C ALA H 87 -19.23 -24.20 8.61
N TYR H 88 -19.55 -25.49 8.47
CA TYR H 88 -18.63 -26.53 8.93
C TYR H 88 -17.29 -26.43 8.22
N LEU H 89 -17.31 -26.20 6.90
CA LEU H 89 -16.07 -26.18 6.14
CA LEU H 89 -16.07 -26.18 6.14
C LEU H 89 -15.21 -24.98 6.52
N HIS H 90 -15.83 -23.81 6.69
CA HIS H 90 -15.06 -22.64 7.10
C HIS H 90 -14.43 -22.87 8.47
N LYS H 91 -15.16 -23.50 9.39
CA LYS H 91 -14.58 -23.78 10.71
C LYS H 91 -13.39 -24.72 10.61
N ALA H 92 -13.51 -25.77 9.79
CA ALA H 92 -12.39 -26.67 9.57
C ALA H 92 -11.20 -25.91 9.02
N ALA H 93 -11.42 -25.00 8.07
CA ALA H 93 -10.32 -24.25 7.49
C ALA H 93 -9.65 -23.34 8.51
N ASP H 94 -10.45 -22.70 9.37
CA ASP H 94 -9.88 -21.86 10.42
C ASP H 94 -8.99 -22.67 11.34
N ILE H 95 -9.43 -23.87 11.72
CA ILE H 95 -8.64 -24.73 12.58
C ILE H 95 -7.35 -25.13 11.89
N LEU H 96 -7.41 -25.40 10.57
CA LEU H 96 -6.20 -25.75 9.85
C LEU H 96 -5.20 -24.60 9.87
N VAL H 97 -5.67 -23.38 9.64
CA VAL H 97 -4.78 -22.22 9.71
C VAL H 97 -4.18 -22.12 11.11
N ARG H 98 -5.00 -22.31 12.14
CA ARG H 98 -4.51 -22.26 13.51
C ARG H 98 -3.36 -23.23 13.70
N ASP H 99 -3.53 -24.46 13.24
CA ASP H 99 -2.58 -25.54 13.48
C ASP H 99 -1.66 -25.78 12.29
N ALA H 100 -1.50 -24.80 11.40
CA ALA H 100 -0.73 -25.03 10.18
C ALA H 100 0.71 -25.40 10.49
N GLU H 101 1.33 -24.70 11.43
CA GLU H 101 2.70 -25.04 11.83
C GLU H 101 2.77 -26.43 12.44
N LYS H 102 1.86 -26.74 13.37
CA LYS H 102 1.86 -28.04 14.03
C LYS H 102 1.71 -29.16 13.00
N ILE H 103 0.76 -29.00 12.07
CA ILE H 103 0.54 -30.04 11.07
C ILE H 103 1.68 -30.07 10.06
N GLY H 104 2.12 -28.90 9.59
CA GLY H 104 3.17 -28.86 8.59
C GLY H 104 4.49 -29.43 9.07
N ALA H 105 4.80 -29.26 10.36
CA ALA H 105 6.02 -29.84 10.91
C ALA H 105 6.04 -31.35 10.73
N ILE H 106 4.91 -32.03 11.00
CA ILE H 106 4.86 -33.48 10.86
C ILE H 106 4.79 -33.87 9.38
N LEU H 107 3.98 -33.15 8.60
CA LEU H 107 3.90 -33.40 7.16
CA LEU H 107 3.90 -33.40 7.16
C LEU H 107 5.28 -33.32 6.52
N SER H 108 6.08 -32.32 6.91
CA SER H 108 7.42 -32.17 6.35
C SER H 108 8.22 -33.45 6.53
N LYS H 109 8.20 -34.04 7.73
CA LYS H 109 8.96 -35.26 7.96
C LYS H 109 8.34 -36.44 7.24
N GLU H 110 7.01 -36.53 7.22
CA GLU H 110 6.35 -37.72 6.70
C GLU H 110 6.64 -37.94 5.22
N VAL H 111 6.72 -36.87 4.43
CA VAL H 111 6.93 -37.03 3.00
C VAL H 111 8.18 -36.30 2.52
N ALA H 112 9.07 -35.95 3.45
CA ALA H 112 10.34 -35.31 3.12
C ALA H 112 10.12 -34.08 2.24
N LYS H 113 9.20 -33.24 2.66
CA LYS H 113 8.96 -31.94 2.05
C LYS H 113 9.57 -30.87 2.94
N GLY H 114 10.16 -29.85 2.31
CA GLY H 114 10.67 -28.72 3.06
C GLY H 114 9.70 -28.21 4.11
N HIS H 115 10.21 -27.83 5.29
CA HIS H 115 9.33 -27.44 6.38
C HIS H 115 8.42 -26.29 5.97
N LYS H 116 9.01 -25.22 5.43
CA LYS H 116 8.23 -24.07 4.98
C LYS H 116 7.19 -24.50 3.95
N ALA H 117 7.59 -25.35 3.00
CA ALA H 117 6.68 -25.79 1.95
C ALA H 117 5.56 -26.66 2.50
N ALA H 118 5.83 -27.43 3.56
CA ALA H 118 4.79 -28.24 4.16
C ALA H 118 3.76 -27.38 4.86
N VAL H 119 4.20 -26.37 5.62
CA VAL H 119 3.26 -25.43 6.20
C VAL H 119 2.47 -24.70 5.12
N SER H 120 3.13 -24.36 4.01
CA SER H 120 2.42 -23.69 2.92
C SER H 120 1.34 -24.60 2.34
N GLU H 121 1.59 -25.91 2.31
CA GLU H 121 0.58 -26.83 1.82
C GLU H 121 -0.66 -26.80 2.69
N VAL H 122 -0.48 -26.78 4.01
CA VAL H 122 -1.63 -26.73 4.91
C VAL H 122 -2.40 -25.43 4.71
N ILE H 123 -1.69 -24.31 4.60
CA ILE H 123 -2.36 -23.03 4.36
C ILE H 123 -3.15 -23.06 3.06
N ARG H 124 -2.55 -23.60 1.99
CA ARG H 124 -3.25 -23.68 0.72
C ARG H 124 -4.47 -24.59 0.83
N THR H 125 -4.38 -25.64 1.64
CA THR H 125 -5.52 -26.51 1.87
C THR H 125 -6.67 -25.73 2.50
N ALA H 126 -6.36 -24.92 3.51
CA ALA H 126 -7.40 -24.08 4.10
C ALA H 126 -8.00 -23.14 3.08
N GLU H 127 -7.17 -22.59 2.19
CA GLU H 127 -7.71 -21.71 1.15
C GLU H 127 -8.64 -22.46 0.22
N ILE H 128 -8.28 -23.69 -0.15
CA ILE H 128 -9.15 -24.44 -1.05
C ILE H 128 -10.44 -24.82 -0.35
N ILE H 129 -10.37 -25.16 0.94
CA ILE H 129 -11.57 -25.54 1.67
C ILE H 129 -12.54 -24.34 1.75
N ASN H 130 -12.01 -23.17 2.12
CA ASN H 130 -12.84 -21.96 2.18
C ASN H 130 -13.44 -21.63 0.82
N TYR H 131 -12.61 -21.67 -0.22
CA TYR H 131 -13.09 -21.32 -1.56
C TYR H 131 -14.15 -22.29 -2.04
N ALA H 132 -13.98 -23.58 -1.74
CA ALA H 132 -14.96 -24.57 -2.17
C ALA H 132 -16.29 -24.39 -1.43
N ALA H 133 -16.22 -24.03 -0.15
CA ALA H 133 -17.45 -23.78 0.60
C ALA H 133 -18.28 -22.67 -0.04
N GLU H 134 -17.62 -21.60 -0.50
CA GLU H 134 -18.35 -20.47 -1.06
C GLU H 134 -18.70 -20.68 -2.54
N GLU H 135 -17.87 -21.42 -3.28
CA GLU H 135 -18.23 -21.78 -4.63
C GLU H 135 -19.47 -22.68 -4.63
N GLY H 136 -19.50 -23.67 -3.75
CA GLY H 136 -20.53 -24.69 -3.81
C GLY H 136 -21.90 -24.21 -3.37
N LEU H 137 -21.97 -23.16 -2.56
CA LEU H 137 -23.25 -22.73 -2.01
C LEU H 137 -24.04 -21.85 -2.97
N ARG H 138 -23.42 -21.40 -4.06
CA ARG H 138 -24.11 -20.60 -5.06
C ARG H 138 -24.09 -21.28 -6.43
N MET H 139 -23.83 -22.58 -6.46
CA MET H 139 -24.10 -23.38 -7.64
C MET H 139 -25.59 -23.30 -7.91
N GLU H 140 -25.97 -22.72 -9.03
CA GLU H 140 -27.37 -22.51 -9.33
C GLU H 140 -27.86 -23.51 -10.37
N GLY H 141 -29.14 -23.42 -10.67
CA GLY H 141 -29.83 -24.35 -11.53
C GLY H 141 -30.37 -23.64 -12.76
N GLU H 142 -31.04 -24.42 -13.59
CA GLU H 142 -31.48 -24.00 -14.90
C GLU H 142 -32.97 -24.20 -15.01
N VAL H 143 -33.64 -23.31 -15.73
CA VAL H 143 -35.02 -23.51 -16.17
CA VAL H 143 -35.00 -23.59 -16.17
C VAL H 143 -35.01 -23.50 -17.69
N LEU H 144 -35.44 -24.60 -18.30
CA LEU H 144 -35.39 -24.77 -19.74
C LEU H 144 -36.81 -24.71 -20.29
N GLU H 145 -36.94 -24.13 -21.47
CA GLU H 145 -38.22 -23.91 -22.11
C GLU H 145 -38.44 -24.98 -23.18
N GLY H 146 -39.56 -25.71 -23.06
CA GLY H 146 -39.92 -26.64 -24.12
C GLY H 146 -40.08 -25.98 -25.46
N GLY H 147 -40.52 -24.71 -25.46
CA GLY H 147 -40.71 -23.94 -26.68
C GLY H 147 -39.43 -23.57 -27.39
N SER H 148 -38.27 -23.78 -26.77
CA SER H 148 -37.01 -23.63 -27.49
C SER H 148 -36.85 -24.72 -28.54
N PHE H 149 -37.49 -25.87 -28.33
CA PHE H 149 -37.32 -27.04 -29.18
C PHE H 149 -38.52 -27.33 -30.06
N GLU H 150 -39.74 -27.21 -29.55
CA GLU H 150 -40.91 -27.44 -30.38
C GLU H 150 -42.09 -26.61 -29.87
N ALA H 151 -42.83 -26.06 -30.83
CA ALA H 151 -43.94 -25.18 -30.46
C ALA H 151 -44.95 -25.90 -29.58
N ALA H 152 -45.20 -27.19 -29.85
CA ALA H 152 -46.21 -27.92 -29.10
C ALA H 152 -45.91 -27.96 -27.62
N SER H 153 -44.65 -27.82 -27.22
CA SER H 153 -44.25 -27.93 -25.83
C SER H 153 -43.92 -26.58 -25.19
N LYS H 154 -44.46 -25.49 -25.74
CA LYS H 154 -44.08 -24.18 -25.21
C LYS H 154 -44.57 -23.96 -23.77
N LYS H 155 -45.50 -24.76 -23.27
CA LYS H 155 -45.98 -24.63 -21.89
C LYS H 155 -45.31 -25.61 -20.94
N LYS H 156 -44.39 -26.44 -21.43
CA LYS H 156 -43.63 -27.38 -20.62
C LYS H 156 -42.28 -26.78 -20.28
N ILE H 157 -41.95 -26.73 -18.99
CA ILE H 157 -40.66 -26.26 -18.56
C ILE H 157 -39.99 -27.31 -17.69
N ALA H 158 -38.66 -27.28 -17.65
CA ALA H 158 -37.86 -28.18 -16.83
C ALA H 158 -37.09 -27.36 -15.79
N ILE H 159 -37.27 -27.72 -14.52
N ILE H 159 -37.28 -27.71 -14.52
CA ILE H 159 -36.58 -27.11 -13.40
CA ILE H 159 -36.56 -27.09 -13.41
C ILE H 159 -35.43 -28.04 -13.02
C ILE H 159 -35.43 -28.03 -13.01
N VAL H 160 -34.20 -27.60 -13.23
CA VAL H 160 -33.02 -28.45 -13.09
C VAL H 160 -32.15 -27.94 -11.95
N ARG H 161 -32.02 -28.75 -10.89
CA ARG H 161 -31.27 -28.40 -9.70
C ARG H 161 -30.18 -29.43 -9.45
N ARG H 162 -29.08 -28.99 -8.84
CA ARG H 162 -27.97 -29.89 -8.55
C ARG H 162 -28.24 -30.69 -7.28
N GLU H 163 -27.74 -31.93 -7.26
CA GLU H 163 -27.77 -32.81 -6.11
C GLU H 163 -26.42 -33.50 -5.97
N PRO H 164 -26.10 -33.99 -4.76
CA PRO H 164 -24.87 -34.78 -4.60
C PRO H 164 -24.99 -36.15 -5.25
N VAL H 165 -23.83 -36.79 -5.40
CA VAL H 165 -23.81 -38.13 -5.96
C VAL H 165 -23.97 -39.20 -4.88
N GLY H 166 -23.52 -38.92 -3.65
CA GLY H 166 -23.65 -39.85 -2.56
C GLY H 166 -22.39 -39.97 -1.73
N LEU H 167 -21.82 -41.16 -1.67
CA LEU H 167 -20.57 -41.41 -0.95
C LEU H 167 -19.40 -41.27 -1.92
N VAL H 168 -18.50 -40.34 -1.63
CA VAL H 168 -17.29 -40.11 -2.40
C VAL H 168 -16.13 -40.74 -1.65
N LEU H 169 -15.41 -41.63 -2.32
CA LEU H 169 -14.12 -42.12 -1.83
C LEU H 169 -13.02 -41.22 -2.36
N ALA H 170 -12.31 -40.54 -1.46
CA ALA H 170 -11.22 -39.64 -1.81
C ALA H 170 -9.90 -40.31 -1.45
N ILE H 171 -8.99 -40.41 -2.42
CA ILE H 171 -7.70 -41.05 -2.24
C ILE H 171 -6.64 -40.00 -2.53
N SER H 172 -5.92 -39.57 -1.52
CA SER H 172 -4.94 -38.52 -1.68
C SER H 172 -3.57 -39.09 -1.95
N PRO H 173 -2.63 -38.26 -2.44
CA PRO H 173 -1.32 -38.77 -2.87
C PRO H 173 -0.22 -38.41 -1.91
N PHE H 174 0.91 -39.14 -1.93
CA PHE H 174 1.97 -38.88 -0.97
C PHE H 174 2.54 -37.48 -1.14
N ASN H 175 2.54 -36.94 -2.37
CA ASN H 175 3.24 -35.68 -2.61
C ASN H 175 2.41 -34.46 -2.21
N TYR H 176 1.10 -34.63 -1.98
CA TYR H 176 0.25 -33.58 -1.43
C TYR H 176 -0.82 -34.23 -0.56
N PRO H 177 -0.43 -34.85 0.55
CA PRO H 177 -1.39 -35.68 1.30
C PRO H 177 -2.45 -34.88 2.03
N VAL H 178 -2.25 -33.58 2.21
CA VAL H 178 -3.26 -32.72 2.83
C VAL H 178 -3.98 -31.88 1.79
N ASN H 179 -3.23 -31.19 0.93
CA ASN H 179 -3.82 -30.32 -0.09
C ASN H 179 -4.70 -31.10 -1.04
N LEU H 180 -4.24 -32.26 -1.52
CA LEU H 180 -5.03 -33.07 -2.44
C LEU H 180 -5.84 -34.13 -1.73
N ALA H 181 -5.95 -34.04 -0.40
CA ALA H 181 -7.09 -34.56 0.34
C ALA H 181 -8.20 -33.51 0.38
N GLY H 182 -7.85 -32.30 0.83
CA GLY H 182 -8.82 -31.22 0.93
C GLY H 182 -9.42 -30.81 -0.40
N SER H 183 -8.65 -30.89 -1.48
CA SER H 183 -9.17 -30.57 -2.80
C SER H 183 -10.32 -31.50 -3.21
N LYS H 184 -10.42 -32.66 -2.58
CA LYS H 184 -11.50 -33.61 -2.82
C LYS H 184 -12.59 -33.50 -1.77
N ILE H 185 -12.18 -33.40 -0.50
CA ILE H 185 -13.13 -33.44 0.61
C ILE H 185 -14.08 -32.25 0.55
N ALA H 186 -13.54 -31.04 0.43
CA ALA H 186 -14.40 -29.87 0.58
C ALA H 186 -15.37 -29.72 -0.58
N PRO H 187 -14.94 -29.82 -1.84
CA PRO H 187 -15.94 -29.81 -2.93
C PRO H 187 -17.02 -30.87 -2.77
N ALA H 188 -16.66 -32.06 -2.29
CA ALA H 188 -17.66 -33.11 -2.13
C ALA H 188 -18.66 -32.74 -1.04
N LEU H 189 -18.15 -32.24 0.10
CA LEU H 189 -19.01 -32.01 1.26
C LEU H 189 -19.97 -30.85 1.03
N ILE H 190 -19.51 -29.76 0.40
CA ILE H 190 -20.38 -28.60 0.24
C ILE H 190 -21.61 -28.98 -0.58
N ALA H 191 -21.43 -29.86 -1.56
CA ALA H 191 -22.54 -30.27 -2.44
C ALA H 191 -23.50 -31.24 -1.78
N GLY H 192 -23.18 -31.74 -0.59
CA GLY H 192 -24.04 -32.69 0.09
C GLY H 192 -23.58 -34.13 0.05
N ASN H 193 -22.43 -34.40 -0.54
CA ASN H 193 -21.88 -35.74 -0.48
C ASN H 193 -21.34 -36.04 0.92
N VAL H 194 -21.26 -37.32 1.25
CA VAL H 194 -20.46 -37.78 2.37
C VAL H 194 -19.16 -38.34 1.81
N VAL H 195 -18.15 -38.44 2.67
CA VAL H 195 -16.79 -38.67 2.21
C VAL H 195 -16.07 -39.66 3.12
N ALA H 196 -15.33 -40.57 2.50
CA ALA H 196 -14.32 -41.37 3.19
C ALA H 196 -12.97 -41.04 2.56
N LEU H 197 -12.01 -40.66 3.39
CA LEU H 197 -10.66 -40.32 2.91
C LEU H 197 -9.73 -41.50 3.16
N LYS H 198 -9.09 -41.98 2.09
CA LYS H 198 -7.99 -42.93 2.17
C LYS H 198 -6.70 -42.18 1.85
N PRO H 199 -5.88 -41.85 2.85
CA PRO H 199 -4.59 -41.24 2.56
C PRO H 199 -3.62 -42.29 2.05
N PRO H 200 -2.54 -41.90 1.41
CA PRO H 200 -1.46 -42.86 1.15
C PRO H 200 -0.86 -43.26 2.48
N THR H 201 -0.33 -44.48 2.55
CA THR H 201 0.30 -44.91 3.79
C THR H 201 1.40 -43.93 4.19
N GLN H 202 2.24 -43.55 3.25
CA GLN H 202 3.21 -42.47 3.47
C GLN H 202 2.47 -41.15 3.29
N GLY H 203 1.95 -40.62 4.39
CA GLY H 203 1.08 -39.46 4.35
C GLY H 203 -0.19 -39.69 5.14
N SER H 204 -0.33 -40.89 5.71
CA SER H 204 -1.51 -41.19 6.50
C SER H 204 -1.56 -40.40 7.80
N ILE H 205 -0.43 -40.11 8.43
CA ILE H 205 -0.47 -39.31 9.64
C ILE H 205 -0.99 -37.92 9.32
N SER H 206 -0.45 -37.32 8.26
CA SER H 206 -0.93 -36.02 7.81
C SER H 206 -2.42 -36.08 7.49
N GLY H 207 -2.86 -37.14 6.83
CA GLY H 207 -4.27 -37.25 6.50
C GLY H 207 -5.15 -37.28 7.73
N LEU H 208 -4.69 -37.98 8.78
CA LEU H 208 -5.47 -38.06 10.01
C LEU H 208 -5.39 -36.78 10.83
N LEU H 209 -4.28 -36.03 10.71
CA LEU H 209 -4.24 -34.70 11.31
C LEU H 209 -5.24 -33.77 10.64
N LEU H 210 -5.39 -33.87 9.32
CA LEU H 210 -6.44 -33.12 8.64
C LEU H 210 -7.81 -33.52 9.15
N ALA H 211 -8.03 -34.82 9.36
CA ALA H 211 -9.32 -35.28 9.86
C ALA H 211 -9.64 -34.66 11.23
N GLU H 212 -8.62 -34.49 12.08
CA GLU H 212 -8.87 -33.88 13.38
C GLU H 212 -9.51 -32.52 13.23
N ALA H 213 -9.09 -31.74 12.23
CA ALA H 213 -9.64 -30.41 12.01
C ALA H 213 -11.12 -30.46 11.66
N PHE H 214 -11.51 -31.39 10.79
CA PHE H 214 -12.94 -31.53 10.49
C PHE H 214 -13.72 -31.99 11.71
N ALA H 215 -13.15 -32.91 12.50
CA ALA H 215 -13.84 -33.38 13.69
C ALA H 215 -14.04 -32.26 14.70
N GLU H 216 -12.98 -31.49 14.98
CA GLU H 216 -13.09 -30.38 15.92
C GLU H 216 -14.07 -29.32 15.41
N ALA H 217 -14.15 -29.15 14.10
CA ALA H 217 -15.12 -28.23 13.50
C ALA H 217 -16.56 -28.71 13.68
N GLY H 218 -16.76 -29.95 14.11
CA GLY H 218 -18.08 -30.44 14.39
C GLY H 218 -18.76 -31.16 13.25
N ILE H 219 -18.02 -31.55 12.22
CA ILE H 219 -18.60 -32.29 11.10
C ILE H 219 -19.45 -33.41 11.68
N PRO H 220 -20.71 -33.56 11.27
CA PRO H 220 -21.56 -34.58 11.90
C PRO H 220 -20.99 -35.98 11.73
N ALA H 221 -21.31 -36.84 12.70
CA ALA H 221 -20.81 -38.21 12.71
C ALA H 221 -21.16 -38.90 11.40
N GLY H 222 -20.14 -39.47 10.75
CA GLY H 222 -20.32 -40.24 9.54
C GLY H 222 -20.29 -39.42 8.27
N VAL H 223 -20.38 -38.10 8.36
CA VAL H 223 -20.35 -37.27 7.16
C VAL H 223 -18.95 -37.29 6.54
N PHE H 224 -17.92 -37.32 7.39
CA PHE H 224 -16.53 -37.44 6.97
C PHE H 224 -15.87 -38.51 7.83
N ASN H 225 -15.15 -39.43 7.18
CA ASN H 225 -14.50 -40.56 7.84
CA ASN H 225 -14.49 -40.54 7.86
C ASN H 225 -13.15 -40.79 7.19
N THR H 226 -12.28 -41.52 7.87
CA THR H 226 -10.98 -41.89 7.33
C THR H 226 -10.82 -43.40 7.28
N ILE H 227 -9.99 -43.86 6.35
CA ILE H 227 -9.61 -45.26 6.20
C ILE H 227 -8.10 -45.31 6.02
N THR H 228 -7.42 -46.14 6.81
CA THR H 228 -6.00 -46.40 6.61
C THR H 228 -5.79 -47.91 6.63
N GLY H 229 -4.78 -48.37 5.90
CA GLY H 229 -4.50 -49.79 5.87
C GLY H 229 -3.57 -50.15 4.74
N ARG H 230 -3.27 -51.44 4.67
CA ARG H 230 -2.36 -51.99 3.69
C ARG H 230 -3.07 -52.31 2.39
N GLY H 231 -2.43 -51.99 1.27
CA GLY H 231 -3.03 -52.29 -0.02
C GLY H 231 -3.43 -53.74 -0.16
N SER H 232 -2.59 -54.65 0.34
CA SER H 232 -2.87 -56.07 0.20
C SER H 232 -4.12 -56.51 0.95
N VAL H 233 -4.61 -55.73 1.91
CA VAL H 233 -5.78 -56.09 2.68
C VAL H 233 -7.04 -55.42 2.18
N ILE H 234 -6.97 -54.12 1.87
CA ILE H 234 -8.15 -53.32 1.55
C ILE H 234 -7.99 -52.52 0.27
N GLY H 235 -6.85 -52.57 -0.40
CA GLY H 235 -6.62 -51.76 -1.58
C GLY H 235 -7.73 -51.83 -2.61
N ASP H 236 -8.00 -53.02 -3.14
CA ASP H 236 -9.10 -53.17 -4.09
C ASP H 236 -10.45 -53.08 -3.38
N TYR H 237 -10.51 -53.55 -2.13
CA TYR H 237 -11.77 -53.64 -1.41
C TYR H 237 -12.46 -52.28 -1.28
N ILE H 238 -11.68 -51.23 -0.98
CA ILE H 238 -12.31 -49.93 -0.74
C ILE H 238 -12.92 -49.36 -2.02
N VAL H 239 -12.36 -49.71 -3.18
CA VAL H 239 -12.84 -49.16 -4.45
C VAL H 239 -14.01 -49.98 -5.00
N GLU H 240 -13.96 -51.31 -4.86
CA GLU H 240 -15.01 -52.13 -5.46
C GLU H 240 -16.31 -52.16 -4.64
N HIS H 241 -16.27 -51.69 -3.40
CA HIS H 241 -17.43 -51.71 -2.52
C HIS H 241 -18.61 -50.97 -3.16
N GLU H 242 -19.78 -51.59 -3.15
CA GLU H 242 -20.90 -50.95 -3.83
C GLU H 242 -21.51 -49.80 -3.03
N ALA H 243 -21.07 -49.57 -1.79
CA ALA H 243 -21.49 -48.37 -1.07
C ALA H 243 -20.94 -47.11 -1.73
N VAL H 244 -19.82 -47.24 -2.43
CA VAL H 244 -19.11 -46.09 -2.99
C VAL H 244 -19.78 -45.67 -4.29
N ASN H 245 -20.08 -44.38 -4.39
CA ASN H 245 -20.76 -43.85 -5.57
C ASN H 245 -19.83 -43.06 -6.48
N PHE H 246 -18.61 -42.76 -6.04
CA PHE H 246 -17.71 -41.85 -6.75
C PHE H 246 -16.32 -42.10 -6.21
N ILE H 247 -15.33 -42.20 -7.10
CA ILE H 247 -13.94 -42.38 -6.71
C ILE H 247 -13.13 -41.22 -7.27
N ASN H 248 -12.39 -40.54 -6.39
CA ASN H 248 -11.64 -39.32 -6.70
C ASN H 248 -10.21 -39.59 -6.26
N PHE H 249 -9.31 -39.82 -7.21
CA PHE H 249 -7.98 -40.36 -6.96
C PHE H 249 -6.89 -39.51 -7.59
N THR H 250 -5.83 -39.25 -6.81
CA THR H 250 -4.58 -38.70 -7.31
C THR H 250 -3.47 -39.70 -6.99
N GLY H 251 -2.64 -40.02 -7.98
CA GLY H 251 -1.53 -40.92 -7.74
C GLY H 251 -0.85 -41.31 -9.04
N SER H 252 -0.16 -42.45 -8.98
CA SER H 252 0.58 -42.93 -10.13
C SER H 252 -0.35 -43.43 -11.22
N THR H 253 0.13 -43.35 -12.46
CA THR H 253 -0.67 -43.79 -13.61
C THR H 253 -1.00 -45.26 -13.54
N PRO H 254 -0.07 -46.18 -13.25
CA PRO H 254 -0.46 -47.59 -13.17
CA PRO H 254 -0.46 -47.60 -13.16
C PRO H 254 -1.54 -47.85 -12.12
N ILE H 255 -1.45 -47.22 -10.95
CA ILE H 255 -2.48 -47.43 -9.94
C ILE H 255 -3.81 -46.84 -10.42
N GLY H 256 -3.75 -45.67 -11.05
CA GLY H 256 -4.98 -45.05 -11.54
C GLY H 256 -5.67 -45.88 -12.61
N GLU H 257 -4.89 -46.49 -13.51
CA GLU H 257 -5.50 -47.35 -14.52
C GLU H 257 -6.17 -48.55 -13.86
N GLY H 258 -5.57 -49.09 -12.79
CA GLY H 258 -6.21 -50.19 -12.08
C GLY H 258 -7.53 -49.80 -11.47
N ILE H 259 -7.61 -48.60 -10.89
CA ILE H 259 -8.87 -48.12 -10.33
C ILE H 259 -9.92 -48.01 -11.43
N GLY H 260 -9.51 -47.53 -12.60
CA GLY H 260 -10.46 -47.44 -13.70
C GLY H 260 -11.12 -48.77 -14.02
N LYS H 261 -10.40 -49.88 -13.82
CA LYS H 261 -10.95 -51.18 -14.13
C LYS H 261 -11.97 -51.63 -13.09
N LEU H 262 -11.87 -51.11 -11.86
CA LEU H 262 -12.73 -51.50 -10.75
C LEU H 262 -13.91 -50.56 -10.55
N ALA H 263 -13.91 -49.42 -11.22
CA ALA H 263 -14.97 -48.44 -11.00
C ALA H 263 -16.29 -48.91 -11.58
N GLY H 264 -16.26 -49.79 -12.57
CA GLY H 264 -17.50 -50.16 -13.25
C GLY H 264 -18.09 -48.96 -13.94
N MET H 265 -19.37 -48.71 -13.70
N MET H 265 -19.37 -48.72 -13.70
CA MET H 265 -20.05 -47.57 -14.30
CA MET H 265 -20.07 -47.57 -14.27
C MET H 265 -20.12 -46.37 -13.35
C MET H 265 -19.98 -46.33 -13.41
N ARG H 266 -19.45 -46.44 -12.19
CA ARG H 266 -19.45 -45.33 -11.27
C ARG H 266 -18.48 -44.25 -11.74
N PRO H 267 -18.83 -42.99 -11.53
CA PRO H 267 -17.95 -41.91 -12.01
C PRO H 267 -16.65 -41.89 -11.23
N ILE H 268 -15.59 -41.54 -11.93
CA ILE H 268 -14.26 -41.46 -11.32
C ILE H 268 -13.59 -40.19 -11.78
N MET H 269 -12.65 -39.72 -10.96
CA MET H 269 -11.70 -38.70 -11.37
C MET H 269 -10.31 -39.25 -11.06
N LEU H 270 -9.39 -39.04 -11.99
CA LEU H 270 -8.04 -39.57 -11.89
C LEU H 270 -7.07 -38.44 -12.21
N GLU H 271 -6.13 -38.20 -11.29
CA GLU H 271 -5.06 -37.23 -11.46
C GLU H 271 -3.77 -38.03 -11.46
N LEU H 272 -3.23 -38.30 -12.65
CA LEU H 272 -2.13 -39.25 -12.79
C LEU H 272 -0.87 -38.51 -13.24
N GLY H 273 0.04 -39.20 -13.91
CA GLY H 273 1.34 -38.63 -14.22
C GLY H 273 1.34 -37.67 -15.39
N GLY H 274 2.48 -36.96 -15.54
CA GLY H 274 2.69 -36.12 -16.69
C GLY H 274 4.14 -36.15 -17.13
N LYS H 275 4.37 -35.69 -18.36
CA LYS H 275 5.71 -35.45 -18.90
C LYS H 275 5.70 -34.09 -19.60
N ASP H 276 5.38 -33.05 -18.81
CA ASP H 276 5.11 -31.74 -19.38
C ASP H 276 6.32 -31.20 -20.13
N SER H 277 6.08 -30.77 -21.36
CA SER H 277 7.10 -30.18 -22.19
CA SER H 277 7.10 -30.18 -22.19
C SER H 277 7.16 -28.67 -21.99
N ALA H 278 8.36 -28.12 -22.15
CA ALA H 278 8.60 -26.68 -22.16
C ALA H 278 9.17 -26.39 -23.53
N ILE H 279 8.39 -25.75 -24.39
CA ILE H 279 8.82 -25.45 -25.75
C ILE H 279 9.43 -24.05 -25.77
N VAL H 280 10.68 -23.95 -26.20
CA VAL H 280 11.43 -22.70 -26.18
C VAL H 280 11.79 -22.33 -27.61
N LEU H 281 11.25 -21.21 -28.09
CA LEU H 281 11.43 -20.80 -29.47
C LEU H 281 12.67 -19.89 -29.57
N GLU H 282 13.00 -19.51 -30.80
CA GLU H 282 14.22 -18.74 -31.03
C GLU H 282 14.10 -17.31 -30.49
N ASP H 283 12.88 -16.77 -30.42
CA ASP H 283 12.67 -15.42 -29.94
C ASP H 283 12.35 -15.35 -28.45
N ALA H 284 12.60 -16.42 -27.71
CA ALA H 284 12.28 -16.43 -26.29
C ALA H 284 13.29 -15.62 -25.48
N ASP H 285 12.79 -15.04 -24.38
CA ASP H 285 13.67 -14.53 -23.32
C ASP H 285 14.28 -15.72 -22.59
N LEU H 286 15.56 -15.97 -22.82
CA LEU H 286 16.17 -17.23 -22.38
C LEU H 286 16.44 -17.24 -20.88
N ALA H 287 16.84 -16.12 -20.30
CA ALA H 287 17.06 -16.07 -18.86
C ALA H 287 15.76 -16.34 -18.11
N LEU H 288 14.66 -15.73 -18.56
CA LEU H 288 13.38 -15.95 -17.88
C LEU H 288 12.85 -17.35 -18.13
N ALA H 289 13.05 -17.89 -19.33
CA ALA H 289 12.67 -19.28 -19.58
C ALA H 289 13.43 -20.21 -18.66
N ALA H 290 14.72 -19.97 -18.46
CA ALA H 290 15.50 -20.84 -17.60
C ALA H 290 15.07 -20.70 -16.14
N LYS H 291 14.71 -19.48 -15.74
CA LYS H 291 14.21 -19.28 -14.38
C LYS H 291 12.96 -20.13 -14.14
N ASN H 292 12.01 -20.07 -15.06
CA ASN H 292 10.74 -20.75 -14.84
C ASN H 292 10.87 -22.25 -15.06
N ILE H 293 11.69 -22.65 -16.03
CA ILE H 293 11.93 -24.08 -16.27
C ILE H 293 12.57 -24.73 -15.05
N VAL H 294 13.55 -24.06 -14.43
CA VAL H 294 14.20 -24.67 -13.28
C VAL H 294 13.26 -24.70 -12.09
N ALA H 295 12.55 -23.61 -11.84
CA ALA H 295 11.57 -23.60 -10.76
C ALA H 295 10.56 -24.73 -10.91
N GLY H 296 10.08 -24.93 -12.14
CA GLY H 296 9.04 -25.93 -12.34
C GLY H 296 9.57 -27.35 -12.32
N ALA H 297 10.76 -27.57 -12.91
CA ALA H 297 11.27 -28.93 -13.01
C ALA H 297 11.71 -29.50 -11.67
N PHE H 298 12.19 -28.65 -10.75
CA PHE H 298 12.86 -29.17 -9.57
C PHE H 298 12.14 -28.90 -8.26
N GLY H 299 11.00 -28.21 -8.30
CA GLY H 299 10.18 -28.10 -7.10
C GLY H 299 9.85 -29.45 -6.51
N TYR H 300 10.01 -29.59 -5.20
CA TYR H 300 9.78 -30.86 -4.49
C TYR H 300 10.50 -32.00 -5.20
N SER H 301 11.71 -31.72 -5.69
CA SER H 301 12.60 -32.69 -6.32
C SER H 301 12.00 -33.30 -7.57
N GLY H 302 11.08 -32.60 -8.23
CA GLY H 302 10.46 -33.13 -9.42
C GLY H 302 9.38 -34.15 -9.17
N GLN H 303 8.97 -34.33 -7.91
CA GLN H 303 7.92 -35.28 -7.56
C GLN H 303 6.55 -34.60 -7.68
N ARG H 304 6.27 -34.10 -8.88
CA ARG H 304 5.04 -33.39 -9.16
C ARG H 304 4.59 -33.76 -10.56
N SER H 305 3.31 -34.07 -10.71
CA SER H 305 2.81 -34.44 -12.02
C SER H 305 2.90 -33.27 -13.00
N THR H 306 2.82 -32.04 -12.50
CA THR H 306 2.87 -30.84 -13.33
C THR H 306 4.27 -30.23 -13.44
N ALA H 307 5.32 -30.96 -13.07
CA ALA H 307 6.66 -30.41 -13.23
C ALA H 307 7.00 -30.27 -14.71
N VAL H 308 7.86 -29.29 -15.02
CA VAL H 308 8.51 -29.27 -16.32
C VAL H 308 9.44 -30.48 -16.38
N LYS H 309 9.17 -31.39 -17.32
CA LYS H 309 9.90 -32.64 -17.38
C LYS H 309 10.68 -32.86 -18.67
N ARG H 310 10.53 -31.98 -19.66
CA ARG H 310 11.41 -32.03 -20.82
C ARG H 310 11.40 -30.68 -21.51
N VAL H 311 12.60 -30.22 -21.88
CA VAL H 311 12.78 -28.97 -22.59
C VAL H 311 12.93 -29.29 -24.07
N LEU H 312 12.04 -28.74 -24.89
CA LEU H 312 12.10 -28.87 -26.35
C LEU H 312 12.48 -27.49 -26.87
N VAL H 313 13.73 -27.33 -27.29
CA VAL H 313 14.31 -26.02 -27.55
C VAL H 313 14.86 -25.97 -28.96
N MET H 314 14.51 -24.91 -29.70
CA MET H 314 15.06 -24.70 -31.03
C MET H 314 16.59 -24.68 -30.99
N ASP H 315 17.22 -25.31 -31.98
N ASP H 315 17.20 -25.36 -31.95
CA ASP H 315 18.65 -25.53 -31.90
CA ASP H 315 18.65 -25.52 -31.99
C ASP H 315 19.44 -24.23 -31.83
C ASP H 315 19.36 -24.19 -31.75
N LYS H 316 18.97 -23.16 -32.48
CA LYS H 316 19.76 -21.93 -32.55
C LYS H 316 19.96 -21.29 -31.18
N VAL H 317 19.06 -21.52 -30.23
CA VAL H 317 19.16 -20.93 -28.91
C VAL H 317 19.45 -21.98 -27.84
N ALA H 318 19.76 -23.22 -28.24
CA ALA H 318 19.86 -24.30 -27.26
C ALA H 318 21.08 -24.17 -26.37
N ASP H 319 22.24 -23.85 -26.96
CA ASP H 319 23.46 -23.73 -26.16
C ASP H 319 23.30 -22.65 -25.10
N GLN H 320 22.78 -21.48 -25.50
CA GLN H 320 22.63 -20.37 -24.56
C GLN H 320 21.61 -20.71 -23.47
N LEU H 321 20.51 -21.37 -23.85
CA LEU H 321 19.51 -21.74 -22.86
C LEU H 321 20.07 -22.76 -21.87
N ALA H 322 20.74 -23.80 -22.38
CA ALA H 322 21.35 -24.79 -21.50
C ALA H 322 22.27 -24.14 -20.47
N ALA H 323 23.05 -23.13 -20.90
CA ALA H 323 23.93 -22.45 -19.97
C ALA H 323 23.15 -21.69 -18.90
N GLU H 324 22.06 -21.02 -19.32
CA GLU H 324 21.22 -20.32 -18.35
C GLU H 324 20.60 -21.30 -17.35
N ILE H 325 20.14 -22.46 -17.84
CA ILE H 325 19.55 -23.45 -16.96
C ILE H 325 20.59 -24.03 -16.02
N LYS H 326 21.77 -24.38 -16.56
CA LYS H 326 22.82 -24.96 -15.75
CA LYS H 326 22.82 -24.96 -15.75
C LYS H 326 23.17 -24.09 -14.54
N THR H 327 23.30 -22.78 -14.78
CA THR H 327 23.65 -21.88 -13.68
C THR H 327 22.64 -21.96 -12.55
N LEU H 328 21.34 -21.89 -12.89
CA LEU H 328 20.32 -21.91 -11.85
C LEU H 328 20.25 -23.26 -11.15
N VAL H 329 20.48 -24.35 -11.89
CA VAL H 329 20.43 -25.68 -11.27
C VAL H 329 21.55 -25.82 -10.25
N GLU H 330 22.73 -25.27 -10.56
CA GLU H 330 23.86 -25.38 -9.65
C GLU H 330 23.61 -24.64 -8.34
N LYS H 331 22.68 -23.68 -8.33
CA LYS H 331 22.40 -22.90 -7.12
C LYS H 331 21.27 -23.48 -6.28
N LEU H 332 20.61 -24.54 -6.73
CA LEU H 332 19.57 -25.17 -5.93
C LEU H 332 20.16 -25.79 -4.67
N SER H 333 19.52 -25.56 -3.53
CA SER H 333 19.94 -26.16 -2.27
C SER H 333 19.51 -27.62 -2.22
N VAL H 334 20.42 -28.48 -1.75
CA VAL H 334 20.22 -29.92 -1.70
C VAL H 334 20.43 -30.37 -0.27
N GLY H 335 19.38 -30.91 0.35
CA GLY H 335 19.51 -31.29 1.74
C GLY H 335 18.27 -31.81 2.44
N MET H 336 18.14 -31.48 3.70
CA MET H 336 17.11 -32.08 4.51
CA MET H 336 17.11 -32.08 4.53
C MET H 336 15.87 -31.21 4.56
N PRO H 337 14.71 -31.82 4.81
CA PRO H 337 13.47 -31.02 4.89
C PRO H 337 13.53 -29.94 5.96
N GLU H 338 14.12 -30.25 7.11
CA GLU H 338 14.19 -29.25 8.18
C GLU H 338 14.95 -28.00 7.73
N ASP H 339 15.85 -28.15 6.76
CA ASP H 339 16.65 -27.05 6.26
C ASP H 339 16.00 -26.32 5.09
N ASP H 340 14.75 -26.67 4.76
CA ASP H 340 14.01 -26.01 3.69
C ASP H 340 14.78 -26.05 2.37
N ALA H 341 15.45 -27.17 2.13
CA ALA H 341 16.21 -27.35 0.90
C ALA H 341 15.29 -27.42 -0.30
N ASP H 342 15.74 -26.86 -1.43
CA ASP H 342 15.00 -27.00 -2.68
C ASP H 342 14.83 -28.46 -3.05
N ILE H 343 15.91 -29.23 -2.99
CA ILE H 343 15.94 -30.63 -3.38
C ILE H 343 16.04 -31.46 -2.10
N THR H 344 14.96 -32.12 -1.74
CA THR H 344 14.91 -33.01 -0.60
C THR H 344 15.00 -34.46 -1.04
N PRO H 345 15.20 -35.39 -0.10
CA PRO H 345 15.26 -36.80 -0.49
C PRO H 345 13.93 -37.28 -1.05
N LEU H 346 14.02 -38.21 -2.01
CA LEU H 346 12.85 -38.76 -2.66
C LEU H 346 12.09 -39.66 -1.68
N ILE H 347 10.86 -40.01 -2.07
CA ILE H 347 9.89 -40.56 -1.14
C ILE H 347 10.33 -41.93 -0.64
N ASP H 348 10.94 -42.76 -1.50
CA ASP H 348 11.44 -44.05 -1.03
C ASP H 348 12.57 -44.54 -1.94
N THR H 349 13.08 -45.73 -1.61
CA THR H 349 14.26 -46.24 -2.29
C THR H 349 13.94 -46.61 -3.73
N SER H 350 12.79 -47.22 -3.96
CA SER H 350 12.39 -47.59 -5.32
CA SER H 350 12.42 -47.60 -5.32
C SER H 350 12.33 -46.38 -6.22
N ALA H 351 11.89 -45.24 -5.70
CA ALA H 351 11.82 -44.03 -6.53
C ALA H 351 13.22 -43.58 -6.94
N ALA H 352 14.16 -43.56 -6.00
CA ALA H 352 15.51 -43.13 -6.33
C ALA H 352 16.21 -44.12 -7.25
N ASP H 353 15.93 -45.42 -7.07
CA ASP H 353 16.46 -46.43 -7.98
C ASP H 353 15.96 -46.18 -9.40
N PHE H 354 14.66 -45.91 -9.55
CA PHE H 354 14.09 -45.69 -10.87
C PHE H 354 14.72 -44.47 -11.54
N VAL H 355 14.87 -43.38 -10.77
CA VAL H 355 15.47 -42.17 -11.32
C VAL H 355 16.92 -42.41 -11.72
N GLU H 356 17.66 -43.17 -10.89
CA GLU H 356 19.05 -43.45 -11.21
C GLU H 356 19.16 -44.25 -12.50
N GLY H 357 18.24 -45.19 -12.72
CA GLY H 357 18.26 -45.96 -13.95
C GLY H 357 18.01 -45.10 -15.18
N LEU H 358 17.16 -44.08 -15.04
CA LEU H 358 16.95 -43.16 -16.15
C LEU H 358 18.21 -42.35 -16.43
N ILE H 359 18.86 -41.86 -15.37
CA ILE H 359 20.10 -41.11 -15.54
C ILE H 359 21.14 -41.97 -16.24
N LYS H 360 21.22 -43.25 -15.86
CA LYS H 360 22.24 -44.12 -16.44
C LYS H 360 21.96 -44.43 -17.90
N ASP H 361 20.70 -44.73 -18.24
CA ASP H 361 20.37 -44.97 -19.65
C ASP H 361 20.74 -43.75 -20.49
N ALA H 362 20.49 -42.55 -19.98
CA ALA H 362 20.85 -41.34 -20.72
C ALA H 362 22.37 -41.26 -20.89
N THR H 363 23.11 -41.45 -19.81
CA THR H 363 24.57 -41.42 -19.89
C THR H 363 25.07 -42.42 -20.93
N ASP H 364 24.67 -43.69 -20.80
CA ASP H 364 25.19 -44.74 -21.66
C ASP H 364 24.85 -44.51 -23.13
N LYS H 365 23.81 -43.74 -23.43
CA LYS H 365 23.41 -43.48 -24.81
C LYS H 365 23.98 -42.18 -25.36
N GLY H 366 24.73 -41.42 -24.58
CA GLY H 366 25.48 -40.30 -25.08
C GLY H 366 25.03 -38.91 -24.67
N ALA H 367 24.08 -38.80 -23.75
CA ALA H 367 23.66 -37.48 -23.31
C ALA H 367 24.78 -36.79 -22.54
N THR H 368 24.74 -35.46 -22.54
CA THR H 368 25.77 -34.65 -21.89
C THR H 368 25.28 -34.21 -20.52
N ALA H 369 25.94 -34.67 -19.47
CA ALA H 369 25.56 -34.33 -18.10
C ALA H 369 26.12 -32.95 -17.77
N LEU H 370 25.25 -31.94 -17.74
CA LEU H 370 25.70 -30.59 -17.42
C LEU H 370 25.83 -30.35 -15.92
N THR H 371 25.18 -31.17 -15.09
CA THR H 371 25.34 -31.10 -13.65
C THR H 371 25.62 -32.50 -13.10
N ALA H 372 26.29 -32.54 -11.96
CA ALA H 372 26.82 -33.77 -11.42
C ALA H 372 25.75 -34.58 -10.70
N PHE H 373 25.78 -35.89 -10.91
CA PHE H 373 24.91 -36.80 -10.20
C PHE H 373 25.53 -37.20 -8.87
N ASN H 374 24.75 -37.09 -7.80
CA ASN H 374 25.15 -37.61 -6.50
C ASN H 374 23.90 -38.11 -5.78
N ARG H 375 24.04 -39.22 -5.05
CA ARG H 375 22.93 -39.83 -4.33
C ARG H 375 23.34 -40.04 -2.88
N GLU H 376 22.74 -39.26 -1.98
CA GLU H 376 22.97 -39.40 -0.54
C GLU H 376 21.77 -40.12 0.07
N GLY H 377 21.84 -41.45 0.10
CA GLY H 377 20.69 -42.25 0.47
C GLY H 377 19.70 -42.28 -0.67
N ASN H 378 18.58 -41.59 -0.51
CA ASN H 378 17.64 -41.37 -1.60
C ASN H 378 17.56 -39.90 -1.98
N LEU H 379 18.55 -39.12 -1.55
CA LEU H 379 18.65 -37.69 -1.88
C LEU H 379 19.56 -37.56 -3.09
N ILE H 380 18.97 -37.36 -4.25
CA ILE H 380 19.70 -37.22 -5.50
C ILE H 380 19.84 -35.74 -5.81
N SER H 381 21.07 -35.32 -6.13
CA SER H 381 21.31 -33.94 -6.54
CA SER H 381 21.31 -33.94 -6.54
C SER H 381 20.75 -33.71 -7.94
N PRO H 382 20.34 -32.48 -8.26
CA PRO H 382 19.64 -32.23 -9.53
C PRO H 382 20.56 -32.44 -10.73
N VAL H 383 20.08 -33.24 -11.69
CA VAL H 383 20.86 -33.65 -12.84
C VAL H 383 20.25 -33.02 -14.09
N LEU H 384 21.04 -32.20 -14.78
CA LEU H 384 20.64 -31.57 -16.04
C LEU H 384 21.35 -32.27 -17.19
N PHE H 385 20.57 -32.74 -18.16
CA PHE H 385 21.09 -33.43 -19.32
C PHE H 385 20.80 -32.61 -20.57
N ASP H 386 21.83 -32.46 -21.41
CA ASP H 386 21.71 -31.85 -22.73
C ASP H 386 21.93 -32.92 -23.78
N HIS H 387 21.48 -32.63 -25.00
CA HIS H 387 21.61 -33.54 -26.14
C HIS H 387 20.92 -34.87 -25.85
N VAL H 388 19.79 -34.81 -25.18
CA VAL H 388 18.95 -35.99 -25.01
C VAL H 388 18.19 -36.26 -26.30
N THR H 389 18.11 -37.53 -26.66
CA THR H 389 17.46 -37.97 -27.90
C THR H 389 16.29 -38.89 -27.57
N THR H 390 15.46 -39.13 -28.57
CA THR H 390 14.22 -39.88 -28.35
C THR H 390 14.43 -41.36 -28.12
N ASP H 391 15.62 -41.90 -28.36
CA ASP H 391 15.89 -43.29 -28.03
C ASP H 391 16.19 -43.49 -26.55
N MET H 392 16.31 -42.40 -25.79
CA MET H 392 16.60 -42.47 -24.36
C MET H 392 15.31 -42.48 -23.55
N ARG H 393 15.27 -43.36 -22.56
CA ARG H 393 14.08 -43.47 -21.71
C ARG H 393 13.68 -42.14 -21.11
N LEU H 394 14.67 -41.33 -20.74
CA LEU H 394 14.42 -40.05 -20.06
C LEU H 394 13.67 -39.06 -20.94
N ALA H 395 13.61 -39.29 -22.25
CA ALA H 395 12.82 -38.40 -23.08
C ALA H 395 11.32 -38.58 -22.84
N TRP H 396 10.93 -39.71 -22.24
CA TRP H 396 9.53 -40.09 -22.23
C TRP H 396 8.99 -40.45 -20.85
N GLU H 397 9.77 -41.22 -20.08
CA GLU H 397 9.26 -41.77 -18.84
C GLU H 397 9.26 -40.72 -17.73
N GLU H 398 8.19 -40.69 -16.96
CA GLU H 398 8.09 -39.76 -15.85
C GLU H 398 9.02 -40.18 -14.73
N PRO H 399 10.09 -39.43 -14.43
CA PRO H 399 11.01 -39.89 -13.39
C PRO H 399 10.42 -39.80 -12.00
N PHE H 400 9.68 -38.73 -11.71
CA PHE H 400 9.37 -38.35 -10.33
C PHE H 400 10.66 -38.25 -9.51
N GLY H 401 11.64 -37.57 -10.11
CA GLY H 401 12.90 -37.28 -9.46
C GLY H 401 13.56 -36.08 -10.10
N PRO H 402 14.64 -35.59 -9.51
CA PRO H 402 15.24 -34.29 -9.92
C PRO H 402 16.20 -34.42 -11.10
N VAL H 403 15.67 -34.79 -12.26
CA VAL H 403 16.45 -34.93 -13.48
C VAL H 403 15.66 -34.29 -14.62
N LEU H 404 16.33 -33.46 -15.42
CA LEU H 404 15.67 -32.68 -16.46
C LEU H 404 16.40 -32.85 -17.79
N PRO H 405 15.75 -33.39 -18.82
CA PRO H 405 16.40 -33.50 -20.13
C PRO H 405 16.12 -32.29 -21.03
N ILE H 406 17.15 -31.90 -21.78
CA ILE H 406 17.04 -30.89 -22.82
C ILE H 406 17.08 -31.61 -24.16
N ILE H 407 16.09 -31.36 -25.00
CA ILE H 407 15.95 -32.01 -26.30
C ILE H 407 15.93 -30.94 -27.37
N ARG H 408 16.90 -30.99 -28.29
CA ARG H 408 17.03 -29.99 -29.34
C ARG H 408 16.19 -30.37 -30.54
N VAL H 409 15.49 -29.37 -31.10
CA VAL H 409 14.64 -29.54 -32.26
C VAL H 409 15.03 -28.51 -33.29
N THR H 410 14.66 -28.77 -34.54
CA THR H 410 15.00 -27.88 -35.64
C THR H 410 13.85 -27.00 -36.08
N THR H 411 12.61 -27.45 -35.89
CA THR H 411 11.44 -26.71 -36.31
C THR H 411 10.40 -26.76 -35.20
N VAL H 412 9.47 -25.80 -35.24
CA VAL H 412 8.35 -25.80 -34.30
C VAL H 412 7.49 -27.02 -34.53
N GLU H 413 7.32 -27.42 -35.79
CA GLU H 413 6.53 -28.61 -36.10
C GLU H 413 7.11 -29.83 -35.39
N GLU H 414 8.44 -29.93 -35.30
CA GLU H 414 9.07 -31.04 -34.60
C GLU H 414 8.79 -30.97 -33.10
N ALA H 415 8.83 -29.78 -32.52
CA ALA H 415 8.52 -29.64 -31.11
C ALA H 415 7.10 -30.11 -30.82
N ILE H 416 6.14 -29.72 -31.66
CA ILE H 416 4.76 -30.15 -31.47
C ILE H 416 4.65 -31.66 -31.59
N LYS H 417 5.30 -32.23 -32.62
CA LYS H 417 5.22 -33.67 -32.85
C LYS H 417 5.77 -34.45 -31.67
N ILE H 418 6.97 -34.07 -31.21
CA ILE H 418 7.59 -34.77 -30.09
C ILE H 418 6.78 -34.58 -28.81
N SER H 419 6.28 -33.37 -28.58
CA SER H 419 5.44 -33.13 -27.41
C SER H 419 4.26 -34.08 -27.40
N ASN H 420 3.56 -34.18 -28.52
CA ASN H 420 2.32 -34.96 -28.59
C ASN H 420 2.57 -36.46 -28.67
N GLU H 421 3.78 -36.89 -29.02
CA GLU H 421 4.06 -38.32 -29.06
CA GLU H 421 4.08 -38.31 -29.06
C GLU H 421 4.06 -38.95 -27.67
N SER H 422 4.11 -38.13 -26.62
CA SER H 422 4.07 -38.66 -25.25
C SER H 422 2.76 -39.36 -24.97
N GLU H 423 2.81 -40.42 -24.16
CA GLU H 423 1.58 -41.04 -23.67
C GLU H 423 0.90 -40.17 -22.63
N TYR H 424 1.56 -39.12 -22.16
CA TYR H 424 1.00 -38.18 -21.19
C TYR H 424 0.53 -36.91 -21.90
N GLY H 425 -0.34 -36.18 -21.22
CA GLY H 425 -0.89 -34.96 -21.77
C GLY H 425 -1.50 -34.06 -20.71
N LEU H 426 -0.68 -33.68 -19.72
CA LEU H 426 -1.16 -32.90 -18.58
C LEU H 426 -1.05 -31.41 -18.90
N GLN H 427 0.17 -30.87 -18.89
CA GLN H 427 0.37 -29.46 -19.22
C GLN H 427 1.57 -29.29 -20.14
N ALA H 428 1.73 -28.05 -20.60
CA ALA H 428 2.88 -27.65 -21.39
C ALA H 428 3.16 -26.16 -21.15
N SER H 429 4.41 -25.78 -21.35
CA SER H 429 4.84 -24.38 -21.31
C SER H 429 5.34 -23.99 -22.69
N ILE H 430 5.08 -22.75 -23.09
CA ILE H 430 5.63 -22.22 -24.33
C ILE H 430 6.34 -20.91 -24.00
N PHE H 431 7.61 -20.80 -24.41
CA PHE H 431 8.42 -19.62 -24.18
C PHE H 431 8.73 -18.96 -25.52
N THR H 432 8.30 -17.71 -25.64
CA THR H 432 8.36 -16.99 -26.90
C THR H 432 7.82 -15.59 -26.66
N THR H 433 8.29 -14.63 -27.44
CA THR H 433 7.76 -13.28 -27.40
C THR H 433 6.61 -13.08 -28.38
N ASN H 434 6.19 -14.11 -29.12
CA ASN H 434 5.11 -14.00 -30.09
C ASN H 434 3.90 -14.74 -29.54
N PHE H 435 3.00 -13.99 -28.91
CA PHE H 435 1.87 -14.61 -28.26
CA PHE H 435 1.83 -14.57 -28.25
C PHE H 435 0.85 -15.17 -29.25
N PRO H 436 0.52 -14.50 -30.36
CA PRO H 436 -0.38 -15.14 -31.33
C PRO H 436 0.15 -16.47 -31.86
N LYS H 437 1.47 -16.55 -32.09
CA LYS H 437 2.08 -17.82 -32.47
C LYS H 437 1.95 -18.84 -31.34
N ALA H 438 2.23 -18.41 -30.11
CA ALA H 438 2.15 -19.33 -28.98
C ALA H 438 0.73 -19.88 -28.83
N PHE H 439 -0.28 -19.04 -29.07
CA PHE H 439 -1.66 -19.51 -28.98
CA PHE H 439 -1.65 -19.52 -28.98
C PHE H 439 -1.96 -20.56 -30.04
N GLY H 440 -1.40 -20.39 -31.25
CA GLY H 440 -1.65 -21.36 -32.31
C GLY H 440 -0.94 -22.67 -32.05
N ILE H 441 0.22 -22.62 -31.39
CA ILE H 441 0.88 -23.85 -30.94
C ILE H 441 0.07 -24.53 -29.86
N ALA H 442 -0.39 -23.76 -28.86
CA ALA H 442 -1.14 -24.35 -27.76
C ALA H 442 -2.36 -25.10 -28.27
N GLU H 443 -3.00 -24.58 -29.32
CA GLU H 443 -4.16 -25.27 -29.88
C GLU H 443 -3.81 -26.67 -30.35
N GLN H 444 -2.57 -26.88 -30.78
CA GLN H 444 -2.15 -28.15 -31.34
C GLN H 444 -1.59 -29.10 -30.31
N LEU H 445 -1.29 -28.63 -29.10
CA LEU H 445 -0.70 -29.49 -28.09
C LEU H 445 -1.79 -30.29 -27.37
N GLU H 446 -1.55 -31.59 -27.22
CA GLU H 446 -2.50 -32.52 -26.61
C GLU H 446 -2.31 -32.54 -25.09
N VAL H 447 -2.75 -31.45 -24.48
CA VAL H 447 -2.63 -31.22 -23.05
C VAL H 447 -3.89 -30.52 -22.54
N GLY H 448 -4.04 -30.49 -21.22
CA GLY H 448 -5.12 -29.77 -20.61
C GLY H 448 -4.88 -28.28 -20.53
N THR H 449 -3.70 -27.86 -20.09
CA THR H 449 -3.38 -26.46 -19.87
C THR H 449 -2.03 -26.13 -20.49
N VAL H 450 -1.96 -24.98 -21.15
CA VAL H 450 -0.71 -24.43 -21.67
C VAL H 450 -0.42 -23.13 -20.95
N HIS H 451 0.75 -23.04 -20.32
CA HIS H 451 1.22 -21.82 -19.67
C HIS H 451 2.18 -21.09 -20.59
N LEU H 452 1.89 -19.82 -20.88
CA LEU H 452 2.74 -19.01 -21.76
C LEU H 452 3.77 -18.25 -20.94
N ASN H 453 5.04 -18.46 -21.26
CA ASN H 453 6.17 -17.78 -20.60
C ASN H 453 6.14 -17.98 -19.09
N ASN H 454 5.80 -19.18 -18.65
CA ASN H 454 5.85 -19.53 -17.24
C ASN H 454 5.88 -21.04 -17.11
N LYS H 455 6.24 -21.50 -15.91
CA LYS H 455 6.24 -22.93 -15.61
C LYS H 455 4.83 -23.48 -15.57
N THR H 456 4.71 -24.78 -15.83
CA THR H 456 3.43 -25.46 -15.64
C THR H 456 3.10 -25.57 -14.16
N GLN H 457 1.81 -25.63 -13.85
CA GLN H 457 1.37 -25.62 -12.47
C GLN H 457 -0.12 -25.91 -12.40
N ARG H 458 -0.55 -26.48 -11.27
CA ARG H 458 -1.97 -26.71 -11.04
C ARG H 458 -2.74 -25.40 -10.86
N GLY H 459 -2.12 -24.41 -10.21
CA GLY H 459 -2.83 -23.23 -9.78
C GLY H 459 -3.03 -22.19 -10.87
N THR H 460 -3.76 -21.14 -10.52
CA THR H 460 -4.44 -20.98 -9.24
C THR H 460 -5.62 -21.95 -9.16
N ASP H 461 -6.06 -22.28 -7.94
CA ASP H 461 -6.95 -23.42 -7.76
C ASP H 461 -8.38 -23.17 -8.23
N ASN H 462 -8.72 -21.95 -8.67
CA ASN H 462 -9.98 -21.76 -9.36
C ASN H 462 -9.91 -22.15 -10.83
N PHE H 463 -8.70 -22.23 -11.39
CA PHE H 463 -8.52 -22.58 -12.79
C PHE H 463 -8.80 -24.07 -13.02
N PRO H 464 -9.19 -24.46 -14.23
CA PRO H 464 -9.33 -25.89 -14.51
C PRO H 464 -7.99 -26.60 -14.47
N PHE H 465 -8.01 -27.82 -13.93
CA PHE H 465 -6.86 -28.71 -13.89
C PHE H 465 -7.28 -30.06 -14.46
N LEU H 466 -6.71 -30.43 -15.61
CA LEU H 466 -7.08 -31.68 -16.26
C LEU H 466 -5.94 -32.12 -17.15
N GLY H 467 -5.96 -33.42 -17.48
N GLY H 467 -5.97 -33.42 -17.51
CA GLY H 467 -5.02 -33.99 -18.41
CA GLY H 467 -4.94 -33.97 -18.37
C GLY H 467 -5.74 -34.56 -19.61
C GLY H 467 -5.46 -34.96 -19.39
N ALA H 468 -4.95 -34.88 -20.63
CA ALA H 468 -5.36 -35.72 -21.73
C ALA H 468 -4.64 -37.06 -21.63
N LYS H 469 -5.09 -38.01 -22.46
CA LYS H 469 -4.38 -39.29 -22.64
C LYS H 469 -4.18 -39.93 -21.28
N LYS H 470 -2.96 -40.40 -20.94
CA LYS H 470 -2.78 -41.18 -19.72
C LYS H 470 -2.65 -40.33 -18.47
N SER H 471 -2.78 -39.00 -18.58
CA SER H 471 -2.61 -38.15 -17.41
C SER H 471 -3.85 -38.09 -16.52
N GLY H 472 -4.97 -38.68 -16.94
CA GLY H 472 -6.08 -38.84 -16.03
C GLY H 472 -7.43 -38.68 -16.71
N ALA H 473 -8.42 -38.39 -15.87
CA ALA H 473 -9.82 -38.29 -16.26
C ALA H 473 -10.51 -37.29 -15.34
N GLY H 474 -11.37 -36.46 -15.94
CA GLY H 474 -12.13 -35.49 -15.19
C GLY H 474 -11.40 -34.17 -15.05
N VAL H 475 -12.16 -33.14 -14.68
CA VAL H 475 -11.66 -31.77 -14.59
C VAL H 475 -11.79 -31.32 -13.14
N GLN H 476 -10.67 -30.90 -12.55
CA GLN H 476 -10.64 -30.31 -11.22
C GLN H 476 -10.28 -28.82 -11.35
N GLY H 477 -9.71 -28.25 -10.30
CA GLY H 477 -10.01 -26.87 -9.95
C GLY H 477 -11.38 -26.80 -9.29
N VAL H 478 -11.61 -25.76 -8.49
CA VAL H 478 -12.64 -25.88 -7.46
C VAL H 478 -14.04 -26.05 -8.08
N LYS H 479 -14.46 -25.11 -8.94
CA LYS H 479 -15.83 -25.21 -9.44
C LYS H 479 -16.01 -26.46 -10.31
N TYR H 480 -14.96 -26.86 -11.03
CA TYR H 480 -15.04 -28.05 -11.87
C TYR H 480 -15.16 -29.31 -11.03
N SER H 481 -14.46 -29.36 -9.89
CA SER H 481 -14.54 -30.51 -9.00
CA SER H 481 -14.55 -30.52 -9.02
C SER H 481 -15.92 -30.62 -8.37
N ILE H 482 -16.53 -29.47 -8.03
CA ILE H 482 -17.87 -29.50 -7.47
C ILE H 482 -18.86 -30.00 -8.51
N GLU H 483 -18.76 -29.47 -9.73
CA GLU H 483 -19.63 -29.93 -10.81
C GLU H 483 -19.47 -31.42 -11.03
N ALA H 484 -18.24 -31.93 -10.93
CA ALA H 484 -18.02 -33.35 -11.18
C ALA H 484 -18.67 -34.23 -10.13
N MET H 485 -18.70 -33.79 -8.87
CA MET H 485 -19.21 -34.58 -7.77
C MET H 485 -20.65 -34.19 -7.43
N THR H 486 -21.36 -33.63 -8.40
CA THR H 486 -22.80 -33.52 -8.36
C THR H 486 -23.40 -34.12 -9.63
N THR H 487 -24.70 -34.37 -9.56
CA THR H 487 -25.56 -34.70 -10.67
C THR H 487 -26.67 -33.65 -10.70
N VAL H 488 -27.65 -33.82 -11.59
CA VAL H 488 -28.80 -32.93 -11.63
C VAL H 488 -30.07 -33.75 -11.44
N LYS H 489 -31.10 -33.06 -10.96
CA LYS H 489 -32.45 -33.60 -10.80
C LYS H 489 -33.36 -32.64 -11.53
N SER H 490 -34.05 -33.10 -12.56
CA SER H 490 -34.95 -32.27 -13.36
CA SER H 490 -34.95 -32.25 -13.33
C SER H 490 -36.39 -32.57 -12.98
N VAL H 491 -37.18 -31.52 -12.72
CA VAL H 491 -38.61 -31.64 -12.47
C VAL H 491 -39.33 -30.90 -13.60
N VAL H 492 -40.21 -31.60 -14.29
CA VAL H 492 -40.83 -31.14 -15.53
C VAL H 492 -42.33 -31.05 -15.29
N PHE H 493 -42.93 -29.93 -15.66
CA PHE H 493 -44.37 -29.80 -15.53
C PHE H 493 -44.90 -28.87 -16.62
N ASP H 494 -46.22 -28.90 -16.79
CA ASP H 494 -46.89 -28.13 -17.81
C ASP H 494 -47.66 -26.99 -17.16
N ILE H 495 -47.38 -25.77 -17.62
CA ILE H 495 -48.12 -24.60 -17.17
C ILE H 495 -49.51 -24.61 -17.77
N GLN H 496 -50.48 -24.18 -16.98
CA GLN H 496 -51.85 -24.01 -17.43
C GLN H 496 -52.21 -22.53 -17.49
C1 A1JDZ I . 22.69 -8.87 36.96
N A1JDZ I . 22.11 -10.05 37.15
C A1JDZ I . 21.78 -8.12 36.21
O A1JDZ I . 21.95 -6.81 35.77
C12 A1JDZ I . 20.92 -10.05 36.56
N1 A1JDZ I . 20.71 -8.88 36.00
O1 A1JDZ I . 19.99 -11.09 36.54
H11 A1JDZ I . 23.66 -8.56 37.30
HO1 A1JDZ I . 22.12 -6.83 34.85
H12 A1JDZ I . 20.14 -11.65 35.79
C1 A1JDZ J . 19.25 -2.42 33.47
N A1JDZ J . 19.35 -3.53 34.19
C A1JDZ J . 18.62 -1.49 34.30
O A1JDZ J . 18.27 -0.17 34.01
C12 A1JDZ J . 18.82 -3.29 35.38
N1 A1JDZ J . 18.37 -2.07 35.45
O1 A1JDZ J . 18.72 -4.17 36.45
H11 A1JDZ J . 19.59 -2.26 32.45
HO1 A1JDZ J . 18.88 0.40 34.45
H12 A1JDZ J . 18.15 -3.80 37.10
S SO4 K . 15.65 3.57 38.19
O1 SO4 K . 15.34 3.83 39.59
O2 SO4 K . 16.97 2.93 38.15
O3 SO4 K . 14.71 2.63 37.60
O4 SO4 K . 15.59 4.85 37.45
S SO4 L . 15.30 -18.00 30.36
O1 SO4 L . 15.93 -18.97 31.24
O2 SO4 L . 16.29 -17.39 29.47
O3 SO4 L . 14.30 -18.69 29.56
O4 SO4 L . 14.65 -16.96 31.14
C1 GOL M . 36.28 -8.39 41.02
O1 GOL M . 35.37 -7.41 40.50
C2 GOL M . 37.73 -7.83 41.02
O2 GOL M . 37.79 -6.45 40.86
C3 GOL M . 38.36 -8.26 42.37
O3 GOL M . 39.49 -7.46 42.58
H11 GOL M . 36.27 -9.20 40.50
H12 GOL M . 36.06 -8.65 41.93
HO1 GOL M . 35.36 -7.50 39.64
H2 GOL M . 38.21 -8.21 40.26
HO2 GOL M . 38.35 -6.28 40.24
H31 GOL M . 38.56 -9.21 42.34
H32 GOL M . 37.70 -8.18 43.07
HO3 GOL M . 39.34 -6.71 42.20
C1 A1JDZ N . 40.36 -5.89 1.16
N A1JDZ N . 41.52 -6.52 1.18
C A1JDZ N . 40.62 -4.60 1.62
O A1JDZ N . 39.68 -3.57 1.78
C12 A1JDZ N . 42.44 -5.70 1.62
N1 A1JDZ N . 41.90 -4.54 1.90
O1 A1JDZ N . 43.81 -5.98 1.79
H11 A1JDZ N . 39.40 -6.28 0.85
HO1 A1JDZ N . 39.57 -3.39 2.71
H12 A1JDZ N . 43.92 -6.77 2.30
C1 A1JDZ O . 40.03 0.94 2.98
N A1JDZ O . 39.48 2.03 3.49
C A1JDZ O . 40.50 1.29 1.72
O A1JDZ O . 41.16 0.46 0.80
C12 A1JDZ O . 39.59 2.99 2.59
N1 A1JDZ O . 40.21 2.55 1.51
O1 A1JDZ O . 39.14 4.30 2.73
H11 A1JDZ O . 40.11 -0.03 3.46
HO1 A1JDZ O . 41.44 0.98 0.07
H12 A1JDZ O . 39.37 4.79 1.96
C1 A1JDZ P . 39.59 7.98 -1.08
N A1JDZ P . 39.51 6.79 -1.66
C A1JDZ P . 39.21 8.92 -2.01
O A1JDZ P . 39.15 10.31 -1.79
C12 A1JDZ P . 39.09 6.96 -2.89
N1 A1JDZ P . 38.90 8.25 -3.12
O1 A1JDZ P . 38.88 5.92 -3.79
H11 A1JDZ P . 39.92 8.18 -0.06
HO1 A1JDZ P . 39.61 10.76 -2.49
H12 A1JDZ P . 38.74 6.28 -4.66
S SO4 Q . 54.74 -15.47 10.27
O1 SO4 Q . 55.59 -15.93 11.35
O2 SO4 Q . 55.49 -14.56 9.40
O3 SO4 Q . 54.31 -16.62 9.49
O4 SO4 Q . 53.59 -14.76 10.82
C1 GOL R . 50.71 -10.33 9.19
O1 GOL R . 51.81 -10.83 8.48
C2 GOL R . 50.17 -9.10 8.45
O2 GOL R . 49.32 -8.33 9.22
C3 GOL R . 51.40 -8.33 8.05
O3 GOL R . 50.97 -7.05 7.77
H11 GOL R . 50.95 -10.05 10.10
H12 GOL R . 49.99 -10.98 9.29
HO1 GOL R . 51.64 -11.64 8.30
H2 GOL R . 49.66 -9.39 7.67
HO2 GOL R . 49.25 -7.56 8.84
H31 GOL R . 51.83 -8.77 7.31
H32 GOL R . 52.05 -8.37 8.78
HO3 GOL R . 51.02 -6.97 6.92
C1 GOL S . 34.12 2.75 24.91
O1 GOL S . 33.92 1.50 25.52
C2 GOL S . 32.80 3.10 24.16
O2 GOL S . 32.15 1.98 23.68
C3 GOL S . 33.27 4.03 23.02
O3 GOL S . 32.14 4.75 22.59
H11 GOL S . 34.86 2.74 24.28
H12 GOL S . 34.32 3.45 25.55
HO1 GOL S . 33.27 1.13 25.10
H2 GOL S . 32.17 3.55 24.75
HO2 GOL S . 31.70 2.20 23.00
H31 GOL S . 33.67 3.49 22.32
H32 GOL S . 33.98 4.60 23.35
HO3 GOL S . 32.33 5.57 22.66
C1 A1JDZ T . 0.22 41.71 2.23
N A1JDZ T . 1.28 40.96 2.02
C A1JDZ T . -0.42 41.21 3.37
O A1JDZ T . -1.58 41.68 3.97
C12 A1JDZ T . 1.32 40.03 2.97
N1 A1JDZ T . 0.29 40.18 3.78
O1 A1JDZ T . 2.26 39.01 3.11
H11 A1JDZ T . -0.11 42.57 1.64
HO1 A1JDZ T . -1.36 42.09 4.80
H12 A1JDZ T . 2.80 39.19 3.86
C1 A1JDZ U . 3.08 33.96 6.09
N A1JDZ U . 2.34 34.90 5.53
C A1JDZ U . 2.71 32.76 5.49
O A1JDZ U . 3.18 31.49 5.73
C12 A1JDZ U . 1.56 34.32 4.64
N1 A1JDZ U . 1.78 33.02 4.61
O1 A1JDZ U . 0.64 34.95 3.82
H11 A1JDZ U . 3.83 34.09 6.87
HO1 A1JDZ U . 2.65 30.88 5.25
H12 A1JDZ U . 0.08 34.29 3.43
C1 A1JDZ V . 1.33 27.38 3.40
N A1JDZ V . 1.11 28.31 2.49
C A1JDZ V . 1.53 26.20 2.72
O A1JDZ V . 1.82 24.97 3.32
C12 A1JDZ V . 1.17 27.75 1.30
N1 A1JDZ V . 1.43 26.47 1.42
O1 A1JDZ V . 0.98 28.46 0.11
H11 A1JDZ V . 1.35 27.52 4.47
HO1 A1JDZ V . 1.25 24.31 2.96
H12 A1JDZ V . 1.39 28.00 -0.60
S SO4 W . -9.20 53.23 13.34
O1 SO4 W . -7.94 52.64 13.80
O2 SO4 W . -8.93 54.08 12.17
O3 SO4 W . -10.12 52.16 12.97
O4 SO4 W . -9.81 54.05 14.39
C1 GOL X . -6.81 46.30 12.49
O1 GOL X . -5.71 45.52 12.09
C2 GOL X . -6.76 47.64 11.72
O2 GOL X . -7.94 47.90 11.03
C3 GOL X . -6.49 48.73 12.78
O3 GOL X . -7.74 49.15 13.29
H11 GOL X . -6.80 46.50 13.44
H12 GOL X . -7.66 45.87 12.31
HO1 GOL X . -5.74 44.80 12.55
H2 GOL X . -6.05 47.60 11.06
HO2 GOL X . -8.45 48.37 11.55
H31 GOL X . -5.98 49.45 12.35
H32 GOL X . -5.90 48.36 13.45
HO3 GOL X . -7.92 48.64 13.94
C1 A1JDZ Y . 29.21 51.38 28.74
N A1JDZ Y . 29.65 52.58 28.39
C A1JDZ Y . 29.85 50.47 27.90
O A1JDZ Y . 29.69 49.09 27.91
C12 A1JDZ Y . 30.52 52.42 27.39
N1 A1JDZ Y . 30.64 51.14 27.09
O1 A1JDZ Y . 31.20 53.45 26.76
H11 A1JDZ Y . 28.50 51.16 29.52
HO1 A1JDZ Y . 29.26 48.83 27.12
H12 A1JDZ Y . 30.70 53.73 26.00
C1 A1JDZ Z . 31.89 45.42 26.02
N A1JDZ Z . 31.94 44.15 25.63
C A1JDZ Z . 32.79 45.54 27.08
O A1JDZ Z . 33.08 46.69 27.82
C12 A1JDZ Z . 32.82 43.53 26.39
N1 A1JDZ Z . 33.34 44.36 27.27
O1 A1JDZ Z . 33.17 42.19 26.31
H11 A1JDZ Z . 31.26 46.20 25.60
HO1 A1JDZ Z . 33.93 46.60 28.21
H12 A1JDZ Z . 33.95 42.04 26.81
S SO4 AA . 36.99 40.41 29.97
O1 SO4 AA . 37.53 39.05 29.90
O2 SO4 AA . 37.66 41.20 28.93
O3 SO4 AA . 35.54 40.38 29.75
O4 SO4 AA . 37.17 41.05 31.27
S SO4 BA . 30.81 66.14 16.23
O1 SO4 BA . 32.22 66.01 16.58
O2 SO4 BA . 30.68 66.93 15.03
O3 SO4 BA . 30.24 64.80 16.04
O4 SO4 BA . 30.09 66.80 17.32
C1 A1JDZ CA . 17.25 50.96 38.20
N A1JDZ CA . 16.55 50.76 39.31
C A1JDZ CA . 17.52 52.32 38.14
O A1JDZ CA . 18.24 52.97 37.13
C12 A1JDZ CA . 16.39 51.93 39.90
N1 A1JDZ CA . 16.97 52.88 39.21
O1 A1JDZ CA . 15.69 52.11 41.10
H11 A1JDZ CA . 17.56 50.21 37.48
HO1 A1JDZ CA . 19.11 53.17 37.44
H12 A1JDZ CA . 16.31 52.10 41.82
C1 A1JDZ DA . -21.13 10.04 -34.98
N A1JDZ DA . -21.81 10.83 -35.79
C A1JDZ DA . -21.55 8.75 -35.23
O A1JDZ DA . -21.09 7.59 -34.58
C12 A1JDZ DA . -22.61 10.08 -36.52
N1 A1JDZ DA . -22.47 8.82 -36.18
O1 A1JDZ DA . -23.49 10.55 -37.51
H11 A1JDZ DA . -20.38 10.35 -34.25
HO1 A1JDZ DA . -21.61 7.43 -33.80
H12 A1JDZ DA . -22.99 10.75 -38.29
C1 A1JDZ EA . -22.04 1.87 -34.63
N A1JDZ EA . -21.92 3.06 -35.19
C A1JDZ EA . -21.22 1.00 -35.33
O A1JDZ EA . -21.04 -0.36 -35.10
C12 A1JDZ EA . -21.06 2.95 -36.19
N1 A1JDZ EA . -20.64 1.70 -36.28
O1 A1JDZ EA . -20.63 3.98 -37.04
H11 A1JDZ EA . -22.67 1.63 -33.78
HO1 A1JDZ EA . -20.32 -0.67 -35.63
H12 A1JDZ EA . -20.16 3.61 -37.76
S SO4 FA . -17.08 -2.82 -38.75
O1 SO4 FA . -17.02 -4.19 -38.22
O2 SO4 FA . -15.93 -2.57 -39.61
O3 SO4 FA . -18.31 -2.62 -39.51
O4 SO4 FA . -17.05 -1.84 -37.66
C1 GOL GA . -34.26 14.46 -40.69
O1 GOL GA . -35.28 15.44 -40.77
C2 GOL GA . -34.10 14.17 -39.20
O2 GOL GA . -33.60 15.33 -38.54
C3 GOL GA . -33.17 12.95 -39.01
O3 GOL GA . -33.06 12.23 -40.21
H11 GOL GA . -33.41 14.77 -41.06
H12 GOL GA . -34.48 13.64 -41.16
HO1 GOL GA . -35.15 15.99 -40.12
H2 GOL GA . -34.96 13.93 -38.84
HO2 GOL GA . -33.48 15.14 -37.72
H31 GOL GA . -33.52 12.42 -38.28
H32 GOL GA . -32.31 13.28 -38.70
HO3 GOL GA . -32.36 12.48 -40.59
C1 A1JDZ HA . -42.54 5.59 -1.42
N A1JDZ HA . -42.68 4.45 -2.08
C A1JDZ HA . -41.37 5.47 -0.67
O A1JDZ HA . -40.83 6.44 0.18
C12 A1JDZ HA . -41.68 3.65 -1.77
N1 A1JDZ HA . -40.88 4.27 -0.92
O1 A1JDZ HA . -41.50 2.36 -2.28
H11 A1JDZ HA . -43.19 6.45 -1.45
HO1 A1JDZ HA . -40.82 6.10 1.07
H12 A1JDZ HA . -41.83 1.73 -1.66
C1 A1JDZ IA . -32.63 13.14 -5.92
N A1JDZ IA . -31.75 12.37 -5.32
C A1JDZ IA . -33.55 13.53 -4.94
O A1JDZ IA . -34.66 14.35 -5.12
C12 A1JDZ IA . -32.07 12.28 -4.05
N1 A1JDZ IA . -33.16 12.99 -3.80
O1 A1JDZ IA . -31.38 11.56 -3.06
H11 A1JDZ IA . -32.65 13.40 -6.97
HO1 A1JDZ IA . -34.55 15.13 -4.59
H12 A1JDZ IA . -31.96 10.92 -2.68
S SO4 JA . -38.83 -7.39 2.37
O1 SO4 JA . -37.55 -7.91 2.83
O2 SO4 JA . -39.09 -6.08 2.96
O3 SO4 JA . -38.84 -7.24 0.91
O4 SO4 JA . -39.91 -8.30 2.76
S SO4 KA . -36.11 22.03 2.47
O1 SO4 KA . -35.48 20.81 1.96
O2 SO4 KA . -35.63 23.18 1.71
O3 SO4 KA . -37.56 21.93 2.32
O4 SO4 KA . -35.79 22.20 3.89
C1 GOL LA . -35.09 13.99 2.44
O1 GOL LA . -34.06 13.12 2.08
C2 GOL LA . -34.87 15.28 1.64
O2 GOL LA . -35.73 15.37 0.56
C3 GOL LA . -35.13 16.39 2.66
O3 GOL LA . -34.08 16.35 3.60
H11 GOL LA . -35.09 14.20 3.38
H12 GOL LA . -35.97 13.64 2.24
HO1 GOL LA . -34.15 12.96 1.25
H2 GOL LA . -33.97 15.30 1.29
HO2 GOL LA . -35.74 14.62 0.17
H31 GOL LA . -36.00 16.27 3.05
H32 GOL LA . -35.17 17.24 2.18
HO3 GOL LA . -34.23 16.97 4.16
C1 A1JDZ MA . -33.32 -53.21 -22.13
N A1JDZ MA . -33.40 -52.14 -21.36
C A1JDZ MA . -32.94 -52.75 -23.40
O A1JDZ MA . -32.73 -53.50 -24.54
C12 A1JDZ MA . -33.10 -51.09 -22.10
N1 A1JDZ MA . -32.82 -51.46 -23.34
O1 A1JDZ MA . -33.07 -49.78 -21.68
H11 A1JDZ MA . -33.50 -54.24 -21.84
HO1 A1JDZ MA . -31.80 -53.61 -24.68
H12 A1JDZ MA . -33.78 -49.66 -21.06
C1 A1JDZ NA . -33.20 -45.58 -24.09
N A1JDZ NA . -32.97 -44.28 -24.07
C A1JDZ NA . -34.57 -45.74 -24.30
O A1JDZ NA . -35.26 -46.95 -24.38
C12 A1JDZ NA . -34.13 -43.68 -24.24
N1 A1JDZ NA . -35.10 -44.55 -24.38
O1 A1JDZ NA . -34.36 -42.30 -24.29
H11 A1JDZ NA . -32.47 -46.37 -23.98
HO1 A1JDZ NA . -34.74 -47.63 -23.98
H12 A1JDZ NA . -35.27 -42.15 -24.42
S SO4 OA . -22.65 -64.32 -32.75
O1 SO4 OA . -23.19 -65.26 -31.77
O2 SO4 OA . -21.57 -64.99 -33.48
O3 SO4 OA . -23.70 -63.93 -33.69
O4 SO4 OA . -22.14 -63.14 -32.06
C1 A1JDZ PA . -38.78 -40.44 -25.57
N A1JDZ PA . -39.22 -41.61 -25.17
C A1JDZ PA . -39.81 -39.53 -25.37
O A1JDZ PA . -39.72 -38.17 -25.67
C12 A1JDZ PA . -40.46 -41.47 -24.74
N1 A1JDZ PA . -40.83 -40.20 -24.86
O1 A1JDZ PA . -41.23 -42.51 -24.25
H11 A1JDZ PA . -37.80 -40.23 -25.98
HO1 A1JDZ PA . -40.45 -37.89 -26.19
H12 A1JDZ PA . -41.96 -42.66 -24.82
C1 GOL QA . -34.92 -55.07 -4.91
O1 GOL QA . -35.12 -56.41 -4.55
C2 GOL QA . -34.09 -55.07 -6.22
O2 GOL QA . -34.51 -56.05 -7.11
C3 GOL QA . -34.24 -53.64 -6.78
O3 GOL QA . -34.27 -53.69 -8.22
H11 GOL QA . -34.45 -54.57 -4.23
H12 GOL QA . -35.76 -54.60 -5.06
HO1 GOL QA . -34.82 -56.88 -5.20
H2 GOL QA . -33.15 -55.28 -6.04
HO2 GOL QA . -34.84 -55.65 -7.80
H31 GOL QA . -33.51 -53.10 -6.44
H32 GOL QA . -35.05 -53.25 -6.41
HO3 GOL QA . -33.58 -54.14 -8.46
C1 GOL RA . -24.35 -59.95 -31.57
O1 GOL RA . -23.98 -60.68 -32.71
C2 GOL RA . -25.43 -58.97 -32.03
O2 GOL RA . -26.61 -59.64 -32.31
C3 GOL RA . -25.56 -57.95 -30.89
O3 GOL RA . -25.98 -56.73 -31.47
H11 GOL RA . -23.60 -59.46 -31.19
H12 GOL RA . -24.69 -60.51 -30.86
HO1 GOL RA . -23.61 -61.40 -32.44
H2 GOL RA . -25.19 -58.50 -32.84
HO2 GOL RA . -27.18 -59.07 -32.56
H31 GOL RA . -24.71 -57.87 -30.44
H32 GOL RA . -26.18 -58.29 -30.22
HO3 GOL RA . -26.06 -56.15 -30.84
C1 A1JDZ SA . 3.16 -39.94 -10.88
N A1JDZ SA . 3.66 -40.72 -9.94
C A1JDZ SA . 2.24 -39.10 -10.25
O A1JDZ SA . 1.47 -38.11 -10.84
C12 A1JDZ SA . 3.07 -40.42 -8.79
N1 A1JDZ SA . 2.22 -39.44 -8.97
O1 A1JDZ SA . 3.32 -41.01 -7.55
H11 A1JDZ SA . 3.43 -39.93 -11.94
HO1 A1JDZ SA . 1.06 -37.58 -10.18
H12 A1JDZ SA . 2.77 -41.76 -7.44
C1 A1JDZ TA . 1.54 -26.44 -9.00
N A1JDZ TA . 0.96 -26.55 -7.82
C A1JDZ TA . 2.70 -27.21 -8.96
O A1JDZ TA . 3.60 -27.36 -10.02
C12 A1JDZ TA . 1.70 -27.33 -7.07
N1 A1JDZ TA . 2.76 -27.74 -7.75
O1 A1JDZ TA . 1.38 -27.67 -5.75
H11 A1JDZ TA . 1.19 -25.87 -9.84
HO1 A1JDZ TA . 3.99 -26.52 -10.23
H12 A1JDZ TA . 1.87 -27.14 -5.15
S SO4 UA . 1.48 -54.77 1.63
O1 SO4 UA . 0.97 -55.75 2.57
O2 SO4 UA . 2.31 -55.45 0.64
O3 SO4 UA . 0.38 -54.09 0.95
O4 SO4 UA . 2.29 -53.78 2.34
S SO4 VA . 10.70 -19.54 -33.98
O1 SO4 VA . 11.56 -20.49 -33.26
O2 SO4 VA . 10.90 -19.69 -35.42
O3 SO4 VA . 9.28 -19.81 -33.68
O4 SO4 VA . 11.03 -18.19 -33.55
C1 GOL WA . -0.02 -49.96 -0.11
O1 GOL WA . 0.22 -50.96 0.85
C2 GOL WA . 0.38 -48.63 0.57
O2 GOL WA . 1.65 -48.73 1.12
C3 GOL WA . 0.27 -47.58 -0.55
O3 GOL WA . -0.45 -46.49 -0.02
H11 GOL WA . -0.94 -49.91 -0.39
H12 GOL WA . 0.51 -50.08 -0.92
HO1 GOL WA . 0.86 -50.70 1.33
H2 GOL WA . -0.21 -48.39 1.30
HO2 GOL WA . 1.95 -47.93 1.21
H31 GOL WA . -0.17 -47.98 -1.32
H32 GOL WA . 1.15 -47.35 -0.86
HO3 GOL WA . -1.27 -46.60 -0.23
C1 A1JDZ XA . -1.90 -33.66 -8.94
N A1JDZ XA . -0.92 -34.55 -8.86
C A1JDZ XA . -1.29 -32.41 -8.81
O A1JDZ XA . -1.88 -31.15 -8.83
C12 A1JDZ XA . 0.22 -33.89 -8.72
N1 A1JDZ XA . 0.01 -32.60 -8.68
O1 A1JDZ XA . 1.50 -34.43 -8.60
H11 A1JDZ XA . -2.95 -33.86 -9.06
HO1 A1JDZ XA . -1.76 -30.76 -9.68
H12 A1JDZ XA . 2.06 -33.79 -8.19
#